data_9LKY
#
_entry.id   9LKY
#
_cell.length_a   1.00
_cell.length_b   1.00
_cell.length_c   1.00
_cell.angle_alpha   90.00
_cell.angle_beta   90.00
_cell.angle_gamma   90.00
#
_symmetry.space_group_name_H-M   'P 1'
#
loop_
_entity.id
_entity.type
_entity.pdbx_description
1 polymer 'Mitochondrial cardiolipin hydrolase'
2 polymer Cullin-2
3 polymer Elongin-C
4 polymer 'E3 ubiquitin-protein ligase RBX1, N-terminally processed'
5 polymer 'Protein fem-1 homolog B'
6 polymer Elongin-B
7 non-polymer 'ZINC ION'
#
loop_
_entity_poly.entity_id
_entity_poly.type
_entity_poly.pdbx_seq_one_letter_code
_entity_poly.pdbx_strand_id
1 'polypeptide(L)'
;RPRREALFFPSQVTCTEALLRAPGAELAELPEGCPCGLPHGESALSRLLRALLAARASLDLCLFAFSSPQLGRAVQLLHQ
RGVRVRVVTDCDYMALNGSQIGLLRKAGIQVRHDQDPGYMHHKFAIVDKRVLITGSLNWTTQAIQNNRENVLITEDDEYV
RLFLEEFERIWEQFNPTKYTFFPPKKSHGSCAPPVSRAGGRLLS
;
K
2 'polypeptide(L)'
;SASWSHPQFEKGGGSGGGSGTSLKPRVVDFDETWNKLLTTIKAVVMLEYVERATWNDRFSDIYALCVAYPEPLGERLYTE
TKIFLENHVRHLHKRVLESEEQVLVMYHRYWEEYSKGADYMDCLYRYLNTQFIKKNKLTEADLQYGYGGVDMNEPLMEIG
ELALDMWRKLMVEPLQAILIRMLLREIKNDRGGEDPNQKVIHGVINSFVHVEQYKKKFPLKFYQEIFESPFLTETGEYYK
QEASNLLQESNCSQYMEKVLGRLKDEEIRCRKYLHPSSYTKVIHECQQRMVADHLQFLHAECHNIIRQEKKNDMANMYVL
LRAVSTGLPHMIQELQNHIHDEGLRATSNLTQENMPTLFVESVLEVHGKFVQLINTVLNGDQHFMSALDKALTSVVNYRE
PKSVCKAPELLAKYCDNLLKKSAKGMTENEVEDRLTSFITVFKYIDDKDVFQKFYARMLAKRLIHGLSMSMDSEEAMINK
LKQACGYEFTSKLHRMYTDMSVSADLNNKFNNFIKNQDTVIDLGISFQIYVLQAGAWPLTQAPSSTFAIPQELEKSVQMF
ELFYSQHFSGRKLTWLHYLCTGEVKMNYLGKPYVAMVTTYQMAVLLAFNNSETVSYKELQDSTQMNEKELTKTIKSLLDV
KMINHDSEKEDIDAESSFSLNMNFSSKRTKFKITTSMQKDTPQEMEQTRSAVDEDRKMYLQAAIVRIMKARKVLRHNALI
QEVISQSRARFNPSISMIKKCIEVLIDKQYIERSQASADEYSYV
;
A,B
3 'polypeptide(L)'
;MYVKLISSDGHEFIVKREHALTSGTIKAMLSGPGQFAENETNEVNFREIPSHVLSKVCMYFTYKVRYTNSSTEIPEFPIA
PEIALELLMAANFLDC
;
C,G
4 'polypeptide(L)'
;SHMGAGKKRFEVKKWNAVALWAWDIVVDNCAICRNHIMDLCIECQANQASATSEECTVAWGVCNHAFHFHCISRWLKTRQ
VCPLDNREWEFQKYGH
;
E,I
5 'polypeptide(L)'
;MEGLAGYVYKAASEGKVLTLAALLLNRSESDIRYLLGYVSQQGGQRSTPLIIAARNGHAKVVRLLLEHYRVQTQQTGTVR
FDGYVIDGATALWCAAGAGHFEVVKLLVSHGANVNHTTVTNSTPLRAACFDGRLDIVKYLVENNANISIANKYDNTCLMI
AAYKGHTDVVRYLLEQRADPNAKAHCGATALHFAAEAGHIDIVKELIKWRAAIVVNGHGMTPLKVAAESCKADVVELLLS
HADCDRRSRIEALELLGASFANDRENYDIIKTYHYLYLAMLERFQDGDNILEKEVLPPIHAYGNRTECRNPQELESIRQD
RDALHMEGLIVRERILGADNIDVSHPIIYRGAVYADNMEFEQCIKLWLHALHLRQKGNRNTHKDLLRFAQVFSQMIHLNE
TVKAPDIECVLRCSVLEIEQSMNRVKNISDADVHNAMDNYECNLYTFLYLVCISTKTQCSEEDQCKINKQIYNLIHLDPR
TREGFTLLHLAVNSNTPVDDFHTNDVCSFPNALVTKLLLDCGAEVNAVDNEGNSALHIIVQYNRPISDFLTLHSIIISLV
EAGAHTDMTNKQNKTPLDKSTTGVSEILLKTQMKMSLKCLAARAVRANDINYQDQIPRTLEEFVGFH
;
F,J
6 'polypeptide(L)'
;MDVFLMIRRHKTTIFTDAKESSTVFELKRIVEGILKRPPDEQRLYKDDQLLDDGKTLGECGFTSQTARPQAPATVGLAFR
ADDTFEALCIEPFSSPPELPDVMKPQDSGSSANEQAVQ
;
H,D
#
# COMPACT_ATOMS: atom_id res chain seq x y z
N TYR A 179 -9.35 6.40 17.97
CA TYR A 179 -10.49 6.42 17.07
C TYR A 179 -10.44 5.27 16.08
N THR A 180 -9.68 5.44 15.01
CA THR A 180 -9.43 4.45 13.96
C THR A 180 -10.76 3.97 13.38
N PHE A 181 -10.82 2.71 12.97
CA PHE A 181 -12.01 2.12 12.40
C PHE A 181 -12.65 1.06 13.28
N PHE A 182 -12.13 0.84 14.48
CA PHE A 182 -12.60 -0.27 15.30
C PHE A 182 -14.03 -0.04 15.76
N PRO A 183 -14.96 -0.92 15.44
CA PRO A 183 -16.36 -0.68 15.74
C PRO A 183 -16.65 -0.94 17.21
N PRO A 184 -17.22 0.04 17.89
CA PRO A 184 -17.62 -0.19 19.29
C PRO A 184 -19.02 -0.77 19.38
N LYS A 185 -19.28 -1.82 18.61
CA LYS A 185 -20.62 -2.39 18.54
C LYS A 185 -20.71 -3.74 19.23
N LYS A 186 -19.58 -4.28 19.71
CA LYS A 186 -19.61 -5.53 20.48
C LYS A 186 -20.41 -5.36 21.76
N SER A 187 -20.41 -4.17 22.34
CA SER A 187 -21.28 -3.88 23.47
C SER A 187 -22.71 -3.64 23.00
N HIS A 188 -22.88 -3.11 21.79
CA HIS A 188 -24.22 -2.86 21.27
C HIS A 188 -24.95 -4.17 20.97
N GLY A 189 -24.21 -5.21 20.57
CA GLY A 189 -24.82 -6.52 20.41
C GLY A 189 -25.24 -7.11 21.74
N SER A 190 -24.63 -6.65 22.82
CA SER A 190 -24.97 -7.09 24.17
C SER A 190 -25.82 -6.09 24.94
N CYS A 191 -26.04 -4.88 24.39
CA CYS A 191 -26.94 -3.94 25.06
C CYS A 191 -28.39 -4.15 24.68
N ALA A 192 -28.65 -4.93 23.61
CA ALA A 192 -30.03 -5.32 23.31
C ALA A 192 -30.68 -6.10 24.43
N PRO A 193 -30.02 -7.03 25.13
CA PRO A 193 -30.57 -7.52 26.39
C PRO A 193 -30.72 -6.39 27.39
N PRO A 194 -31.75 -6.44 28.24
CA PRO A 194 -32.00 -5.34 29.18
C PRO A 194 -31.00 -5.30 30.32
N VAL A 195 -29.84 -4.69 30.09
CA VAL A 195 -28.78 -4.60 31.09
C VAL A 195 -28.57 -3.13 31.43
N SER A 196 -28.86 -2.78 32.68
CA SER A 196 -28.70 -1.42 33.18
C SER A 196 -28.80 -1.43 34.71
N ARG A 197 -28.92 -0.25 35.33
CA ARG A 197 -29.24 -0.21 36.75
C ARG A 197 -30.61 -0.81 37.02
N ALA A 198 -31.52 -0.68 36.05
CA ALA A 198 -32.85 -1.26 36.14
C ALA A 198 -33.12 -2.30 35.06
N GLY A 199 -32.36 -2.30 33.97
CA GLY A 199 -32.58 -3.22 32.88
C GLY A 199 -32.81 -2.51 31.57
N THR B 21 7.32 -76.58 8.94
CA THR B 21 8.08 -75.38 9.23
C THR B 21 7.20 -74.13 9.12
N SER B 22 6.99 -73.47 10.25
CA SER B 22 6.17 -72.26 10.30
C SER B 22 6.94 -71.14 10.98
N LEU B 23 6.25 -70.04 11.29
CA LEU B 23 6.89 -68.87 11.85
C LEU B 23 7.11 -68.94 13.35
N LYS B 24 6.71 -70.03 14.00
CA LYS B 24 6.98 -70.17 15.42
C LYS B 24 8.49 -70.23 15.64
N PRO B 25 8.97 -69.68 16.75
CA PRO B 25 10.43 -69.63 16.96
C PRO B 25 11.00 -71.00 17.22
N ARG B 26 11.69 -71.56 16.23
CA ARG B 26 12.30 -72.86 16.35
C ARG B 26 13.77 -72.69 16.70
N VAL B 27 14.26 -73.53 17.61
CA VAL B 27 15.64 -73.46 18.05
C VAL B 27 16.53 -73.94 16.91
N VAL B 28 17.14 -73.00 16.19
CA VAL B 28 17.92 -73.29 15.01
C VAL B 28 19.40 -73.20 15.33
N ASP B 29 20.20 -73.96 14.60
CA ASP B 29 21.64 -73.89 14.77
C ASP B 29 22.18 -72.61 14.15
N PHE B 30 23.01 -71.89 14.91
CA PHE B 30 23.57 -70.64 14.43
C PHE B 30 24.51 -70.87 13.26
N ASP B 31 25.28 -71.95 13.28
CA ASP B 31 26.41 -72.09 12.38
C ASP B 31 25.96 -72.33 10.94
N GLU B 32 25.02 -73.25 10.72
CA GLU B 32 24.61 -73.57 9.35
C GLU B 32 23.81 -72.43 8.73
N THR B 33 22.91 -71.84 9.50
CA THR B 33 22.16 -70.69 9.02
C THR B 33 23.08 -69.52 8.72
N TRP B 34 24.07 -69.29 9.59
CA TRP B 34 25.02 -68.23 9.33
C TRP B 34 25.91 -68.53 8.14
N ASN B 35 26.20 -69.81 7.88
CA ASN B 35 27.01 -70.14 6.71
C ASN B 35 26.25 -69.87 5.42
N LYS B 36 24.97 -70.26 5.37
CA LYS B 36 24.16 -69.95 4.20
C LYS B 36 24.00 -68.44 4.03
N LEU B 37 23.74 -67.73 5.13
CA LEU B 37 23.67 -66.28 5.10
C LEU B 37 25.00 -65.67 4.69
N LEU B 38 26.11 -66.31 5.05
CA LEU B 38 27.42 -65.79 4.70
C LEU B 38 27.68 -65.92 3.21
N THR B 39 27.30 -67.04 2.62
CA THR B 39 27.41 -67.19 1.18
C THR B 39 26.58 -66.14 0.46
N THR B 40 25.33 -65.93 0.90
CA THR B 40 24.50 -64.94 0.24
C THR B 40 25.00 -63.51 0.48
N ILE B 41 25.48 -63.22 1.69
CA ILE B 41 25.94 -61.87 1.98
C ILE B 41 27.22 -61.56 1.24
N LYS B 42 28.09 -62.55 1.03
CA LYS B 42 29.27 -62.33 0.20
C LYS B 42 28.89 -62.17 -1.26
N ALA B 43 27.84 -62.88 -1.71
CA ALA B 43 27.44 -62.75 -3.09
C ALA B 43 26.70 -61.43 -3.34
N VAL B 44 26.19 -60.78 -2.30
CA VAL B 44 25.46 -59.54 -2.52
C VAL B 44 26.28 -58.31 -2.16
N VAL B 45 27.29 -58.44 -1.29
CA VAL B 45 28.13 -57.28 -0.99
C VAL B 45 29.17 -57.06 -2.09
N MET B 46 29.37 -58.04 -2.97
CA MET B 46 30.23 -57.87 -4.13
C MET B 46 29.46 -57.93 -5.45
N LEU B 47 28.12 -57.89 -5.39
CA LEU B 47 27.26 -57.73 -6.56
C LEU B 47 27.42 -58.89 -7.56
N GLU B 48 27.26 -60.10 -7.07
CA GLU B 48 27.15 -61.26 -7.93
C GLU B 48 25.69 -61.43 -8.36
N TYR B 49 25.37 -62.58 -8.95
CA TYR B 49 24.01 -62.90 -9.35
C TYR B 49 23.48 -63.99 -8.43
N VAL B 50 22.36 -63.72 -7.76
CA VAL B 50 21.72 -64.68 -6.87
C VAL B 50 20.26 -64.79 -7.25
N GLU B 51 19.69 -65.95 -6.96
CA GLU B 51 18.29 -66.21 -7.29
C GLU B 51 17.38 -65.52 -6.28
N ARG B 52 16.21 -65.12 -6.77
CA ARG B 52 15.22 -64.48 -5.89
C ARG B 52 14.74 -65.44 -4.81
N ALA B 53 14.67 -66.73 -5.12
CA ALA B 53 14.27 -67.72 -4.13
C ALA B 53 15.28 -67.79 -2.99
N THR B 54 16.58 -67.74 -3.33
CA THR B 54 17.61 -67.69 -2.30
C THR B 54 17.48 -66.42 -1.48
N TRP B 55 17.14 -65.30 -2.13
CA TRP B 55 16.96 -64.03 -1.42
C TRP B 55 15.84 -64.13 -0.39
N ASN B 56 14.71 -64.70 -0.77
CA ASN B 56 13.60 -64.80 0.16
C ASN B 56 13.87 -65.85 1.24
N ASP B 57 14.58 -66.93 0.89
CA ASP B 57 15.01 -67.88 1.92
C ASP B 57 15.96 -67.24 2.91
N ARG B 58 16.78 -66.29 2.47
CA ARG B 58 17.64 -65.58 3.41
C ARG B 58 16.86 -64.60 4.26
N PHE B 59 15.77 -64.03 3.73
CA PHE B 59 14.86 -63.29 4.62
C PHE B 59 14.27 -64.19 5.70
N SER B 60 13.86 -65.40 5.31
CA SER B 60 13.34 -66.33 6.31
C SER B 60 14.41 -66.70 7.33
N ASP B 61 15.65 -66.90 6.87
CA ASP B 61 16.75 -67.21 7.77
C ASP B 61 17.06 -66.06 8.72
N ILE B 62 17.04 -64.82 8.22
CA ILE B 62 17.35 -63.68 9.07
C ILE B 62 16.25 -63.50 10.11
N TYR B 63 14.99 -63.77 9.74
CA TYR B 63 13.91 -63.70 10.71
C TYR B 63 14.08 -64.77 11.78
N ALA B 64 14.35 -66.01 11.35
CA ALA B 64 14.51 -67.09 12.31
C ALA B 64 15.66 -66.83 13.27
N LEU B 65 16.78 -66.33 12.75
CA LEU B 65 17.91 -66.04 13.61
C LEU B 65 17.65 -64.85 14.52
N CYS B 66 16.79 -63.92 14.11
CA CYS B 66 16.43 -62.81 14.99
C CYS B 66 15.31 -63.15 15.96
N VAL B 67 14.71 -64.34 15.85
CA VAL B 67 13.58 -64.69 16.69
C VAL B 67 13.86 -65.90 17.59
N ALA B 68 14.77 -66.77 17.14
CA ALA B 68 14.81 -68.17 17.59
C ALA B 68 14.88 -68.33 19.10
N TYR B 69 14.15 -69.34 19.59
CA TYR B 69 14.22 -69.76 20.98
C TYR B 69 15.55 -70.44 21.26
N PRO B 70 16.00 -70.47 22.52
CA PRO B 70 15.38 -69.95 23.75
C PRO B 70 15.73 -68.50 24.02
N GLU B 71 16.69 -67.97 23.27
CA GLU B 71 17.15 -66.61 23.46
C GLU B 71 17.29 -66.01 22.07
N PRO B 72 16.76 -64.81 21.83
CA PRO B 72 16.92 -64.18 20.53
C PRO B 72 18.39 -63.90 20.23
N LEU B 73 18.83 -64.30 19.05
CA LEU B 73 20.22 -64.17 18.64
C LEU B 73 20.50 -62.86 17.95
N GLY B 74 19.70 -61.83 18.20
CA GLY B 74 19.90 -60.55 17.53
C GLY B 74 21.23 -59.91 17.87
N GLU B 75 21.64 -60.00 19.15
CA GLU B 75 22.93 -59.46 19.55
C GLU B 75 24.08 -60.22 18.87
N ARG B 76 24.00 -61.55 18.90
CA ARG B 76 25.04 -62.35 18.27
C ARG B 76 25.06 -62.16 16.75
N LEU B 77 23.87 -62.08 16.14
CA LEU B 77 23.81 -61.84 14.70
C LEU B 77 24.39 -60.49 14.33
N TYR B 78 24.07 -59.45 15.13
CA TYR B 78 24.57 -58.12 14.85
C TYR B 78 26.08 -58.06 14.97
N THR B 79 26.63 -58.62 16.05
CA THR B 79 28.08 -58.57 16.22
C THR B 79 28.80 -59.44 15.19
N GLU B 80 28.16 -60.53 14.74
CA GLU B 80 28.79 -61.37 13.73
C GLU B 80 28.78 -60.69 12.37
N THR B 81 27.69 -60.00 12.03
CA THR B 81 27.67 -59.23 10.78
C THR B 81 28.69 -58.10 10.83
N LYS B 82 28.82 -57.46 11.99
CA LYS B 82 29.84 -56.41 12.12
C LYS B 82 31.24 -56.98 11.94
N ILE B 83 31.51 -58.16 12.49
CA ILE B 83 32.81 -58.80 12.31
C ILE B 83 33.05 -59.12 10.84
N PHE B 84 32.01 -59.64 10.16
CA PHE B 84 32.17 -59.98 8.75
C PHE B 84 32.44 -58.74 7.90
N LEU B 85 31.71 -57.65 8.16
CA LEU B 85 31.93 -56.43 7.40
C LEU B 85 33.31 -55.85 7.69
N GLU B 86 33.77 -55.94 8.93
CA GLU B 86 35.12 -55.52 9.26
C GLU B 86 36.16 -56.31 8.48
N ASN B 87 35.97 -57.64 8.42
CA ASN B 87 36.86 -58.49 7.64
C ASN B 87 36.86 -58.10 6.17
N HIS B 88 35.68 -57.89 5.60
CA HIS B 88 35.59 -57.59 4.18
C HIS B 88 36.19 -56.23 3.83
N VAL B 89 35.91 -55.22 4.65
CA VAL B 89 36.46 -53.90 4.40
C VAL B 89 37.97 -53.90 4.57
N ARG B 90 38.48 -54.62 5.57
CA ARG B 90 39.93 -54.71 5.74
C ARG B 90 40.57 -55.43 4.57
N HIS B 91 39.92 -56.48 4.05
CA HIS B 91 40.46 -57.19 2.90
C HIS B 91 40.51 -56.30 1.67
N LEU B 92 39.45 -55.53 1.44
CA LEU B 92 39.46 -54.59 0.32
C LEU B 92 40.50 -53.49 0.52
N HIS B 93 40.69 -53.06 1.76
CA HIS B 93 41.70 -52.04 2.04
C HIS B 93 43.11 -52.54 1.74
N LYS B 94 43.40 -53.79 2.14
CA LYS B 94 44.69 -54.38 1.81
C LYS B 94 44.84 -54.57 0.30
N ARG B 95 43.75 -54.96 -0.38
CA ARG B 95 43.82 -55.12 -1.83
C ARG B 95 44.07 -53.78 -2.52
N VAL B 96 43.49 -52.71 -1.99
CA VAL B 96 43.74 -51.38 -2.56
C VAL B 96 45.17 -50.95 -2.30
N LEU B 97 45.70 -51.24 -1.10
CA LEU B 97 47.10 -50.94 -0.81
C LEU B 97 48.05 -51.73 -1.67
N GLU B 98 47.63 -52.92 -2.13
CA GLU B 98 48.50 -53.72 -3.00
C GLU B 98 48.81 -52.99 -4.31
N SER B 99 47.80 -52.35 -4.91
CA SER B 99 48.06 -51.55 -6.09
C SER B 99 48.65 -50.20 -5.68
N GLU B 100 49.35 -49.58 -6.63
CA GLU B 100 50.05 -48.32 -6.37
C GLU B 100 49.51 -47.17 -7.21
N GLU B 101 49.41 -47.35 -8.52
CA GLU B 101 48.99 -46.30 -9.44
C GLU B 101 47.53 -46.40 -9.84
N GLN B 102 46.99 -47.61 -9.91
CA GLN B 102 45.61 -47.84 -10.30
C GLN B 102 44.67 -47.85 -9.10
N VAL B 103 45.05 -47.22 -7.99
CA VAL B 103 44.27 -47.34 -6.76
C VAL B 103 42.94 -46.61 -6.89
N LEU B 104 42.87 -45.53 -7.67
CA LEU B 104 41.61 -44.80 -7.78
C LEU B 104 40.56 -45.59 -8.55
N VAL B 105 40.94 -46.23 -9.66
CA VAL B 105 39.93 -46.93 -10.46
C VAL B 105 39.41 -48.15 -9.73
N MET B 106 40.29 -48.93 -9.10
CA MET B 106 39.81 -50.07 -8.33
C MET B 106 39.10 -49.62 -7.07
N TYR B 107 39.49 -48.48 -6.49
CA TYR B 107 38.77 -47.95 -5.34
C TYR B 107 37.35 -47.55 -5.71
N HIS B 108 37.19 -46.91 -6.86
CA HIS B 108 35.84 -46.53 -7.28
C HIS B 108 35.00 -47.76 -7.60
N ARG B 109 35.60 -48.76 -8.26
CA ARG B 109 34.86 -49.98 -8.54
C ARG B 109 34.41 -50.66 -7.25
N TYR B 110 35.33 -50.80 -6.29
CA TYR B 110 34.98 -51.44 -5.04
C TYR B 110 34.02 -50.59 -4.22
N TRP B 111 34.09 -49.26 -4.34
CA TRP B 111 33.14 -48.43 -3.61
C TRP B 111 31.74 -48.56 -4.19
N GLU B 112 31.59 -48.59 -5.51
CA GLU B 112 30.25 -48.73 -6.05
C GLU B 112 29.69 -50.11 -5.76
N GLU B 113 30.54 -51.15 -5.80
CA GLU B 113 30.09 -52.48 -5.39
C GLU B 113 29.68 -52.49 -3.93
N TYR B 114 30.47 -51.87 -3.06
CA TYR B 114 30.15 -51.86 -1.64
C TYR B 114 28.93 -51.01 -1.33
N SER B 115 28.71 -49.94 -2.09
CA SER B 115 27.54 -49.10 -1.84
C SER B 115 26.26 -49.83 -2.24
N LYS B 116 26.28 -50.51 -3.39
CA LYS B 116 25.13 -51.33 -3.75
C LYS B 116 24.92 -52.45 -2.73
N GLY B 117 26.01 -53.05 -2.26
CA GLY B 117 25.90 -54.08 -1.24
C GLY B 117 25.36 -53.56 0.07
N ALA B 118 25.72 -52.33 0.43
CA ALA B 118 25.24 -51.77 1.69
C ALA B 118 23.77 -51.41 1.63
N ASP B 119 23.32 -50.86 0.50
CA ASP B 119 21.89 -50.60 0.35
C ASP B 119 21.10 -51.89 0.31
N TYR B 120 21.61 -52.92 -0.37
CA TYR B 120 20.94 -54.20 -0.36
C TYR B 120 20.98 -54.83 1.02
N MET B 121 22.02 -54.55 1.81
CA MET B 121 22.07 -55.03 3.18
C MET B 121 21.02 -54.35 4.04
N ASP B 122 20.83 -53.04 3.85
CA ASP B 122 19.76 -52.33 4.55
C ASP B 122 18.41 -52.92 4.18
N CYS B 123 18.25 -53.31 2.92
CA CYS B 123 17.00 -53.97 2.53
C CYS B 123 16.87 -55.33 3.20
N LEU B 124 17.94 -56.13 3.19
CA LEU B 124 17.85 -57.51 3.67
C LEU B 124 17.62 -57.57 5.17
N TYR B 125 18.36 -56.78 5.93
CA TYR B 125 18.26 -56.87 7.39
C TYR B 125 17.15 -55.98 7.92
N ARG B 126 15.97 -56.07 7.32
CA ARG B 126 14.88 -55.18 7.70
C ARG B 126 14.35 -55.53 9.08
N TYR B 127 14.15 -56.82 9.35
CA TYR B 127 13.68 -57.21 10.67
C TYR B 127 14.69 -56.87 11.75
N LEU B 128 15.97 -57.12 11.46
CA LEU B 128 17.02 -56.81 12.43
C LEU B 128 17.14 -55.32 12.66
N ASN B 129 16.87 -54.51 11.64
CA ASN B 129 16.88 -53.06 11.82
C ASN B 129 15.71 -52.60 12.67
N THR B 130 14.50 -53.06 12.34
CA THR B 130 13.30 -52.47 12.91
C THR B 130 12.78 -53.17 14.15
N GLN B 131 13.38 -54.28 14.57
CA GLN B 131 12.90 -54.97 15.76
C GLN B 131 13.97 -55.20 16.81
N PHE B 132 15.24 -54.96 16.50
CA PHE B 132 16.30 -55.07 17.48
C PHE B 132 17.05 -53.76 17.67
N ILE B 133 17.46 -53.11 16.58
CA ILE B 133 18.20 -51.86 16.70
C ILE B 133 17.31 -50.73 17.18
N LYS B 134 16.10 -50.63 16.61
CA LYS B 134 15.20 -49.54 16.98
C LYS B 134 14.72 -49.66 18.42
N LYS B 135 14.53 -50.90 18.90
CA LYS B 135 14.05 -51.11 20.26
C LYS B 135 15.17 -51.09 21.29
N ASN B 136 16.42 -50.95 20.86
CA ASN B 136 17.54 -50.88 21.79
C ASN B 136 18.33 -49.59 21.61
N PRO B 155 20.63 -47.42 21.44
CA PRO B 155 21.54 -46.49 20.76
C PRO B 155 22.54 -47.21 19.87
N LEU B 156 22.13 -48.33 19.29
CA LEU B 156 23.00 -49.10 18.40
C LEU B 156 23.01 -48.46 17.02
N MET B 157 23.54 -49.20 16.04
CA MET B 157 23.71 -48.68 14.69
C MET B 157 22.97 -49.58 13.71
N GLU B 158 22.21 -48.96 12.80
CA GLU B 158 21.51 -49.71 11.76
C GLU B 158 22.52 -50.34 10.80
N ILE B 159 22.13 -51.48 10.24
CA ILE B 159 23.04 -52.22 9.36
C ILE B 159 23.35 -51.43 8.09
N GLY B 160 22.34 -50.77 7.53
CA GLY B 160 22.60 -49.88 6.41
C GLY B 160 23.55 -48.76 6.77
N GLU B 161 23.45 -48.26 8.00
CA GLU B 161 24.41 -47.28 8.49
C GLU B 161 25.74 -47.94 8.86
N LEU B 162 25.70 -49.15 9.40
CA LEU B 162 26.92 -49.79 9.88
C LEU B 162 27.90 -50.06 8.73
N ALA B 163 27.38 -50.54 7.60
CA ALA B 163 28.25 -50.81 6.46
C ALA B 163 28.90 -49.53 5.94
N LEU B 164 28.13 -48.46 5.84
CA LEU B 164 28.69 -47.21 5.35
C LEU B 164 29.61 -46.56 6.37
N ASP B 165 29.25 -46.62 7.66
CA ASP B 165 30.14 -46.04 8.68
C ASP B 165 31.42 -46.85 8.82
N MET B 166 31.37 -48.15 8.53
CA MET B 166 32.58 -48.94 8.54
C MET B 166 33.46 -48.66 7.33
N TRP B 167 32.87 -48.14 6.25
CA TRP B 167 33.66 -47.80 5.07
C TRP B 167 34.59 -46.63 5.35
N ARG B 168 34.13 -45.64 6.11
CA ARG B 168 35.00 -44.51 6.44
C ARG B 168 35.98 -44.84 7.55
N LYS B 169 35.74 -45.91 8.31
CA LYS B 169 36.62 -46.18 9.44
C LYS B 169 37.85 -46.97 9.02
N LEU B 170 37.71 -47.85 8.04
CA LEU B 170 38.79 -48.75 7.68
C LEU B 170 39.15 -48.75 6.21
N MET B 171 38.51 -47.91 5.39
CA MET B 171 38.86 -47.82 3.98
C MET B 171 39.19 -46.42 3.53
N VAL B 172 38.60 -45.39 4.13
CA VAL B 172 38.86 -44.02 3.73
C VAL B 172 39.85 -43.35 4.68
N GLU B 173 39.61 -43.39 5.99
CA GLU B 173 40.49 -42.72 6.93
C GLU B 173 41.92 -43.25 6.91
N PRO B 174 42.19 -44.57 6.93
CA PRO B 174 43.58 -45.01 6.73
C PRO B 174 44.11 -44.72 5.35
N LEU B 175 43.26 -44.55 4.34
CA LEU B 175 43.71 -44.18 3.01
C LEU B 175 43.51 -42.71 2.70
N GLN B 176 43.21 -41.90 3.71
CA GLN B 176 43.05 -40.46 3.50
C GLN B 176 44.35 -39.83 3.01
N ALA B 177 45.48 -40.24 3.60
CA ALA B 177 46.77 -39.65 3.25
C ALA B 177 47.25 -40.05 1.86
N ILE B 178 46.61 -41.01 1.21
CA ILE B 178 46.97 -41.40 -0.14
C ILE B 178 45.87 -41.12 -1.15
N LEU B 179 44.60 -41.04 -0.74
CA LEU B 179 43.54 -40.77 -1.70
C LEU B 179 43.57 -39.32 -2.16
N ILE B 180 43.38 -38.39 -1.21
CA ILE B 180 43.44 -36.98 -1.56
C ILE B 180 44.85 -36.52 -1.90
N ARG B 181 45.87 -37.33 -1.65
CA ARG B 181 47.20 -37.00 -2.13
C ARG B 181 47.27 -37.10 -3.65
N MET B 182 46.55 -38.04 -4.25
CA MET B 182 46.55 -38.16 -5.70
C MET B 182 45.26 -37.72 -6.36
N LEU B 183 44.17 -37.55 -5.60
CA LEU B 183 43.00 -36.88 -6.17
C LEU B 183 43.35 -35.45 -6.57
N LEU B 184 44.09 -34.75 -5.71
CA LEU B 184 44.57 -33.42 -6.05
C LEU B 184 45.60 -33.49 -7.17
N ARG B 185 46.23 -34.65 -7.38
CA ARG B 185 47.19 -34.76 -8.48
C ARG B 185 46.46 -34.90 -9.82
N GLU B 186 45.37 -35.67 -9.87
CA GLU B 186 44.69 -35.86 -11.14
C GLU B 186 43.86 -34.65 -11.52
N ILE B 187 43.28 -33.95 -10.53
CA ILE B 187 42.63 -32.68 -10.82
C ILE B 187 43.64 -31.66 -11.30
N LYS B 188 44.81 -31.59 -10.65
CA LYS B 188 45.86 -30.70 -11.14
C LYS B 188 46.36 -31.15 -12.51
N ASN B 189 46.36 -32.45 -12.77
CA ASN B 189 46.65 -32.93 -14.11
C ASN B 189 45.57 -32.49 -15.09
N ASP B 190 44.32 -32.43 -14.65
CA ASP B 190 43.28 -31.92 -15.51
C ASP B 190 43.45 -30.43 -15.78
N ARG B 191 43.89 -29.68 -14.78
CA ARG B 191 44.13 -28.26 -14.97
C ARG B 191 45.29 -28.02 -15.93
N GLY B 192 46.22 -28.97 -16.03
CA GLY B 192 47.32 -28.82 -16.97
C GLY B 192 46.91 -28.97 -18.42
N GLY B 193 45.75 -29.56 -18.68
CA GLY B 193 45.26 -29.70 -20.04
C GLY B 193 44.83 -31.10 -20.40
N GLU B 194 45.53 -32.12 -19.87
CA GLU B 194 45.17 -33.48 -20.19
C GLU B 194 43.87 -33.88 -19.50
N ASP B 195 43.27 -34.96 -19.98
CA ASP B 195 41.96 -35.38 -19.51
C ASP B 195 42.06 -36.68 -18.73
N PRO B 196 41.81 -36.69 -17.42
CA PRO B 196 41.78 -37.94 -16.67
C PRO B 196 40.42 -38.62 -16.79
N ASN B 197 40.24 -39.73 -16.08
CA ASN B 197 38.98 -40.47 -16.13
C ASN B 197 37.92 -39.73 -15.31
N GLN B 198 36.88 -39.23 -15.99
CA GLN B 198 35.88 -38.43 -15.31
C GLN B 198 35.00 -39.27 -14.40
N LYS B 199 34.56 -40.44 -14.87
CA LYS B 199 33.61 -41.23 -14.09
C LYS B 199 34.23 -41.77 -12.82
N VAL B 200 35.49 -42.20 -12.88
CA VAL B 200 36.17 -42.68 -11.70
C VAL B 200 36.33 -41.56 -10.68
N ILE B 201 36.69 -40.37 -11.14
CA ILE B 201 36.91 -39.24 -10.24
C ILE B 201 35.62 -38.85 -9.54
N HIS B 202 34.53 -38.74 -10.30
CA HIS B 202 33.28 -38.28 -9.70
C HIS B 202 32.70 -39.31 -8.76
N GLY B 203 32.92 -40.60 -9.03
CA GLY B 203 32.48 -41.63 -8.09
C GLY B 203 33.22 -41.56 -6.77
N VAL B 204 34.52 -41.28 -6.82
CA VAL B 204 35.31 -41.20 -5.60
C VAL B 204 34.90 -39.99 -4.77
N ILE B 205 34.71 -38.84 -5.41
CA ILE B 205 34.37 -37.63 -4.68
C ILE B 205 32.97 -37.74 -4.08
N ASN B 206 32.02 -38.29 -4.85
CA ASN B 206 30.68 -38.48 -4.34
C ASN B 206 30.62 -39.51 -3.23
N SER B 207 31.61 -40.41 -3.15
CA SER B 207 31.65 -41.34 -2.03
C SER B 207 31.90 -40.61 -0.71
N PHE B 208 32.67 -39.51 -0.78
CA PHE B 208 32.99 -38.77 0.43
C PHE B 208 31.77 -38.10 1.06
N VAL B 209 30.67 -37.94 0.32
CA VAL B 209 29.46 -37.36 0.90
C VAL B 209 28.44 -38.46 1.11
N HIS B 210 28.56 -39.55 0.36
CA HIS B 210 27.59 -40.64 0.50
C HIS B 210 27.90 -41.52 1.70
N VAL B 211 29.09 -41.41 2.27
CA VAL B 211 29.39 -42.17 3.49
C VAL B 211 28.53 -41.68 4.64
N GLU B 212 28.39 -40.37 4.79
CA GLU B 212 27.64 -39.80 5.90
C GLU B 212 26.17 -39.58 5.58
N GLN B 213 25.60 -40.40 4.69
CA GLN B 213 24.20 -40.22 4.33
C GLN B 213 23.25 -40.53 5.48
N TYR B 214 23.73 -41.24 6.51
CA TYR B 214 22.91 -41.53 7.68
C TYR B 214 23.11 -40.53 8.81
N LYS B 215 24.01 -39.57 8.66
CA LYS B 215 24.22 -38.57 9.69
C LYS B 215 23.11 -37.54 9.62
N LYS B 216 22.37 -37.37 10.72
CA LYS B 216 21.27 -36.41 10.74
C LYS B 216 21.78 -34.99 10.62
N LYS B 217 22.89 -34.68 11.29
CA LYS B 217 23.48 -33.35 11.26
C LYS B 217 24.85 -33.40 10.60
N PHE B 218 25.15 -32.38 9.80
CA PHE B 218 26.40 -32.21 9.07
C PHE B 218 26.71 -33.42 8.19
N PRO B 219 25.92 -33.67 7.14
CA PRO B 219 26.24 -34.79 6.25
C PRO B 219 27.44 -34.54 5.38
N LEU B 220 27.82 -33.28 5.17
CA LEU B 220 28.96 -32.93 4.34
C LEU B 220 30.21 -32.65 5.15
N LYS B 221 30.17 -32.89 6.47
CA LYS B 221 31.32 -32.56 7.31
C LYS B 221 32.54 -33.38 6.93
N PHE B 222 32.36 -34.66 6.64
CA PHE B 222 33.47 -35.48 6.18
C PHE B 222 33.99 -34.99 4.83
N TYR B 223 33.07 -34.64 3.92
CA TYR B 223 33.47 -34.21 2.59
C TYR B 223 34.26 -32.90 2.65
N GLN B 224 33.88 -32.00 3.54
CA GLN B 224 34.61 -30.74 3.66
C GLN B 224 35.96 -30.95 4.33
N GLU B 225 35.99 -31.70 5.44
CA GLU B 225 37.20 -31.80 6.23
C GLU B 225 38.26 -32.68 5.60
N ILE B 226 37.85 -33.67 4.80
CA ILE B 226 38.82 -34.59 4.22
C ILE B 226 39.19 -34.19 2.80
N PHE B 227 38.24 -33.67 2.03
CA PHE B 227 38.51 -33.37 0.63
C PHE B 227 38.46 -31.88 0.30
N GLU B 228 37.36 -31.19 0.64
CA GLU B 228 37.18 -29.83 0.13
C GLU B 228 38.21 -28.86 0.71
N SER B 229 38.47 -28.93 2.01
CA SER B 229 39.47 -28.05 2.59
C SER B 229 40.88 -28.31 2.06
N PRO B 230 41.36 -29.54 1.89
CA PRO B 230 42.58 -29.72 1.11
C PRO B 230 42.45 -29.30 -0.34
N PHE B 231 41.25 -29.38 -0.91
CA PHE B 231 41.07 -28.98 -2.30
C PHE B 231 41.17 -27.48 -2.48
N LEU B 232 40.50 -26.71 -1.61
CA LEU B 232 40.57 -25.26 -1.71
C LEU B 232 41.98 -24.75 -1.43
N THR B 233 42.67 -25.37 -0.48
CA THR B 233 44.07 -25.03 -0.25
C THR B 233 44.93 -25.36 -1.47
N GLU B 234 44.68 -26.52 -2.09
CA GLU B 234 45.44 -26.88 -3.28
C GLU B 234 45.10 -25.97 -4.45
N THR B 235 43.82 -25.70 -4.68
CA THR B 235 43.47 -24.80 -5.77
C THR B 235 43.82 -23.35 -5.48
N GLY B 236 44.16 -23.03 -4.23
CA GLY B 236 44.59 -21.70 -3.89
C GLY B 236 46.00 -21.44 -4.32
N GLU B 237 46.92 -22.32 -3.94
CA GLU B 237 48.32 -22.14 -4.32
C GLU B 237 48.60 -22.57 -5.75
N TYR B 238 47.60 -23.06 -6.48
CA TYR B 238 47.82 -23.36 -7.88
C TYR B 238 47.49 -22.19 -8.78
N TYR B 239 46.37 -21.50 -8.53
CA TYR B 239 46.05 -20.32 -9.32
C TYR B 239 46.90 -19.13 -8.96
N LYS B 240 47.31 -19.00 -7.70
CA LYS B 240 48.30 -17.98 -7.36
C LYS B 240 49.61 -18.26 -8.09
N GLN B 241 49.99 -19.52 -8.19
CA GLN B 241 51.07 -19.90 -9.08
C GLN B 241 50.73 -19.59 -10.53
N GLU B 242 49.46 -19.78 -10.91
CA GLU B 242 49.07 -19.50 -12.28
C GLU B 242 48.91 -18.00 -12.54
N ALA B 243 48.44 -17.26 -11.54
CA ALA B 243 48.30 -15.81 -11.72
C ALA B 243 49.65 -15.15 -11.94
N SER B 244 50.66 -15.54 -11.18
CA SER B 244 52.00 -15.03 -11.40
C SER B 244 52.62 -15.59 -12.67
N ASN B 245 52.11 -16.71 -13.18
CA ASN B 245 52.65 -17.25 -14.42
C ASN B 245 52.16 -16.48 -15.63
N LEU B 246 50.90 -16.03 -15.62
CA LEU B 246 50.34 -15.35 -16.78
C LEU B 246 50.81 -13.91 -16.90
N LEU B 247 51.04 -13.23 -15.79
CA LEU B 247 51.38 -11.80 -15.83
C LEU B 247 52.75 -11.54 -16.46
N GLN B 248 53.62 -12.55 -16.52
CA GLN B 248 54.97 -12.31 -17.02
C GLN B 248 54.99 -12.05 -18.52
N GLU B 249 54.19 -12.80 -19.28
CA GLU B 249 54.22 -12.71 -20.73
C GLU B 249 52.86 -12.32 -21.32
N SER B 250 52.04 -11.60 -20.55
CA SER B 250 50.75 -11.17 -21.06
C SER B 250 50.37 -9.84 -20.44
N ASN B 251 49.91 -8.92 -21.27
CA ASN B 251 49.40 -7.65 -20.79
C ASN B 251 47.93 -7.80 -20.40
N CYS B 252 47.36 -6.74 -19.83
CA CYS B 252 46.00 -6.80 -19.31
C CYS B 252 44.96 -7.04 -20.40
N SER B 253 45.26 -6.69 -21.65
CA SER B 253 44.31 -6.88 -22.73
C SER B 253 44.03 -8.36 -22.96
N GLN B 254 45.07 -9.20 -22.92
CA GLN B 254 44.90 -10.63 -23.12
C GLN B 254 44.88 -11.42 -21.83
N TYR B 255 45.34 -10.82 -20.71
CA TYR B 255 45.31 -11.53 -19.44
C TYR B 255 43.89 -11.82 -19.00
N MET B 256 42.99 -10.85 -19.15
CA MET B 256 41.61 -11.08 -18.77
C MET B 256 40.93 -12.09 -19.71
N GLU B 257 41.42 -12.19 -20.93
CA GLU B 257 40.93 -13.24 -21.82
C GLU B 257 41.32 -14.62 -21.29
N LYS B 258 42.55 -14.78 -20.82
CA LYS B 258 42.97 -16.07 -20.31
C LYS B 258 42.34 -16.37 -18.95
N VAL B 259 42.04 -15.33 -18.17
CA VAL B 259 41.34 -15.54 -16.91
C VAL B 259 39.94 -16.07 -17.16
N LEU B 260 39.23 -15.45 -18.10
CA LEU B 260 37.87 -15.89 -18.41
C LEU B 260 37.86 -17.29 -19.02
N GLY B 261 38.93 -17.65 -19.73
CA GLY B 261 39.06 -19.03 -20.18
C GLY B 261 39.23 -20.00 -19.03
N ARG B 262 39.98 -19.60 -18.00
CA ARG B 262 40.14 -20.46 -16.83
C ARG B 262 38.89 -20.46 -15.97
N LEU B 263 38.28 -19.29 -15.77
CA LEU B 263 37.10 -19.20 -14.93
C LEU B 263 35.93 -19.97 -15.51
N LYS B 264 35.74 -19.89 -16.82
CA LYS B 264 34.67 -20.66 -17.46
C LYS B 264 34.97 -22.15 -17.39
N ASP B 265 36.24 -22.54 -17.59
CA ASP B 265 36.62 -23.94 -17.47
C ASP B 265 36.46 -24.43 -16.03
N GLU B 266 36.81 -23.59 -15.06
CA GLU B 266 36.76 -24.01 -13.67
C GLU B 266 35.33 -24.27 -13.21
N GLU B 267 34.37 -23.55 -13.79
CA GLU B 267 32.96 -23.89 -13.56
C GLU B 267 32.64 -25.26 -14.15
N ILE B 268 33.18 -25.56 -15.32
CA ILE B 268 32.96 -26.87 -15.93
C ILE B 268 33.69 -27.96 -15.16
N ARG B 269 34.97 -27.71 -14.82
CA ARG B 269 35.77 -28.73 -14.16
C ARG B 269 35.22 -29.08 -12.80
N CYS B 270 34.82 -28.08 -12.01
CA CYS B 270 34.24 -28.37 -10.72
C CYS B 270 32.84 -28.98 -10.85
N ARG B 271 32.19 -28.81 -11.99
CA ARG B 271 30.85 -29.35 -12.16
C ARG B 271 30.86 -30.87 -12.23
N LYS B 272 31.74 -31.44 -13.04
CA LYS B 272 31.75 -32.87 -13.25
C LYS B 272 32.71 -33.60 -12.33
N TYR B 273 33.36 -32.92 -11.40
CA TYR B 273 34.29 -33.58 -10.49
C TYR B 273 33.84 -33.54 -9.04
N LEU B 274 33.21 -32.46 -8.60
CA LEU B 274 32.93 -32.23 -7.19
C LEU B 274 31.45 -32.35 -6.89
N HIS B 275 31.13 -32.24 -5.61
CA HIS B 275 29.75 -32.14 -5.15
C HIS B 275 29.15 -30.81 -5.59
N PRO B 276 27.86 -30.79 -5.91
CA PRO B 276 27.23 -29.52 -6.31
C PRO B 276 27.21 -28.45 -5.23
N SER B 277 27.38 -28.82 -3.97
CA SER B 277 27.37 -27.84 -2.90
C SER B 277 28.68 -27.06 -2.79
N SER B 278 29.72 -27.48 -3.51
CA SER B 278 31.00 -26.77 -3.47
C SER B 278 31.28 -26.00 -4.75
N TYR B 279 30.27 -25.79 -5.60
CA TYR B 279 30.50 -25.05 -6.83
C TYR B 279 30.89 -23.61 -6.55
N THR B 280 30.21 -22.97 -5.60
CA THR B 280 30.49 -21.57 -5.30
C THR B 280 31.85 -21.42 -4.64
N LYS B 281 32.20 -22.31 -3.72
CA LYS B 281 33.42 -22.14 -2.93
C LYS B 281 34.67 -22.29 -3.79
N VAL B 282 34.64 -23.17 -4.78
CA VAL B 282 35.80 -23.31 -5.66
C VAL B 282 35.94 -22.09 -6.55
N ILE B 283 34.83 -21.62 -7.14
CA ILE B 283 34.88 -20.46 -8.02
C ILE B 283 35.22 -19.20 -7.23
N HIS B 284 34.66 -19.06 -6.02
CA HIS B 284 34.95 -17.87 -5.23
C HIS B 284 36.41 -17.82 -4.81
N GLU B 285 36.99 -18.98 -4.45
CA GLU B 285 38.40 -18.97 -4.10
C GLU B 285 39.27 -18.92 -5.35
N CYS B 286 38.73 -19.36 -6.49
CA CYS B 286 39.42 -19.12 -7.76
C CYS B 286 39.58 -17.63 -8.02
N GLN B 287 38.52 -16.85 -7.81
CA GLN B 287 38.60 -15.42 -8.05
C GLN B 287 39.50 -14.73 -7.03
N GLN B 288 39.55 -15.25 -5.81
CA GLN B 288 40.38 -14.63 -4.78
C GLN B 288 41.87 -14.84 -5.02
N ARG B 289 42.24 -15.71 -5.96
CA ARG B 289 43.65 -15.90 -6.31
C ARG B 289 43.99 -15.44 -7.72
N MET B 290 43.00 -15.06 -8.53
CA MET B 290 43.27 -14.71 -9.92
C MET B 290 42.86 -13.29 -10.26
N VAL B 291 41.73 -12.81 -9.76
CA VAL B 291 41.29 -11.45 -10.02
C VAL B 291 41.30 -10.59 -8.77
N ALA B 292 40.98 -11.15 -7.60
CA ALA B 292 40.93 -10.35 -6.39
C ALA B 292 42.32 -10.08 -5.81
N ASP B 293 43.33 -10.81 -6.25
CA ASP B 293 44.70 -10.55 -5.83
C ASP B 293 45.45 -9.67 -6.82
N HIS B 294 44.78 -9.16 -7.84
CA HIS B 294 45.40 -8.28 -8.82
C HIS B 294 44.55 -7.04 -9.04
N LEU B 295 43.88 -6.59 -7.98
CA LEU B 295 43.08 -5.36 -8.08
C LEU B 295 43.96 -4.16 -8.37
N GLN B 296 45.17 -4.12 -7.79
CA GLN B 296 46.09 -3.03 -8.06
C GLN B 296 46.53 -3.04 -9.52
N PHE B 297 46.69 -4.22 -10.10
CA PHE B 297 47.04 -4.27 -11.51
C PHE B 297 45.85 -3.92 -12.40
N LEU B 298 44.68 -4.47 -12.07
CA LEU B 298 43.53 -4.29 -12.96
C LEU B 298 43.01 -2.86 -12.93
N HIS B 299 43.00 -2.22 -11.76
CA HIS B 299 42.55 -0.84 -11.69
C HIS B 299 43.54 0.11 -12.35
N ALA B 300 44.83 -0.22 -12.34
CA ALA B 300 45.81 0.61 -13.02
C ALA B 300 45.62 0.59 -14.53
N GLU B 301 45.31 -0.58 -15.08
CA GLU B 301 45.04 -0.70 -16.51
C GLU B 301 43.58 -0.43 -16.86
N CYS B 302 42.74 -0.20 -15.86
CA CYS B 302 41.35 0.14 -16.15
C CYS B 302 41.22 1.50 -16.80
N HIS B 303 42.13 2.42 -16.48
CA HIS B 303 42.08 3.77 -17.04
C HIS B 303 42.30 3.75 -18.54
N ASN B 304 43.22 2.92 -19.03
CA ASN B 304 43.45 2.86 -20.47
C ASN B 304 42.30 2.20 -21.21
N ILE B 305 41.58 1.30 -20.55
CA ILE B 305 40.50 0.59 -21.23
C ILE B 305 39.32 1.52 -21.49
N ILE B 306 38.94 2.31 -20.48
CA ILE B 306 37.76 3.15 -20.62
C ILE B 306 38.01 4.30 -21.58
N ARG B 307 39.20 4.90 -21.54
CA ARG B 307 39.48 6.06 -22.36
C ARG B 307 39.45 5.73 -23.84
N GLN B 308 39.97 4.57 -24.23
CA GLN B 308 40.00 4.18 -25.63
C GLN B 308 38.76 3.40 -26.03
N GLU B 309 37.85 3.12 -25.10
CA GLU B 309 36.54 2.51 -25.36
C GLU B 309 36.66 1.16 -26.06
N LYS B 310 37.65 0.37 -25.65
CA LYS B 310 37.77 -0.99 -26.16
C LYS B 310 36.60 -1.80 -25.64
N LYS B 311 35.62 -2.07 -26.51
CA LYS B 311 34.42 -2.76 -26.07
C LYS B 311 34.71 -4.18 -25.62
N ASN B 312 35.68 -4.84 -26.26
CA ASN B 312 36.01 -6.21 -25.90
C ASN B 312 36.64 -6.30 -24.52
N ASP B 313 37.64 -5.46 -24.26
CA ASP B 313 38.32 -5.54 -22.97
C ASP B 313 37.48 -4.98 -21.84
N MET B 314 36.66 -3.96 -22.10
CA MET B 314 35.81 -3.41 -21.06
C MET B 314 34.79 -4.44 -20.59
N ALA B 315 34.29 -5.27 -21.51
CA ALA B 315 33.37 -6.33 -21.12
C ALA B 315 34.07 -7.36 -20.24
N ASN B 316 35.31 -7.72 -20.59
CA ASN B 316 36.03 -8.70 -19.78
C ASN B 316 36.44 -8.11 -18.44
N MET B 317 36.70 -6.81 -18.38
CA MET B 317 36.98 -6.19 -17.09
C MET B 317 35.74 -6.18 -16.21
N TYR B 318 34.55 -6.03 -16.80
CA TYR B 318 33.35 -5.92 -15.99
C TYR B 318 32.98 -7.25 -15.35
N VAL B 319 33.05 -8.35 -16.10
CA VAL B 319 32.68 -9.64 -15.54
C VAL B 319 33.67 -10.08 -14.48
N LEU B 320 34.95 -9.73 -14.65
CA LEU B 320 35.94 -10.05 -13.62
C LEU B 320 35.75 -9.20 -12.38
N LEU B 321 35.59 -7.89 -12.56
CA LEU B 321 35.49 -7.01 -11.40
C LEU B 321 34.13 -7.06 -10.73
N ARG B 322 33.12 -7.66 -11.36
CA ARG B 322 31.85 -7.84 -10.68
C ARG B 322 31.95 -8.86 -9.57
N ALA B 323 32.79 -9.88 -9.75
CA ALA B 323 32.92 -10.93 -8.74
C ALA B 323 33.53 -10.41 -7.45
N VAL B 324 34.56 -9.60 -7.55
CA VAL B 324 35.19 -9.02 -6.37
C VAL B 324 34.32 -7.88 -5.87
N SER B 325 34.24 -7.72 -4.54
CA SER B 325 33.39 -6.70 -3.96
C SER B 325 33.85 -5.30 -4.32
N THR B 326 35.16 -5.04 -4.26
CA THR B 326 35.70 -3.71 -4.48
C THR B 326 36.14 -3.47 -5.91
N GLY B 327 35.92 -4.43 -6.81
CA GLY B 327 36.37 -4.25 -8.19
C GLY B 327 35.61 -3.16 -8.94
N LEU B 328 34.29 -3.14 -8.82
CA LEU B 328 33.50 -2.14 -9.54
C LEU B 328 33.73 -0.69 -9.12
N PRO B 329 33.78 -0.32 -7.83
CA PRO B 329 33.76 1.12 -7.50
C PRO B 329 34.92 1.94 -8.05
N HIS B 330 36.05 1.32 -8.41
CA HIS B 330 37.04 2.12 -9.12
C HIS B 330 36.68 2.32 -10.59
N MET B 331 36.10 1.29 -11.23
CA MET B 331 35.71 1.46 -12.62
C MET B 331 34.54 2.43 -12.76
N ILE B 332 33.67 2.48 -11.76
CA ILE B 332 32.60 3.48 -11.76
C ILE B 332 33.19 4.88 -11.78
N GLN B 333 34.20 5.12 -10.95
CA GLN B 333 34.85 6.42 -10.92
C GLN B 333 35.62 6.69 -12.21
N GLU B 334 36.13 5.64 -12.85
CA GLU B 334 36.89 5.85 -14.07
C GLU B 334 35.98 6.17 -15.25
N LEU B 335 34.86 5.46 -15.38
CA LEU B 335 33.92 5.77 -16.46
C LEU B 335 33.28 7.13 -16.24
N GLN B 336 32.98 7.48 -14.98
CA GLN B 336 32.41 8.79 -14.70
C GLN B 336 33.38 9.89 -15.07
N ASN B 337 34.68 9.70 -14.82
CA ASN B 337 35.66 10.66 -15.27
C ASN B 337 35.77 10.68 -16.78
N HIS B 338 35.53 9.56 -17.45
CA HIS B 338 35.60 9.54 -18.90
C HIS B 338 34.40 10.23 -19.52
N ILE B 339 33.19 9.95 -19.00
CA ILE B 339 31.99 10.58 -19.55
C ILE B 339 32.04 12.08 -19.32
N HIS B 340 32.45 12.49 -18.12
CA HIS B 340 32.55 13.91 -17.81
C HIS B 340 33.55 14.60 -18.71
N ASP B 341 34.65 13.93 -19.05
CA ASP B 341 35.56 14.47 -20.04
C ASP B 341 34.93 14.44 -21.43
N GLU B 342 34.36 13.29 -21.82
CA GLU B 342 33.80 13.18 -23.16
C GLU B 342 32.60 14.09 -23.35
N GLY B 343 31.87 14.39 -22.28
CA GLY B 343 30.79 15.35 -22.38
C GLY B 343 31.30 16.75 -22.67
N LEU B 344 32.40 17.14 -22.03
CA LEU B 344 32.86 18.53 -22.15
C LEU B 344 33.38 18.85 -23.54
N ARG B 345 33.93 17.86 -24.26
CA ARG B 345 34.30 18.09 -25.65
C ARG B 345 33.08 18.39 -26.49
N ALA B 346 31.99 17.68 -26.25
CA ALA B 346 30.80 17.81 -27.10
C ALA B 346 30.06 19.12 -26.84
N THR B 347 29.96 19.53 -25.57
CA THR B 347 29.18 20.73 -25.25
C THR B 347 29.87 21.99 -25.73
N SER B 348 31.19 22.01 -25.77
CA SER B 348 31.93 23.23 -26.00
C SER B 348 32.36 23.35 -27.45
N ASN B 349 33.13 24.40 -27.73
CA ASN B 349 33.61 24.73 -29.09
C ASN B 349 32.45 24.82 -30.07
N LEU B 350 31.36 25.44 -29.63
CA LEU B 350 30.15 25.56 -30.43
C LEU B 350 29.93 27.01 -30.81
N THR B 351 29.60 27.21 -32.09
CA THR B 351 29.34 28.54 -32.60
C THR B 351 28.08 29.13 -31.97
N GLN B 352 28.05 30.46 -31.88
CA GLN B 352 26.95 31.15 -31.23
C GLN B 352 25.71 31.21 -32.10
N GLU B 353 25.82 30.87 -33.39
CA GLU B 353 24.67 30.94 -34.28
C GLU B 353 23.60 29.93 -33.89
N ASN B 354 23.99 28.71 -33.54
CA ASN B 354 23.06 27.63 -33.24
C ASN B 354 23.47 26.93 -31.95
N MET B 355 23.71 27.73 -30.91
CA MET B 355 24.05 27.17 -29.60
C MET B 355 22.99 26.23 -29.02
N PRO B 356 21.67 26.54 -29.02
CA PRO B 356 20.73 25.64 -28.35
C PRO B 356 20.62 24.27 -28.99
N THR B 357 20.41 24.23 -30.31
CA THR B 357 20.23 22.94 -30.98
C THR B 357 21.48 22.09 -30.93
N LEU B 358 22.65 22.71 -31.09
CA LEU B 358 23.89 21.94 -31.01
C LEU B 358 24.15 21.44 -29.59
N PHE B 359 23.79 22.22 -28.58
CA PHE B 359 24.07 21.82 -27.21
C PHE B 359 23.20 20.63 -26.80
N VAL B 360 21.90 20.71 -27.04
CA VAL B 360 21.01 19.63 -26.66
C VAL B 360 21.33 18.37 -27.44
N GLU B 361 21.69 18.52 -28.72
CA GLU B 361 22.08 17.35 -29.49
C GLU B 361 23.37 16.74 -28.97
N SER B 362 24.36 17.57 -28.60
CA SER B 362 25.65 17.02 -28.21
C SER B 362 25.58 16.28 -26.89
N VAL B 363 24.86 16.82 -25.90
CA VAL B 363 24.72 16.10 -24.64
C VAL B 363 23.88 14.85 -24.84
N LEU B 364 22.82 14.94 -25.64
CA LEU B 364 22.02 13.76 -25.93
C LEU B 364 22.81 12.72 -26.70
N GLU B 365 23.66 13.17 -27.65
CA GLU B 365 24.46 12.22 -28.41
C GLU B 365 25.46 11.51 -27.51
N VAL B 366 26.09 12.23 -26.58
CA VAL B 366 26.97 11.58 -25.62
C VAL B 366 26.18 10.65 -24.72
N HIS B 367 25.01 11.11 -24.25
CA HIS B 367 24.13 10.23 -23.50
C HIS B 367 23.62 9.08 -24.35
N GLY B 368 23.29 9.36 -25.61
CA GLY B 368 22.77 8.32 -26.48
C GLY B 368 23.81 7.25 -26.78
N LYS B 369 25.05 7.66 -26.99
CA LYS B 369 26.10 6.68 -27.29
C LYS B 369 26.53 5.91 -26.05
N PHE B 370 26.61 6.58 -24.90
CA PHE B 370 27.11 5.89 -23.72
C PHE B 370 26.07 4.98 -23.08
N VAL B 371 24.79 5.33 -23.19
CA VAL B 371 23.76 4.36 -22.81
C VAL B 371 23.84 3.15 -23.73
N GLN B 372 24.02 3.39 -25.03
CA GLN B 372 24.19 2.30 -25.99
C GLN B 372 25.49 1.55 -25.77
N LEU B 373 26.44 2.12 -25.03
CA LEU B 373 27.67 1.40 -24.70
C LEU B 373 27.59 0.70 -23.35
N ILE B 374 26.88 1.28 -22.38
CA ILE B 374 26.74 0.60 -21.09
C ILE B 374 25.91 -0.67 -21.24
N ASN B 375 24.84 -0.61 -22.03
CA ASN B 375 23.97 -1.78 -22.16
C ASN B 375 24.66 -2.94 -22.87
N THR B 376 25.50 -2.67 -23.88
CA THR B 376 26.14 -3.75 -24.60
C THR B 376 27.36 -4.31 -23.89
N VAL B 377 27.87 -3.62 -22.88
CA VAL B 377 29.12 -4.04 -22.25
C VAL B 377 28.91 -4.24 -20.76
N LEU B 378 28.44 -3.20 -20.09
CA LEU B 378 28.22 -3.24 -18.65
C LEU B 378 26.82 -3.70 -18.28
N ASN B 379 25.96 -3.96 -19.27
CA ASN B 379 24.64 -4.57 -19.07
C ASN B 379 23.73 -3.72 -18.20
N GLY B 380 23.82 -2.41 -18.35
CA GLY B 380 22.92 -1.51 -17.65
C GLY B 380 23.00 -1.61 -16.15
N ASP B 381 24.20 -1.77 -15.62
CA ASP B 381 24.37 -1.81 -14.18
C ASP B 381 23.94 -0.48 -13.58
N GLN B 382 23.04 -0.54 -12.60
CA GLN B 382 22.50 0.67 -12.00
C GLN B 382 23.59 1.48 -11.32
N HIS B 383 24.66 0.80 -10.87
CA HIS B 383 25.83 1.50 -10.37
C HIS B 383 26.49 2.32 -11.47
N PHE B 384 26.54 1.77 -12.68
CA PHE B 384 27.10 2.52 -13.81
C PHE B 384 26.17 3.61 -14.30
N MET B 385 24.85 3.36 -14.30
CA MET B 385 23.92 4.38 -14.77
C MET B 385 23.90 5.57 -13.84
N SER B 386 24.13 5.36 -12.55
CA SER B 386 24.32 6.49 -11.65
C SER B 386 25.61 7.23 -11.97
N ALA B 387 26.65 6.52 -12.40
CA ALA B 387 27.90 7.18 -12.78
C ALA B 387 27.71 8.03 -14.02
N LEU B 388 26.91 7.55 -14.97
CA LEU B 388 26.61 8.35 -16.15
C LEU B 388 25.79 9.59 -15.78
N ASP B 389 24.77 9.40 -14.94
CA ASP B 389 23.90 10.52 -14.59
C ASP B 389 24.63 11.55 -13.75
N LYS B 390 25.52 11.10 -12.87
CA LYS B 390 26.35 12.05 -12.14
C LYS B 390 27.27 12.81 -13.09
N ALA B 391 27.83 12.11 -14.08
CA ALA B 391 28.80 12.75 -14.97
C ALA B 391 28.13 13.77 -15.86
N LEU B 392 26.95 13.46 -16.40
CA LEU B 392 26.26 14.42 -17.26
C LEU B 392 25.73 15.60 -16.45
N THR B 393 25.46 15.39 -15.16
CA THR B 393 25.01 16.50 -14.32
C THR B 393 26.11 17.55 -14.20
N SER B 394 27.36 17.12 -14.15
CA SER B 394 28.46 18.08 -14.09
C SER B 394 28.65 18.76 -15.45
N VAL B 395 28.42 18.05 -16.55
CA VAL B 395 28.72 18.67 -17.84
C VAL B 395 27.55 19.54 -18.32
N VAL B 396 26.31 19.19 -17.95
CA VAL B 396 25.19 20.06 -18.31
C VAL B 396 25.26 21.35 -17.53
N ASN B 397 25.50 21.27 -16.22
CA ASN B 397 25.57 22.44 -15.36
C ASN B 397 26.96 23.04 -15.30
N TYR B 398 27.77 22.84 -16.33
CA TYR B 398 29.11 23.42 -16.34
C TYR B 398 29.03 24.92 -16.50
N ARG B 399 29.97 25.61 -15.86
CA ARG B 399 29.88 27.05 -15.65
C ARG B 399 31.15 27.74 -16.09
N GLU B 400 30.98 28.90 -16.73
CA GLU B 400 32.10 29.72 -17.14
C GLU B 400 32.73 30.41 -15.92
N PRO B 401 33.97 30.87 -16.04
CA PRO B 401 34.62 31.56 -14.90
C PRO B 401 33.89 32.85 -14.52
N LYS B 402 33.51 32.95 -13.25
CA LYS B 402 32.82 34.12 -12.70
C LYS B 402 31.55 34.44 -13.47
N SER B 403 30.88 33.40 -13.96
CA SER B 403 29.64 33.57 -14.69
C SER B 403 28.56 32.70 -14.07
N VAL B 404 27.41 32.62 -14.71
CA VAL B 404 26.29 31.83 -14.22
C VAL B 404 26.11 30.66 -15.17
N CYS B 405 25.54 29.57 -14.66
CA CYS B 405 25.32 28.38 -15.47
C CYS B 405 24.36 28.69 -16.62
N LYS B 406 24.77 28.35 -17.84
CA LYS B 406 24.01 28.69 -19.03
C LYS B 406 23.11 27.56 -19.49
N ALA B 407 23.03 26.46 -18.75
CA ALA B 407 22.20 25.33 -19.17
C ALA B 407 20.71 25.65 -19.22
N PRO B 408 20.07 26.24 -18.20
CA PRO B 408 18.61 26.41 -18.29
C PRO B 408 18.19 27.39 -19.35
N GLU B 409 18.97 28.45 -19.57
CA GLU B 409 18.64 29.38 -20.63
C GLU B 409 18.80 28.74 -21.99
N LEU B 410 19.81 27.88 -22.15
CA LEU B 410 20.08 27.27 -23.45
C LEU B 410 19.00 26.28 -23.83
N LEU B 411 18.53 25.46 -22.87
CA LEU B 411 17.43 24.56 -23.16
C LEU B 411 16.12 25.32 -23.32
N ALA B 412 16.01 26.49 -22.70
CA ALA B 412 14.82 27.30 -22.88
C ALA B 412 14.71 27.77 -24.33
N LYS B 413 15.82 28.17 -24.94
CA LYS B 413 15.78 28.58 -26.33
C LYS B 413 15.58 27.39 -27.25
N TYR B 414 16.08 26.20 -26.86
CA TYR B 414 15.94 25.04 -27.71
C TYR B 414 14.49 24.58 -27.82
N CYS B 415 13.82 24.46 -26.67
CA CYS B 415 12.41 24.09 -26.71
C CYS B 415 11.55 25.19 -27.30
N ASP B 416 12.02 26.43 -27.27
CA ASP B 416 11.32 27.50 -27.96
C ASP B 416 11.55 27.43 -29.47
N ASN B 417 12.78 27.14 -29.91
CA ASN B 417 13.05 27.01 -31.33
C ASN B 417 12.32 25.80 -31.92
N LEU B 418 12.24 24.72 -31.16
CA LEU B 418 11.58 23.52 -31.65
C LEU B 418 10.07 23.70 -31.77
N LEU B 419 9.49 24.51 -30.89
CA LEU B 419 8.04 24.69 -30.87
C LEU B 419 7.55 25.90 -31.66
N LYS B 420 8.45 26.74 -32.15
CA LYS B 420 8.02 27.91 -32.90
C LYS B 420 7.60 27.51 -34.31
N LYS B 421 6.83 28.39 -34.94
CA LYS B 421 6.36 28.15 -36.31
C LYS B 421 7.54 28.30 -37.25
N SER B 422 8.13 27.17 -37.65
CA SER B 422 9.29 27.15 -38.52
C SER B 422 8.96 26.37 -39.78
N ALA B 423 9.32 26.91 -40.93
CA ALA B 423 9.07 26.29 -42.22
C ALA B 423 10.13 25.27 -42.61
N LYS B 424 11.16 25.09 -41.78
CA LYS B 424 12.25 24.18 -42.08
C LYS B 424 11.90 22.76 -41.63
N GLY B 425 10.98 22.16 -42.37
CA GLY B 425 10.53 20.81 -42.06
C GLY B 425 9.77 20.80 -40.75
N MET B 426 10.24 19.99 -39.81
CA MET B 426 9.72 19.91 -38.44
C MET B 426 8.24 19.53 -38.45
N THR B 427 7.99 18.30 -38.88
CA THR B 427 6.65 17.75 -38.89
C THR B 427 6.13 17.57 -37.46
N GLU B 428 4.82 17.37 -37.35
CA GLU B 428 4.18 17.29 -36.04
C GLU B 428 4.68 16.08 -35.24
N ASN B 429 4.81 14.93 -35.89
CA ASN B 429 5.29 13.75 -35.19
C ASN B 429 6.77 13.83 -34.87
N GLU B 430 7.56 14.45 -35.75
CA GLU B 430 9.01 14.55 -35.51
C GLU B 430 9.32 15.46 -34.34
N VAL B 431 8.59 16.56 -34.20
CA VAL B 431 8.81 17.48 -33.08
C VAL B 431 8.49 16.79 -31.77
N GLU B 432 7.38 16.05 -31.73
CA GLU B 432 7.04 15.30 -30.54
C GLU B 432 8.07 14.20 -30.25
N ASP B 433 8.67 13.63 -31.30
CA ASP B 433 9.67 12.59 -31.08
C ASP B 433 10.94 13.17 -30.47
N ARG B 434 11.36 14.36 -30.90
CA ARG B 434 12.52 14.98 -30.28
C ARG B 434 12.24 15.39 -28.84
N LEU B 435 11.03 15.88 -28.56
CA LEU B 435 10.71 16.31 -27.21
C LEU B 435 10.58 15.14 -26.26
N THR B 436 10.32 13.94 -26.76
CA THR B 436 10.40 12.75 -25.90
C THR B 436 11.83 12.53 -25.44
N SER B 437 12.81 12.75 -26.32
CA SER B 437 14.20 12.64 -25.93
C SER B 437 14.74 13.90 -25.29
N PHE B 438 14.05 15.02 -25.43
CA PHE B 438 14.49 16.27 -24.81
C PHE B 438 14.41 16.21 -23.30
N ILE B 439 13.52 15.36 -22.76
CA ILE B 439 13.41 15.23 -21.31
C ILE B 439 14.69 14.65 -20.72
N THR B 440 15.36 13.75 -21.45
CA THR B 440 16.54 13.07 -20.93
C THR B 440 17.67 14.06 -20.65
N VAL B 441 17.84 15.06 -21.50
CA VAL B 441 18.81 16.10 -21.19
C VAL B 441 18.22 17.14 -20.24
N PHE B 442 16.89 17.19 -20.10
CA PHE B 442 16.29 18.17 -19.21
C PHE B 442 16.49 17.79 -17.75
N LYS B 443 16.54 16.48 -17.44
CA LYS B 443 16.65 16.04 -16.05
C LYS B 443 17.93 16.51 -15.41
N TYR B 444 18.99 16.71 -16.18
CA TYR B 444 20.28 17.07 -15.64
C TYR B 444 20.47 18.58 -15.50
N ILE B 445 19.42 19.36 -15.73
CA ILE B 445 19.55 20.81 -15.63
C ILE B 445 19.87 21.23 -14.21
N ASP B 446 19.16 20.66 -13.24
CA ASP B 446 19.34 20.89 -11.80
C ASP B 446 19.05 22.33 -11.39
N ASP B 447 18.67 23.19 -12.33
CA ASP B 447 18.25 24.56 -12.07
C ASP B 447 16.91 24.82 -12.72
N LYS B 448 15.98 23.87 -12.56
CA LYS B 448 14.76 23.86 -13.35
C LYS B 448 13.88 25.07 -13.10
N ASP B 449 14.02 25.74 -11.96
CA ASP B 449 13.24 26.94 -11.73
C ASP B 449 13.69 28.08 -12.65
N VAL B 450 14.99 28.16 -12.95
CA VAL B 450 15.46 29.11 -13.94
C VAL B 450 14.91 28.76 -15.30
N PHE B 451 14.84 27.46 -15.62
CA PHE B 451 14.23 27.03 -16.86
C PHE B 451 12.74 27.34 -16.88
N GLN B 452 12.05 27.13 -15.75
CA GLN B 452 10.61 27.34 -15.73
C GLN B 452 10.26 28.80 -15.98
N LYS B 453 10.98 29.73 -15.36
CA LYS B 453 10.75 31.15 -15.63
C LYS B 453 11.09 31.49 -17.06
N PHE B 454 12.19 30.96 -17.57
CA PHE B 454 12.58 31.22 -18.96
C PHE B 454 11.61 30.57 -19.93
N TYR B 455 11.17 29.35 -19.65
CA TYR B 455 10.24 28.68 -20.56
C TYR B 455 8.87 29.35 -20.53
N ALA B 456 8.47 29.89 -19.37
CA ALA B 456 7.20 30.60 -19.30
C ALA B 456 7.20 31.83 -20.18
N ARG B 457 8.29 32.60 -20.14
CA ARG B 457 8.34 33.84 -20.92
C ARG B 457 8.43 33.54 -22.41
N MET B 458 9.13 32.48 -22.79
CA MET B 458 9.13 32.05 -24.18
C MET B 458 7.74 31.54 -24.59
N LEU B 459 7.06 30.84 -23.68
CA LEU B 459 5.70 30.40 -23.95
C LEU B 459 4.75 31.59 -24.00
N ALA B 460 4.96 32.58 -23.13
CA ALA B 460 4.09 33.75 -23.10
C ALA B 460 4.18 34.51 -24.42
N LYS B 461 5.39 34.69 -24.95
CA LYS B 461 5.53 35.37 -26.23
C LYS B 461 4.97 34.54 -27.37
N ARG B 462 5.03 33.21 -27.26
CA ARG B 462 4.53 32.36 -28.33
C ARG B 462 3.00 32.41 -28.40
N LEU B 463 2.34 32.25 -27.25
CA LEU B 463 0.88 32.14 -27.26
C LEU B 463 0.20 33.47 -27.51
N ILE B 464 0.73 34.55 -26.92
CA ILE B 464 0.10 35.87 -27.07
C ILE B 464 0.20 36.34 -28.51
N HIS B 465 1.39 36.27 -29.10
CA HIS B 465 1.58 36.72 -30.47
C HIS B 465 1.15 35.68 -31.49
N GLY B 466 0.77 34.48 -31.06
CA GLY B 466 0.35 33.47 -32.01
C GLY B 466 1.46 32.85 -32.81
N LEU B 467 2.72 33.14 -32.48
CA LEU B 467 3.85 32.57 -33.20
C LEU B 467 4.01 31.08 -32.97
N SER B 468 3.31 30.52 -31.99
CA SER B 468 3.53 29.13 -31.62
C SER B 468 3.00 28.21 -32.71
N MET B 469 3.39 26.94 -32.60
CA MET B 469 2.94 25.90 -33.52
C MET B 469 1.52 25.50 -33.12
N SER B 470 1.03 24.40 -33.68
CA SER B 470 -0.30 23.92 -33.36
C SER B 470 -0.43 23.63 -31.88
N MET B 471 -1.56 24.03 -31.31
CA MET B 471 -1.71 24.10 -29.85
C MET B 471 -1.61 22.74 -29.17
N ASP B 472 -1.89 21.65 -29.90
CA ASP B 472 -1.74 20.33 -29.30
C ASP B 472 -0.27 19.98 -29.08
N SER B 473 0.63 20.54 -29.89
CA SER B 473 2.06 20.31 -29.67
C SER B 473 2.53 20.97 -28.39
N GLU B 474 2.01 22.16 -28.09
CA GLU B 474 2.34 22.81 -26.83
C GLU B 474 1.81 22.01 -25.65
N GLU B 475 0.61 21.46 -25.78
CA GLU B 475 0.05 20.66 -24.69
C GLU B 475 0.87 19.40 -24.45
N ALA B 476 1.41 18.81 -25.52
CA ALA B 476 2.27 17.65 -25.35
C ALA B 476 3.56 18.02 -24.61
N MET B 477 4.12 19.20 -24.92
CA MET B 477 5.34 19.63 -24.24
C MET B 477 5.08 19.90 -22.77
N ILE B 478 3.91 20.44 -22.44
CA ILE B 478 3.56 20.70 -21.04
C ILE B 478 3.46 19.38 -20.28
N ASN B 479 2.84 18.37 -20.89
CA ASN B 479 2.65 17.10 -20.21
C ASN B 479 3.97 16.40 -19.91
N LYS B 480 4.95 16.53 -20.81
CA LYS B 480 6.23 15.88 -20.59
C LYS B 480 6.96 16.50 -19.41
N LEU B 481 6.83 17.80 -19.20
CA LEU B 481 7.35 18.42 -17.99
C LEU B 481 6.60 17.94 -16.76
N LYS B 482 5.29 17.72 -16.89
CA LYS B 482 4.49 17.19 -15.80
C LYS B 482 4.96 15.80 -15.40
N GLN B 483 5.32 14.98 -16.38
CA GLN B 483 5.97 13.71 -16.08
C GLN B 483 7.41 13.90 -15.60
N ALA B 484 8.05 15.02 -15.95
CA ALA B 484 9.43 15.23 -15.56
C ALA B 484 9.54 15.74 -14.13
N CYS B 485 9.01 16.92 -13.87
CA CYS B 485 9.05 17.51 -12.55
C CYS B 485 7.68 17.35 -11.89
N GLY B 486 7.51 18.00 -10.73
CA GLY B 486 6.26 17.88 -10.02
C GLY B 486 5.12 18.61 -10.72
N TYR B 487 3.91 18.39 -10.20
CA TYR B 487 2.75 19.07 -10.76
C TYR B 487 2.81 20.57 -10.51
N GLU B 488 3.40 20.98 -9.38
CA GLU B 488 3.56 22.40 -9.09
C GLU B 488 4.47 23.07 -10.12
N PHE B 489 5.37 22.32 -10.74
CA PHE B 489 6.26 22.88 -11.74
C PHE B 489 5.51 23.39 -12.95
N THR B 490 4.53 22.62 -13.43
CA THR B 490 3.79 22.99 -14.63
C THR B 490 2.44 23.62 -14.29
N SER B 491 2.20 23.95 -13.03
CA SER B 491 0.91 24.53 -12.66
C SER B 491 0.72 25.90 -13.31
N LYS B 492 1.77 26.71 -13.35
CA LYS B 492 1.68 28.00 -14.02
C LYS B 492 1.55 27.84 -15.52
N LEU B 493 2.34 26.94 -16.11
CA LEU B 493 2.31 26.77 -17.57
C LEU B 493 0.98 26.21 -18.03
N HIS B 494 0.41 25.26 -17.28
CA HIS B 494 -0.82 24.61 -17.69
C HIS B 494 -1.99 25.58 -17.72
N ARG B 495 -2.02 26.52 -16.78
CA ARG B 495 -3.07 27.53 -16.79
C ARG B 495 -2.90 28.48 -17.97
N MET B 496 -1.65 28.75 -18.37
CA MET B 496 -1.41 29.61 -19.53
C MET B 496 -1.95 28.96 -20.80
N TYR B 497 -1.65 27.68 -20.99
CA TYR B 497 -2.16 26.98 -22.17
C TYR B 497 -3.67 26.86 -22.12
N THR B 498 -4.22 26.63 -20.92
CA THR B 498 -5.66 26.50 -20.78
C THR B 498 -6.37 27.80 -21.11
N ASP B 499 -5.74 28.94 -20.79
CA ASP B 499 -6.35 30.23 -21.11
C ASP B 499 -6.53 30.40 -22.61
N MET B 500 -5.52 30.02 -23.38
CA MET B 500 -5.64 30.10 -24.83
C MET B 500 -6.58 29.07 -25.41
N SER B 501 -6.83 27.97 -24.68
CA SER B 501 -7.80 26.99 -25.15
C SER B 501 -9.22 27.53 -25.02
N VAL B 502 -9.53 28.17 -23.90
CA VAL B 502 -10.90 28.64 -23.65
C VAL B 502 -11.14 30.05 -24.17
N SER B 503 -10.09 30.76 -24.60
CA SER B 503 -10.29 32.12 -25.10
C SER B 503 -11.03 32.12 -26.43
N ALA B 504 -10.88 31.05 -27.22
CA ALA B 504 -11.68 30.93 -28.43
C ALA B 504 -13.16 30.80 -28.12
N ASP B 505 -13.49 29.99 -27.11
CA ASP B 505 -14.88 29.88 -26.68
C ASP B 505 -15.36 31.17 -26.03
N LEU B 506 -14.50 31.83 -25.26
CA LEU B 506 -14.89 33.07 -24.60
C LEU B 506 -15.12 34.18 -25.61
N ASN B 507 -14.29 34.24 -26.66
CA ASN B 507 -14.54 35.20 -27.73
C ASN B 507 -15.84 34.88 -28.46
N ASN B 508 -16.15 33.59 -28.61
CA ASN B 508 -17.44 33.21 -29.18
C ASN B 508 -18.59 33.57 -28.24
N LYS B 509 -18.37 33.47 -26.93
CA LYS B 509 -19.40 33.87 -25.98
C LYS B 509 -19.70 35.35 -26.09
N PHE B 510 -18.68 36.18 -26.23
CA PHE B 510 -18.90 37.60 -26.44
C PHE B 510 -19.47 37.88 -27.82
N ASN B 511 -19.10 37.07 -28.81
CA ASN B 511 -19.55 37.30 -30.18
C ASN B 511 -21.06 37.14 -30.30
N ASN B 512 -21.64 36.19 -29.57
CA ASN B 512 -23.09 36.06 -29.56
C ASN B 512 -23.75 36.94 -28.51
N PHE B 513 -23.00 37.40 -27.50
CA PHE B 513 -23.57 38.27 -26.49
C PHE B 513 -24.01 39.61 -27.09
N ILE B 514 -23.19 40.19 -27.96
CA ILE B 514 -23.59 41.43 -28.62
C ILE B 514 -24.78 41.18 -29.55
N LYS B 515 -24.88 39.96 -30.08
CA LYS B 515 -26.05 39.60 -30.87
C LYS B 515 -27.27 39.38 -29.97
N ASN B 516 -27.05 38.88 -28.76
CA ASN B 516 -28.15 38.62 -27.83
C ASN B 516 -28.55 39.85 -27.03
N GLN B 517 -27.91 41.00 -27.24
CA GLN B 517 -28.31 42.22 -26.56
C GLN B 517 -29.68 42.67 -27.04
N ASP B 518 -30.40 43.36 -26.16
CA ASP B 518 -31.73 43.84 -26.49
C ASP B 518 -31.70 44.93 -27.56
N THR B 519 -30.60 45.67 -27.66
CA THR B 519 -30.40 46.67 -28.70
C THR B 519 -29.23 46.26 -29.58
N VAL B 520 -29.35 46.54 -30.88
CA VAL B 520 -28.31 46.17 -31.83
C VAL B 520 -27.12 47.09 -31.65
N ILE B 521 -26.06 46.58 -31.02
CA ILE B 521 -24.86 47.35 -30.73
C ILE B 521 -23.81 46.91 -31.73
N ASP B 522 -23.64 47.70 -32.80
CA ASP B 522 -22.64 47.44 -33.82
C ASP B 522 -21.39 48.22 -33.44
N LEU B 523 -20.45 47.54 -32.79
CA LEU B 523 -19.22 48.21 -32.37
C LEU B 523 -18.31 48.51 -33.55
N GLY B 524 -18.42 47.72 -34.62
CA GLY B 524 -17.65 47.96 -35.83
C GLY B 524 -16.26 47.36 -35.84
N ILE B 525 -15.84 46.70 -34.76
CA ILE B 525 -14.53 46.07 -34.67
C ILE B 525 -14.75 44.59 -34.38
N SER B 526 -14.12 43.73 -35.17
CA SER B 526 -14.18 42.30 -34.88
C SER B 526 -13.48 42.02 -33.56
N PHE B 527 -14.11 41.19 -32.73
CA PHE B 527 -13.69 41.03 -31.35
C PHE B 527 -12.96 39.70 -31.21
N GLN B 528 -11.70 39.75 -30.78
CA GLN B 528 -10.91 38.53 -30.60
C GLN B 528 -10.03 38.63 -29.36
N ILE B 529 -10.49 39.33 -28.34
CA ILE B 529 -9.64 39.68 -27.20
C ILE B 529 -9.41 38.47 -26.32
N TYR B 530 -8.14 38.17 -26.09
CA TYR B 530 -7.77 37.09 -25.19
C TYR B 530 -8.01 37.48 -23.74
N VAL B 531 -8.27 36.49 -22.90
CA VAL B 531 -8.40 36.67 -21.46
C VAL B 531 -7.47 35.68 -20.79
N LEU B 532 -6.57 36.18 -19.95
CA LEU B 532 -5.50 35.37 -19.40
C LEU B 532 -5.30 35.70 -17.93
N GLN B 533 -5.09 34.67 -17.12
CA GLN B 533 -5.01 34.83 -15.67
C GLN B 533 -3.75 35.58 -15.28
N ALA B 534 -3.89 36.51 -14.35
CA ALA B 534 -2.76 37.34 -13.94
C ALA B 534 -1.79 36.56 -13.07
N GLY B 535 -2.28 35.55 -12.35
CA GLY B 535 -1.40 34.80 -11.47
C GLY B 535 -0.38 33.96 -12.22
N ALA B 536 -0.78 33.36 -13.33
CA ALA B 536 0.08 32.38 -13.99
C ALA B 536 1.06 33.05 -14.95
N TRP B 537 0.57 33.93 -15.80
CA TRP B 537 1.42 34.50 -16.84
C TRP B 537 2.45 35.45 -16.24
N PRO B 538 3.73 35.31 -16.58
CA PRO B 538 4.76 36.20 -16.00
C PRO B 538 4.68 37.62 -16.55
N LEU B 539 3.99 37.83 -17.65
CA LEU B 539 3.91 39.15 -18.25
C LEU B 539 3.11 40.10 -17.37
N THR B 540 3.56 41.35 -17.28
CA THR B 540 2.93 42.36 -16.44
C THR B 540 3.35 43.73 -16.95
N GLN B 541 3.04 44.77 -16.18
CA GLN B 541 3.41 46.14 -16.50
C GLN B 541 4.01 46.79 -15.26
N ALA B 542 5.31 47.03 -15.27
CA ALA B 542 5.99 47.67 -14.15
C ALA B 542 5.83 49.19 -14.13
N PRO B 543 6.06 49.94 -15.22
CA PRO B 543 5.84 51.39 -15.16
C PRO B 543 4.35 51.72 -15.28
N SER B 544 4.06 53.03 -15.25
CA SER B 544 2.70 53.50 -15.39
C SER B 544 2.13 53.16 -16.77
N SER B 545 2.72 53.76 -17.81
CA SER B 545 2.32 53.54 -19.20
C SER B 545 0.83 53.74 -19.39
N THR B 546 0.30 54.81 -18.80
CA THR B 546 -1.14 55.05 -18.73
C THR B 546 -1.64 55.48 -20.12
N PHE B 547 -1.80 54.49 -20.99
CA PHE B 547 -2.25 54.73 -22.35
C PHE B 547 -3.77 54.83 -22.39
N ALA B 548 -4.29 55.95 -22.88
CA ALA B 548 -5.72 56.13 -22.99
C ALA B 548 -6.27 55.31 -24.14
N ILE B 549 -7.47 54.77 -23.95
CA ILE B 549 -8.11 53.92 -24.96
C ILE B 549 -8.47 54.76 -26.18
N PRO B 550 -8.18 54.30 -27.40
CA PRO B 550 -8.67 55.01 -28.59
C PRO B 550 -10.19 55.07 -28.63
N GLN B 551 -10.71 56.21 -29.04
CA GLN B 551 -12.15 56.47 -28.95
C GLN B 551 -12.95 55.67 -29.97
N GLU B 552 -12.33 55.24 -31.07
CA GLU B 552 -13.05 54.44 -32.04
C GLU B 552 -13.30 53.01 -31.56
N LEU B 553 -12.53 52.56 -30.57
CA LEU B 553 -12.73 51.25 -29.97
C LEU B 553 -12.97 51.34 -28.46
N GLU B 554 -13.13 52.54 -27.93
CA GLU B 554 -13.40 52.70 -26.50
C GLU B 554 -14.78 52.19 -26.13
N LYS B 555 -15.70 52.10 -27.09
CA LYS B 555 -16.99 51.48 -26.82
C LYS B 555 -16.91 49.96 -26.80
N SER B 556 -15.83 49.38 -27.35
CA SER B 556 -15.69 47.93 -27.33
C SER B 556 -15.37 47.41 -25.94
N VAL B 557 -14.44 48.07 -25.25
CA VAL B 557 -14.01 47.61 -23.93
C VAL B 557 -15.13 47.77 -22.91
N GLN B 558 -15.92 48.84 -23.03
CA GLN B 558 -17.06 49.02 -22.14
C GLN B 558 -18.12 47.95 -22.37
N MET B 559 -18.29 47.55 -23.63
CA MET B 559 -19.16 46.41 -23.91
C MET B 559 -18.56 45.12 -23.38
N PHE B 560 -17.23 45.00 -23.36
CA PHE B 560 -16.61 43.79 -22.84
C PHE B 560 -16.63 43.78 -21.32
N GLU B 561 -16.46 44.95 -20.69
CA GLU B 561 -16.59 45.02 -19.24
C GLU B 561 -18.01 44.71 -18.79
N LEU B 562 -19.00 45.13 -19.58
CA LEU B 562 -20.38 44.75 -19.31
C LEU B 562 -20.57 43.25 -19.38
N PHE B 563 -19.97 42.61 -20.39
CA PHE B 563 -20.12 41.17 -20.55
C PHE B 563 -19.36 40.41 -19.48
N TYR B 564 -18.14 40.85 -19.17
CA TYR B 564 -17.29 40.06 -18.29
C TYR B 564 -17.77 40.13 -16.84
N SER B 565 -18.33 41.27 -16.43
CA SER B 565 -18.77 41.41 -15.04
C SER B 565 -19.89 40.43 -14.71
N GLN B 566 -20.87 40.30 -15.60
CA GLN B 566 -22.02 39.47 -15.29
C GLN B 566 -21.71 37.98 -15.42
N HIS B 567 -20.85 37.61 -16.37
CA HIS B 567 -20.46 36.21 -16.48
C HIS B 567 -19.40 35.82 -15.48
N PHE B 568 -18.52 36.75 -15.11
CA PHE B 568 -17.42 36.49 -14.19
C PHE B 568 -17.42 37.61 -13.16
N SER B 569 -18.12 37.40 -12.05
CA SER B 569 -18.25 38.45 -11.05
C SER B 569 -16.96 38.65 -10.29
N GLY B 570 -16.73 39.88 -9.85
CA GLY B 570 -15.61 40.19 -8.98
C GLY B 570 -14.25 39.96 -9.58
N ARG B 571 -14.05 40.32 -10.85
CA ARG B 571 -12.79 40.12 -11.55
C ARG B 571 -12.46 41.38 -12.33
N LYS B 572 -11.50 42.15 -11.85
CA LYS B 572 -11.04 43.32 -12.56
C LYS B 572 -10.21 42.91 -13.77
N LEU B 573 -10.12 43.79 -14.76
CA LEU B 573 -9.39 43.52 -16.00
C LEU B 573 -8.50 44.71 -16.30
N THR B 574 -7.25 44.66 -15.84
CA THR B 574 -6.28 45.62 -16.32
C THR B 574 -5.91 45.29 -17.75
N TRP B 575 -5.74 46.33 -18.57
CA TRP B 575 -5.49 46.17 -19.99
C TRP B 575 -4.01 46.44 -20.25
N LEU B 576 -3.28 45.40 -20.61
CA LEU B 576 -1.87 45.55 -20.96
C LEU B 576 -1.82 45.91 -22.44
N HIS B 577 -1.66 47.20 -22.71
CA HIS B 577 -1.66 47.68 -24.08
C HIS B 577 -0.35 47.44 -24.81
N TYR B 578 0.74 47.17 -24.08
CA TYR B 578 2.01 46.96 -24.75
C TYR B 578 2.07 45.64 -25.50
N LEU B 579 1.17 44.71 -25.19
CA LEU B 579 1.01 43.49 -25.96
C LEU B 579 -0.23 43.54 -26.85
N CYS B 580 -0.83 44.71 -27.00
CA CYS B 580 -2.12 44.88 -27.66
C CYS B 580 -1.93 45.46 -29.05
N THR B 581 -2.49 44.81 -30.06
CA THR B 581 -2.31 45.23 -31.44
C THR B 581 -3.61 45.10 -32.22
N GLY B 582 -3.76 45.97 -33.22
CA GLY B 582 -4.95 45.99 -34.06
C GLY B 582 -4.63 46.33 -35.50
N GLU B 583 -5.67 46.59 -36.30
CA GLU B 583 -5.52 46.84 -37.73
C GLU B 583 -5.72 48.31 -38.04
N VAL B 584 -4.90 48.84 -38.94
CA VAL B 584 -4.77 50.28 -39.14
C VAL B 584 -5.84 50.75 -40.12
N LYS B 585 -6.51 51.85 -39.77
CA LYS B 585 -7.47 52.53 -40.65
C LYS B 585 -6.76 53.74 -41.25
N MET B 586 -6.32 53.62 -42.50
CA MET B 586 -5.60 54.69 -43.18
C MET B 586 -6.56 55.55 -44.01
N ASN B 587 -7.51 56.17 -43.32
CA ASN B 587 -8.49 57.00 -44.01
C ASN B 587 -7.85 58.26 -44.59
N TYR B 588 -6.75 58.74 -43.99
CA TYR B 588 -6.08 59.90 -44.52
C TYR B 588 -5.28 59.58 -45.77
N LEU B 589 -4.84 58.33 -45.91
CA LEU B 589 -4.08 57.87 -47.07
C LEU B 589 -4.95 57.45 -48.24
N GLY B 590 -6.27 57.53 -48.09
CA GLY B 590 -7.17 57.00 -49.10
C GLY B 590 -7.44 55.52 -48.97
N LYS B 591 -6.97 54.90 -47.89
CA LYS B 591 -7.10 53.48 -47.58
C LYS B 591 -6.61 52.57 -48.70
N PRO B 592 -5.29 52.50 -48.95
CA PRO B 592 -4.78 51.44 -49.82
C PRO B 592 -4.37 50.21 -49.04
N TYR B 593 -4.91 49.05 -49.43
CA TYR B 593 -4.61 47.74 -48.83
C TYR B 593 -4.97 47.80 -47.34
N VAL B 594 -4.11 47.32 -46.44
CA VAL B 594 -4.42 47.29 -45.01
C VAL B 594 -3.09 47.27 -44.27
N ALA B 595 -3.10 47.75 -43.02
CA ALA B 595 -1.92 47.73 -42.17
C ALA B 595 -2.35 47.33 -40.76
N MET B 596 -1.38 46.89 -39.98
CA MET B 596 -1.61 46.47 -38.60
C MET B 596 -0.43 46.87 -37.73
N VAL B 597 -0.71 47.60 -36.65
CA VAL B 597 0.32 48.02 -35.70
C VAL B 597 -0.20 47.74 -34.29
N THR B 598 0.63 48.07 -33.32
CA THR B 598 0.26 47.96 -31.91
C THR B 598 -0.45 49.23 -31.46
N THR B 599 -1.20 49.10 -30.36
CA THR B 599 -1.96 50.25 -29.85
C THR B 599 -1.06 51.31 -29.24
N TYR B 600 0.17 50.98 -28.88
CA TYR B 600 1.13 52.01 -28.50
C TYR B 600 1.48 52.91 -29.68
N GLN B 601 1.33 52.41 -30.90
CA GLN B 601 1.53 53.20 -32.11
C GLN B 601 0.22 53.64 -32.74
N MET B 602 -0.91 53.10 -32.29
CA MET B 602 -2.20 53.47 -32.88
C MET B 602 -2.53 54.93 -32.64
N ALA B 603 -2.46 55.36 -31.37
CA ALA B 603 -2.83 56.73 -31.04
C ALA B 603 -1.93 57.76 -31.71
N VAL B 604 -0.68 57.40 -31.96
CA VAL B 604 0.20 58.26 -32.74
C VAL B 604 -0.31 58.37 -34.18
N LEU B 605 -0.73 57.23 -34.75
CA LEU B 605 -1.22 57.25 -36.13
C LEU B 605 -2.63 57.84 -36.22
N LEU B 606 -3.41 57.74 -35.13
CA LEU B 606 -4.74 58.35 -35.13
C LEU B 606 -4.67 59.86 -35.26
N ALA B 607 -3.66 60.48 -34.64
CA ALA B 607 -3.48 61.92 -34.79
C ALA B 607 -3.13 62.30 -36.23
N PHE B 608 -2.48 61.39 -36.96
CA PHE B 608 -2.19 61.65 -38.37
C PHE B 608 -3.44 61.56 -39.23
N ASN B 609 -4.43 60.78 -38.82
CA ASN B 609 -5.64 60.64 -39.61
C ASN B 609 -6.50 61.90 -39.55
N ASN B 610 -6.38 62.68 -38.48
CA ASN B 610 -7.11 63.94 -38.38
C ASN B 610 -6.37 65.07 -39.10
N SER B 611 -5.16 65.36 -38.65
CA SER B 611 -4.31 66.37 -39.27
C SER B 611 -3.04 65.71 -39.78
N GLU B 612 -2.52 66.22 -40.90
CA GLU B 612 -1.35 65.62 -41.52
C GLU B 612 -0.11 65.74 -40.63
N THR B 613 0.05 66.88 -39.96
CA THR B 613 1.23 67.15 -39.16
C THR B 613 0.85 67.28 -37.70
N VAL B 614 1.51 66.50 -36.84
CA VAL B 614 1.35 66.59 -35.40
C VAL B 614 2.73 66.64 -34.75
N SER B 615 2.76 67.23 -33.55
CA SER B 615 3.98 67.36 -32.77
C SER B 615 3.96 66.37 -31.61
N TYR B 616 5.03 66.38 -30.82
CA TYR B 616 5.11 65.51 -29.65
C TYR B 616 4.10 65.92 -28.60
N LYS B 617 3.92 67.22 -28.38
CA LYS B 617 2.93 67.70 -27.42
C LYS B 617 1.51 67.37 -27.88
N GLU B 618 1.28 67.30 -29.19
CA GLU B 618 -0.03 66.92 -29.71
C GLU B 618 -0.35 65.46 -29.43
N LEU B 619 0.66 64.62 -29.25
CA LEU B 619 0.46 63.21 -28.94
C LEU B 619 0.34 62.94 -27.44
N GLN B 620 0.60 63.94 -26.60
CA GLN B 620 0.55 63.75 -25.16
C GLN B 620 -0.87 63.65 -24.63
N ASP B 621 -1.87 64.11 -25.39
CA ASP B 621 -3.24 64.05 -24.92
C ASP B 621 -3.83 62.65 -25.03
N SER B 622 -3.39 61.86 -26.00
CA SER B 622 -3.95 60.54 -26.26
C SER B 622 -3.07 59.40 -25.77
N THR B 623 -1.77 59.42 -26.10
CA THR B 623 -0.87 58.36 -25.67
C THR B 623 -0.68 58.40 -24.16
N GLN B 624 -0.41 59.58 -23.61
CA GLN B 624 -0.39 59.83 -22.17
C GLN B 624 0.59 58.92 -21.43
N MET B 625 1.73 58.63 -22.06
CA MET B 625 2.74 57.79 -21.45
C MET B 625 4.10 58.46 -21.55
N ASN B 626 5.10 57.82 -20.95
CA ASN B 626 6.43 58.40 -20.85
C ASN B 626 7.11 58.46 -22.22
N GLU B 627 8.11 59.34 -22.32
CA GLU B 627 8.80 59.57 -23.59
C GLU B 627 9.52 58.32 -24.08
N LYS B 628 10.17 57.58 -23.17
CA LYS B 628 10.96 56.42 -23.57
C LYS B 628 10.08 55.35 -24.19
N GLU B 629 8.82 55.25 -23.77
CA GLU B 629 7.86 54.39 -24.43
C GLU B 629 7.37 54.99 -25.74
N LEU B 630 7.27 56.32 -25.80
CA LEU B 630 6.84 56.98 -27.02
C LEU B 630 7.91 56.97 -28.10
N THR B 631 9.17 57.16 -27.71
CA THR B 631 10.25 57.32 -28.68
C THR B 631 10.46 56.06 -29.50
N LYS B 632 10.39 54.89 -28.87
CA LYS B 632 10.61 53.64 -29.59
C LYS B 632 9.47 53.37 -30.57
N THR B 633 8.24 53.71 -30.18
CA THR B 633 7.09 53.47 -31.06
C THR B 633 7.12 54.39 -32.28
N ILE B 634 7.39 55.67 -32.06
CA ILE B 634 7.42 56.62 -33.18
C ILE B 634 8.64 56.40 -34.06
N LYS B 635 9.73 55.85 -33.52
CA LYS B 635 10.88 55.53 -34.34
C LYS B 635 10.55 54.44 -35.35
N SER B 636 9.78 53.43 -34.93
CA SER B 636 9.34 52.39 -35.85
C SER B 636 8.43 52.95 -36.91
N LEU B 637 7.68 54.01 -36.60
CA LEU B 637 6.89 54.69 -37.62
C LEU B 637 7.78 55.38 -38.64
N LEU B 638 8.98 55.79 -38.23
CA LEU B 638 9.94 56.42 -39.13
C LEU B 638 10.96 55.45 -39.69
N ASP B 639 11.30 54.39 -38.96
CA ASP B 639 12.24 53.40 -39.47
C ASP B 639 11.68 52.66 -40.67
N VAL B 640 10.40 52.31 -40.62
CA VAL B 640 9.72 51.70 -41.76
C VAL B 640 9.35 52.74 -42.80
N LYS B 641 9.46 54.03 -42.46
CA LYS B 641 9.25 55.18 -43.33
C LYS B 641 7.81 55.30 -43.81
N MET B 642 6.87 54.61 -43.16
CA MET B 642 5.45 54.88 -43.41
C MET B 642 5.07 56.26 -42.92
N ILE B 643 5.73 56.75 -41.87
CA ILE B 643 5.53 58.09 -41.33
C ILE B 643 6.85 58.84 -41.47
N ASN B 644 6.81 59.97 -42.17
CA ASN B 644 7.98 60.80 -42.37
C ASN B 644 8.04 61.90 -41.31
N HIS B 645 9.13 62.66 -41.36
CA HIS B 645 9.35 63.76 -40.42
C HIS B 645 9.10 65.09 -41.12
N ASP B 646 8.30 65.94 -40.49
CA ASP B 646 7.97 67.24 -41.08
C ASP B 646 9.11 68.25 -40.95
N SER B 647 10.04 68.04 -40.03
CA SER B 647 11.12 68.99 -39.80
C SER B 647 12.40 68.21 -39.53
N GLU B 648 13.43 68.92 -39.07
CA GLU B 648 14.70 68.33 -38.69
C GLU B 648 14.78 68.05 -37.18
N LYS B 649 13.66 67.67 -36.58
CA LYS B 649 13.57 67.38 -35.16
C LYS B 649 13.61 65.87 -34.90
N GLU B 650 14.40 65.15 -35.71
CA GLU B 650 14.48 63.70 -35.60
C GLU B 650 15.08 63.26 -34.28
N ASP B 651 15.86 64.11 -33.63
CA ASP B 651 16.42 63.79 -32.32
C ASP B 651 15.30 63.82 -31.26
N ILE B 652 15.62 63.28 -30.09
CA ILE B 652 14.66 63.22 -28.99
C ILE B 652 14.48 64.63 -28.44
N ASP B 653 13.28 65.19 -28.58
CA ASP B 653 12.99 66.54 -28.13
C ASP B 653 11.49 66.66 -27.88
N ALA B 654 11.09 67.81 -27.33
CA ALA B 654 9.69 68.03 -27.00
C ALA B 654 8.86 68.47 -28.20
N GLU B 655 9.50 68.89 -29.30
CA GLU B 655 8.74 69.29 -30.48
C GLU B 655 8.31 68.08 -31.30
N SER B 656 9.30 67.40 -31.91
CA SER B 656 9.12 66.16 -32.66
C SER B 656 7.95 66.25 -33.65
N SER B 657 7.90 67.35 -34.39
CA SER B 657 6.81 67.60 -35.33
C SER B 657 6.95 66.67 -36.53
N PHE B 658 6.05 65.71 -36.65
CA PHE B 658 6.10 64.71 -37.71
C PHE B 658 5.08 65.07 -38.79
N SER B 659 4.94 64.18 -39.77
CA SER B 659 3.97 64.35 -40.84
C SER B 659 3.61 62.98 -41.40
N LEU B 660 2.53 62.94 -42.15
CA LEU B 660 2.08 61.70 -42.79
C LEU B 660 2.66 61.63 -44.19
N ASN B 661 3.47 60.62 -44.45
CA ASN B 661 4.11 60.43 -45.75
C ASN B 661 3.06 59.93 -46.73
N MET B 662 2.46 60.86 -47.46
CA MET B 662 1.48 60.50 -48.48
C MET B 662 2.13 59.74 -49.63
N ASN B 663 3.35 60.12 -49.99
CA ASN B 663 4.06 59.44 -51.07
C ASN B 663 4.36 57.99 -50.72
N PHE B 664 4.71 57.73 -49.46
CA PHE B 664 4.94 56.36 -48.99
C PHE B 664 3.59 55.67 -48.80
N SER B 665 3.01 55.25 -49.92
CA SER B 665 1.72 54.58 -49.91
C SER B 665 1.94 53.09 -49.64
N SER B 666 0.90 52.28 -49.87
CA SER B 666 0.95 50.86 -49.54
C SER B 666 1.57 50.09 -50.69
N LYS B 667 2.89 49.90 -50.63
CA LYS B 667 3.56 49.04 -51.59
C LYS B 667 3.44 47.57 -51.25
N ARG B 668 3.06 47.24 -50.03
CA ARG B 668 2.81 45.88 -49.61
C ARG B 668 1.39 45.77 -49.06
N THR B 669 0.82 44.58 -49.19
CA THR B 669 -0.59 44.39 -48.86
C THR B 669 -0.83 44.40 -47.35
N LYS B 670 0.07 43.79 -46.57
CA LYS B 670 -0.20 43.52 -45.16
C LYS B 670 0.33 44.58 -44.22
N PHE B 671 1.60 44.98 -44.35
CA PHE B 671 2.27 45.90 -43.44
C PHE B 671 2.21 45.40 -41.99
N LYS B 672 2.85 44.26 -41.76
CA LYS B 672 2.95 43.72 -40.41
C LYS B 672 4.03 44.48 -39.66
N ILE B 673 3.63 45.28 -38.68
CA ILE B 673 4.58 46.08 -37.91
C ILE B 673 4.65 45.55 -36.49
N THR B 674 5.60 44.65 -36.24
CA THR B 674 5.81 44.09 -34.91
C THR B 674 7.06 44.62 -34.23
N THR B 675 7.90 45.38 -34.94
CA THR B 675 9.14 45.98 -34.45
C THR B 675 10.14 44.95 -33.94
N SER B 676 9.94 43.67 -34.29
CA SER B 676 10.80 42.56 -33.87
C SER B 676 10.98 42.51 -32.35
N MET B 677 9.89 42.81 -31.63
CA MET B 677 9.94 42.83 -30.17
C MET B 677 10.05 41.43 -29.57
N GLN B 678 9.87 40.38 -30.38
CA GLN B 678 9.99 39.02 -29.89
C GLN B 678 11.42 38.69 -29.48
N LYS B 679 12.41 39.42 -29.98
CA LYS B 679 13.78 39.26 -29.51
C LYS B 679 13.91 39.76 -28.08
N ASP B 680 14.62 39.00 -27.26
CA ASP B 680 14.77 39.31 -25.85
C ASP B 680 16.01 40.17 -25.59
N THR B 681 15.82 41.27 -24.88
CA THR B 681 16.93 42.15 -24.56
C THR B 681 17.74 41.55 -23.41
N PRO B 682 19.07 41.53 -23.51
CA PRO B 682 19.88 40.96 -22.43
C PRO B 682 19.77 41.71 -21.11
N GLN B 683 19.38 43.00 -21.14
CA GLN B 683 19.10 43.70 -19.91
C GLN B 683 17.90 43.10 -19.18
N GLU B 684 16.85 42.73 -19.92
CA GLU B 684 15.71 42.08 -19.32
C GLU B 684 16.01 40.62 -18.97
N MET B 685 16.98 40.01 -19.63
CA MET B 685 17.38 38.65 -19.29
C MET B 685 17.95 38.58 -17.87
N GLU B 686 18.77 39.56 -17.50
CA GLU B 686 19.26 39.63 -16.12
C GLU B 686 18.12 39.90 -15.14
N GLN B 687 17.11 40.67 -15.57
CA GLN B 687 15.96 40.91 -14.72
C GLN B 687 15.21 39.61 -14.43
N THR B 688 15.07 38.75 -15.44
CA THR B 688 14.42 37.46 -15.22
C THR B 688 15.23 36.59 -14.29
N ARG B 689 16.57 36.62 -14.43
CA ARG B 689 17.42 35.93 -13.48
C ARG B 689 17.31 36.54 -12.10
N SER B 690 17.23 37.88 -12.03
CA SER B 690 17.08 38.54 -10.73
C SER B 690 15.71 38.31 -10.13
N ALA B 691 14.68 38.19 -10.96
CA ALA B 691 13.33 37.93 -10.46
C ALA B 691 13.25 36.55 -9.83
N VAL B 692 13.79 35.53 -10.50
CA VAL B 692 13.80 34.20 -9.93
C VAL B 692 14.82 34.10 -8.81
N ASP B 693 15.80 35.00 -8.79
CA ASP B 693 16.68 35.11 -7.63
C ASP B 693 15.91 35.55 -6.40
N GLU B 694 14.87 36.35 -6.58
CA GLU B 694 13.96 36.63 -5.47
C GLU B 694 13.10 35.42 -5.14
N ASP B 695 12.69 34.68 -6.17
CA ASP B 695 11.81 33.53 -5.95
C ASP B 695 12.55 32.39 -5.27
N ARG B 696 13.82 32.18 -5.62
CA ARG B 696 14.59 31.13 -4.97
C ARG B 696 14.85 31.44 -3.51
N LYS B 697 14.93 32.72 -3.14
CA LYS B 697 15.12 33.07 -1.74
C LYS B 697 13.85 32.83 -0.95
N MET B 698 12.70 33.19 -1.52
CA MET B 698 11.43 32.98 -0.83
C MET B 698 11.14 31.50 -0.64
N TYR B 699 11.45 30.68 -1.64
CA TYR B 699 11.28 29.24 -1.49
C TYR B 699 12.21 28.68 -0.42
N LEU B 700 13.44 29.19 -0.37
CA LEU B 700 14.37 28.77 0.68
C LEU B 700 13.88 29.18 2.05
N GLN B 701 13.27 30.37 2.16
CA GLN B 701 12.72 30.81 3.43
C GLN B 701 11.59 29.89 3.88
N ALA B 702 10.73 29.48 2.94
CA ALA B 702 9.70 28.50 3.26
C ALA B 702 10.30 27.11 3.49
N ALA B 703 11.43 26.83 2.84
CA ALA B 703 12.07 25.54 3.04
C ALA B 703 12.65 25.41 4.45
N ILE B 704 13.26 26.49 4.95
CA ILE B 704 13.80 26.48 6.31
C ILE B 704 12.66 26.33 7.32
N VAL B 705 11.56 27.03 7.10
CA VAL B 705 10.43 27.00 8.02
C VAL B 705 9.81 25.61 8.06
N ARG B 706 9.75 24.94 6.91
CA ARG B 706 9.12 23.62 6.84
C ARG B 706 9.86 22.60 7.70
N ILE B 707 11.19 22.56 7.59
CA ILE B 707 11.97 21.60 8.36
C ILE B 707 11.97 21.98 9.84
N MET B 708 12.09 23.28 10.13
CA MET B 708 12.17 23.72 11.52
C MET B 708 10.86 23.48 12.26
N LYS B 709 9.72 23.55 11.56
CA LYS B 709 8.44 23.31 12.22
C LYS B 709 8.29 21.85 12.62
N ALA B 710 8.80 20.93 11.80
CA ALA B 710 8.68 19.51 12.11
C ALA B 710 9.65 19.05 13.19
N ARG B 711 10.64 19.87 13.55
CA ARG B 711 11.68 19.46 14.49
C ARG B 711 11.80 20.36 15.70
N LYS B 712 11.70 21.68 15.51
CA LYS B 712 11.87 22.74 16.50
C LYS B 712 13.31 22.85 17.01
N VAL B 713 14.16 21.91 16.61
CA VAL B 713 15.58 21.93 16.96
C VAL B 713 16.35 21.03 15.99
N LEU B 714 17.47 21.53 15.48
CA LEU B 714 18.31 20.77 14.56
C LEU B 714 19.72 21.35 14.60
N ARG B 715 20.67 20.55 14.12
CA ARG B 715 22.02 21.03 13.94
C ARG B 715 22.08 22.02 12.79
N HIS B 716 23.01 22.97 12.89
CA HIS B 716 23.16 23.97 11.85
C HIS B 716 23.59 23.34 10.52
N ASN B 717 24.54 22.41 10.57
CA ASN B 717 25.02 21.78 9.35
C ASN B 717 24.05 20.73 8.82
N ALA B 718 23.33 20.03 9.70
CA ALA B 718 22.40 19.00 9.26
C ALA B 718 21.20 19.61 8.53
N LEU B 719 20.80 20.82 8.91
CA LEU B 719 19.74 21.51 8.19
C LEU B 719 20.15 21.87 6.77
N ILE B 720 21.43 22.21 6.58
CA ILE B 720 21.92 22.56 5.25
C ILE B 720 21.82 21.36 4.32
N GLN B 721 22.14 20.17 4.83
CA GLN B 721 21.95 18.97 4.03
C GLN B 721 20.47 18.65 3.83
N GLU B 722 19.62 19.05 4.79
CA GLU B 722 18.20 18.74 4.65
C GLU B 722 17.51 19.64 3.64
N VAL B 723 17.83 20.94 3.64
CA VAL B 723 17.21 21.85 2.68
C VAL B 723 17.66 21.51 1.27
N ILE B 724 18.87 20.99 1.11
CA ILE B 724 19.32 20.52 -0.20
C ILE B 724 18.53 19.28 -0.61
N SER B 725 18.24 18.40 0.35
CA SER B 725 17.51 17.18 0.04
C SER B 725 16.09 17.47 -0.42
N GLN B 726 15.48 18.52 0.12
CA GLN B 726 14.12 18.89 -0.27
C GLN B 726 14.08 19.86 -1.45
N SER B 727 15.23 20.20 -2.04
CA SER B 727 15.26 21.08 -3.20
C SER B 727 16.00 20.45 -4.38
N ARG B 728 16.11 19.12 -4.42
CA ARG B 728 16.74 18.47 -5.56
C ARG B 728 15.86 18.53 -6.80
N ALA B 729 14.55 18.32 -6.63
CA ALA B 729 13.62 18.40 -7.76
C ALA B 729 13.34 19.83 -8.18
N ARG B 730 14.02 20.80 -7.59
CA ARG B 730 13.83 22.21 -7.87
C ARG B 730 15.21 22.85 -7.85
N PHE B 731 15.24 24.16 -7.69
CA PHE B 731 16.47 24.96 -7.74
C PHE B 731 17.56 24.40 -6.82
N ASN B 732 18.76 24.23 -7.37
CA ASN B 732 19.90 23.78 -6.60
C ASN B 732 20.41 24.94 -5.75
N PRO B 733 20.34 24.84 -4.44
CA PRO B 733 20.70 25.98 -3.60
C PRO B 733 22.18 26.06 -3.31
N SER B 734 22.80 27.18 -3.68
CA SER B 734 24.18 27.44 -3.28
C SER B 734 24.26 27.61 -1.78
N ILE B 735 25.42 27.29 -1.21
CA ILE B 735 25.59 27.31 0.25
C ILE B 735 25.36 28.73 0.79
N SER B 736 25.82 29.74 0.06
CA SER B 736 25.62 31.12 0.48
C SER B 736 24.16 31.53 0.50
N MET B 737 23.31 30.88 -0.30
CA MET B 737 21.89 31.21 -0.29
C MET B 737 21.22 30.83 1.03
N ILE B 738 21.58 29.67 1.58
CA ILE B 738 21.05 29.30 2.89
C ILE B 738 21.59 30.22 3.97
N LYS B 739 22.84 30.69 3.82
CA LYS B 739 23.44 31.59 4.80
C LYS B 739 22.60 32.84 5.03
N LYS B 740 22.24 33.52 3.95
CA LYS B 740 21.47 34.75 4.08
C LYS B 740 20.01 34.49 4.44
N CYS B 741 19.43 33.42 3.91
CA CYS B 741 18.02 33.13 4.18
C CYS B 741 17.82 32.74 5.64
N ILE B 742 18.73 31.95 6.21
CA ILE B 742 18.68 31.65 7.63
C ILE B 742 18.84 32.94 8.44
N GLU B 743 19.75 33.81 8.00
CA GLU B 743 19.91 35.12 8.64
C GLU B 743 18.64 35.94 8.53
N VAL B 744 17.93 35.84 7.41
CA VAL B 744 16.69 36.57 7.25
C VAL B 744 15.64 36.06 8.24
N LEU B 745 15.53 34.74 8.36
CA LEU B 745 14.58 34.17 9.31
C LEU B 745 14.96 34.44 10.76
N ILE B 746 16.22 34.76 11.03
CA ILE B 746 16.63 35.13 12.39
C ILE B 746 15.99 36.45 12.80
N ASP B 747 16.07 37.46 11.93
CA ASP B 747 15.53 38.77 12.26
C ASP B 747 14.02 38.87 12.08
N LYS B 748 13.40 37.88 11.45
CA LYS B 748 11.95 37.78 11.40
C LYS B 748 11.37 37.07 12.63
N GLN B 749 12.21 36.77 13.62
CA GLN B 749 11.79 36.18 14.90
C GLN B 749 11.03 34.87 14.69
N TYR B 750 11.53 34.05 13.76
CA TYR B 750 10.98 32.72 13.55
C TYR B 750 11.96 31.62 13.88
N ILE B 751 13.24 31.83 13.61
CA ILE B 751 14.28 30.88 13.97
C ILE B 751 15.33 31.65 14.77
N GLU B 752 16.02 30.93 15.65
CA GLU B 752 17.10 31.52 16.43
C GLU B 752 18.06 30.41 16.84
N ARG B 753 19.33 30.78 16.98
CA ARG B 753 20.31 29.83 17.49
C ARG B 753 20.04 29.55 18.96
N SER B 754 20.27 28.29 19.35
CA SER B 754 20.01 27.89 20.72
C SER B 754 21.01 28.51 21.68
N GLN B 755 20.58 28.69 22.94
CA GLN B 755 21.47 29.25 23.95
C GLN B 755 22.60 28.29 24.29
N ALA B 756 22.36 26.99 24.16
CA ALA B 756 23.41 26.01 24.45
C ALA B 756 24.57 26.12 23.49
N SER B 757 24.29 26.28 22.19
CA SER B 757 25.34 26.37 21.19
C SER B 757 24.81 27.11 19.97
N ALA B 758 25.69 27.86 19.31
CA ALA B 758 25.31 28.57 18.09
C ALA B 758 25.07 27.62 16.92
N ASP B 759 25.56 26.38 17.01
CA ASP B 759 25.36 25.38 15.98
C ASP B 759 24.01 24.69 16.09
N GLU B 760 23.21 25.02 17.10
CA GLU B 760 21.89 24.44 17.30
C GLU B 760 20.83 25.50 17.02
N TYR B 761 19.90 25.18 16.14
CA TYR B 761 18.84 26.10 15.75
C TYR B 761 17.55 25.75 16.47
N SER B 762 16.66 26.73 16.56
CA SER B 762 15.42 26.54 17.30
C SER B 762 14.34 27.46 16.74
N TYR B 763 13.12 26.94 16.68
CA TYR B 763 11.97 27.72 16.27
C TYR B 763 11.67 28.81 17.30
N VAL B 764 11.35 30.01 16.81
CA VAL B 764 10.97 31.10 17.69
C VAL B 764 10.01 32.04 16.98
N MET C 1 -38.38 53.34 -31.79
CA MET C 1 -37.35 53.77 -30.87
C MET C 1 -37.95 54.35 -29.60
N TYR C 2 -39.11 54.99 -29.75
CA TYR C 2 -39.81 55.60 -28.63
C TYR C 2 -41.15 54.91 -28.44
N VAL C 3 -41.48 54.57 -27.19
CA VAL C 3 -42.72 53.91 -26.87
C VAL C 3 -43.57 54.82 -26.01
N LYS C 4 -44.89 54.66 -26.11
CA LYS C 4 -45.84 55.51 -25.44
C LYS C 4 -46.66 54.70 -24.44
N LEU C 5 -46.75 55.21 -23.21
CA LEU C 5 -47.54 54.61 -22.14
C LEU C 5 -48.62 55.59 -21.73
N ILE C 6 -49.87 55.11 -21.67
CA ILE C 6 -51.00 55.94 -21.28
C ILE C 6 -51.52 55.43 -19.94
N SER C 7 -51.64 56.33 -18.98
CA SER C 7 -52.21 55.97 -17.69
C SER C 7 -53.73 55.90 -17.77
N SER C 8 -54.33 55.33 -16.72
CA SER C 8 -55.78 55.24 -16.67
C SER C 8 -56.40 56.63 -16.58
N ASP C 9 -55.75 57.56 -15.89
CA ASP C 9 -56.26 58.93 -15.79
C ASP C 9 -55.71 59.80 -16.91
N GLY C 10 -55.88 59.34 -18.14
CA GLY C 10 -55.63 60.15 -19.32
C GLY C 10 -54.18 60.52 -19.61
N HIS C 11 -53.32 60.44 -18.60
CA HIS C 11 -51.96 60.92 -18.73
C HIS C 11 -51.14 60.01 -19.64
N GLU C 12 -50.32 60.62 -20.49
CA GLU C 12 -49.45 59.90 -21.40
C GLU C 12 -48.02 59.95 -20.90
N PHE C 13 -47.27 58.91 -21.21
CA PHE C 13 -45.85 58.87 -20.91
C PHE C 13 -45.10 58.31 -22.11
N ILE C 14 -44.05 59.02 -22.53
CA ILE C 14 -43.24 58.63 -23.66
C ILE C 14 -41.81 58.44 -23.16
N VAL C 15 -41.24 57.27 -23.45
CA VAL C 15 -39.89 56.92 -23.01
C VAL C 15 -39.28 56.06 -24.12
N LYS C 16 -37.96 55.88 -24.06
CA LYS C 16 -37.27 55.04 -25.04
C LYS C 16 -37.77 53.60 -24.98
N ARG C 17 -37.78 52.96 -26.16
CA ARG C 17 -38.19 51.56 -26.24
C ARG C 17 -37.27 50.67 -25.44
N GLU C 18 -35.96 50.93 -25.51
CA GLU C 18 -35.00 50.17 -24.70
C GLU C 18 -35.28 50.33 -23.22
N HIS C 19 -35.76 51.50 -22.81
CA HIS C 19 -36.09 51.72 -21.41
C HIS C 19 -37.30 50.91 -20.98
N ALA C 20 -38.28 50.76 -21.86
CA ALA C 20 -39.50 50.05 -21.47
C ALA C 20 -39.44 48.55 -21.73
N LEU C 21 -38.37 48.05 -22.34
CA LEU C 21 -38.23 46.61 -22.51
C LEU C 21 -37.63 45.93 -21.30
N THR C 22 -37.34 46.69 -20.23
CA THR C 22 -36.86 46.08 -19.00
C THR C 22 -38.00 45.46 -18.19
N SER C 23 -39.24 45.65 -18.60
CA SER C 23 -40.38 45.03 -17.96
C SER C 23 -40.99 44.00 -18.89
N GLY C 24 -41.20 42.78 -18.38
CA GLY C 24 -41.64 41.70 -19.23
C GLY C 24 -43.05 41.88 -19.77
N THR C 25 -43.95 42.41 -18.95
CA THR C 25 -45.33 42.58 -19.39
C THR C 25 -45.43 43.62 -20.50
N ILE C 26 -44.68 44.71 -20.38
CA ILE C 26 -44.69 45.71 -21.45
C ILE C 26 -44.06 45.12 -22.71
N LYS C 27 -43.05 44.26 -22.56
CA LYS C 27 -42.46 43.61 -23.72
C LYS C 27 -43.48 42.71 -24.43
N ALA C 28 -44.31 42.02 -23.65
CA ALA C 28 -45.38 41.23 -24.24
C ALA C 28 -46.43 42.13 -24.89
N MET C 29 -46.73 43.26 -24.27
CA MET C 29 -47.73 44.18 -24.81
C MET C 29 -47.29 44.75 -26.15
N LEU C 30 -46.00 45.11 -26.26
CA LEU C 30 -45.47 45.59 -27.53
C LEU C 30 -45.49 44.49 -28.58
N SER C 31 -45.16 43.26 -28.17
CA SER C 31 -45.23 42.13 -29.08
C SER C 31 -46.68 41.73 -29.30
N GLY C 32 -46.89 40.72 -30.12
CA GLY C 32 -48.21 40.22 -30.38
C GLY C 32 -48.98 41.08 -31.36
N PRO C 33 -50.24 40.74 -31.58
CA PRO C 33 -51.06 41.55 -32.49
C PRO C 33 -51.29 42.93 -31.90
N GLY C 34 -51.51 43.89 -32.78
CA GLY C 34 -51.54 45.27 -32.35
C GLY C 34 -50.19 45.76 -31.86
N GLN C 35 -49.11 45.34 -32.52
CA GLN C 35 -47.81 45.91 -32.22
C GLN C 35 -47.71 47.35 -32.69
N PHE C 36 -48.52 47.74 -33.68
CA PHE C 36 -48.57 49.08 -34.26
C PHE C 36 -47.18 49.52 -34.71
N ALA C 37 -46.67 48.81 -35.72
CA ALA C 37 -45.30 48.95 -36.16
C ALA C 37 -45.09 50.24 -36.97
N GLU C 38 -45.38 51.35 -36.32
CA GLU C 38 -45.03 52.67 -36.84
C GLU C 38 -43.71 53.17 -36.29
N ASN C 39 -43.10 52.43 -35.36
CA ASN C 39 -41.77 52.67 -34.80
C ASN C 39 -41.63 54.01 -34.12
N GLU C 40 -42.74 54.68 -33.79
CA GLU C 40 -42.64 56.00 -33.18
C GLU C 40 -43.45 56.10 -31.89
N THR C 41 -44.61 55.45 -31.83
CA THR C 41 -45.47 55.55 -30.66
C THR C 41 -45.65 54.23 -29.92
N ASN C 42 -46.15 53.19 -30.60
CA ASN C 42 -46.44 51.88 -29.99
C ASN C 42 -47.22 52.05 -28.68
N GLU C 43 -48.31 52.81 -28.76
CA GLU C 43 -49.01 53.23 -27.55
C GLU C 43 -49.67 52.04 -26.84
N VAL C 44 -49.63 52.07 -25.51
CA VAL C 44 -50.27 51.06 -24.68
C VAL C 44 -51.18 51.76 -23.68
N ASN C 45 -52.39 51.27 -23.52
CA ASN C 45 -53.41 51.89 -22.68
C ASN C 45 -53.55 51.09 -21.39
N PHE C 46 -52.85 51.51 -20.36
CA PHE C 46 -53.02 50.93 -19.03
C PHE C 46 -54.37 51.41 -18.49
N ARG C 47 -55.34 50.51 -18.45
CA ARG C 47 -56.69 50.90 -18.04
C ARG C 47 -56.85 50.97 -16.53
N GLU C 48 -55.84 50.60 -15.76
CA GLU C 48 -55.98 50.55 -14.30
C GLU C 48 -55.08 51.52 -13.57
N ILE C 49 -53.78 51.50 -13.85
CA ILE C 49 -52.82 52.16 -12.95
C ILE C 49 -52.94 53.67 -13.08
N PRO C 50 -52.84 54.42 -11.98
CA PRO C 50 -52.95 55.88 -12.07
C PRO C 50 -51.73 56.54 -12.70
N SER C 51 -51.72 57.88 -12.70
CA SER C 51 -50.68 58.60 -13.41
C SER C 51 -49.36 58.56 -12.66
N HIS C 52 -49.41 58.71 -11.33
CA HIS C 52 -48.17 58.85 -10.55
C HIS C 52 -47.36 57.57 -10.57
N VAL C 53 -48.03 56.41 -10.51
CA VAL C 53 -47.28 55.16 -10.56
C VAL C 53 -46.64 54.97 -11.93
N LEU C 54 -47.30 55.41 -12.99
CA LEU C 54 -46.69 55.32 -14.32
C LEU C 54 -45.49 56.25 -14.42
N SER C 55 -45.57 57.44 -13.83
CA SER C 55 -44.41 58.32 -13.79
C SER C 55 -43.27 57.67 -13.03
N LYS C 56 -43.59 57.03 -11.90
CA LYS C 56 -42.55 56.39 -11.10
C LYS C 56 -41.92 55.22 -11.83
N VAL C 57 -42.71 54.44 -12.56
CA VAL C 57 -42.11 53.31 -13.27
C VAL C 57 -41.29 53.79 -14.46
N CYS C 58 -41.68 54.90 -15.10
CA CYS C 58 -40.80 55.46 -16.14
C CYS C 58 -39.49 55.93 -15.55
N MET C 59 -39.55 56.59 -14.39
CA MET C 59 -38.34 56.97 -13.68
C MET C 59 -37.50 55.75 -13.34
N TYR C 60 -38.14 54.67 -12.92
CA TYR C 60 -37.42 53.44 -12.61
C TYR C 60 -36.78 52.85 -13.86
N PHE C 61 -37.48 52.91 -15.00
CA PHE C 61 -36.93 52.36 -16.23
C PHE C 61 -35.65 53.10 -16.61
N THR C 62 -35.70 54.43 -16.57
CA THR C 62 -34.49 55.22 -16.84
C THR C 62 -33.41 54.92 -15.80
N TYR C 63 -33.82 54.74 -14.55
CA TYR C 63 -32.88 54.48 -13.47
C TYR C 63 -32.16 53.16 -13.67
N LYS C 64 -32.87 52.14 -14.13
CA LYS C 64 -32.26 50.84 -14.35
C LYS C 64 -31.43 50.81 -15.63
N VAL C 65 -31.85 51.54 -16.67
CA VAL C 65 -31.02 51.63 -17.88
C VAL C 65 -29.70 52.31 -17.57
N ARG C 66 -29.74 53.39 -16.79
CA ARG C 66 -28.51 54.12 -16.49
C ARG C 66 -27.58 53.30 -15.59
N TYR C 67 -28.13 52.63 -14.59
CA TYR C 67 -27.33 51.96 -13.57
C TYR C 67 -27.53 50.45 -13.58
N THR C 68 -27.53 49.83 -14.76
CA THR C 68 -27.76 48.39 -14.82
C THR C 68 -26.61 47.62 -14.18
N ASN C 69 -25.37 47.93 -14.56
CA ASN C 69 -24.20 47.49 -13.80
C ASN C 69 -23.07 48.49 -14.06
N SER C 70 -22.99 49.50 -13.19
CA SER C 70 -21.98 50.55 -13.21
C SER C 70 -22.26 51.45 -12.02
N SER C 71 -21.25 52.24 -11.64
CA SER C 71 -21.35 53.22 -10.55
C SER C 71 -21.80 52.54 -9.26
N THR C 72 -20.89 51.71 -8.72
CA THR C 72 -21.20 50.81 -7.62
C THR C 72 -21.74 51.55 -6.40
N GLU C 73 -21.44 52.84 -6.28
CA GLU C 73 -22.13 53.70 -5.33
C GLU C 73 -23.54 54.01 -5.83
N ILE C 74 -24.38 52.99 -5.87
CA ILE C 74 -25.68 53.05 -6.54
C ILE C 74 -26.61 53.99 -5.77
N PRO C 75 -27.22 54.97 -6.42
CA PRO C 75 -28.13 55.87 -5.71
C PRO C 75 -29.38 55.13 -5.25
N GLU C 76 -29.92 55.58 -4.12
CA GLU C 76 -31.14 55.00 -3.59
C GLU C 76 -32.34 55.53 -4.36
N PHE C 77 -33.39 54.73 -4.40
CA PHE C 77 -34.56 55.14 -5.17
C PHE C 77 -35.59 55.75 -4.23
N PRO C 78 -36.03 56.97 -4.49
CA PRO C 78 -36.92 57.69 -3.53
C PRO C 78 -38.39 57.30 -3.63
N ILE C 79 -38.74 56.21 -2.96
CA ILE C 79 -40.13 55.77 -2.90
C ILE C 79 -40.84 56.58 -1.82
N ALA C 80 -41.87 57.33 -2.21
CA ALA C 80 -42.66 58.03 -1.22
C ALA C 80 -43.54 57.04 -0.47
N PRO C 81 -43.81 57.29 0.81
CA PRO C 81 -44.73 56.39 1.54
C PRO C 81 -46.13 56.35 0.96
N GLU C 82 -46.61 57.46 0.42
CA GLU C 82 -47.97 57.46 -0.12
C GLU C 82 -48.05 56.68 -1.43
N ILE C 83 -47.00 56.72 -2.24
CA ILE C 83 -47.01 56.02 -3.52
C ILE C 83 -46.69 54.54 -3.34
N ALA C 84 -46.11 54.15 -2.21
CA ALA C 84 -45.88 52.74 -1.95
C ALA C 84 -47.21 52.02 -1.74
N LEU C 85 -47.16 50.69 -1.83
CA LEU C 85 -48.30 49.77 -1.76
C LEU C 85 -49.21 49.92 -2.98
N GLU C 86 -48.90 50.88 -3.84
CA GLU C 86 -49.51 50.99 -5.16
C GLU C 86 -48.50 50.86 -6.28
N LEU C 87 -47.25 51.26 -6.03
CA LEU C 87 -46.20 50.98 -7.00
C LEU C 87 -45.78 49.51 -6.95
N LEU C 88 -45.95 48.86 -5.81
CA LEU C 88 -45.67 47.43 -5.73
C LEU C 88 -46.59 46.64 -6.64
N MET C 89 -47.89 46.97 -6.63
CA MET C 89 -48.84 46.32 -7.53
C MET C 89 -48.49 46.61 -8.98
N ALA C 90 -48.10 47.84 -9.29
CA ALA C 90 -47.72 48.19 -10.65
C ALA C 90 -46.49 47.41 -11.10
N ALA C 91 -45.50 47.29 -10.22
CA ALA C 91 -44.30 46.54 -10.57
C ALA C 91 -44.61 45.07 -10.78
N ASN C 92 -45.50 44.51 -9.96
CA ASN C 92 -45.92 43.13 -10.14
C ASN C 92 -46.65 42.95 -11.46
N PHE C 93 -47.53 43.90 -11.81
CA PHE C 93 -48.29 43.79 -13.05
C PHE C 93 -47.38 43.96 -14.25
N LEU C 94 -46.31 44.73 -14.13
CA LEU C 94 -45.37 44.90 -15.21
C LEU C 94 -44.22 43.91 -15.19
N ASP C 95 -44.10 43.12 -14.11
CA ASP C 95 -43.03 42.13 -13.95
C ASP C 95 -41.64 42.76 -14.13
N CYS C 96 -41.47 43.94 -13.56
CA CYS C 96 -40.21 44.67 -13.68
C CYS C 96 -39.06 43.96 -12.99
N ARG D 9 69.41 13.21 -58.86
CA ARG D 9 68.85 14.09 -57.84
C ARG D 9 67.33 14.17 -57.93
N PHE D 10 66.65 13.84 -56.84
CA PHE D 10 65.21 14.02 -56.72
C PHE D 10 64.92 15.02 -55.61
N GLU D 11 64.01 15.95 -55.89
CA GLU D 11 63.60 16.98 -54.94
C GLU D 11 62.12 16.87 -54.68
N VAL D 12 61.74 16.88 -53.40
CA VAL D 12 60.33 16.84 -52.99
C VAL D 12 59.89 18.26 -52.67
N LYS D 13 58.72 18.65 -53.18
CA LYS D 13 58.22 19.99 -52.97
C LYS D 13 57.00 20.04 -52.06
N LYS D 14 56.00 19.19 -52.30
CA LYS D 14 54.79 19.19 -51.50
C LYS D 14 54.61 17.82 -50.86
N TRP D 15 54.19 17.81 -49.61
CA TRP D 15 53.96 16.57 -48.87
C TRP D 15 52.65 16.66 -48.09
N ASN D 16 51.57 17.02 -48.78
CA ASN D 16 50.29 17.20 -48.10
C ASN D 16 49.81 15.87 -47.54
N ALA D 17 49.98 15.69 -46.24
CA ALA D 17 49.76 14.40 -45.60
C ALA D 17 48.54 14.44 -44.70
N VAL D 18 48.14 13.26 -44.24
CA VAL D 18 46.98 13.09 -43.38
C VAL D 18 47.45 12.53 -42.06
N ALA D 19 47.10 13.20 -40.98
CA ALA D 19 47.47 12.77 -39.64
C ALA D 19 46.20 12.52 -38.84
N LEU D 20 46.16 11.39 -38.14
CA LEU D 20 45.05 11.06 -37.27
C LEU D 20 45.44 11.32 -35.83
N TRP D 21 44.60 12.05 -35.11
CA TRP D 21 44.82 12.33 -33.70
C TRP D 21 43.71 11.68 -32.88
N ALA D 22 44.11 11.02 -31.80
CA ALA D 22 43.18 10.43 -30.86
C ALA D 22 43.67 10.72 -29.46
N TRP D 23 42.76 10.68 -28.50
CA TRP D 23 43.10 11.02 -27.13
C TRP D 23 44.03 9.98 -26.52
N ASP D 24 45.13 10.45 -25.94
CA ASP D 24 46.18 9.60 -25.40
C ASP D 24 46.46 9.94 -23.95
N ILE D 25 45.41 10.14 -23.17
CA ILE D 25 45.57 10.45 -21.76
C ILE D 25 45.87 9.15 -21.01
N VAL D 26 46.99 9.13 -20.30
CA VAL D 26 47.32 8.02 -19.42
C VAL D 26 47.21 8.53 -17.99
N VAL D 27 46.99 7.59 -17.06
CA VAL D 27 46.62 7.93 -15.69
C VAL D 27 47.77 8.65 -15.00
N ASP D 28 47.43 9.72 -14.26
CA ASP D 28 48.37 10.49 -13.46
C ASP D 28 49.53 11.03 -14.30
N ASN D 29 49.19 11.66 -15.41
CA ASN D 29 50.19 12.13 -16.36
C ASN D 29 49.90 13.56 -16.77
N CYS D 30 50.94 14.37 -16.81
CA CYS D 30 50.83 15.72 -17.36
C CYS D 30 50.54 15.63 -18.84
N ALA D 31 49.45 16.25 -19.28
CA ALA D 31 49.13 16.22 -20.70
C ALA D 31 50.12 17.04 -21.52
N ILE D 32 50.84 17.97 -20.89
CA ILE D 32 51.80 18.80 -21.63
C ILE D 32 53.19 18.18 -21.61
N CYS D 33 53.70 17.82 -20.43
CA CYS D 33 55.04 17.25 -20.33
C CYS D 33 55.12 15.79 -20.73
N ARG D 34 53.98 15.10 -20.82
CA ARG D 34 53.91 13.68 -21.14
C ARG D 34 54.71 12.84 -20.14
N ASN D 35 54.68 13.23 -18.86
CA ASN D 35 55.32 12.46 -17.81
C ASN D 35 54.43 12.48 -16.57
N HIS D 36 54.93 11.87 -15.49
CA HIS D 36 54.17 11.75 -14.26
C HIS D 36 53.93 13.12 -13.62
N ILE D 37 52.75 13.27 -13.02
CA ILE D 37 52.36 14.56 -12.47
C ILE D 37 53.20 14.92 -11.25
N MET D 38 53.59 13.92 -10.46
CA MET D 38 54.29 14.19 -9.21
C MET D 38 55.73 14.66 -9.45
N ASP D 39 56.33 14.24 -10.56
CA ASP D 39 57.70 14.63 -10.86
C ASP D 39 57.74 16.08 -11.33
N LEU D 40 58.94 16.57 -11.60
CA LEU D 40 59.10 17.93 -12.08
C LEU D 40 58.60 18.05 -13.51
N CYS D 41 58.18 19.26 -13.87
CA CYS D 41 57.79 19.53 -15.25
C CYS D 41 59.01 19.50 -16.16
N ILE D 42 58.77 19.31 -17.46
CA ILE D 42 59.87 19.23 -18.40
C ILE D 42 60.58 20.57 -18.54
N GLU D 43 59.90 21.68 -18.22
CA GLU D 43 60.58 22.96 -18.16
C GLU D 43 61.55 23.02 -16.99
N CYS D 44 61.14 22.47 -15.84
CA CYS D 44 62.01 22.41 -14.67
C CYS D 44 62.80 21.12 -14.59
N GLN D 45 62.57 20.18 -15.51
CA GLN D 45 63.41 18.98 -15.55
C GLN D 45 64.85 19.33 -15.87
N ALA D 46 65.05 20.21 -16.86
CA ALA D 46 66.38 20.77 -17.08
C ALA D 46 66.71 21.76 -15.97
N ASN D 47 68.01 22.04 -15.85
CA ASN D 47 68.61 22.86 -14.78
C ASN D 47 67.98 22.56 -13.42
N GLN D 48 68.02 21.26 -13.07
CA GLN D 48 67.46 20.81 -11.80
C GLN D 48 68.20 21.37 -10.59
N ALA D 49 69.47 21.78 -10.76
CA ALA D 49 70.19 22.41 -9.67
C ALA D 49 69.55 23.74 -9.29
N SER D 50 69.13 24.53 -10.28
CA SER D 50 68.45 25.78 -9.98
C SER D 50 67.06 25.54 -9.42
N ALA D 51 66.36 24.54 -9.94
CA ALA D 51 65.01 24.24 -9.48
C ALA D 51 65.05 23.66 -8.08
N THR D 52 64.20 24.18 -7.20
CA THR D 52 64.14 23.72 -5.82
C THR D 52 63.26 22.48 -5.64
N SER D 53 62.61 22.01 -6.72
CA SER D 53 61.77 20.82 -6.70
C SER D 53 60.63 20.94 -5.69
N GLU D 54 60.11 22.16 -5.50
CA GLU D 54 59.01 22.37 -4.57
C GLU D 54 57.91 23.21 -5.22
N GLU D 55 58.29 24.02 -6.21
CA GLU D 55 57.34 24.90 -6.87
C GLU D 55 56.53 24.21 -7.97
N CYS D 56 56.87 22.98 -8.33
CA CYS D 56 56.11 22.23 -9.34
C CYS D 56 54.93 21.54 -8.67
N THR D 57 53.97 22.36 -8.27
CA THR D 57 52.74 21.86 -7.67
C THR D 57 51.82 21.29 -8.75
N VAL D 58 50.87 20.48 -8.31
CA VAL D 58 49.92 19.84 -9.21
C VAL D 58 48.67 20.70 -9.21
N ALA D 59 48.50 21.53 -10.25
CA ALA D 59 47.33 22.39 -10.34
C ALA D 59 46.14 21.57 -10.81
N TRP D 60 45.02 21.71 -10.10
CA TRP D 60 43.79 20.99 -10.42
C TRP D 60 42.73 21.98 -10.88
N GLY D 61 42.19 21.75 -12.09
CA GLY D 61 41.12 22.58 -12.61
C GLY D 61 39.77 22.14 -12.12
N VAL D 62 38.75 22.87 -12.55
CA VAL D 62 37.37 22.52 -12.19
C VAL D 62 36.89 21.27 -12.88
N CYS D 63 37.57 20.82 -13.93
CA CYS D 63 37.20 19.60 -14.62
C CYS D 63 37.93 18.38 -14.08
N ASN D 64 38.50 18.49 -12.87
CA ASN D 64 39.25 17.41 -12.23
C ASN D 64 40.39 16.92 -13.12
N HIS D 65 41.17 17.87 -13.62
CA HIS D 65 42.30 17.59 -14.50
C HIS D 65 43.58 18.08 -13.86
N ALA D 66 44.67 17.34 -14.07
CA ALA D 66 45.93 17.59 -13.38
C ALA D 66 46.98 18.01 -14.39
N PHE D 67 47.55 19.20 -14.19
CA PHE D 67 48.74 19.64 -14.87
C PHE D 67 49.75 20.12 -13.84
N HIS D 68 51.00 20.25 -14.27
CA HIS D 68 51.96 21.01 -13.46
C HIS D 68 51.63 22.49 -13.54
N PHE D 69 51.92 23.20 -12.45
CA PHE D 69 51.54 24.61 -12.37
C PHE D 69 52.31 25.44 -13.38
N HIS D 70 53.58 25.12 -13.62
CA HIS D 70 54.35 25.82 -14.64
C HIS D 70 53.77 25.56 -16.03
N CYS D 71 53.30 24.32 -16.27
CA CYS D 71 52.76 23.98 -17.58
C CYS D 71 51.50 24.75 -17.88
N ILE D 72 50.54 24.75 -16.95
CA ILE D 72 49.31 25.48 -17.17
C ILE D 72 49.56 26.98 -17.15
N SER D 73 50.59 27.42 -16.41
CA SER D 73 50.96 28.84 -16.43
C SER D 73 51.45 29.25 -17.81
N ARG D 74 52.31 28.45 -18.43
CA ARG D 74 52.75 28.74 -19.79
C ARG D 74 51.60 28.60 -20.77
N TRP D 75 50.67 27.68 -20.51
CA TRP D 75 49.52 27.50 -21.36
C TRP D 75 48.61 28.73 -21.34
N LEU D 76 48.41 29.32 -20.17
CA LEU D 76 47.52 30.45 -20.04
C LEU D 76 48.06 31.70 -20.71
N LYS D 77 49.36 31.78 -20.96
CA LYS D 77 49.93 32.95 -21.59
C LYS D 77 49.55 33.05 -23.06
N THR D 78 49.10 31.96 -23.67
CA THR D 78 48.62 31.98 -25.05
C THR D 78 47.10 31.86 -25.14
N ARG D 79 46.51 30.91 -24.44
CA ARG D 79 45.08 30.68 -24.47
C ARG D 79 44.55 30.45 -23.06
N GLN D 80 43.30 30.86 -22.84
CA GLN D 80 42.63 30.62 -21.56
C GLN D 80 41.71 29.40 -21.62
N VAL D 81 42.07 28.38 -22.39
CA VAL D 81 41.26 27.19 -22.54
C VAL D 81 42.09 25.98 -22.11
N CYS D 82 41.47 25.07 -21.36
CA CYS D 82 42.16 23.88 -20.94
C CYS D 82 42.44 23.00 -22.16
N PRO D 83 43.64 22.43 -22.26
CA PRO D 83 43.96 21.61 -23.45
C PRO D 83 43.21 20.30 -23.50
N LEU D 84 43.01 19.64 -22.36
CA LEU D 84 42.36 18.33 -22.38
C LEU D 84 40.89 18.44 -22.79
N ASP D 85 40.14 19.32 -22.14
CA ASP D 85 38.75 19.56 -22.47
C ASP D 85 38.60 21.04 -22.78
N ASN D 86 37.94 21.36 -23.89
CA ASN D 86 37.96 22.73 -24.42
C ASN D 86 37.02 23.65 -23.63
N ARG D 87 37.34 23.81 -22.35
CA ARG D 87 36.64 24.74 -21.48
C ARG D 87 37.63 25.79 -20.97
N GLU D 88 37.09 26.89 -20.47
CA GLU D 88 37.94 27.88 -19.83
C GLU D 88 38.53 27.32 -18.55
N TRP D 89 39.80 27.61 -18.32
CA TRP D 89 40.54 27.03 -17.21
C TRP D 89 40.29 27.81 -15.93
N GLU D 90 39.90 27.11 -14.87
CA GLU D 90 39.72 27.70 -13.55
C GLU D 90 40.46 26.86 -12.53
N PHE D 91 41.36 27.49 -11.79
CA PHE D 91 42.03 26.79 -10.70
C PHE D 91 41.04 26.52 -9.58
N GLN D 92 41.20 25.39 -8.89
CA GLN D 92 40.44 25.19 -7.66
C GLN D 92 41.36 24.81 -6.51
N LYS D 93 42.43 24.07 -6.79
CA LYS D 93 43.36 23.58 -5.78
C LYS D 93 44.74 24.20 -5.99
N TYR D 94 45.69 23.77 -5.19
CA TYR D 94 47.06 24.24 -5.27
C TYR D 94 48.04 23.09 -5.17
N MET E 1 -13.37 -57.86 73.59
CA MET E 1 -13.75 -57.55 72.22
C MET E 1 -13.42 -56.11 71.87
N GLU E 2 -13.36 -55.81 70.57
CA GLU E 2 -13.07 -54.45 70.12
C GLU E 2 -14.20 -53.50 70.49
N GLY E 3 -15.45 -53.94 70.38
CA GLY E 3 -16.56 -53.13 70.85
C GLY E 3 -16.53 -52.91 72.35
N LEU E 4 -16.20 -53.96 73.11
CA LEU E 4 -16.04 -53.80 74.55
C LEU E 4 -14.84 -52.93 74.90
N ALA E 5 -13.78 -52.99 74.09
CA ALA E 5 -12.64 -52.10 74.28
C ALA E 5 -13.04 -50.65 74.05
N GLY E 6 -13.85 -50.39 73.01
CA GLY E 6 -14.36 -49.04 72.80
C GLY E 6 -15.27 -48.59 73.92
N TYR E 7 -16.07 -49.52 74.46
CA TYR E 7 -16.97 -49.18 75.57
C TYR E 7 -16.18 -48.79 76.80
N VAL E 8 -15.14 -49.56 77.15
CA VAL E 8 -14.36 -49.23 78.34
C VAL E 8 -13.51 -47.99 78.10
N TYR E 9 -13.07 -47.75 76.84
CA TYR E 9 -12.38 -46.50 76.53
C TYR E 9 -13.28 -45.30 76.74
N LYS E 10 -14.54 -45.39 76.28
CA LYS E 10 -15.48 -44.29 76.47
C LYS E 10 -15.81 -44.11 77.95
N ALA E 11 -15.91 -45.21 78.70
CA ALA E 11 -16.18 -45.12 80.13
C ALA E 11 -15.02 -44.45 80.87
N ALA E 12 -13.78 -44.77 80.51
CA ALA E 12 -12.62 -44.15 81.14
C ALA E 12 -12.36 -42.74 80.64
N SER E 13 -12.89 -42.37 79.47
CA SER E 13 -12.66 -41.04 78.94
C SER E 13 -13.40 -39.98 79.72
N GLU E 14 -14.62 -40.29 80.18
CA GLU E 14 -15.45 -39.33 80.89
C GLU E 14 -15.12 -39.23 82.37
N GLY E 15 -14.19 -40.06 82.86
CA GLY E 15 -13.84 -40.05 84.27
C GLY E 15 -14.94 -40.53 85.18
N LYS E 16 -15.69 -41.55 84.78
CA LYS E 16 -16.76 -42.13 85.58
C LYS E 16 -16.30 -43.46 86.14
N VAL E 17 -16.47 -43.63 87.45
CA VAL E 17 -16.00 -44.85 88.11
C VAL E 17 -17.03 -45.97 87.97
N LEU E 18 -18.30 -45.67 88.24
CA LEU E 18 -19.32 -46.71 88.27
C LEU E 18 -19.59 -47.28 86.88
N THR E 19 -19.56 -46.44 85.84
CA THR E 19 -19.78 -46.92 84.49
C THR E 19 -18.66 -47.85 84.04
N LEU E 20 -17.41 -47.49 84.36
CA LEU E 20 -16.29 -48.37 84.02
C LEU E 20 -16.29 -49.64 84.86
N ALA E 21 -16.66 -49.54 86.14
CA ALA E 21 -16.72 -50.72 87.00
C ALA E 21 -17.80 -51.69 86.52
N ALA E 22 -18.94 -51.17 86.06
CA ALA E 22 -19.98 -52.03 85.50
C ALA E 22 -19.60 -52.61 84.15
N LEU E 23 -18.63 -52.00 83.47
CA LEU E 23 -18.17 -52.47 82.16
C LEU E 23 -16.82 -53.17 82.23
N LEU E 24 -16.30 -53.42 83.44
CA LEU E 24 -15.05 -54.15 83.62
C LEU E 24 -15.22 -55.26 84.65
N LEU E 25 -16.44 -55.77 84.79
CA LEU E 25 -16.73 -56.82 85.77
C LEU E 25 -17.72 -57.81 85.14
N ASN E 26 -18.18 -58.76 85.94
CA ASN E 26 -19.14 -59.79 85.53
C ASN E 26 -18.64 -60.58 84.32
N ARG E 27 -17.34 -60.84 84.29
CA ARG E 27 -16.71 -61.55 83.18
C ARG E 27 -15.60 -62.44 83.74
N SER E 28 -14.81 -63.03 82.84
CA SER E 28 -13.69 -63.86 83.23
C SER E 28 -12.48 -62.98 83.51
N GLU E 29 -11.30 -63.58 83.61
CA GLU E 29 -10.08 -62.83 83.89
C GLU E 29 -9.38 -62.40 82.61
N SER E 30 -9.35 -63.27 81.59
CA SER E 30 -8.59 -62.99 80.38
C SER E 30 -9.13 -61.78 79.63
N ASP E 31 -10.46 -61.69 79.48
CA ASP E 31 -11.04 -60.57 78.76
C ASP E 31 -10.82 -59.25 79.51
N ILE E 32 -10.92 -59.28 80.84
CA ILE E 32 -10.69 -58.07 81.63
C ILE E 32 -9.23 -57.62 81.51
N ARG E 33 -8.29 -58.57 81.59
CA ARG E 33 -6.88 -58.23 81.44
C ARG E 33 -6.56 -57.72 80.04
N TYR E 34 -7.23 -58.25 79.03
CA TYR E 34 -7.08 -57.71 77.68
C TYR E 34 -7.66 -56.30 77.58
N LEU E 35 -8.76 -56.04 78.27
CA LEU E 35 -9.38 -54.72 78.26
C LEU E 35 -8.48 -53.67 78.91
N LEU E 36 -7.86 -54.03 80.03
CA LEU E 36 -6.98 -53.10 80.74
C LEU E 36 -5.57 -53.07 80.20
N GLY E 37 -5.25 -53.91 79.23
CA GLY E 37 -3.89 -53.97 78.71
C GLY E 37 -3.80 -53.85 77.20
N TYR E 38 -4.66 -53.02 76.61
CA TYR E 38 -4.65 -52.83 75.16
C TYR E 38 -5.00 -51.38 74.84
N VAL E 39 -4.56 -50.94 73.67
CA VAL E 39 -4.82 -49.60 73.19
C VAL E 39 -6.08 -49.60 72.31
N SER E 40 -6.70 -48.44 72.19
CA SER E 40 -7.88 -48.26 71.36
C SER E 40 -7.55 -47.30 70.23
N GLN E 41 -7.81 -47.72 68.99
CA GLN E 41 -7.49 -46.93 67.81
C GLN E 41 -8.56 -45.86 67.63
N GLN E 42 -8.29 -44.66 68.14
CA GLN E 42 -9.23 -43.56 68.09
C GLN E 42 -8.67 -42.46 67.20
N GLY E 43 -9.38 -42.16 66.11
CA GLY E 43 -8.97 -41.12 65.18
C GLY E 43 -7.66 -41.38 64.47
N GLY E 44 -7.40 -42.64 64.12
CA GLY E 44 -6.16 -42.99 63.45
C GLY E 44 -4.96 -43.17 64.36
N GLN E 45 -5.14 -42.96 65.67
CA GLN E 45 -4.07 -43.12 66.64
C GLN E 45 -4.55 -44.06 67.74
N ARG E 46 -3.72 -45.06 68.06
CA ARG E 46 -4.06 -46.00 69.12
C ARG E 46 -3.68 -45.43 70.47
N SER E 47 -4.58 -45.56 71.45
CA SER E 47 -4.38 -44.96 72.76
C SER E 47 -5.05 -45.81 73.83
N THR E 48 -4.37 -45.95 74.96
CA THR E 48 -4.91 -46.67 76.10
C THR E 48 -6.01 -45.83 76.76
N PRO E 49 -7.05 -46.46 77.31
CA PRO E 49 -8.00 -45.71 78.15
C PRO E 49 -7.35 -44.99 79.31
N LEU E 50 -6.25 -45.53 79.86
CA LEU E 50 -5.49 -44.81 80.88
C LEU E 50 -4.87 -43.53 80.32
N ILE E 51 -4.47 -43.54 79.04
CA ILE E 51 -3.91 -42.34 78.42
C ILE E 51 -4.96 -41.25 78.36
N ILE E 52 -6.18 -41.59 77.93
CA ILE E 52 -7.24 -40.59 77.83
C ILE E 52 -7.78 -40.23 79.21
N ALA E 53 -7.56 -41.07 80.21
CA ALA E 53 -7.91 -40.70 81.59
C ALA E 53 -6.90 -39.71 82.17
N ALA E 54 -5.61 -39.93 81.90
CA ALA E 54 -4.58 -39.03 82.39
C ALA E 54 -4.54 -37.71 81.61
N ARG E 55 -4.97 -37.73 80.35
CA ARG E 55 -4.98 -36.51 79.54
C ARG E 55 -6.00 -35.51 80.05
N ASN E 56 -7.15 -35.98 80.54
CA ASN E 56 -8.18 -35.12 81.10
C ASN E 56 -8.04 -34.92 82.60
N GLY E 57 -6.99 -35.45 83.20
CA GLY E 57 -6.80 -35.34 84.64
C GLY E 57 -7.81 -36.12 85.45
N HIS E 58 -8.19 -37.31 84.99
CA HIS E 58 -9.16 -38.16 85.70
C HIS E 58 -8.39 -39.10 86.61
N ALA E 59 -7.96 -38.56 87.75
CA ALA E 59 -7.12 -39.32 88.68
C ALA E 59 -7.92 -40.32 89.50
N LYS E 60 -9.19 -40.02 89.80
CA LYS E 60 -9.98 -40.88 90.67
C LYS E 60 -10.25 -42.24 90.02
N VAL E 61 -10.60 -42.23 88.72
CA VAL E 61 -10.97 -43.47 88.05
C VAL E 61 -9.75 -44.37 87.87
N VAL E 62 -8.61 -43.79 87.50
CA VAL E 62 -7.40 -44.61 87.34
C VAL E 62 -6.86 -45.06 88.70
N ARG E 63 -7.03 -44.23 89.73
CA ARG E 63 -6.63 -44.66 91.07
C ARG E 63 -7.48 -45.83 91.56
N LEU E 64 -8.79 -45.79 91.32
CA LEU E 64 -9.63 -46.92 91.70
C LEU E 64 -9.42 -48.13 90.81
N LEU E 65 -8.99 -47.93 89.56
CA LEU E 65 -8.56 -49.05 88.73
C LEU E 65 -7.31 -49.71 89.30
N LEU E 66 -6.35 -48.91 89.74
CA LEU E 66 -5.15 -49.45 90.38
C LEU E 66 -5.48 -50.14 91.69
N GLU E 67 -6.47 -49.64 92.42
CA GLU E 67 -6.89 -50.29 93.67
C GLU E 67 -7.60 -51.62 93.39
N HIS E 68 -8.54 -51.62 92.45
CA HIS E 68 -9.38 -52.78 92.18
C HIS E 68 -8.75 -53.79 91.23
N TYR E 69 -7.68 -53.42 90.53
CA TYR E 69 -7.06 -54.31 89.56
C TYR E 69 -5.55 -54.20 89.69
N ARG E 70 -4.84 -54.90 88.80
CA ARG E 70 -3.39 -54.88 88.74
C ARG E 70 -2.92 -54.38 87.37
N VAL E 71 -3.56 -53.32 86.88
CA VAL E 71 -3.18 -52.75 85.59
C VAL E 71 -1.83 -52.07 85.71
N GLN E 72 -0.98 -52.27 84.71
CA GLN E 72 0.36 -51.69 84.67
C GLN E 72 0.40 -50.50 83.72
N THR E 73 1.37 -49.62 83.97
CA THR E 73 1.57 -48.43 83.15
C THR E 73 2.52 -48.67 81.99
N GLN E 74 3.00 -49.90 81.81
CA GLN E 74 3.98 -50.23 80.78
C GLN E 74 3.36 -50.44 79.40
N GLN E 75 2.11 -50.03 79.20
CA GLN E 75 1.45 -50.20 77.91
C GLN E 75 2.06 -49.27 76.87
N THR E 76 2.32 -49.82 75.69
CA THR E 76 2.91 -49.04 74.61
C THR E 76 1.86 -48.11 74.01
N GLY E 77 2.18 -46.83 73.93
CA GLY E 77 1.28 -45.84 73.39
C GLY E 77 2.05 -44.73 72.70
N THR E 78 1.30 -43.74 72.21
CA THR E 78 1.89 -42.62 71.50
C THR E 78 2.54 -41.65 72.49
N VAL E 79 3.06 -40.54 71.97
CA VAL E 79 3.72 -39.52 72.78
C VAL E 79 2.83 -38.28 72.97
N ARG E 80 2.23 -37.79 71.89
CA ARG E 80 1.40 -36.59 71.87
C ARG E 80 0.87 -36.45 70.45
N PHE E 81 -0.05 -35.50 70.27
CA PHE E 81 -0.63 -35.20 68.97
C PHE E 81 -0.06 -33.94 68.34
N ASP E 82 1.10 -33.48 68.83
CA ASP E 82 1.70 -32.23 68.36
C ASP E 82 2.68 -32.47 67.21
N GLY E 83 2.23 -33.14 66.16
CA GLY E 83 3.06 -33.39 65.01
C GLY E 83 4.06 -34.52 65.17
N TYR E 84 3.96 -35.31 66.24
CA TYR E 84 4.86 -36.44 66.46
C TYR E 84 4.14 -37.77 66.27
N VAL E 85 3.05 -38.00 67.02
CA VAL E 85 2.24 -39.22 67.09
C VAL E 85 3.02 -40.50 66.83
N ILE E 86 4.17 -40.66 67.48
CA ILE E 86 4.97 -41.88 67.39
C ILE E 86 4.71 -42.73 68.62
N ASP E 87 4.56 -44.03 68.41
CA ASP E 87 4.22 -44.96 69.49
C ASP E 87 5.50 -45.35 70.23
N GLY E 88 5.36 -46.31 71.15
CA GLY E 88 6.47 -46.81 71.93
C GLY E 88 6.56 -46.23 73.33
N ALA E 89 5.92 -45.09 73.58
CA ALA E 89 5.97 -44.48 74.90
C ALA E 89 5.04 -45.21 75.86
N THR E 90 5.36 -45.14 77.14
CA THR E 90 4.56 -45.77 78.17
C THR E 90 3.41 -44.84 78.58
N ALA E 91 2.57 -45.32 79.50
CA ALA E 91 1.48 -44.49 79.99
C ALA E 91 1.97 -43.38 80.91
N LEU E 92 3.04 -43.65 81.67
CA LEU E 92 3.61 -42.61 82.53
C LEU E 92 4.22 -41.48 81.70
N TRP E 93 4.68 -41.77 80.49
CA TRP E 93 5.20 -40.74 79.61
C TRP E 93 4.12 -39.71 79.26
N CYS E 94 2.96 -40.19 78.82
CA CYS E 94 1.87 -39.27 78.51
C CYS E 94 1.27 -38.65 79.77
N ALA E 95 1.32 -39.37 80.90
CA ALA E 95 0.85 -38.79 82.16
C ALA E 95 1.72 -37.61 82.58
N ALA E 96 3.04 -37.73 82.43
CA ALA E 96 3.92 -36.61 82.70
C ALA E 96 3.77 -35.51 81.65
N GLY E 97 3.49 -35.89 80.40
CA GLY E 97 3.24 -34.90 79.36
C GLY E 97 1.88 -34.25 79.40
N ALA E 98 0.97 -34.76 80.22
CA ALA E 98 -0.37 -34.20 80.35
C ALA E 98 -0.45 -33.09 81.40
N GLY E 99 0.63 -32.84 82.12
CA GLY E 99 0.63 -31.79 83.14
C GLY E 99 -0.26 -32.07 84.33
N HIS E 100 -0.38 -33.33 84.73
CA HIS E 100 -1.17 -33.72 85.89
C HIS E 100 -0.27 -34.48 86.86
N PHE E 101 0.01 -33.86 88.01
CA PHE E 101 0.94 -34.45 88.98
C PHE E 101 0.33 -35.65 89.70
N GLU E 102 -0.99 -35.59 89.98
CA GLU E 102 -1.61 -36.63 90.78
C GLU E 102 -1.66 -37.98 90.06
N VAL E 103 -1.93 -37.99 88.76
CA VAL E 103 -1.95 -39.25 88.03
C VAL E 103 -0.54 -39.83 87.92
N VAL E 104 0.47 -38.97 87.81
CA VAL E 104 1.86 -39.42 87.80
C VAL E 104 2.23 -40.03 89.14
N LYS E 105 1.82 -39.39 90.23
CA LYS E 105 2.17 -39.92 91.55
C LYS E 105 1.44 -41.22 91.86
N LEU E 106 0.20 -41.38 91.38
CA LEU E 106 -0.49 -42.65 91.63
C LEU E 106 0.03 -43.76 90.71
N LEU E 107 0.48 -43.42 89.50
CA LEU E 107 1.13 -44.42 88.66
C LEU E 107 2.49 -44.83 89.22
N VAL E 108 3.21 -43.90 89.83
CA VAL E 108 4.47 -44.23 90.48
C VAL E 108 4.23 -45.10 91.71
N SER E 109 3.18 -44.79 92.48
CA SER E 109 2.88 -45.53 93.69
C SER E 109 2.53 -47.00 93.42
N HIS E 110 2.13 -47.33 92.20
CA HIS E 110 1.82 -48.71 91.80
C HIS E 110 2.55 -49.00 90.50
N GLY E 111 3.73 -49.60 90.58
CA GLY E 111 4.50 -49.93 89.40
C GLY E 111 5.06 -48.72 88.68
N ALA E 112 6.04 -48.07 89.29
CA ALA E 112 6.66 -46.89 88.70
C ALA E 112 7.44 -47.26 87.44
N ASN E 113 7.30 -46.41 86.41
CA ASN E 113 7.97 -46.60 85.13
C ASN E 113 8.75 -45.34 84.75
N VAL E 114 9.53 -44.83 85.71
CA VAL E 114 10.30 -43.61 85.49
C VAL E 114 11.48 -43.85 84.54
N ASN E 115 11.87 -45.11 84.33
CA ASN E 115 13.00 -45.46 83.48
C ASN E 115 12.54 -46.16 82.21
N HIS E 116 11.42 -45.71 81.64
CA HIS E 116 10.93 -46.30 80.39
C HIS E 116 11.80 -45.87 79.22
N THR E 117 12.04 -46.79 78.30
CA THR E 117 12.84 -46.53 77.10
C THR E 117 12.02 -46.91 75.87
N THR E 118 11.63 -45.91 75.09
CA THR E 118 10.90 -46.12 73.86
C THR E 118 11.90 -46.30 72.70
N VAL E 119 11.39 -46.22 71.47
CA VAL E 119 12.26 -46.32 70.30
C VAL E 119 13.26 -45.16 70.27
N THR E 120 12.86 -44.00 70.79
CA THR E 120 13.76 -42.87 70.95
C THR E 120 14.33 -42.81 72.37
N ASN E 121 14.15 -43.87 73.15
CA ASN E 121 14.53 -44.01 74.57
C ASN E 121 14.27 -42.76 75.39
N SER E 122 13.13 -42.13 75.15
CA SER E 122 12.73 -40.91 75.87
C SER E 122 12.08 -41.30 77.19
N THR E 123 12.70 -40.90 78.29
CA THR E 123 12.15 -41.15 79.61
C THR E 123 10.93 -40.27 79.84
N PRO E 124 10.09 -40.61 80.83
CA PRO E 124 9.02 -39.67 81.23
C PRO E 124 9.55 -38.33 81.74
N LEU E 125 10.82 -38.27 82.14
CA LEU E 125 11.43 -36.97 82.47
C LEU E 125 11.47 -36.05 81.25
N ARG E 126 11.67 -36.60 80.05
CA ARG E 126 11.62 -35.78 78.84
C ARG E 126 10.25 -35.14 78.68
N ALA E 127 9.18 -35.92 78.89
CA ALA E 127 7.83 -35.38 78.80
C ALA E 127 7.54 -34.38 79.91
N ALA E 128 8.07 -34.63 81.12
CA ALA E 128 7.88 -33.68 82.21
C ALA E 128 8.58 -32.35 81.93
N CYS E 129 9.79 -32.41 81.36
CA CYS E 129 10.49 -31.18 80.99
C CYS E 129 9.79 -30.48 79.84
N PHE E 130 9.22 -31.24 78.91
CA PHE E 130 8.45 -30.64 77.82
C PHE E 130 7.21 -29.93 78.35
N ASP E 131 6.54 -30.54 79.35
CA ASP E 131 5.40 -29.89 79.97
C ASP E 131 5.81 -28.64 80.74
N GLY E 132 6.89 -28.73 81.52
CA GLY E 132 7.39 -27.60 82.25
C GLY E 132 6.80 -27.44 83.64
N ARG E 133 6.56 -28.56 84.32
CA ARG E 133 6.05 -28.56 85.69
C ARG E 133 7.17 -28.95 86.63
N LEU E 134 7.44 -28.10 87.63
CA LEU E 134 8.57 -28.34 88.53
C LEU E 134 8.31 -29.51 89.47
N ASP E 135 7.06 -29.63 89.96
CA ASP E 135 6.76 -30.66 90.96
C ASP E 135 6.89 -32.06 90.37
N ILE E 136 6.43 -32.26 89.14
CA ILE E 136 6.52 -33.57 88.50
C ILE E 136 7.99 -33.96 88.28
N VAL E 137 8.81 -33.00 87.83
CA VAL E 137 10.23 -33.26 87.64
C VAL E 137 10.91 -33.59 88.97
N LYS E 138 10.56 -32.85 90.02
CA LYS E 138 11.14 -33.11 91.33
C LYS E 138 10.77 -34.49 91.85
N TYR E 139 9.50 -34.87 91.71
CA TYR E 139 9.07 -36.19 92.16
C TYR E 139 9.71 -37.31 91.34
N LEU E 140 9.84 -37.11 90.02
CA LEU E 140 10.45 -38.13 89.18
C LEU E 140 11.92 -38.29 89.49
N VAL E 141 12.61 -37.19 89.80
CA VAL E 141 14.01 -37.27 90.25
C VAL E 141 14.08 -37.99 91.59
N GLU E 142 13.17 -37.68 92.51
CA GLU E 142 13.13 -38.34 93.80
C GLU E 142 12.76 -39.82 93.68
N ASN E 143 12.18 -40.24 92.56
CA ASN E 143 11.82 -41.64 92.34
C ASN E 143 12.98 -42.48 91.80
N ASN E 144 14.21 -42.03 92.01
CA ASN E 144 15.44 -42.75 91.63
C ASN E 144 15.48 -43.02 90.13
N ALA E 145 15.42 -41.94 89.36
CA ALA E 145 15.50 -42.00 87.91
C ALA E 145 16.68 -41.15 87.43
N ASN E 146 17.44 -41.70 86.49
CA ASN E 146 18.61 -41.02 85.98
C ASN E 146 18.22 -39.81 85.14
N ILE E 147 18.97 -38.73 85.29
CA ILE E 147 18.74 -37.50 84.53
C ILE E 147 19.74 -37.32 83.40
N SER E 148 20.61 -38.30 83.18
CA SER E 148 21.64 -38.22 82.15
C SER E 148 21.35 -39.16 80.97
N ILE E 149 20.08 -39.44 80.72
CA ILE E 149 19.69 -40.31 79.61
C ILE E 149 19.76 -39.50 78.32
N ALA E 150 20.60 -39.95 77.39
CA ALA E 150 20.79 -39.28 76.11
C ALA E 150 20.23 -40.14 75.00
N ASN E 151 19.50 -39.49 74.08
CA ASN E 151 18.86 -40.20 72.99
C ASN E 151 19.87 -40.47 71.87
N LYS E 152 19.37 -40.86 70.70
CA LYS E 152 20.24 -41.15 69.56
C LYS E 152 20.99 -39.91 69.10
N TYR E 153 20.39 -38.73 69.26
CA TYR E 153 21.07 -37.47 69.02
C TYR E 153 21.36 -36.72 70.32
N ASP E 154 21.37 -37.43 71.44
CA ASP E 154 21.67 -36.89 72.77
C ASP E 154 20.73 -35.75 73.14
N ASN E 155 19.43 -36.07 73.15
CA ASN E 155 18.40 -35.11 73.54
C ASN E 155 18.32 -35.11 75.07
N THR E 156 19.28 -34.40 75.67
CA THR E 156 19.29 -34.26 77.12
C THR E 156 18.12 -33.38 77.56
N CYS E 157 17.53 -33.72 78.73
CA CYS E 157 16.42 -32.94 79.26
C CYS E 157 16.81 -31.50 79.53
N LEU E 158 18.09 -31.26 79.87
CA LEU E 158 18.56 -29.89 80.06
C LEU E 158 18.53 -29.11 78.76
N MET E 159 18.89 -29.76 77.64
CA MET E 159 18.85 -29.09 76.35
C MET E 159 17.43 -28.71 75.96
N ILE E 160 16.49 -29.64 76.14
CA ILE E 160 15.11 -29.36 75.76
C ILE E 160 14.43 -28.41 76.73
N ALA E 161 14.92 -28.32 77.98
CA ALA E 161 14.43 -27.29 78.88
C ALA E 161 14.99 -25.93 78.53
N ALA E 162 16.25 -25.88 78.06
CA ALA E 162 16.82 -24.62 77.61
C ALA E 162 16.16 -24.12 76.34
N TYR E 163 15.78 -25.06 75.45
CA TYR E 163 15.06 -24.67 74.24
C TYR E 163 13.69 -24.10 74.58
N LYS E 164 12.99 -24.70 75.53
CA LYS E 164 11.71 -24.18 75.98
C LYS E 164 11.92 -23.02 76.94
N GLY E 165 10.81 -22.40 77.33
CA GLY E 165 10.85 -21.28 78.26
C GLY E 165 10.90 -21.64 79.73
N HIS E 166 10.95 -22.93 80.06
CA HIS E 166 10.91 -23.37 81.46
C HIS E 166 12.28 -23.17 82.07
N THR E 167 12.48 -22.01 82.71
CA THR E 167 13.72 -21.77 83.43
C THR E 167 13.74 -22.51 84.77
N ASP E 168 12.57 -22.78 85.35
CA ASP E 168 12.52 -23.52 86.61
C ASP E 168 12.99 -24.96 86.43
N VAL E 169 12.56 -25.59 85.34
CA VAL E 169 12.93 -26.99 85.09
C VAL E 169 14.44 -27.10 84.87
N VAL E 170 15.01 -26.21 84.05
CA VAL E 170 16.44 -26.28 83.78
C VAL E 170 17.25 -25.88 85.01
N ARG E 171 16.75 -24.94 85.83
CA ARG E 171 17.49 -24.58 87.03
C ARG E 171 17.44 -25.71 88.07
N TYR E 172 16.33 -26.43 88.16
CA TYR E 172 16.30 -27.60 89.04
C TYR E 172 17.18 -28.71 88.51
N LEU E 173 17.26 -28.87 87.18
CA LEU E 173 18.13 -29.87 86.59
C LEU E 173 19.60 -29.57 86.88
N LEU E 174 20.00 -28.30 86.76
CA LEU E 174 21.39 -27.94 87.05
C LEU E 174 21.66 -27.86 88.54
N GLU E 175 20.63 -27.74 89.38
CA GLU E 175 20.84 -27.74 90.82
C GLU E 175 21.25 -29.10 91.35
N GLN E 176 21.02 -30.17 90.59
CA GLN E 176 21.42 -31.52 90.99
C GLN E 176 22.83 -31.85 90.53
N ARG E 177 23.62 -30.84 90.14
CA ARG E 177 24.99 -31.00 89.64
C ARG E 177 25.03 -31.92 88.42
N ALA E 178 24.22 -31.57 87.42
CA ALA E 178 24.23 -32.27 86.15
C ALA E 178 25.33 -31.72 85.26
N ASP E 179 25.79 -32.55 84.33
CA ASP E 179 26.87 -32.14 83.45
C ASP E 179 26.38 -31.13 82.41
N PRO E 180 26.97 -29.93 82.36
CA PRO E 180 26.56 -28.96 81.32
C PRO E 180 27.28 -29.16 80.00
N ASN E 181 28.41 -29.88 79.98
CA ASN E 181 29.15 -30.13 78.75
C ASN E 181 28.70 -31.45 78.12
N ALA E 182 27.41 -31.52 77.81
CA ALA E 182 26.82 -32.70 77.20
C ALA E 182 26.86 -32.54 75.68
N LYS E 183 27.67 -33.37 75.03
CA LYS E 183 27.77 -33.33 73.58
C LYS E 183 26.53 -33.93 72.94
N ALA E 184 26.11 -33.34 71.83
CA ALA E 184 24.99 -33.83 71.05
C ALA E 184 25.51 -34.41 69.73
N HIS E 185 24.56 -34.83 68.87
CA HIS E 185 24.94 -35.33 67.56
C HIS E 185 25.53 -34.22 66.69
N CYS E 186 24.96 -33.02 66.79
CA CYS E 186 25.44 -31.88 66.02
C CYS E 186 26.51 -31.08 66.75
N GLY E 187 26.94 -31.52 67.93
CA GLY E 187 27.93 -30.80 68.69
C GLY E 187 27.39 -29.69 69.56
N ALA E 188 26.07 -29.56 69.67
CA ALA E 188 25.46 -28.50 70.46
C ALA E 188 25.45 -28.92 71.93
N THR E 189 26.24 -28.23 72.75
CA THR E 189 26.34 -28.55 74.17
C THR E 189 25.39 -27.68 75.01
N ALA E 190 24.11 -27.70 74.64
CA ALA E 190 22.97 -27.11 75.37
C ALA E 190 22.99 -25.59 75.43
N LEU E 191 24.04 -24.93 74.93
CA LEU E 191 24.04 -23.47 74.85
C LEU E 191 23.50 -22.96 73.53
N HIS E 192 23.66 -23.73 72.46
CA HIS E 192 23.07 -23.37 71.18
C HIS E 192 21.54 -23.44 71.26
N PHE E 193 21.01 -24.41 72.01
CA PHE E 193 19.57 -24.47 72.24
C PHE E 193 19.11 -23.34 73.16
N ALA E 194 19.92 -23.00 74.16
CA ALA E 194 19.54 -21.97 75.12
C ALA E 194 19.52 -20.59 74.47
N ALA E 195 20.57 -20.24 73.75
CA ALA E 195 20.67 -18.95 73.09
C ALA E 195 20.16 -19.01 71.65
N GLU E 196 18.94 -19.51 71.49
CA GLU E 196 18.29 -19.57 70.18
C GLU E 196 16.90 -18.98 70.26
N ALA E 197 16.25 -19.11 71.42
CA ALA E 197 14.94 -18.53 71.65
C ALA E 197 15.01 -17.25 72.47
N GLY E 198 16.21 -16.75 72.75
CA GLY E 198 16.37 -15.55 73.54
C GLY E 198 15.98 -15.69 74.99
N HIS E 199 16.30 -16.81 75.61
CA HIS E 199 16.00 -17.05 77.02
C HIS E 199 17.14 -16.47 77.84
N ILE E 200 16.97 -15.24 78.32
CA ILE E 200 18.04 -14.56 79.06
C ILE E 200 18.28 -15.23 80.41
N ASP E 201 17.21 -15.65 81.09
CA ASP E 201 17.35 -16.25 82.41
C ASP E 201 17.97 -17.64 82.33
N ILE E 202 17.56 -18.43 81.33
CA ILE E 202 18.14 -19.77 81.14
C ILE E 202 19.61 -19.65 80.78
N VAL E 203 19.95 -18.72 79.89
CA VAL E 203 21.35 -18.53 79.50
C VAL E 203 22.17 -18.07 80.71
N LYS E 204 21.62 -17.17 81.51
CA LYS E 204 22.30 -16.74 82.74
C LYS E 204 22.52 -17.92 83.68
N GLU E 205 21.51 -18.79 83.83
CA GLU E 205 21.63 -19.94 84.73
C GLU E 205 22.70 -20.91 84.24
N LEU E 206 22.77 -21.15 82.93
CA LEU E 206 23.78 -22.06 82.41
C LEU E 206 25.19 -21.46 82.48
N ILE E 207 25.30 -20.13 82.27
CA ILE E 207 26.60 -19.48 82.44
C ILE E 207 27.03 -19.51 83.89
N LYS E 208 26.08 -19.40 84.83
CA LYS E 208 26.38 -19.57 86.24
C LYS E 208 26.96 -20.95 86.52
N TRP E 209 26.45 -21.98 85.85
CA TRP E 209 26.95 -23.33 86.00
C TRP E 209 28.15 -23.62 85.11
N ARG E 210 28.61 -22.63 84.35
CA ARG E 210 29.83 -22.70 83.53
C ARG E 210 29.75 -23.83 82.50
N ALA E 211 28.81 -23.67 81.57
CA ALA E 211 28.60 -24.64 80.52
C ALA E 211 29.72 -24.66 79.49
N ALA E 212 30.62 -23.66 79.51
CA ALA E 212 31.77 -23.53 78.61
C ALA E 212 31.38 -23.35 77.15
N ILE E 213 32.33 -22.99 76.30
CA ILE E 213 32.08 -22.71 74.89
C ILE E 213 32.89 -23.68 74.05
N VAL E 214 32.20 -24.39 73.17
CA VAL E 214 32.82 -25.32 72.23
C VAL E 214 32.14 -25.17 70.88
N VAL E 215 32.93 -25.21 69.81
CA VAL E 215 32.40 -25.11 68.45
C VAL E 215 31.71 -26.42 68.10
N ASN E 216 30.50 -26.33 67.58
CA ASN E 216 29.70 -27.50 67.27
C ASN E 216 30.12 -28.09 65.92
N GLY E 217 29.32 -29.02 65.40
CA GLY E 217 29.64 -29.65 64.14
C GLY E 217 29.56 -28.71 62.94
N HIS E 218 28.63 -27.75 62.98
CA HIS E 218 28.44 -26.83 61.85
C HIS E 218 29.43 -25.68 61.84
N GLY E 219 30.48 -25.74 62.66
CA GLY E 219 31.46 -24.66 62.73
C GLY E 219 30.90 -23.36 63.28
N MET E 220 30.11 -23.45 64.35
CA MET E 220 29.49 -22.28 64.97
C MET E 220 29.67 -22.33 66.48
N THR E 221 30.08 -21.23 67.06
CA THR E 221 30.12 -21.10 68.51
C THR E 221 28.72 -20.83 69.05
N PRO E 222 28.48 -21.12 70.33
CA PRO E 222 27.19 -20.74 70.93
C PRO E 222 26.93 -19.24 70.87
N LEU E 223 27.98 -18.42 70.97
CA LEU E 223 27.82 -16.98 70.79
C LEU E 223 27.41 -16.65 69.36
N LYS E 224 27.98 -17.35 68.37
CA LYS E 224 27.58 -17.15 66.99
C LYS E 224 26.13 -17.57 66.77
N VAL E 225 25.70 -18.63 67.44
CA VAL E 225 24.30 -19.04 67.38
C VAL E 225 23.40 -17.97 68.00
N ALA E 226 23.84 -17.39 69.12
CA ALA E 226 23.09 -16.31 69.76
C ALA E 226 22.97 -15.10 68.84
N ALA E 227 24.05 -14.77 68.14
CA ALA E 227 24.00 -13.69 67.15
C ALA E 227 23.13 -14.05 65.97
N GLU E 228 23.00 -15.34 65.66
CA GLU E 228 22.18 -15.77 64.54
C GLU E 228 20.69 -15.69 64.84
N SER E 229 20.30 -15.70 66.11
CA SER E 229 18.89 -15.76 66.50
C SER E 229 18.26 -14.38 66.66
N CYS E 230 19.00 -13.31 66.34
CA CYS E 230 18.53 -11.93 66.48
C CYS E 230 18.12 -11.61 67.93
N LYS E 231 18.87 -12.15 68.88
CA LYS E 231 18.64 -11.91 70.30
C LYS E 231 19.87 -11.20 70.86
N ALA E 232 19.74 -9.90 71.12
CA ALA E 232 20.88 -9.11 71.59
C ALA E 232 21.21 -9.37 73.05
N ASP E 233 20.23 -9.77 73.85
CA ASP E 233 20.46 -9.93 75.29
C ASP E 233 21.41 -11.09 75.57
N VAL E 234 21.21 -12.24 74.91
CA VAL E 234 22.08 -13.38 75.14
C VAL E 234 23.49 -13.11 74.59
N VAL E 235 23.59 -12.36 73.48
CA VAL E 235 24.90 -11.97 72.97
C VAL E 235 25.62 -11.08 73.97
N GLU E 236 24.90 -10.12 74.55
CA GLU E 236 25.50 -9.22 75.54
C GLU E 236 25.90 -9.97 76.80
N LEU E 237 25.13 -10.99 77.18
CA LEU E 237 25.51 -11.80 78.33
C LEU E 237 26.75 -12.64 78.03
N LEU E 238 26.80 -13.26 76.85
CA LEU E 238 27.92 -14.12 76.50
C LEU E 238 29.20 -13.33 76.24
N LEU E 239 29.09 -12.05 75.87
CA LEU E 239 30.28 -11.24 75.66
C LEU E 239 31.01 -10.94 76.95
N SER E 240 30.35 -11.12 78.11
CA SER E 240 30.96 -10.91 79.42
C SER E 240 31.34 -12.21 80.10
N HIS E 241 31.67 -13.24 79.31
CA HIS E 241 32.09 -14.52 79.86
C HIS E 241 33.58 -14.54 80.24
N ALA E 242 34.30 -13.45 79.99
CA ALA E 242 35.71 -13.22 80.27
C ALA E 242 36.64 -14.08 79.41
N ASP E 243 36.12 -15.02 78.61
CA ASP E 243 36.92 -15.75 77.63
C ASP E 243 36.19 -15.65 76.29
N CYS E 244 36.51 -14.57 75.57
CA CYS E 244 35.94 -14.31 74.25
C CYS E 244 36.95 -13.78 73.25
N ASP E 245 38.02 -13.10 73.70
CA ASP E 245 39.06 -12.50 72.86
C ASP E 245 38.50 -11.44 71.91
N ARG E 246 39.40 -10.79 71.15
CA ARG E 246 38.96 -9.79 70.19
C ARG E 246 38.38 -10.41 68.93
N ARG E 247 38.81 -11.62 68.57
CA ARG E 247 38.39 -12.20 67.30
C ARG E 247 36.91 -12.58 67.31
N SER E 248 36.40 -13.06 68.45
CA SER E 248 35.04 -13.56 68.53
C SER E 248 34.05 -12.52 69.05
N ARG E 249 34.45 -11.25 69.13
CA ARG E 249 33.58 -10.18 69.59
C ARG E 249 33.06 -9.32 68.44
N ILE E 250 33.97 -8.78 67.63
CA ILE E 250 33.56 -8.00 66.46
C ILE E 250 32.82 -8.89 65.46
N GLU E 251 33.28 -10.13 65.30
CA GLU E 251 32.58 -11.06 64.41
C GLU E 251 31.21 -11.42 64.94
N ALA E 252 31.04 -11.49 66.26
CA ALA E 252 29.72 -11.75 66.84
C ALA E 252 28.79 -10.57 66.64
N LEU E 253 29.31 -9.35 66.82
CA LEU E 253 28.50 -8.16 66.54
C LEU E 253 28.11 -8.08 65.07
N GLU E 254 29.04 -8.43 64.17
CA GLU E 254 28.76 -8.43 62.75
C GLU E 254 27.71 -9.48 62.39
N LEU E 255 27.80 -10.67 63.01
CA LEU E 255 26.81 -11.71 62.77
C LEU E 255 25.43 -11.30 63.26
N LEU E 256 25.37 -10.67 64.45
CA LEU E 256 24.09 -10.20 64.96
C LEU E 256 23.50 -9.12 64.06
N GLY E 257 24.33 -8.19 63.59
CA GLY E 257 23.84 -7.16 62.68
C GLY E 257 23.38 -7.72 61.35
N ALA E 258 24.10 -8.71 60.83
CA ALA E 258 23.70 -9.37 59.59
C ALA E 258 22.38 -10.10 59.76
N SER E 259 22.20 -10.77 60.91
CA SER E 259 20.94 -11.45 61.17
C SER E 259 19.79 -10.45 61.29
N PHE E 260 20.04 -9.31 61.94
CA PHE E 260 19.03 -8.26 62.03
C PHE E 260 18.75 -7.61 60.69
N ALA E 261 19.71 -7.66 59.76
CA ALA E 261 19.52 -7.03 58.45
C ALA E 261 18.41 -7.71 57.65
N ASN E 262 18.36 -9.04 57.71
CA ASN E 262 17.41 -9.81 56.90
C ASN E 262 16.79 -10.89 57.79
N ASP E 263 15.64 -10.56 58.39
CA ASP E 263 14.89 -11.52 59.17
C ASP E 263 13.42 -11.12 59.15
N ARG E 264 12.55 -12.11 59.39
CA ARG E 264 11.12 -11.86 59.34
C ARG E 264 10.65 -11.11 60.58
N GLU E 265 10.83 -11.71 61.76
CA GLU E 265 10.33 -11.10 62.99
C GLU E 265 11.17 -9.89 63.39
N ASN E 266 12.48 -10.01 63.33
CA ASN E 266 13.40 -8.97 63.81
C ASN E 266 14.09 -8.34 62.60
N TYR E 267 13.48 -7.29 62.06
CA TYR E 267 14.02 -6.56 60.92
C TYR E 267 14.13 -5.09 61.31
N ASP E 268 15.34 -4.68 61.70
CA ASP E 268 15.62 -3.29 62.06
C ASP E 268 16.91 -2.87 61.35
N ILE E 269 16.76 -2.07 60.29
CA ILE E 269 17.92 -1.63 59.52
C ILE E 269 18.77 -0.64 60.32
N ILE E 270 18.14 0.17 61.18
CA ILE E 270 18.89 1.11 61.99
C ILE E 270 19.71 0.38 63.06
N LYS E 271 19.15 -0.67 63.66
CA LYS E 271 19.92 -1.50 64.59
C LYS E 271 21.06 -2.21 63.87
N THR E 272 20.80 -2.68 62.65
CA THR E 272 21.85 -3.32 61.85
C THR E 272 22.99 -2.36 61.58
N TYR E 273 22.65 -1.12 61.19
CA TYR E 273 23.68 -0.13 60.90
C TYR E 273 24.45 0.24 62.17
N HIS E 274 23.75 0.37 63.30
CA HIS E 274 24.41 0.69 64.56
C HIS E 274 25.37 -0.41 64.99
N TYR E 275 24.94 -1.67 64.87
CA TYR E 275 25.81 -2.79 65.23
C TYR E 275 27.00 -2.88 64.29
N LEU E 276 26.78 -2.66 62.99
CA LEU E 276 27.90 -2.70 62.03
C LEU E 276 28.89 -1.57 62.29
N TYR E 277 28.39 -0.37 62.60
CA TYR E 277 29.28 0.74 62.91
C TYR E 277 30.03 0.50 64.22
N LEU E 278 29.36 -0.13 65.20
CA LEU E 278 30.05 -0.48 66.44
C LEU E 278 31.15 -1.50 66.19
N ALA E 279 30.89 -2.50 65.35
CA ALA E 279 31.91 -3.49 65.01
C ALA E 279 33.08 -2.84 64.26
N MET E 280 32.78 -1.94 63.33
CA MET E 280 33.83 -1.24 62.60
C MET E 280 34.66 -0.35 63.52
N LEU E 281 34.01 0.31 64.49
CA LEU E 281 34.73 1.13 65.45
C LEU E 281 35.59 0.28 66.38
N GLU E 282 35.09 -0.91 66.77
CA GLU E 282 35.87 -1.79 67.61
C GLU E 282 37.07 -2.38 66.86
N ARG E 283 36.93 -2.60 65.55
CA ARG E 283 38.08 -3.01 64.75
C ARG E 283 39.12 -1.90 64.69
N PHE E 284 38.70 -0.69 64.32
CA PHE E 284 39.61 0.45 64.21
C PHE E 284 39.50 1.33 65.46
N GLN E 285 39.91 0.75 66.59
CA GLN E 285 39.84 1.43 67.87
C GLN E 285 41.19 1.84 68.43
N ASP E 286 42.27 1.23 67.98
CA ASP E 286 43.61 1.51 68.51
C ASP E 286 44.60 1.97 67.45
N GLY E 287 44.56 1.38 66.26
CA GLY E 287 45.54 1.64 65.23
C GLY E 287 46.73 0.71 65.25
N ASP E 288 46.96 0.00 66.35
CA ASP E 288 48.01 -0.99 66.47
C ASP E 288 47.40 -2.38 66.60
N ASN E 289 48.15 -3.39 66.15
CA ASN E 289 47.71 -4.78 65.97
C ASN E 289 46.28 -4.83 65.44
N ILE E 290 46.08 -4.16 64.30
CA ILE E 290 44.76 -3.99 63.72
C ILE E 290 44.23 -5.33 63.22
N LEU E 291 42.93 -5.57 63.42
CA LEU E 291 42.27 -6.77 62.94
C LEU E 291 41.47 -6.40 61.70
N GLU E 292 42.12 -6.46 60.54
CA GLU E 292 41.48 -6.12 59.29
C GLU E 292 40.44 -7.15 58.90
N LYS E 293 39.39 -6.70 58.22
CA LYS E 293 38.38 -7.61 57.69
C LYS E 293 38.97 -8.43 56.55
N GLU E 294 38.82 -9.75 56.63
CA GLU E 294 39.22 -10.60 55.52
C GLU E 294 38.30 -10.37 54.33
N VAL E 295 38.88 -10.32 53.14
CA VAL E 295 38.17 -9.94 51.93
C VAL E 295 37.95 -11.17 51.08
N LEU E 296 36.70 -11.62 51.02
CA LEU E 296 36.32 -12.71 50.13
C LEU E 296 36.24 -12.20 48.70
N PRO E 297 36.38 -13.08 47.71
CA PRO E 297 36.21 -12.65 46.33
C PRO E 297 34.80 -12.18 46.08
N PRO E 298 34.62 -11.21 45.17
CA PRO E 298 33.27 -10.69 44.91
C PRO E 298 32.36 -11.74 44.29
N ILE E 299 31.08 -11.64 44.62
CA ILE E 299 30.05 -12.56 44.16
C ILE E 299 29.05 -11.79 43.32
N HIS E 300 28.73 -12.31 42.13
CA HIS E 300 27.80 -11.63 41.25
C HIS E 300 26.40 -11.57 41.85
N ALA E 301 26.02 -12.60 42.62
CA ALA E 301 24.67 -12.64 43.19
C ALA E 301 24.44 -11.51 44.19
N TYR E 302 25.44 -11.22 45.03
CA TYR E 302 25.32 -10.12 45.99
C TYR E 302 25.76 -8.79 45.38
N GLY E 303 25.20 -8.47 44.23
CA GLY E 303 25.59 -7.26 43.52
C GLY E 303 27.04 -7.32 43.08
N ASN E 304 27.79 -6.27 43.37
CA ASN E 304 29.22 -6.23 43.09
C ASN E 304 29.99 -5.58 44.23
N ARG E 305 29.46 -5.67 45.44
CA ARG E 305 30.10 -5.05 46.60
C ARG E 305 31.35 -5.83 47.00
N THR E 306 32.24 -5.13 47.70
CA THR E 306 33.50 -5.68 48.17
C THR E 306 33.63 -5.45 49.68
N GLU E 307 32.56 -5.81 50.40
CA GLU E 307 32.47 -5.70 51.86
C GLU E 307 32.62 -4.25 52.32
N CYS E 308 32.92 -4.06 53.61
CA CYS E 308 33.12 -2.75 54.20
C CYS E 308 34.39 -2.80 55.05
N ARG E 309 35.53 -2.52 54.41
CA ARG E 309 36.82 -2.50 55.09
C ARG E 309 37.10 -1.16 55.75
N ASN E 310 36.23 -0.18 55.57
CA ASN E 310 36.43 1.16 56.10
C ASN E 310 35.14 1.66 56.74
N PRO E 311 35.24 2.54 57.75
CA PRO E 311 34.02 3.18 58.28
C PRO E 311 33.40 4.16 57.32
N GLN E 312 34.17 4.71 56.36
CA GLN E 312 33.64 5.72 55.45
C GLN E 312 32.63 5.12 54.49
N GLU E 313 32.94 3.96 53.91
CA GLU E 313 32.00 3.31 53.01
C GLU E 313 30.78 2.78 53.77
N LEU E 314 30.96 2.42 55.04
CA LEU E 314 29.82 2.01 55.85
C LEU E 314 28.91 3.20 56.16
N GLU E 315 29.50 4.37 56.38
CA GLU E 315 28.71 5.56 56.70
C GLU E 315 27.95 6.07 55.48
N SER E 316 28.55 5.98 54.29
CA SER E 316 27.94 6.52 53.09
C SER E 316 26.71 5.74 52.64
N ILE E 317 26.56 4.50 53.11
CA ILE E 317 25.41 3.67 52.73
C ILE E 317 24.36 3.62 53.84
N ARG E 318 24.35 4.62 54.73
CA ARG E 318 23.40 4.62 55.84
C ARG E 318 21.97 4.77 55.34
N GLN E 319 21.75 5.61 54.33
CA GLN E 319 20.43 5.88 53.80
C GLN E 319 20.05 4.97 52.64
N ASP E 320 20.88 3.99 52.29
CA ASP E 320 20.64 3.10 51.17
C ASP E 320 20.44 1.69 51.73
N ARG E 321 19.18 1.23 51.72
CA ARG E 321 18.81 0.04 52.49
C ARG E 321 19.31 -1.24 51.82
N ASP E 322 19.18 -1.34 50.50
CA ASP E 322 19.51 -2.58 49.80
C ASP E 322 21.01 -2.86 49.83
N ALA E 323 21.83 -1.81 49.75
CA ALA E 323 23.28 -2.00 49.89
C ALA E 323 23.63 -2.48 51.29
N LEU E 324 22.94 -1.96 52.32
CA LEU E 324 23.17 -2.43 53.68
C LEU E 324 22.78 -3.89 53.82
N HIS E 325 21.66 -4.30 53.22
CA HIS E 325 21.24 -5.70 53.30
C HIS E 325 22.20 -6.61 52.54
N MET E 326 22.70 -6.15 51.39
CA MET E 326 23.71 -6.91 50.67
C MET E 326 24.99 -7.05 51.48
N GLU E 327 25.40 -5.98 52.17
CA GLU E 327 26.57 -6.04 53.04
C GLU E 327 26.35 -7.02 54.19
N GLY E 328 25.15 -7.02 54.76
CA GLY E 328 24.84 -7.98 55.81
C GLY E 328 24.89 -9.42 55.31
N LEU E 329 24.37 -9.65 54.11
CA LEU E 329 24.44 -10.98 53.51
C LEU E 329 25.89 -11.38 53.26
N ILE E 330 26.71 -10.43 52.79
CA ILE E 330 28.12 -10.72 52.51
C ILE E 330 28.87 -11.09 53.78
N VAL E 331 28.68 -10.30 54.85
CA VAL E 331 29.41 -10.57 56.08
C VAL E 331 28.87 -11.84 56.75
N ARG E 332 27.58 -12.14 56.61
CA ARG E 332 27.04 -13.38 57.14
C ARG E 332 27.62 -14.58 56.41
N GLU E 333 27.73 -14.49 55.09
CA GLU E 333 28.35 -15.57 54.32
C GLU E 333 29.81 -15.74 54.69
N ARG E 334 30.51 -14.62 54.90
CA ARG E 334 31.92 -14.68 55.26
C ARG E 334 32.12 -15.30 56.64
N ILE E 335 31.29 -14.93 57.62
CA ILE E 335 31.45 -15.44 58.97
C ILE E 335 31.04 -16.91 59.05
N LEU E 336 29.86 -17.23 58.52
CA LEU E 336 29.29 -18.56 58.67
C LEU E 336 29.73 -19.52 57.58
N GLY E 337 30.50 -19.06 56.60
CA GLY E 337 30.95 -19.95 55.55
C GLY E 337 29.83 -20.33 54.60
N ALA E 338 30.04 -21.44 53.91
CA ALA E 338 29.08 -21.99 52.95
C ALA E 338 28.59 -23.36 53.40
N ASP E 339 28.38 -23.52 54.71
CA ASP E 339 27.98 -24.80 55.25
C ASP E 339 26.94 -24.72 56.36
N ASN E 340 26.45 -23.53 56.70
CA ASN E 340 25.45 -23.41 57.76
C ASN E 340 24.08 -23.84 57.26
N ILE E 341 23.26 -24.32 58.19
CA ILE E 341 21.90 -24.76 57.85
C ILE E 341 21.04 -23.54 57.48
N ASP E 342 21.08 -22.50 58.31
CA ASP E 342 20.25 -21.32 58.11
C ASP E 342 20.99 -20.21 57.37
N VAL E 343 21.98 -20.56 56.55
CA VAL E 343 22.76 -19.55 55.84
C VAL E 343 21.94 -18.88 54.73
N SER E 344 20.93 -19.58 54.20
CA SER E 344 20.14 -19.05 53.10
C SER E 344 18.75 -18.58 53.52
N HIS E 345 18.36 -18.83 54.77
CA HIS E 345 17.05 -18.35 55.23
C HIS E 345 16.91 -16.83 55.19
N PRO E 346 17.88 -16.02 55.64
CA PRO E 346 17.80 -14.58 55.34
C PRO E 346 17.80 -14.27 53.86
N ILE E 347 18.52 -15.06 53.05
CA ILE E 347 18.49 -14.85 51.61
C ILE E 347 17.12 -15.16 51.05
N ILE E 348 16.47 -16.20 51.57
CA ILE E 348 15.10 -16.53 51.16
C ILE E 348 14.15 -15.39 51.54
N TYR E 349 14.31 -14.84 52.75
CA TYR E 349 13.46 -13.75 53.18
C TYR E 349 13.66 -12.51 52.31
N ARG E 350 14.92 -12.19 51.99
CA ARG E 350 15.21 -11.04 51.14
C ARG E 350 14.66 -11.24 49.73
N GLY E 351 14.75 -12.47 49.21
CA GLY E 351 14.16 -12.74 47.91
C GLY E 351 12.66 -12.60 47.90
N ALA E 352 12.00 -13.08 48.97
CA ALA E 352 10.55 -12.92 49.08
C ALA E 352 10.17 -11.45 49.16
N VAL E 353 10.95 -10.65 49.91
CA VAL E 353 10.70 -9.22 49.99
C VAL E 353 10.88 -8.56 48.63
N TYR E 354 11.94 -8.94 47.91
CA TYR E 354 12.21 -8.37 46.60
C TYR E 354 11.11 -8.70 45.60
N ALA E 355 10.62 -9.94 45.63
CA ALA E 355 9.50 -10.32 44.77
C ALA E 355 8.24 -9.55 45.15
N ASP E 356 8.01 -9.36 46.45
CA ASP E 356 6.87 -8.55 46.90
C ASP E 356 7.02 -7.09 46.50
N ASN E 357 8.24 -6.62 46.27
CA ASN E 357 8.50 -5.26 45.83
C ASN E 357 8.79 -5.18 44.34
N MET E 358 8.47 -6.25 43.60
CA MET E 358 8.62 -6.33 42.14
C MET E 358 10.07 -6.19 41.69
N GLU E 359 11.03 -6.43 42.58
CA GLU E 359 12.44 -6.51 42.21
C GLU E 359 12.75 -7.98 41.99
N PHE E 360 12.96 -8.37 40.74
CA PHE E 360 12.97 -9.77 40.35
C PHE E 360 14.36 -10.31 40.04
N GLU E 361 15.12 -9.62 39.20
CA GLU E 361 16.39 -10.15 38.71
C GLU E 361 17.38 -10.35 39.85
N GLN E 362 17.45 -9.39 40.76
CA GLN E 362 18.28 -9.56 41.96
C GLN E 362 17.74 -10.68 42.83
N CYS E 363 16.41 -10.78 42.95
CA CYS E 363 15.80 -11.90 43.67
C CYS E 363 16.16 -13.23 43.01
N ILE E 364 16.15 -13.27 41.67
CA ILE E 364 16.50 -14.50 40.96
C ILE E 364 17.95 -14.88 41.25
N LYS E 365 18.85 -13.90 41.22
CA LYS E 365 20.25 -14.20 41.51
C LYS E 365 20.44 -14.68 42.95
N LEU E 366 19.77 -14.02 43.90
CA LEU E 366 19.90 -14.41 45.31
C LEU E 366 19.37 -15.81 45.54
N TRP E 367 18.22 -16.14 44.96
CA TRP E 367 17.67 -17.47 45.13
C TRP E 367 18.48 -18.53 44.38
N LEU E 368 19.09 -18.17 43.26
CA LEU E 368 19.98 -19.10 42.56
C LEU E 368 21.20 -19.42 43.42
N HIS E 369 21.79 -18.39 44.03
CA HIS E 369 22.93 -18.62 44.91
C HIS E 369 22.53 -19.44 46.13
N ALA E 370 21.34 -19.17 46.68
CA ALA E 370 20.84 -19.95 47.82
C ALA E 370 20.62 -21.40 47.43
N LEU E 371 20.09 -21.65 46.24
CA LEU E 371 19.90 -23.02 45.76
C LEU E 371 21.24 -23.72 45.57
N HIS E 372 22.23 -23.00 45.03
CA HIS E 372 23.56 -23.58 44.88
C HIS E 372 24.15 -23.94 46.24
N LEU E 373 24.00 -23.06 47.22
CA LEU E 373 24.52 -23.31 48.56
C LEU E 373 23.82 -24.50 49.22
N ARG E 374 22.50 -24.59 49.04
CA ARG E 374 21.76 -25.70 49.64
C ARG E 374 22.09 -27.02 48.97
N GLN E 375 22.29 -27.01 47.65
CA GLN E 375 22.73 -28.22 46.96
C GLN E 375 24.14 -28.62 47.36
N LYS E 376 25.00 -27.63 47.65
CA LYS E 376 26.29 -27.94 48.25
C LYS E 376 26.12 -28.57 49.63
N GLY E 377 25.15 -28.08 50.40
CA GLY E 377 24.84 -28.67 51.68
C GLY E 377 24.04 -29.95 51.62
N ASN E 378 23.51 -30.29 50.45
CA ASN E 378 22.78 -31.55 50.20
C ASN E 378 21.59 -31.69 51.14
N ARG E 379 20.64 -30.78 50.99
CA ARG E 379 19.41 -30.76 51.76
C ARG E 379 18.21 -30.91 50.83
N ASN E 380 17.02 -30.98 51.43
CA ASN E 380 15.78 -31.12 50.67
C ASN E 380 15.35 -29.74 50.20
N THR E 381 15.65 -29.41 48.96
CA THR E 381 15.37 -28.09 48.39
C THR E 381 14.10 -28.08 47.54
N HIS E 382 13.15 -28.95 47.87
CA HIS E 382 11.89 -28.98 47.12
C HIS E 382 11.12 -27.68 47.28
N LYS E 383 11.14 -27.11 48.49
CA LYS E 383 10.47 -25.83 48.72
C LYS E 383 11.18 -24.70 47.99
N ASP E 384 12.51 -24.76 47.90
CA ASP E 384 13.25 -23.75 47.14
C ASP E 384 12.89 -23.81 45.66
N LEU E 385 12.80 -25.02 45.10
CA LEU E 385 12.39 -25.16 43.71
C LEU E 385 10.93 -24.75 43.52
N LEU E 386 10.08 -24.99 44.51
CA LEU E 386 8.70 -24.52 44.45
C LEU E 386 8.65 -23.00 44.41
N ARG E 387 9.48 -22.34 45.22
CA ARG E 387 9.56 -20.89 45.18
C ARG E 387 10.10 -20.39 43.85
N PHE E 388 11.06 -21.11 43.28
CA PHE E 388 11.56 -20.78 41.95
C PHE E 388 10.46 -20.82 40.91
N ALA E 389 9.67 -21.91 40.91
CA ALA E 389 8.58 -22.03 39.96
C ALA E 389 7.54 -20.95 40.19
N GLN E 390 7.25 -20.63 41.45
CA GLN E 390 6.26 -19.61 41.77
C GLN E 390 6.69 -18.24 41.29
N VAL E 391 7.96 -17.87 41.52
CA VAL E 391 8.42 -16.55 41.09
C VAL E 391 8.56 -16.48 39.57
N PHE E 392 8.95 -17.59 38.92
CA PHE E 392 9.01 -17.59 37.47
C PHE E 392 7.62 -17.46 36.86
N SER E 393 6.63 -18.15 37.43
CA SER E 393 5.26 -18.02 36.96
C SER E 393 4.70 -16.64 37.24
N GLN E 394 5.12 -16.02 38.35
CA GLN E 394 4.71 -14.66 38.63
C GLN E 394 5.29 -13.69 37.61
N MET E 395 6.56 -13.88 37.24
CA MET E 395 7.17 -13.02 36.23
C MET E 395 6.52 -13.22 34.87
N ILE E 396 6.19 -14.46 34.52
CA ILE E 396 5.52 -14.71 33.24
C ILE E 396 4.12 -14.12 33.24
N HIS E 397 3.37 -14.29 34.33
CA HIS E 397 2.03 -13.75 34.44
C HIS E 397 2.03 -12.23 34.43
N LEU E 398 3.14 -11.61 34.84
CA LEU E 398 3.30 -10.17 34.80
C LEU E 398 3.90 -9.69 33.49
N ASN E 399 3.97 -10.56 32.48
CA ASN E 399 4.52 -10.25 31.17
C ASN E 399 5.95 -9.73 31.25
N GLU E 400 6.72 -10.31 32.16
CA GLU E 400 8.12 -9.97 32.34
C GLU E 400 9.01 -11.10 31.83
N THR E 401 10.06 -10.73 31.10
CA THR E 401 10.96 -11.71 30.51
C THR E 401 11.74 -12.44 31.60
N VAL E 402 12.12 -13.68 31.28
CA VAL E 402 12.89 -14.53 32.18
C VAL E 402 14.20 -14.86 31.50
N LYS E 403 15.30 -14.75 32.25
CA LYS E 403 16.62 -15.02 31.70
C LYS E 403 16.78 -16.51 31.42
N ALA E 404 16.96 -16.85 30.15
CA ALA E 404 17.11 -18.26 29.75
C ALA E 404 18.28 -18.98 30.41
N PRO E 405 19.50 -18.40 30.54
CA PRO E 405 20.54 -19.10 31.31
C PRO E 405 20.14 -19.36 32.76
N ASP E 406 19.38 -18.46 33.38
CA ASP E 406 18.90 -18.71 34.74
C ASP E 406 17.93 -19.90 34.77
N ILE E 407 17.05 -19.98 33.77
CA ILE E 407 16.14 -21.12 33.67
C ILE E 407 16.94 -22.41 33.50
N GLU E 408 17.96 -22.39 32.64
CA GLU E 408 18.75 -23.59 32.42
C GLU E 408 19.50 -24.00 33.68
N CYS E 409 20.06 -23.03 34.41
CA CYS E 409 20.78 -23.34 35.63
C CYS E 409 19.86 -23.93 36.70
N VAL E 410 18.69 -23.32 36.89
CA VAL E 410 17.78 -23.85 37.91
C VAL E 410 17.22 -25.19 37.47
N LEU E 411 17.06 -25.41 36.17
CA LEU E 411 16.61 -26.71 35.68
C LEU E 411 17.65 -27.78 35.93
N ARG E 412 18.93 -27.47 35.66
CA ARG E 412 19.99 -28.44 35.90
C ARG E 412 20.13 -28.75 37.38
N CYS E 413 20.04 -27.72 38.23
CA CYS E 413 20.10 -27.94 39.67
C CYS E 413 18.92 -28.77 40.16
N SER E 414 17.72 -28.52 39.62
CA SER E 414 16.56 -29.33 39.97
C SER E 414 16.73 -30.77 39.49
N VAL E 415 17.35 -30.95 38.32
CA VAL E 415 17.61 -32.29 37.81
C VAL E 415 18.53 -33.05 38.75
N LEU E 416 19.61 -32.39 39.18
CA LEU E 416 20.54 -33.03 40.13
C LEU E 416 19.84 -33.34 41.45
N GLU E 417 19.03 -32.41 41.95
CA GLU E 417 18.33 -32.64 43.21
C GLU E 417 17.32 -33.78 43.08
N ILE E 418 16.68 -33.91 41.91
CA ILE E 418 15.81 -35.06 41.67
C ILE E 418 16.61 -36.34 41.65
N GLU E 419 17.84 -36.30 41.13
CA GLU E 419 18.70 -37.48 41.16
C GLU E 419 19.00 -37.90 42.59
N GLN E 420 19.39 -36.95 43.45
CA GLN E 420 19.64 -37.31 44.84
C GLN E 420 18.36 -37.69 45.57
N SER E 421 17.21 -37.13 45.18
CA SER E 421 15.94 -37.54 45.75
C SER E 421 15.62 -38.98 45.40
N MET E 422 15.88 -39.37 44.15
CA MET E 422 15.70 -40.76 43.74
C MET E 422 16.63 -41.68 44.53
N ASN E 423 17.88 -41.24 44.74
CA ASN E 423 18.81 -42.04 45.52
C ASN E 423 18.34 -42.20 46.96
N ARG E 424 17.81 -41.12 47.55
CA ARG E 424 17.28 -41.19 48.91
C ARG E 424 16.07 -42.10 48.98
N VAL E 425 15.19 -42.03 47.98
CA VAL E 425 13.99 -42.87 47.95
C VAL E 425 14.38 -44.34 47.82
N LYS E 426 15.37 -44.63 46.99
CA LYS E 426 15.89 -45.99 46.90
C LYS E 426 16.50 -46.44 48.21
N ASN E 427 17.22 -45.53 48.89
CA ASN E 427 17.84 -45.88 50.16
C ASN E 427 16.81 -46.06 51.26
N ILE E 428 15.83 -45.16 51.33
CA ILE E 428 14.83 -45.19 52.40
C ILE E 428 13.82 -46.28 52.10
N SER E 429 13.70 -47.24 53.01
CA SER E 429 12.77 -48.35 52.87
C SER E 429 11.44 -48.05 53.55
N ASP E 430 11.47 -47.76 54.87
CA ASP E 430 10.24 -47.55 55.60
C ASP E 430 10.35 -46.53 56.72
N ALA E 431 11.48 -45.83 56.85
CA ALA E 431 11.63 -44.86 57.92
C ALA E 431 10.77 -43.63 57.68
N ASP E 432 11.00 -42.94 56.57
CA ASP E 432 10.21 -41.80 56.14
C ASP E 432 9.89 -41.90 54.66
N VAL E 433 9.43 -43.08 54.24
CA VAL E 433 9.19 -43.34 52.82
C VAL E 433 8.05 -42.47 52.31
N HIS E 434 7.04 -42.21 53.12
CA HIS E 434 5.93 -41.36 52.68
C HIS E 434 6.39 -39.93 52.47
N ASN E 435 7.18 -39.38 53.40
CA ASN E 435 7.70 -38.04 53.23
C ASN E 435 8.66 -37.95 52.05
N ALA E 436 9.51 -38.97 51.88
CA ALA E 436 10.44 -38.98 50.76
C ALA E 436 9.69 -39.04 49.44
N MET E 437 8.62 -39.84 49.36
CA MET E 437 7.85 -39.92 48.13
C MET E 437 7.07 -38.65 47.88
N ASP E 438 6.59 -37.98 48.95
CA ASP E 438 5.92 -36.71 48.78
C ASP E 438 6.87 -35.65 48.24
N ASN E 439 8.09 -35.61 48.77
CA ASN E 439 9.10 -34.70 48.22
C ASN E 439 9.48 -35.08 46.80
N TYR E 440 9.49 -36.37 46.49
CA TYR E 440 9.76 -36.83 45.12
C TYR E 440 8.71 -36.31 44.15
N GLU E 441 7.43 -36.46 44.51
CA GLU E 441 6.35 -35.98 43.67
C GLU E 441 6.37 -34.45 43.57
N CYS E 442 6.70 -33.78 44.67
CA CYS E 442 6.80 -32.33 44.65
C CYS E 442 7.92 -31.86 43.73
N ASN E 443 9.06 -32.58 43.75
CA ASN E 443 10.15 -32.25 42.85
C ASN E 443 9.74 -32.45 41.39
N LEU E 444 9.02 -33.54 41.12
CA LEU E 444 8.52 -33.77 39.77
C LEU E 444 7.58 -32.65 39.33
N TYR E 445 6.66 -32.25 40.21
CA TYR E 445 5.72 -31.19 39.88
C TYR E 445 6.43 -29.88 39.63
N THR E 446 7.44 -29.56 40.45
CA THR E 446 8.20 -28.34 40.25
C THR E 446 8.97 -28.36 38.94
N PHE E 447 9.52 -29.52 38.57
CA PHE E 447 10.19 -29.64 37.28
C PHE E 447 9.20 -29.40 36.15
N LEU E 448 7.98 -29.93 36.28
CA LEU E 448 6.96 -29.71 35.27
C LEU E 448 6.60 -28.24 35.16
N TYR E 449 6.47 -27.57 36.30
CA TYR E 449 6.16 -26.14 36.29
C TYR E 449 7.27 -25.34 35.64
N LEU E 450 8.53 -25.70 35.93
CA LEU E 450 9.67 -25.04 35.32
C LEU E 450 9.67 -25.25 33.81
N VAL E 451 9.36 -26.47 33.37
CA VAL E 451 9.28 -26.75 31.93
C VAL E 451 8.19 -25.91 31.28
N CYS E 452 7.03 -25.82 31.95
CA CYS E 452 5.92 -25.03 31.42
C CYS E 452 6.29 -23.56 31.30
N ILE E 453 7.01 -23.04 32.28
CA ILE E 453 7.48 -21.66 32.21
C ILE E 453 8.50 -21.50 31.09
N SER E 454 9.40 -22.48 30.94
CA SER E 454 10.40 -22.43 29.89
C SER E 454 9.78 -22.44 28.50
N THR E 455 8.66 -23.14 28.33
CA THR E 455 7.96 -23.13 27.06
C THR E 455 7.36 -21.76 26.73
N LYS E 456 7.14 -20.91 27.73
CA LYS E 456 6.56 -19.60 27.54
C LYS E 456 7.59 -18.48 27.55
N THR E 457 8.87 -18.83 27.46
CA THR E 457 9.95 -17.84 27.44
C THR E 457 10.67 -17.91 26.11
N GLN E 458 10.93 -16.74 25.52
CA GLN E 458 11.76 -16.66 24.34
C GLN E 458 13.22 -16.86 24.74
N CYS E 459 13.84 -17.90 24.21
CA CYS E 459 15.19 -18.27 24.59
C CYS E 459 16.06 -18.43 23.35
N SER E 460 17.36 -18.29 23.55
CA SER E 460 18.30 -18.47 22.45
C SER E 460 18.34 -19.94 22.03
N GLU E 461 18.83 -20.18 20.81
CA GLU E 461 18.92 -21.53 20.28
C GLU E 461 19.85 -22.39 21.13
N GLU E 462 20.99 -21.83 21.54
CA GLU E 462 21.90 -22.58 22.41
C GLU E 462 21.28 -22.80 23.79
N ASP E 463 20.60 -21.79 24.33
CA ASP E 463 19.91 -21.96 25.61
C ASP E 463 18.79 -22.98 25.51
N GLN E 464 18.04 -22.96 24.40
CA GLN E 464 17.00 -23.95 24.20
C GLN E 464 17.58 -25.35 24.08
N CYS E 465 18.72 -25.47 23.39
CA CYS E 465 19.38 -26.78 23.28
C CYS E 465 19.86 -27.27 24.64
N LYS E 466 20.39 -26.37 25.47
CA LYS E 466 20.83 -26.76 26.81
C LYS E 466 19.66 -27.18 27.68
N ILE E 467 18.54 -26.46 27.60
CA ILE E 467 17.35 -26.82 28.35
C ILE E 467 16.83 -28.19 27.90
N ASN E 468 16.81 -28.41 26.58
CA ASN E 468 16.40 -29.70 26.06
C ASN E 468 17.35 -30.81 26.50
N LYS E 469 18.65 -30.51 26.60
CA LYS E 469 19.61 -31.48 27.12
C LYS E 469 19.32 -31.82 28.57
N GLN E 470 18.97 -30.81 29.37
CA GLN E 470 18.60 -31.07 30.76
C GLN E 470 17.35 -31.94 30.87
N ILE E 471 16.36 -31.66 30.02
CA ILE E 471 15.15 -32.47 30.02
C ILE E 471 15.45 -33.90 29.58
N TYR E 472 16.30 -34.04 28.57
CA TYR E 472 16.74 -35.35 28.10
C TYR E 472 17.42 -36.12 29.23
N ASN E 473 18.28 -35.45 29.98
CA ASN E 473 18.99 -36.08 31.09
C ASN E 473 18.01 -36.52 32.18
N LEU E 474 17.00 -35.71 32.45
CA LEU E 474 16.02 -36.12 33.47
C LEU E 474 15.17 -37.29 33.00
N ILE E 475 14.72 -37.26 31.74
CA ILE E 475 13.89 -38.35 31.21
C ILE E 475 14.66 -39.66 31.19
N HIS E 476 15.95 -39.61 30.87
CA HIS E 476 16.71 -40.85 30.76
C HIS E 476 17.07 -41.46 32.12
N LEU E 477 16.50 -40.97 33.22
CA LEU E 477 16.47 -41.70 34.47
C LEU E 477 15.08 -42.29 34.76
N ASP E 478 14.07 -41.92 33.99
CA ASP E 478 12.69 -42.39 34.10
C ASP E 478 12.14 -42.24 35.51
N PRO E 479 11.87 -41.01 35.96
CA PRO E 479 11.22 -40.85 37.27
C PRO E 479 9.77 -41.32 37.23
N ARG E 480 9.30 -41.84 38.36
CA ARG E 480 7.94 -42.33 38.46
C ARG E 480 7.34 -41.95 39.81
N THR E 481 6.02 -41.73 39.81
CA THR E 481 5.30 -41.39 41.02
C THR E 481 4.79 -42.66 41.69
N ARG E 482 3.88 -42.50 42.66
CA ARG E 482 3.32 -43.65 43.35
C ARG E 482 2.55 -44.55 42.41
N GLU E 483 1.65 -43.98 41.61
CA GLU E 483 0.83 -44.77 40.70
C GLU E 483 1.46 -44.87 39.32
N GLY E 484 2.75 -45.20 39.29
CA GLY E 484 3.46 -45.50 38.05
C GLY E 484 3.54 -44.38 37.04
N PHE E 485 3.16 -43.16 37.42
CA PHE E 485 3.10 -42.06 36.47
C PHE E 485 4.50 -41.60 36.11
N THR E 486 4.84 -41.63 34.83
CA THR E 486 6.08 -41.04 34.39
C THR E 486 5.93 -39.52 34.32
N LEU E 487 7.00 -38.83 33.90
CA LEU E 487 6.90 -37.40 33.72
C LEU E 487 5.92 -37.04 32.61
N LEU E 488 5.92 -37.84 31.54
CA LEU E 488 4.97 -37.62 30.46
C LEU E 488 3.54 -37.78 30.95
N HIS E 489 3.29 -38.78 31.80
CA HIS E 489 1.95 -38.98 32.35
C HIS E 489 1.51 -37.77 33.16
N LEU E 490 2.42 -37.18 33.92
CA LEU E 490 2.07 -36.00 34.70
C LEU E 490 1.83 -34.80 33.79
N ALA E 491 2.58 -34.70 32.68
CA ALA E 491 2.33 -33.62 31.74
C ALA E 491 1.07 -33.83 30.92
N VAL E 492 0.53 -35.04 30.90
CA VAL E 492 -0.68 -35.34 30.15
C VAL E 492 -1.91 -35.36 31.07
N ASN E 493 -1.75 -35.79 32.31
CA ASN E 493 -2.88 -35.92 33.22
C ASN E 493 -3.51 -34.56 33.52
N SER E 494 -4.83 -34.56 33.67
CA SER E 494 -5.55 -33.38 34.11
C SER E 494 -5.67 -33.29 35.62
N ASN E 495 -5.28 -34.33 36.34
CA ASN E 495 -5.34 -34.35 37.79
C ASN E 495 -3.99 -34.04 38.43
N THR E 496 -3.03 -33.56 37.66
CA THR E 496 -1.76 -33.15 38.23
C THR E 496 -1.97 -31.90 39.08
N PRO E 497 -1.56 -31.91 40.35
CA PRO E 497 -1.79 -30.74 41.21
C PRO E 497 -1.02 -29.52 40.75
N VAL E 498 -1.64 -28.37 40.93
CA VAL E 498 -1.05 -27.07 40.65
C VAL E 498 -1.05 -26.25 41.92
N ASP E 499 0.07 -25.58 42.20
CA ASP E 499 0.20 -24.83 43.44
C ASP E 499 -0.74 -23.62 43.44
N ASP E 500 -1.17 -23.24 44.64
CA ASP E 500 -2.15 -22.17 44.82
C ASP E 500 -1.59 -20.79 44.50
N PHE E 501 -0.27 -20.66 44.32
CA PHE E 501 0.34 -19.39 43.99
C PHE E 501 0.18 -19.10 42.50
N HIS E 502 0.98 -18.18 41.97
CA HIS E 502 0.92 -17.74 40.58
C HIS E 502 1.02 -18.87 39.55
N THR E 503 1.37 -20.08 40.00
CA THR E 503 1.41 -21.23 39.10
C THR E 503 0.04 -21.54 38.50
N ASN E 504 -1.04 -21.19 39.21
CA ASN E 504 -2.38 -21.40 38.67
C ASN E 504 -2.62 -20.57 37.42
N ASP E 505 -2.08 -19.35 37.39
CA ASP E 505 -2.34 -18.46 36.26
C ASP E 505 -1.60 -18.90 35.00
N VAL E 506 -0.45 -19.57 35.16
CA VAL E 506 0.43 -19.91 34.04
C VAL E 506 0.49 -21.41 33.81
N CYS E 507 0.87 -22.17 34.83
CA CYS E 507 1.07 -23.61 34.68
C CYS E 507 -0.29 -24.30 34.77
N SER E 508 -0.84 -24.67 33.61
CA SER E 508 -2.11 -25.38 33.53
C SER E 508 -1.85 -26.75 32.94
N PHE E 509 -2.40 -27.78 33.58
CA PHE E 509 -2.22 -29.15 33.12
C PHE E 509 -3.57 -29.74 32.74
N PRO E 510 -3.67 -30.46 31.61
CA PRO E 510 -2.62 -30.84 30.66
C PRO E 510 -2.13 -29.68 29.80
N ASN E 511 -0.85 -29.65 29.45
CA ASN E 511 -0.29 -28.58 28.66
C ASN E 511 0.33 -29.16 27.41
N ALA E 512 -0.08 -28.63 26.25
CA ALA E 512 0.39 -29.18 24.99
C ALA E 512 1.87 -28.92 24.75
N LEU E 513 2.35 -27.73 25.13
CA LEU E 513 3.74 -27.37 24.89
C LEU E 513 4.68 -28.25 25.73
N VAL E 514 4.28 -28.56 26.96
CA VAL E 514 5.13 -29.39 27.82
C VAL E 514 5.27 -30.79 27.23
N THR E 515 4.16 -31.37 26.79
CA THR E 515 4.21 -32.71 26.20
C THR E 515 4.98 -32.71 24.89
N LYS E 516 4.80 -31.66 24.07
CA LYS E 516 5.56 -31.56 22.83
C LYS E 516 7.05 -31.47 23.11
N LEU E 517 7.45 -30.67 24.11
CA LEU E 517 8.86 -30.55 24.46
C LEU E 517 9.41 -31.86 25.00
N LEU E 518 8.64 -32.56 25.83
CA LEU E 518 9.09 -33.83 26.37
C LEU E 518 9.28 -34.86 25.26
N LEU E 519 8.35 -34.92 24.31
CA LEU E 519 8.48 -35.88 23.22
C LEU E 519 9.60 -35.51 22.27
N ASP E 520 9.82 -34.22 22.05
CA ASP E 520 10.97 -33.79 21.25
C ASP E 520 12.28 -34.05 21.97
N CYS E 521 12.27 -34.13 23.30
CA CYS E 521 13.44 -34.52 24.07
C CYS E 521 13.58 -36.03 24.19
N GLY E 522 12.68 -36.80 23.60
CA GLY E 522 12.82 -38.24 23.57
C GLY E 522 12.22 -38.94 24.78
N ALA E 523 11.08 -38.46 25.24
CA ALA E 523 10.38 -39.15 26.32
C ALA E 523 9.79 -40.46 25.81
N GLU E 524 9.70 -41.45 26.70
CA GLU E 524 9.14 -42.74 26.35
C GLU E 524 7.63 -42.60 26.22
N VAL E 525 7.13 -42.55 24.99
CA VAL E 525 5.71 -42.29 24.76
C VAL E 525 4.85 -43.50 25.11
N ASN E 526 5.42 -44.70 25.12
CA ASN E 526 4.66 -45.91 25.37
C ASN E 526 4.79 -46.40 26.80
N ALA E 527 5.35 -45.60 27.70
CA ALA E 527 5.50 -46.00 29.08
C ALA E 527 4.15 -46.12 29.76
N VAL E 528 3.98 -47.17 30.55
CA VAL E 528 2.72 -47.46 31.23
C VAL E 528 2.90 -47.22 32.72
N ASP E 529 1.79 -46.98 33.39
CA ASP E 529 1.79 -46.78 34.83
C ASP E 529 1.58 -48.11 35.53
N ASN E 530 1.31 -48.05 36.84
CA ASN E 530 0.96 -49.26 37.57
C ASN E 530 -0.37 -49.82 37.11
N GLU E 531 -1.29 -48.97 36.66
CA GLU E 531 -2.60 -49.38 36.21
C GLU E 531 -2.62 -49.73 34.73
N GLY E 532 -1.48 -49.62 34.03
CA GLY E 532 -1.40 -49.98 32.63
C GLY E 532 -1.78 -48.89 31.66
N ASN E 533 -2.20 -47.72 32.15
CA ASN E 533 -2.61 -46.63 31.28
C ASN E 533 -1.40 -45.96 30.66
N SER E 534 -1.46 -45.71 29.36
CA SER E 534 -0.43 -44.95 28.68
C SER E 534 -0.77 -43.45 28.73
N ALA E 535 0.07 -42.63 28.12
CA ALA E 535 -0.26 -41.21 28.00
C ALA E 535 -1.52 -41.01 27.17
N LEU E 536 -1.66 -41.80 26.10
CA LEU E 536 -2.87 -41.75 25.30
C LEU E 536 -4.10 -42.19 26.08
N HIS E 537 -3.91 -43.10 27.05
CA HIS E 537 -5.03 -43.51 27.88
C HIS E 537 -5.50 -42.37 28.78
N ILE E 538 -4.58 -41.55 29.27
CA ILE E 538 -4.98 -40.48 30.16
C ILE E 538 -5.55 -39.30 29.37
N ILE E 539 -5.01 -39.02 28.19
CA ILE E 539 -5.46 -37.82 27.48
C ILE E 539 -6.89 -37.93 26.96
N VAL E 540 -7.40 -39.14 26.73
CA VAL E 540 -8.78 -39.24 26.30
C VAL E 540 -9.73 -39.04 27.47
N GLN E 541 -9.28 -39.36 28.69
CA GLN E 541 -10.11 -39.14 29.87
C GLN E 541 -10.25 -37.68 30.24
N TYR E 542 -9.69 -36.77 29.44
CA TYR E 542 -9.85 -35.35 29.69
C TYR E 542 -11.30 -34.95 29.48
N ASN E 543 -11.88 -34.27 30.46
CA ASN E 543 -13.32 -34.02 30.50
C ASN E 543 -13.69 -32.63 30.00
N ARG E 544 -12.76 -31.91 29.40
CA ARG E 544 -13.02 -30.58 28.83
C ARG E 544 -12.53 -30.53 27.39
N PRO E 545 -13.18 -31.25 26.49
CA PRO E 545 -12.64 -31.37 25.13
C PRO E 545 -12.77 -30.11 24.30
N ILE E 546 -13.69 -29.21 24.64
CA ILE E 546 -13.98 -28.07 23.79
C ILE E 546 -13.44 -26.76 24.36
N SER E 547 -13.33 -26.63 25.69
CA SER E 547 -12.82 -25.40 26.28
C SER E 547 -11.36 -25.14 25.88
N ASP E 548 -10.55 -26.19 25.86
CA ASP E 548 -9.15 -26.10 25.45
C ASP E 548 -8.85 -27.11 24.38
N PHE E 549 -9.68 -27.12 23.34
CA PHE E 549 -9.52 -28.07 22.25
C PHE E 549 -8.17 -27.91 21.55
N LEU E 550 -7.58 -26.71 21.58
CA LEU E 550 -6.23 -26.54 21.05
C LEU E 550 -5.25 -27.45 21.78
N THR E 551 -5.32 -27.46 23.11
CA THR E 551 -4.42 -28.28 23.90
C THR E 551 -4.61 -29.75 23.58
N LEU E 552 -5.86 -30.21 23.57
CA LEU E 552 -6.13 -31.63 23.33
C LEU E 552 -5.70 -32.05 21.94
N HIS E 553 -5.99 -31.23 20.93
CA HIS E 553 -5.63 -31.60 19.56
C HIS E 553 -4.13 -31.64 19.39
N SER E 554 -3.42 -30.63 19.89
CA SER E 554 -1.97 -30.61 19.75
C SER E 554 -1.33 -31.76 20.51
N ILE E 555 -1.84 -32.09 21.70
CA ILE E 555 -1.21 -33.16 22.46
C ILE E 555 -1.50 -34.53 21.86
N ILE E 556 -2.69 -34.74 21.28
CA ILE E 556 -2.95 -36.01 20.62
C ILE E 556 -2.13 -36.14 19.35
N ILE E 557 -1.98 -35.04 18.60
CA ILE E 557 -1.13 -35.06 17.42
C ILE E 557 0.31 -35.39 17.81
N SER E 558 0.81 -34.78 18.89
CA SER E 558 2.17 -35.04 19.32
C SER E 558 2.35 -36.47 19.81
N LEU E 559 1.37 -37.00 20.56
CA LEU E 559 1.48 -38.37 21.05
C LEU E 559 1.46 -39.37 19.89
N VAL E 560 0.58 -39.16 18.91
CA VAL E 560 0.51 -40.09 17.79
C VAL E 560 1.76 -39.99 16.92
N GLU E 561 2.22 -38.76 16.65
CA GLU E 561 3.40 -38.59 15.81
C GLU E 561 4.66 -39.09 16.49
N ALA E 562 4.72 -39.02 17.82
CA ALA E 562 5.87 -39.55 18.53
C ALA E 562 5.90 -41.07 18.50
N GLY E 563 4.76 -41.72 18.32
CA GLY E 563 4.75 -43.16 18.18
C GLY E 563 3.97 -43.89 19.25
N ALA E 564 2.96 -43.24 19.83
CA ALA E 564 2.09 -43.93 20.78
C ALA E 564 1.17 -44.88 20.03
N HIS E 565 0.85 -45.99 20.67
CA HIS E 565 -0.05 -46.97 20.09
C HIS E 565 -1.49 -46.55 20.37
N THR E 566 -2.24 -46.29 19.31
CA THR E 566 -3.64 -45.92 19.42
C THR E 566 -4.55 -47.10 19.68
N ASP E 567 -4.00 -48.24 20.09
CA ASP E 567 -4.78 -49.44 20.29
C ASP E 567 -4.37 -50.23 21.52
N MET E 568 -3.37 -49.79 22.26
CA MET E 568 -2.86 -50.57 23.37
C MET E 568 -3.86 -50.62 24.52
N THR E 569 -3.67 -51.57 25.42
CA THR E 569 -4.62 -51.81 26.49
C THR E 569 -3.95 -51.65 27.85
N ASN E 570 -4.75 -51.23 28.82
CA ASN E 570 -4.29 -51.08 30.19
C ASN E 570 -4.43 -52.41 30.92
N LYS E 571 -4.31 -52.38 32.26
CA LYS E 571 -4.52 -53.60 33.04
C LYS E 571 -5.96 -54.07 32.99
N GLN E 572 -6.91 -53.18 32.72
CA GLN E 572 -8.32 -53.55 32.63
C GLN E 572 -8.73 -53.95 31.22
N ASN E 573 -7.78 -54.05 30.29
CA ASN E 573 -8.01 -54.44 28.90
C ASN E 573 -9.02 -53.50 28.23
N LYS E 574 -8.70 -52.21 28.26
CA LYS E 574 -9.56 -51.18 27.68
C LYS E 574 -8.77 -50.38 26.65
N THR E 575 -9.27 -50.36 25.44
CA THR E 575 -8.71 -49.51 24.39
C THR E 575 -9.02 -48.05 24.71
N PRO E 576 -8.11 -47.12 24.43
CA PRO E 576 -8.43 -45.70 24.61
C PRO E 576 -9.58 -45.22 23.75
N LEU E 577 -9.91 -45.92 22.66
CA LEU E 577 -11.18 -45.67 21.99
C LEU E 577 -12.34 -45.96 22.92
N ASP E 578 -12.28 -47.08 23.64
CA ASP E 578 -13.35 -47.42 24.57
C ASP E 578 -13.27 -46.61 25.85
N LYS E 579 -12.06 -46.26 26.29
CA LYS E 579 -11.85 -45.44 27.46
C LYS E 579 -11.86 -43.95 27.13
N SER E 580 -12.47 -43.57 26.00
CA SER E 580 -12.42 -42.19 25.56
C SER E 580 -13.33 -41.28 26.36
N THR E 581 -14.48 -41.81 26.81
CA THR E 581 -15.50 -41.12 27.63
C THR E 581 -15.85 -39.72 27.12
N THR E 582 -15.64 -39.48 25.82
CA THR E 582 -15.86 -38.16 25.21
C THR E 582 -15.92 -38.32 23.70
N GLY E 583 -16.95 -37.75 23.07
CA GLY E 583 -17.07 -37.87 21.63
C GLY E 583 -15.93 -37.21 20.88
N VAL E 584 -15.50 -36.04 21.35
CA VAL E 584 -14.48 -35.27 20.64
C VAL E 584 -13.14 -36.00 20.68
N SER E 585 -12.76 -36.51 21.86
CA SER E 585 -11.51 -37.25 21.97
C SER E 585 -11.56 -38.53 21.15
N GLU E 586 -12.71 -39.21 21.15
CA GLU E 586 -12.85 -40.41 20.34
C GLU E 586 -12.69 -40.10 18.86
N ILE E 587 -13.28 -38.99 18.40
CA ILE E 587 -13.20 -38.64 16.99
C ILE E 587 -11.78 -38.25 16.59
N LEU E 588 -11.10 -37.48 17.45
CA LEU E 588 -9.71 -37.12 17.17
C LEU E 588 -8.82 -38.36 17.13
N LEU E 589 -9.04 -39.29 18.06
CA LEU E 589 -8.22 -40.49 18.09
C LEU E 589 -8.49 -41.38 16.88
N LYS E 590 -9.75 -41.47 16.46
CA LYS E 590 -10.08 -42.22 15.26
C LYS E 590 -9.46 -41.59 14.01
N THR E 591 -9.47 -40.26 13.93
CA THR E 591 -8.85 -39.58 12.81
C THR E 591 -7.34 -39.83 12.79
N GLN E 592 -6.71 -39.82 13.96
CA GLN E 592 -5.28 -40.05 14.04
C GLN E 592 -4.90 -41.52 14.11
N MET E 593 -5.88 -42.43 14.01
CA MET E 593 -5.60 -43.85 14.08
C MET E 593 -4.89 -44.32 12.81
N LYS E 594 -3.63 -44.70 12.93
CA LYS E 594 -2.90 -45.33 11.84
C LYS E 594 -3.02 -46.84 12.02
N MET E 595 -3.92 -47.46 11.27
CA MET E 595 -4.19 -48.87 11.44
C MET E 595 -3.06 -49.72 10.87
N SER E 596 -2.85 -50.90 11.47
CA SER E 596 -1.87 -51.86 11.00
C SER E 596 -2.44 -53.26 11.14
N LEU E 597 -1.93 -54.17 10.32
CA LEU E 597 -2.39 -55.55 10.38
C LEU E 597 -2.00 -56.21 11.71
N LYS E 598 -0.82 -55.86 12.23
CA LYS E 598 -0.37 -56.44 13.49
C LYS E 598 -1.32 -56.09 14.62
N CYS E 599 -1.80 -54.85 14.65
CA CYS E 599 -2.72 -54.44 15.71
C CYS E 599 -4.03 -55.22 15.63
N LEU E 600 -4.61 -55.35 14.43
CA LEU E 600 -5.86 -56.09 14.29
C LEU E 600 -5.68 -57.55 14.64
N ALA E 601 -4.56 -58.14 14.22
CA ALA E 601 -4.31 -59.55 14.51
C ALA E 601 -4.14 -59.78 16.01
N ALA E 602 -3.39 -58.91 16.67
CA ALA E 602 -3.20 -59.07 18.11
C ALA E 602 -4.49 -58.84 18.87
N ARG E 603 -5.30 -57.87 18.46
CA ARG E 603 -6.56 -57.63 19.14
C ARG E 603 -7.52 -58.82 18.95
N ALA E 604 -7.56 -59.39 17.75
CA ALA E 604 -8.38 -60.58 17.54
C ALA E 604 -7.85 -61.78 18.30
N VAL E 605 -6.53 -61.86 18.49
CA VAL E 605 -5.96 -62.94 19.28
C VAL E 605 -6.37 -62.80 20.74
N ARG E 606 -6.27 -61.59 21.28
CA ARG E 606 -6.61 -61.37 22.69
C ARG E 606 -8.11 -61.54 22.94
N ALA E 607 -8.93 -61.10 21.99
CA ALA E 607 -10.39 -61.16 22.18
C ALA E 607 -10.88 -62.60 22.24
N ASN E 608 -10.34 -63.48 21.40
CA ASN E 608 -10.79 -64.86 21.32
C ASN E 608 -10.10 -65.76 22.34
N ASP E 609 -9.16 -65.22 23.12
CA ASP E 609 -8.52 -65.92 24.24
C ASP E 609 -7.81 -67.20 23.78
N ILE E 610 -6.78 -67.01 22.96
CA ILE E 610 -5.91 -68.09 22.50
C ILE E 610 -4.61 -68.02 23.30
N ASN E 611 -4.17 -69.16 23.81
CA ASN E 611 -2.95 -69.23 24.60
C ASN E 611 -1.76 -68.93 23.70
N TYR E 612 -1.21 -67.72 23.82
CA TYR E 612 -0.15 -67.27 22.94
C TYR E 612 1.24 -67.59 23.46
N GLN E 613 1.36 -68.09 24.68
CA GLN E 613 2.68 -68.34 25.25
C GLN E 613 3.39 -69.47 24.52
N ASP E 614 4.69 -69.30 24.30
CA ASP E 614 5.59 -70.29 23.71
C ASP E 614 5.18 -70.61 22.27
N GLN E 615 4.43 -69.72 21.62
CA GLN E 615 4.07 -69.88 20.21
C GLN E 615 4.41 -68.66 19.38
N ILE E 616 4.99 -67.62 19.97
CA ILE E 616 5.21 -66.35 19.28
C ILE E 616 6.61 -65.86 19.60
N PRO E 617 7.15 -64.94 18.79
CA PRO E 617 8.42 -64.29 19.14
C PRO E 617 8.30 -63.53 20.45
N ARG E 618 9.42 -63.44 21.17
CA ARG E 618 9.43 -62.82 22.48
C ARG E 618 9.06 -61.34 22.41
N THR E 619 9.57 -60.62 21.41
CA THR E 619 9.20 -59.22 21.25
C THR E 619 7.73 -59.08 20.85
N LEU E 620 7.20 -60.08 20.14
CA LEU E 620 5.77 -60.08 19.82
C LEU E 620 4.92 -60.41 21.02
N GLU E 621 5.49 -61.04 22.05
CA GLU E 621 4.72 -61.35 23.25
C GLU E 621 4.29 -60.08 23.98
N GLU E 622 5.17 -59.08 24.04
CA GLU E 622 4.78 -57.78 24.58
C GLU E 622 3.70 -57.13 23.70
N PHE E 623 3.81 -57.31 22.39
CA PHE E 623 2.81 -56.78 21.47
C PHE E 623 1.44 -57.37 21.75
N VAL E 624 1.38 -58.68 21.99
CA VAL E 624 0.13 -59.28 22.46
C VAL E 624 -0.22 -58.75 23.83
N GLY E 625 0.80 -58.40 24.62
CA GLY E 625 0.55 -57.91 25.97
C GLY E 625 -0.25 -56.63 26.00
N PHE E 626 0.10 -55.66 25.16
CA PHE E 626 -0.70 -54.44 25.20
C PHE E 626 -1.74 -54.34 24.08
N HIS E 627 -1.51 -54.90 22.91
CA HIS E 627 -2.57 -54.90 21.90
C HIS E 627 -3.57 -56.00 22.19
N MET F 1 4.52 -54.34 -12.58
CA MET F 1 3.22 -53.72 -12.35
C MET F 1 2.41 -54.50 -11.33
N TYR F 2 2.51 -55.82 -11.38
CA TYR F 2 1.81 -56.69 -10.45
C TYR F 2 2.82 -57.58 -9.73
N VAL F 3 2.57 -57.83 -8.45
CA VAL F 3 3.50 -58.54 -7.58
C VAL F 3 2.98 -59.95 -7.33
N LYS F 4 3.83 -60.94 -7.61
CA LYS F 4 3.45 -62.35 -7.52
C LYS F 4 3.91 -62.91 -6.19
N LEU F 5 2.97 -63.17 -5.29
CA LEU F 5 3.27 -63.72 -3.97
C LEU F 5 2.97 -65.21 -3.98
N ILE F 6 3.99 -66.01 -3.66
CA ILE F 6 3.84 -67.45 -3.54
C ILE F 6 3.86 -67.81 -2.06
N SER F 7 3.41 -69.02 -1.75
CA SER F 7 3.43 -69.50 -0.37
C SER F 7 4.08 -70.87 -0.28
N SER F 8 3.98 -71.50 0.89
CA SER F 8 4.56 -72.83 1.09
C SER F 8 3.86 -73.90 0.26
N ASP F 9 2.61 -73.68 -0.11
CA ASP F 9 1.86 -74.64 -0.93
C ASP F 9 1.92 -74.31 -2.41
N GLY F 10 2.71 -73.32 -2.80
CA GLY F 10 2.83 -72.99 -4.21
C GLY F 10 1.64 -72.27 -4.80
N HIS F 11 0.79 -71.68 -3.98
CA HIS F 11 -0.32 -70.91 -4.48
C HIS F 11 0.12 -69.49 -4.82
N GLU F 12 -0.17 -69.05 -6.03
CA GLU F 12 0.15 -67.69 -6.44
C GLU F 12 -0.91 -66.73 -5.92
N PHE F 13 -0.48 -65.52 -5.56
CA PHE F 13 -1.34 -64.50 -4.99
C PHE F 13 -1.07 -63.16 -5.63
N ILE F 14 -1.09 -63.13 -6.97
CA ILE F 14 -0.72 -61.94 -7.72
C ILE F 14 -1.65 -60.78 -7.37
N VAL F 15 -1.07 -59.73 -6.80
CA VAL F 15 -1.79 -58.51 -6.45
C VAL F 15 -1.05 -57.33 -7.06
N LYS F 16 -1.64 -56.15 -6.90
CA LYS F 16 -1.05 -54.94 -7.46
C LYS F 16 0.19 -54.53 -6.69
N ARG F 17 1.11 -53.87 -7.40
CA ARG F 17 2.37 -53.43 -6.78
C ARG F 17 2.11 -52.42 -5.67
N GLU F 18 1.22 -51.46 -5.92
CA GLU F 18 0.90 -50.47 -4.90
C GLU F 18 0.19 -51.10 -3.71
N HIS F 19 -0.57 -52.18 -3.95
CA HIS F 19 -1.21 -52.89 -2.85
C HIS F 19 -0.19 -53.58 -1.97
N ALA F 20 0.84 -54.17 -2.57
CA ALA F 20 1.83 -54.93 -1.82
C ALA F 20 2.98 -54.08 -1.30
N LEU F 21 3.07 -52.81 -1.72
CA LEU F 21 4.16 -51.97 -1.23
C LEU F 21 3.93 -51.44 0.18
N THR F 22 2.75 -51.65 0.76
CA THR F 22 2.53 -51.21 2.14
C THR F 22 3.42 -51.97 3.12
N SER F 23 3.54 -53.27 2.94
CA SER F 23 4.37 -54.07 3.82
C SER F 23 5.85 -53.81 3.52
N GLY F 24 6.61 -53.48 4.56
CA GLY F 24 7.99 -53.06 4.36
C GLY F 24 8.89 -54.18 3.86
N THR F 25 8.77 -55.37 4.45
CA THR F 25 9.63 -56.46 4.03
C THR F 25 9.27 -56.97 2.64
N ILE F 26 8.04 -56.76 2.20
CA ILE F 26 7.71 -57.03 0.81
C ILE F 26 8.49 -56.10 -0.12
N LYS F 27 8.57 -54.82 0.26
CA LYS F 27 9.38 -53.87 -0.51
C LYS F 27 10.85 -54.28 -0.49
N ALA F 28 11.33 -54.78 0.66
CA ALA F 28 12.71 -55.24 0.74
C ALA F 28 12.95 -56.44 -0.16
N MET F 29 12.00 -57.38 -0.21
CA MET F 29 12.15 -58.54 -1.08
C MET F 29 12.10 -58.15 -2.54
N LEU F 30 11.24 -57.20 -2.90
CA LEU F 30 11.18 -56.73 -4.28
C LEU F 30 12.47 -55.99 -4.64
N SER F 31 13.03 -55.25 -3.70
CA SER F 31 14.30 -54.57 -3.92
C SER F 31 15.43 -55.58 -3.75
N GLY F 32 16.66 -55.09 -3.66
CA GLY F 32 17.81 -55.96 -3.63
C GLY F 32 18.06 -56.52 -5.02
N PRO F 33 18.55 -57.75 -5.09
CA PRO F 33 18.75 -58.38 -6.40
C PRO F 33 17.49 -59.07 -6.89
N GLY F 34 16.36 -58.39 -6.79
CA GLY F 34 15.10 -58.97 -7.22
C GLY F 34 14.16 -58.00 -7.91
N GLN F 35 14.71 -56.99 -8.59
CA GLN F 35 13.87 -56.02 -9.27
C GLN F 35 13.06 -56.67 -10.39
N PHE F 36 13.73 -57.40 -11.28
CA PHE F 36 13.14 -58.00 -12.48
C PHE F 36 12.39 -56.94 -13.28
N ALA F 37 13.15 -55.96 -13.78
CA ALA F 37 12.58 -54.76 -14.39
C ALA F 37 12.03 -55.06 -15.80
N GLU F 38 11.04 -55.96 -15.82
CA GLU F 38 10.28 -56.24 -17.04
C GLU F 38 8.80 -56.39 -16.73
N ASN F 39 8.38 -55.97 -15.52
CA ASN F 39 6.99 -55.83 -15.05
C ASN F 39 6.08 -56.96 -15.51
N GLU F 40 6.57 -58.19 -15.38
CA GLU F 40 5.78 -59.34 -15.79
C GLU F 40 5.50 -60.31 -14.65
N THR F 41 6.44 -60.53 -13.74
CA THR F 41 6.20 -61.39 -12.59
C THR F 41 6.41 -60.66 -11.26
N ASN F 42 7.59 -60.07 -11.05
CA ASN F 42 7.97 -59.48 -9.77
C ASN F 42 7.74 -60.46 -8.62
N GLU F 43 8.12 -61.71 -8.84
CA GLU F 43 7.77 -62.78 -7.91
C GLU F 43 8.67 -62.78 -6.69
N VAL F 44 8.08 -63.10 -5.53
CA VAL F 44 8.83 -63.33 -4.31
C VAL F 44 8.39 -64.66 -3.72
N ASN F 45 9.25 -65.23 -2.89
CA ASN F 45 9.05 -66.56 -2.33
C ASN F 45 8.71 -66.45 -0.85
N PHE F 46 7.99 -67.45 -0.35
CA PHE F 46 7.63 -67.54 1.07
C PHE F 46 7.65 -69.03 1.43
N ARG F 47 8.78 -69.49 1.96
CA ARG F 47 8.98 -70.90 2.22
C ARG F 47 8.62 -71.29 3.65
N GLU F 48 7.89 -70.45 4.38
CA GLU F 48 7.63 -70.72 5.78
C GLU F 48 6.17 -70.54 6.21
N ILE F 49 5.36 -69.81 5.46
CA ILE F 49 3.98 -69.55 5.89
C ILE F 49 2.98 -70.17 4.91
N PRO F 50 1.85 -70.71 5.41
CA PRO F 50 0.90 -71.39 4.53
C PRO F 50 0.13 -70.44 3.64
N SER F 51 -0.81 -70.96 2.86
CA SER F 51 -1.47 -70.14 1.84
C SER F 51 -2.58 -69.27 2.41
N HIS F 52 -3.22 -69.69 3.50
CA HIS F 52 -4.36 -68.93 4.00
C HIS F 52 -3.92 -67.60 4.59
N VAL F 53 -2.76 -67.56 5.24
CA VAL F 53 -2.27 -66.29 5.75
C VAL F 53 -1.92 -65.37 4.59
N LEU F 54 -1.44 -65.92 3.47
CA LEU F 54 -1.23 -65.07 2.29
C LEU F 54 -2.54 -64.53 1.75
N SER F 55 -3.59 -65.36 1.77
CA SER F 55 -4.90 -64.87 1.35
C SER F 55 -5.37 -63.73 2.24
N LYS F 56 -5.19 -63.88 3.55
CA LYS F 56 -5.59 -62.82 4.47
C LYS F 56 -4.73 -61.57 4.28
N VAL F 57 -3.45 -61.74 4.00
CA VAL F 57 -2.56 -60.59 3.81
C VAL F 57 -2.93 -59.85 2.53
N CYS F 58 -3.26 -60.59 1.46
CA CYS F 58 -3.70 -59.94 0.22
C CYS F 58 -5.01 -59.20 0.43
N MET F 59 -5.95 -59.81 1.15
CA MET F 59 -7.20 -59.14 1.44
C MET F 59 -6.97 -57.92 2.31
N TYR F 60 -6.00 -57.99 3.23
CA TYR F 60 -5.65 -56.82 4.03
C TYR F 60 -5.02 -55.74 3.17
N PHE F 61 -4.25 -56.12 2.16
CA PHE F 61 -3.64 -55.13 1.28
C PHE F 61 -4.70 -54.38 0.50
N THR F 62 -5.66 -55.11 -0.04
CA THR F 62 -6.80 -54.46 -0.70
C THR F 62 -7.60 -53.62 0.28
N TYR F 63 -7.72 -54.11 1.52
CA TYR F 63 -8.42 -53.40 2.58
C TYR F 63 -7.75 -52.07 2.88
N LYS F 64 -6.43 -52.07 2.97
CA LYS F 64 -5.69 -50.86 3.30
C LYS F 64 -5.68 -49.89 2.14
N VAL F 65 -5.62 -50.41 0.91
CA VAL F 65 -5.72 -49.53 -0.26
C VAL F 65 -7.08 -48.87 -0.29
N ARG F 66 -8.14 -49.64 -0.03
CA ARG F 66 -9.50 -49.09 -0.10
C ARG F 66 -9.76 -48.16 1.09
N TYR F 67 -9.56 -48.65 2.30
CA TYR F 67 -9.88 -47.90 3.51
C TYR F 67 -8.59 -47.42 4.15
N THR F 68 -8.16 -46.21 3.78
CA THR F 68 -7.04 -45.58 4.46
C THR F 68 -7.42 -44.17 4.88
N ASN F 69 -8.36 -43.56 4.15
CA ASN F 69 -8.87 -42.25 4.52
C ASN F 69 -10.37 -42.13 4.27
N SER F 70 -11.05 -43.21 3.91
CA SER F 70 -12.48 -43.14 3.59
C SER F 70 -13.29 -42.93 4.86
N SER F 71 -13.59 -41.68 5.16
CA SER F 71 -14.34 -41.25 6.35
C SER F 71 -13.57 -41.73 7.59
N THR F 72 -14.29 -42.06 8.66
CA THR F 72 -13.69 -42.58 9.87
C THR F 72 -14.23 -43.93 10.30
N GLU F 73 -15.35 -44.38 9.73
CA GLU F 73 -15.94 -45.68 10.08
C GLU F 73 -15.26 -46.78 9.28
N ILE F 74 -14.13 -47.23 9.81
CA ILE F 74 -13.39 -48.35 9.21
C ILE F 74 -14.19 -49.64 9.42
N PRO F 75 -14.43 -50.43 8.37
CA PRO F 75 -15.20 -51.67 8.56
C PRO F 75 -14.45 -52.68 9.40
N GLU F 76 -15.20 -53.62 9.95
CA GLU F 76 -14.62 -54.64 10.82
C GLU F 76 -13.92 -55.70 9.98
N PHE F 77 -12.62 -55.86 10.19
CA PHE F 77 -11.86 -56.87 9.46
C PHE F 77 -12.22 -58.25 9.95
N PRO F 78 -12.47 -59.22 9.07
CA PRO F 78 -12.82 -60.57 9.51
C PRO F 78 -11.56 -61.38 9.81
N ILE F 79 -11.44 -61.83 11.06
CA ILE F 79 -10.32 -62.68 11.47
C ILE F 79 -10.91 -63.92 12.12
N ALA F 80 -10.65 -65.08 11.52
CA ALA F 80 -11.09 -66.32 12.12
C ALA F 80 -10.26 -66.64 13.35
N PRO F 81 -10.87 -67.23 14.38
CA PRO F 81 -10.08 -67.63 15.56
C PRO F 81 -9.00 -68.64 15.25
N GLU F 82 -9.25 -69.57 14.32
CA GLU F 82 -8.26 -70.60 14.04
C GLU F 82 -7.07 -70.03 13.28
N ILE F 83 -7.31 -69.06 12.39
CA ILE F 83 -6.22 -68.48 11.62
C ILE F 83 -5.49 -67.41 12.42
N ALA F 84 -6.01 -67.03 13.58
CA ALA F 84 -5.29 -66.13 14.46
C ALA F 84 -4.04 -66.83 15.00
N LEU F 85 -3.11 -66.00 15.49
CA LEU F 85 -1.79 -66.39 16.00
C LEU F 85 -0.90 -66.87 14.85
N GLU F 86 -1.44 -66.92 13.64
CA GLU F 86 -0.69 -67.14 12.42
C GLU F 86 -0.64 -65.90 11.54
N LEU F 87 -1.75 -65.16 11.44
CA LEU F 87 -1.70 -63.87 10.78
C LEU F 87 -0.89 -62.87 11.58
N LEU F 88 -0.85 -63.03 12.91
CA LEU F 88 -0.06 -62.12 13.73
C LEU F 88 1.43 -62.28 13.46
N MET F 89 1.92 -63.53 13.47
CA MET F 89 3.32 -63.76 13.18
C MET F 89 3.66 -63.36 11.75
N ALA F 90 2.76 -63.62 10.82
CA ALA F 90 2.98 -63.20 9.44
C ALA F 90 3.06 -61.69 9.32
N ALA F 91 2.19 -60.98 10.03
CA ALA F 91 2.20 -59.52 9.99
C ALA F 91 3.49 -58.97 10.59
N ASN F 92 3.96 -59.58 11.66
CA ASN F 92 5.24 -59.17 12.23
C ASN F 92 6.39 -59.43 11.27
N PHE F 93 6.37 -60.59 10.61
CA PHE F 93 7.42 -60.92 9.65
C PHE F 93 7.31 -60.06 8.40
N LEU F 94 6.11 -59.64 8.04
CA LEU F 94 5.93 -58.75 6.89
C LEU F 94 6.02 -57.28 7.27
N ASP F 95 6.08 -56.96 8.57
CA ASP F 95 6.09 -55.57 9.06
C ASP F 95 4.89 -54.80 8.52
N CYS F 96 3.76 -55.49 8.42
CA CYS F 96 2.60 -54.95 7.73
C CYS F 96 1.92 -53.88 8.55
N VAL G 12 -10.51 51.65 -37.39
CA VAL G 12 -9.97 50.33 -37.14
C VAL G 12 -11.01 49.27 -37.46
N LYS G 13 -10.73 48.45 -38.47
CA LYS G 13 -11.69 47.41 -38.86
C LYS G 13 -11.69 46.23 -37.90
N LYS G 14 -10.55 45.91 -37.31
CA LYS G 14 -10.46 44.80 -36.37
C LYS G 14 -9.30 45.04 -35.44
N TRP G 15 -9.43 44.54 -34.20
CA TRP G 15 -8.47 44.84 -33.17
C TRP G 15 -8.45 43.70 -32.15
N ASN G 16 -7.26 43.39 -31.66
CA ASN G 16 -7.06 42.33 -30.69
C ASN G 16 -6.42 42.91 -29.43
N ALA G 17 -6.64 42.23 -28.31
CA ALA G 17 -6.14 42.74 -27.04
C ALA G 17 -5.97 41.59 -26.06
N VAL G 18 -5.30 41.89 -24.96
CA VAL G 18 -5.10 40.94 -23.87
C VAL G 18 -5.68 41.56 -22.60
N ALA G 19 -6.31 40.72 -21.77
CA ALA G 19 -6.95 41.17 -20.55
C ALA G 19 -6.45 40.32 -19.39
N LEU G 20 -5.76 40.96 -18.45
CA LEU G 20 -5.22 40.27 -17.29
C LEU G 20 -6.27 40.33 -16.19
N TRP G 21 -6.97 39.23 -15.95
CA TRP G 21 -8.01 39.22 -14.94
C TRP G 21 -7.47 38.73 -13.61
N ALA G 22 -7.85 39.43 -12.54
CA ALA G 22 -7.55 39.03 -11.19
C ALA G 22 -8.76 39.34 -10.32
N TRP G 23 -8.86 38.65 -9.19
CA TRP G 23 -10.01 38.79 -8.32
C TRP G 23 -10.09 40.21 -7.74
N ASP G 24 -11.31 40.64 -7.46
CA ASP G 24 -11.59 42.02 -7.11
C ASP G 24 -11.19 42.39 -5.68
N ILE G 25 -10.40 41.55 -5.00
CA ILE G 25 -9.93 41.89 -3.67
C ILE G 25 -8.99 43.07 -3.74
N VAL G 26 -9.15 44.02 -2.80
CA VAL G 26 -8.32 45.21 -2.80
C VAL G 26 -6.86 44.88 -2.47
N VAL G 27 -6.64 43.90 -1.60
CA VAL G 27 -5.28 43.49 -1.26
C VAL G 27 -4.85 42.38 -2.21
N ASP G 28 -3.57 42.39 -2.59
CA ASP G 28 -3.04 41.45 -3.57
C ASP G 28 -1.98 40.53 -3.01
N ASN G 29 -1.08 41.03 -2.16
CA ASN G 29 -0.04 40.19 -1.57
C ASN G 29 0.10 40.51 -0.10
N CYS G 30 0.52 39.51 0.66
CA CYS G 30 0.86 39.67 2.07
C CYS G 30 2.34 39.98 2.17
N ALA G 31 2.66 41.23 2.51
CA ALA G 31 4.05 41.67 2.53
C ALA G 31 4.74 41.30 3.84
N ILE G 32 4.68 40.03 4.20
CA ILE G 32 5.47 39.48 5.31
C ILE G 32 6.15 38.22 4.80
N CYS G 33 5.38 37.29 4.26
CA CYS G 33 5.90 36.11 3.61
C CYS G 33 6.07 36.30 2.10
N ARG G 34 5.63 37.45 1.57
CA ARG G 34 5.66 37.75 0.14
C ARG G 34 4.93 36.69 -0.68
N ASN G 35 3.82 36.20 -0.14
CA ASN G 35 3.00 35.22 -0.81
C ASN G 35 1.62 35.80 -1.07
N HIS G 36 0.88 35.15 -1.96
CA HIS G 36 -0.49 35.56 -2.23
C HIS G 36 -1.37 35.16 -1.04
N ILE G 37 -2.55 35.79 -0.96
CA ILE G 37 -3.40 35.49 0.19
C ILE G 37 -4.22 34.23 -0.07
N MET G 38 -4.41 33.85 -1.34
CA MET G 38 -5.24 32.70 -1.68
C MET G 38 -4.72 31.41 -1.07
N ASP G 39 -3.41 31.19 -1.16
CA ASP G 39 -2.82 29.97 -0.64
C ASP G 39 -2.45 30.12 0.84
N LEU G 40 -1.86 29.08 1.40
CA LEU G 40 -1.53 29.04 2.81
C LEU G 40 -0.38 29.97 3.14
N CYS G 41 -0.34 30.40 4.40
CA CYS G 41 0.81 31.16 4.89
C CYS G 41 1.98 30.21 5.12
N ILE G 42 3.17 30.80 5.30
CA ILE G 42 4.37 30.01 5.51
C ILE G 42 4.29 29.24 6.83
N GLU G 43 3.54 29.76 7.79
CA GLU G 43 3.32 29.04 9.04
C GLU G 43 2.58 27.74 8.79
N CYS G 44 1.55 27.77 7.94
CA CYS G 44 0.74 26.60 7.68
C CYS G 44 1.20 25.81 6.47
N GLN G 45 2.07 26.37 5.63
CA GLN G 45 2.71 25.59 4.58
C GLN G 45 3.78 24.66 5.12
N ALA G 46 4.18 24.82 6.37
CA ALA G 46 5.27 24.02 6.92
C ALA G 46 4.77 22.64 7.35
N ASN G 47 3.71 22.60 8.16
CA ASN G 47 3.19 21.36 8.70
C ASN G 47 2.12 20.73 7.81
N GLN G 48 2.11 21.06 6.52
CA GLN G 48 1.18 20.54 5.51
C GLN G 48 -0.24 20.87 5.95
N ALA G 49 -1.20 19.99 5.64
CA ALA G 49 -2.59 20.24 6.00
C ALA G 49 -2.77 20.24 7.51
N SER G 50 -2.54 19.10 8.16
CA SER G 50 -2.69 18.92 9.60
C SER G 50 -4.06 19.37 10.09
N ALA G 51 -4.10 20.39 10.94
CA ALA G 51 -5.35 20.98 11.39
C ALA G 51 -5.37 22.50 11.34
N THR G 52 -4.22 23.18 11.38
CA THR G 52 -4.21 24.64 11.42
C THR G 52 -4.30 25.27 10.03
N SER G 53 -4.20 24.48 8.97
CA SER G 53 -4.27 25.03 7.62
C SER G 53 -5.66 25.58 7.31
N GLU G 54 -6.70 25.02 7.94
CA GLU G 54 -8.06 25.43 7.64
C GLU G 54 -8.38 26.82 8.17
N GLU G 55 -7.62 27.34 9.12
CA GLU G 55 -8.02 28.61 9.73
C GLU G 55 -7.60 29.79 8.88
N CYS G 56 -6.29 30.07 8.83
CA CYS G 56 -5.63 31.10 8.03
C CYS G 56 -6.46 32.37 7.81
N THR G 57 -7.04 32.91 8.88
CA THR G 57 -7.97 34.02 8.75
C THR G 57 -7.23 35.27 8.29
N VAL G 58 -7.76 35.92 7.25
CA VAL G 58 -7.11 37.08 6.67
C VAL G 58 -7.46 38.28 7.53
N ALA G 59 -6.58 38.62 8.48
CA ALA G 59 -6.83 39.76 9.36
C ALA G 59 -6.63 41.06 8.60
N TRP G 60 -7.52 42.01 8.82
CA TRP G 60 -7.45 43.32 8.18
C TRP G 60 -6.92 44.36 9.17
N GLY G 61 -6.57 45.52 8.63
CA GLY G 61 -6.04 46.60 9.44
C GLY G 61 -6.76 47.90 9.15
N VAL G 62 -6.58 48.85 10.08
CA VAL G 62 -7.23 50.14 9.95
C VAL G 62 -6.64 50.96 8.81
N CYS G 63 -5.42 50.65 8.38
CA CYS G 63 -4.77 51.34 7.27
C CYS G 63 -4.91 50.57 5.95
N ASN G 64 -6.01 49.82 5.79
CA ASN G 64 -6.26 48.96 4.63
C ASN G 64 -5.11 47.98 4.41
N HIS G 65 -4.62 47.41 5.52
CA HIS G 65 -3.53 46.44 5.50
C HIS G 65 -4.09 45.08 5.86
N ALA G 66 -4.05 44.15 4.91
CA ALA G 66 -4.57 42.80 5.11
C ALA G 66 -3.43 41.81 4.93
N PHE G 67 -3.23 40.94 5.93
CA PHE G 67 -2.20 39.92 5.90
C PHE G 67 -2.75 38.64 6.52
N HIS G 68 -1.90 37.62 6.56
CA HIS G 68 -2.27 36.37 7.20
C HIS G 68 -2.38 36.56 8.71
N PHE G 69 -3.20 35.72 9.34
CA PHE G 69 -3.31 35.75 10.80
C PHE G 69 -1.98 35.39 11.45
N HIS G 70 -1.31 34.37 10.92
CA HIS G 70 0.00 33.99 11.46
C HIS G 70 1.03 35.08 11.25
N CYS G 71 1.03 35.69 10.05
CA CYS G 71 1.99 36.75 9.76
C CYS G 71 1.75 37.98 10.62
N ILE G 72 0.49 38.39 10.79
CA ILE G 72 0.18 39.51 11.66
C ILE G 72 0.52 39.18 13.11
N SER G 73 0.27 37.94 13.52
CA SER G 73 0.56 37.55 14.90
C SER G 73 2.05 37.66 15.19
N ARG G 74 2.89 37.09 14.32
CA ARG G 74 4.33 37.18 14.57
C ARG G 74 4.85 38.61 14.39
N TRP G 75 4.24 39.38 13.49
CA TRP G 75 4.66 40.76 13.30
C TRP G 75 4.37 41.61 14.54
N LEU G 76 3.16 41.49 15.09
CA LEU G 76 2.83 42.21 16.31
C LEU G 76 3.61 41.67 17.50
N LYS G 77 4.01 40.40 17.44
CA LYS G 77 4.94 39.88 18.43
C LYS G 77 6.29 40.60 18.34
N THR G 78 6.72 40.94 17.13
CA THR G 78 7.93 41.74 16.98
C THR G 78 7.67 43.19 17.38
N ARG G 79 6.75 43.86 16.69
CA ARG G 79 6.46 45.27 16.97
C ARG G 79 5.06 45.60 16.48
N GLN G 80 4.47 46.63 17.09
CA GLN G 80 3.13 47.07 16.69
C GLN G 80 3.18 48.16 15.61
N VAL G 81 3.93 47.89 14.55
CA VAL G 81 4.10 48.81 13.43
C VAL G 81 3.65 48.08 12.17
N CYS G 82 2.94 48.81 11.30
CA CYS G 82 2.54 48.23 10.02
C CYS G 82 3.79 47.90 9.20
N PRO G 83 3.82 46.76 8.51
CA PRO G 83 5.01 46.37 7.75
C PRO G 83 5.35 47.31 6.59
N LEU G 84 4.38 48.08 6.11
CA LEU G 84 4.60 48.97 4.97
C LEU G 84 4.92 50.40 5.42
N ASP G 85 4.06 50.99 6.24
CA ASP G 85 4.26 52.35 6.73
C ASP G 85 4.41 52.33 8.24
N ASN G 86 5.02 53.40 8.78
CA ASN G 86 5.17 53.56 10.22
C ASN G 86 3.82 53.95 10.82
N ARG G 87 2.94 52.95 10.89
CA ARG G 87 1.59 53.13 11.39
C ARG G 87 1.32 52.08 12.45
N GLU G 88 0.66 52.50 13.54
CA GLU G 88 0.35 51.58 14.63
C GLU G 88 -0.67 50.55 14.18
N TRP G 89 -0.38 49.29 14.41
CA TRP G 89 -1.22 48.21 13.93
C TRP G 89 -2.50 48.10 14.76
N GLU G 90 -3.61 47.81 14.07
CA GLU G 90 -4.89 47.57 14.73
C GLU G 90 -5.67 46.56 13.89
N PHE G 91 -6.49 45.77 14.57
CA PHE G 91 -7.34 44.81 13.88
C PHE G 91 -8.53 45.52 13.25
N GLN G 92 -9.38 44.74 12.59
CA GLN G 92 -10.57 45.27 11.95
C GLN G 92 -11.64 44.18 11.81
N MET H 1 -36.16 31.42 52.77
CA MET H 1 -36.27 30.16 53.50
C MET H 1 -35.55 29.04 52.75
N GLU H 2 -35.44 29.20 51.43
CA GLU H 2 -34.75 28.21 50.60
C GLU H 2 -33.26 28.16 50.87
N GLY H 3 -32.67 29.24 51.38
CA GLY H 3 -31.28 29.19 51.77
C GLY H 3 -31.04 28.25 52.94
N LEU H 4 -31.95 28.24 53.91
CA LEU H 4 -31.88 27.28 55.00
C LEU H 4 -32.05 25.85 54.49
N ALA H 5 -32.93 25.66 53.48
CA ALA H 5 -33.08 24.35 52.87
C ALA H 5 -31.80 23.89 52.18
N GLY H 6 -31.13 24.80 51.49
CA GLY H 6 -29.84 24.46 50.89
C GLY H 6 -28.78 24.16 51.93
N TYR H 7 -28.77 24.89 53.04
CA TYR H 7 -27.86 24.60 54.14
C TYR H 7 -28.11 23.21 54.71
N VAL H 8 -29.40 22.85 54.89
CA VAL H 8 -29.77 21.53 55.39
C VAL H 8 -29.33 20.45 54.41
N TYR H 9 -29.56 20.67 53.12
CA TYR H 9 -29.18 19.68 52.11
C TYR H 9 -27.68 19.47 52.07
N LYS H 10 -26.91 20.57 52.11
CA LYS H 10 -25.46 20.47 52.08
C LYS H 10 -24.92 19.78 53.34
N ALA H 11 -25.50 20.11 54.51
CA ALA H 11 -25.07 19.47 55.75
C ALA H 11 -25.39 17.97 55.74
N ALA H 12 -26.55 17.60 55.20
CA ALA H 12 -26.91 16.19 55.15
C ALA H 12 -26.06 15.43 54.13
N SER H 13 -25.70 16.07 53.02
CA SER H 13 -24.89 15.42 52.00
C SER H 13 -23.42 15.34 52.38
N GLU H 14 -22.92 16.28 53.18
CA GLU H 14 -21.50 16.35 53.49
C GLU H 14 -21.13 15.57 54.75
N GLY H 15 -22.09 14.94 55.41
CA GLY H 15 -21.80 14.11 56.56
C GLY H 15 -21.71 14.85 57.88
N LYS H 16 -21.88 16.17 57.89
CA LYS H 16 -21.83 16.96 59.13
C LYS H 16 -23.19 16.86 59.81
N VAL H 17 -23.38 15.74 60.52
CA VAL H 17 -24.67 15.47 61.17
C VAL H 17 -24.90 16.42 62.35
N LEU H 18 -23.84 16.78 63.09
CA LEU H 18 -23.99 17.70 64.22
C LEU H 18 -24.42 19.08 63.76
N THR H 19 -23.82 19.58 62.68
CA THR H 19 -24.24 20.88 62.14
C THR H 19 -25.66 20.81 61.59
N LEU H 20 -26.03 19.67 61.01
CA LEU H 20 -27.40 19.49 60.54
C LEU H 20 -28.40 19.54 61.69
N ALA H 21 -28.09 18.87 62.79
CA ALA H 21 -28.97 18.89 63.95
C ALA H 21 -29.04 20.27 64.57
N ALA H 22 -27.91 20.99 64.57
CA ALA H 22 -27.92 22.36 65.07
C ALA H 22 -28.78 23.27 64.19
N LEU H 23 -28.71 23.09 62.86
CA LEU H 23 -29.53 23.89 61.96
C LEU H 23 -31.01 23.55 62.11
N LEU H 24 -31.32 22.27 62.30
CA LEU H 24 -32.70 21.84 62.49
C LEU H 24 -33.19 22.01 63.92
N LEU H 25 -32.33 22.45 64.83
CA LEU H 25 -32.72 22.64 66.22
C LEU H 25 -33.64 23.84 66.36
N ASN H 26 -34.52 23.76 67.36
CA ASN H 26 -35.52 24.78 67.74
C ASN H 26 -36.23 25.38 66.52
N ARG H 27 -36.75 24.50 65.67
CA ARG H 27 -37.55 24.89 64.52
C ARG H 27 -38.96 24.35 64.67
N SER H 28 -39.90 25.02 63.99
CA SER H 28 -41.30 24.64 64.03
C SER H 28 -41.54 23.39 63.18
N GLU H 29 -42.73 22.83 63.33
CA GLU H 29 -43.08 21.61 62.60
C GLU H 29 -43.16 21.87 61.10
N SER H 30 -43.78 22.98 60.69
CA SER H 30 -43.82 23.32 59.28
C SER H 30 -42.42 23.59 58.74
N ASP H 31 -41.56 24.22 59.55
CA ASP H 31 -40.19 24.48 59.13
C ASP H 31 -39.43 23.19 58.90
N ILE H 32 -39.53 22.22 59.81
CA ILE H 32 -38.77 21.00 59.63
C ILE H 32 -39.40 20.11 58.55
N ARG H 33 -40.70 20.25 58.29
CA ARG H 33 -41.30 19.53 57.17
C ARG H 33 -40.85 20.11 55.84
N TYR H 34 -40.71 21.44 55.76
CA TYR H 34 -40.23 22.05 54.53
C TYR H 34 -38.75 21.81 54.30
N LEU H 35 -37.96 21.85 55.38
CA LEU H 35 -36.51 21.69 55.24
C LEU H 35 -36.15 20.25 54.83
N LEU H 36 -36.80 19.26 55.44
CA LEU H 36 -36.54 17.87 55.10
C LEU H 36 -37.30 17.40 53.86
N GLY H 37 -38.30 18.15 53.42
CA GLY H 37 -39.05 17.83 52.23
C GLY H 37 -38.63 18.59 50.99
N TYR H 38 -37.69 19.52 51.10
CA TYR H 38 -37.22 20.28 49.95
C TYR H 38 -36.34 19.40 49.07
N VAL H 39 -36.59 19.45 47.77
CA VAL H 39 -35.79 18.69 46.81
C VAL H 39 -34.92 19.65 46.00
N SER H 40 -33.70 19.86 46.47
CA SER H 40 -32.79 20.78 45.80
C SER H 40 -32.07 20.08 44.65
N GLN H 41 -31.50 20.89 43.76
CA GLN H 41 -30.84 20.40 42.56
C GLN H 41 -29.37 20.75 42.61
N GLN H 42 -28.53 19.75 42.84
CA GLN H 42 -27.07 19.91 42.74
C GLN H 42 -26.60 19.50 41.34
N GLY H 43 -27.15 20.20 40.35
CA GLY H 43 -26.95 19.86 38.96
C GLY H 43 -28.21 19.32 38.33
N GLY H 44 -28.20 18.04 37.96
CA GLY H 44 -29.37 17.36 37.47
C GLY H 44 -30.04 16.43 38.46
N GLN H 45 -29.64 16.47 39.73
CA GLN H 45 -30.12 15.53 40.74
C GLN H 45 -31.21 16.21 41.57
N ARG H 46 -32.44 15.73 41.41
CA ARG H 46 -33.56 16.17 42.25
C ARG H 46 -33.72 15.14 43.36
N SER H 47 -33.30 15.52 44.57
CA SER H 47 -33.34 14.59 45.69
C SER H 47 -33.52 15.35 46.99
N THR H 48 -34.27 14.73 47.92
CA THR H 48 -34.37 15.24 49.27
C THR H 48 -33.07 14.95 50.01
N PRO H 49 -32.78 15.69 51.10
CA PRO H 49 -31.58 15.38 51.88
C PRO H 49 -31.51 13.95 52.40
N LEU H 50 -32.65 13.33 52.71
CA LEU H 50 -32.64 11.94 53.15
C LEU H 50 -32.15 11.02 52.05
N ILE H 51 -32.57 11.28 50.80
CA ILE H 51 -32.19 10.41 49.68
C ILE H 51 -30.70 10.47 49.43
N ILE H 52 -30.12 11.68 49.39
CA ILE H 52 -28.69 11.79 49.15
C ILE H 52 -27.90 11.27 50.36
N ALA H 53 -28.44 11.45 51.57
CA ALA H 53 -27.77 10.93 52.77
C ALA H 53 -27.72 9.39 52.74
N ALA H 54 -28.80 8.76 52.29
CA ALA H 54 -28.78 7.31 52.09
C ALA H 54 -27.89 6.92 50.92
N ARG H 55 -27.73 7.81 49.94
CA ARG H 55 -26.93 7.51 48.77
C ARG H 55 -25.44 7.48 49.10
N ASN H 56 -24.94 8.48 49.83
CA ASN H 56 -23.51 8.56 50.10
C ASN H 56 -23.08 7.81 51.35
N GLY H 57 -24.01 7.20 52.08
CA GLY H 57 -23.67 6.38 53.23
C GLY H 57 -23.65 7.10 54.56
N HIS H 58 -24.22 8.30 54.65
CA HIS H 58 -24.28 9.03 55.92
C HIS H 58 -25.38 8.41 56.77
N ALA H 59 -25.02 7.32 57.46
CA ALA H 59 -25.97 6.59 58.29
C ALA H 59 -26.38 7.41 59.52
N LYS H 60 -25.48 8.23 60.05
CA LYS H 60 -25.83 9.09 61.18
C LYS H 60 -26.90 10.10 60.80
N VAL H 61 -26.79 10.66 59.59
CA VAL H 61 -27.80 11.61 59.12
C VAL H 61 -29.15 10.94 58.97
N VAL H 62 -29.16 9.73 58.39
CA VAL H 62 -30.40 8.98 58.21
C VAL H 62 -31.03 8.63 59.55
N ARG H 63 -30.21 8.20 60.52
CA ARG H 63 -30.72 7.86 61.84
C ARG H 63 -31.27 9.09 62.54
N LEU H 64 -30.59 10.23 62.43
CA LEU H 64 -31.08 11.46 63.03
C LEU H 64 -32.41 11.90 62.40
N LEU H 65 -32.53 11.77 61.08
CA LEU H 65 -33.76 12.18 60.41
C LEU H 65 -34.91 11.23 60.70
N LEU H 66 -34.62 9.94 60.90
CA LEU H 66 -35.67 8.94 61.06
C LEU H 66 -36.13 8.78 62.51
N GLU H 67 -35.19 8.59 63.43
CA GLU H 67 -35.56 8.34 64.83
C GLU H 67 -36.17 9.58 65.48
N HIS H 68 -35.64 10.76 65.19
CA HIS H 68 -36.01 11.97 65.90
C HIS H 68 -37.02 12.83 65.13
N TYR H 69 -36.70 13.19 63.89
CA TYR H 69 -37.53 14.12 63.13
C TYR H 69 -38.67 13.46 62.39
N ARG H 70 -38.75 12.12 62.41
CA ARG H 70 -39.89 11.37 61.88
C ARG H 70 -40.14 11.66 60.40
N VAL H 71 -39.07 11.68 59.61
CA VAL H 71 -39.18 11.93 58.18
C VAL H 71 -39.69 10.66 57.49
N GLN H 72 -40.44 10.84 56.41
CA GLN H 72 -41.00 9.72 55.68
C GLN H 72 -39.94 9.04 54.83
N THR H 73 -40.10 7.73 54.64
CA THR H 73 -39.17 6.92 53.85
C THR H 73 -39.61 6.78 52.41
N GLN H 74 -40.75 7.34 52.02
CA GLN H 74 -41.31 7.16 50.69
C GLN H 74 -41.03 8.34 49.77
N GLN H 75 -40.08 9.19 50.14
CA GLN H 75 -39.69 10.30 49.28
C GLN H 75 -39.01 9.79 48.02
N THR H 76 -39.38 10.37 46.88
CA THR H 76 -38.86 9.96 45.58
C THR H 76 -38.17 11.14 44.90
N GLY H 77 -37.27 10.81 43.98
CA GLY H 77 -36.56 11.83 43.25
C GLY H 77 -35.57 11.22 42.28
N THR H 78 -34.82 12.09 41.61
CA THR H 78 -33.85 11.68 40.61
C THR H 78 -32.47 11.59 41.26
N VAL H 79 -31.73 10.54 40.92
CA VAL H 79 -30.40 10.32 41.49
C VAL H 79 -29.41 10.06 40.35
N ARG H 80 -28.16 10.43 40.61
CA ARG H 80 -27.07 10.28 39.64
C ARG H 80 -26.36 8.97 39.91
N PHE H 81 -26.75 7.92 39.18
CA PHE H 81 -26.14 6.60 39.31
C PHE H 81 -25.48 6.21 38.00
N ASP H 82 -24.19 5.84 38.08
CA ASP H 82 -23.40 5.45 36.92
C ASP H 82 -23.35 6.55 35.86
N GLY H 83 -23.28 7.80 36.31
CA GLY H 83 -23.14 8.94 35.44
C GLY H 83 -24.44 9.52 34.93
N TYR H 84 -25.46 8.69 34.73
CA TYR H 84 -26.75 9.11 34.22
C TYR H 84 -27.79 9.16 35.34
N VAL H 85 -28.82 9.97 35.11
CA VAL H 85 -29.81 10.30 36.13
C VAL H 85 -31.15 9.72 35.71
N ILE H 86 -31.78 8.95 36.59
CA ILE H 86 -33.10 8.36 36.35
C ILE H 86 -33.96 8.59 37.58
N ASP H 87 -35.20 9.02 37.35
CA ASP H 87 -36.16 9.27 38.42
C ASP H 87 -36.69 7.96 39.00
N GLY H 88 -37.34 8.08 40.15
CA GLY H 88 -38.06 6.97 40.74
C GLY H 88 -37.35 6.19 41.82
N ALA H 89 -36.18 6.67 42.28
CA ALA H 89 -35.40 5.94 43.26
C ALA H 89 -35.61 6.54 44.65
N THR H 90 -35.97 5.69 45.60
CA THR H 90 -36.15 6.09 46.99
C THR H 90 -34.80 6.06 47.71
N ALA H 91 -34.82 6.50 48.97
CA ALA H 91 -33.62 6.43 49.80
C ALA H 91 -33.21 4.99 50.06
N LEU H 92 -34.20 4.10 50.24
CA LEU H 92 -33.90 2.68 50.42
C LEU H 92 -33.25 2.10 49.18
N TRP H 93 -33.72 2.49 48.00
CA TRP H 93 -33.12 2.03 46.75
C TRP H 93 -31.67 2.49 46.64
N CYS H 94 -31.40 3.75 46.98
CA CYS H 94 -30.04 4.27 46.91
C CYS H 94 -29.13 3.57 47.91
N ALA H 95 -29.63 3.32 49.12
CA ALA H 95 -28.84 2.62 50.12
C ALA H 95 -28.56 1.18 49.70
N ALA H 96 -29.52 0.54 49.04
CA ALA H 96 -29.30 -0.83 48.56
C ALA H 96 -28.30 -0.86 47.41
N GLY H 97 -28.46 0.03 46.43
CA GLY H 97 -27.60 0.02 45.27
C GLY H 97 -26.21 0.55 45.50
N ALA H 98 -26.02 1.38 46.54
CA ALA H 98 -24.71 1.92 46.86
C ALA H 98 -23.96 1.08 47.87
N GLY H 99 -24.51 -0.05 48.30
CA GLY H 99 -23.81 -0.92 49.23
C GLY H 99 -23.78 -0.46 50.67
N HIS H 100 -24.70 0.42 51.07
CA HIS H 100 -24.75 0.90 52.45
C HIS H 100 -25.70 0.00 53.23
N PHE H 101 -25.14 -1.05 53.84
CA PHE H 101 -25.94 -2.02 54.56
C PHE H 101 -26.55 -1.42 55.83
N GLU H 102 -25.79 -0.56 56.52
CA GLU H 102 -26.30 0.06 57.74
C GLU H 102 -27.49 0.97 57.44
N VAL H 103 -27.41 1.74 56.35
CA VAL H 103 -28.52 2.59 55.95
C VAL H 103 -29.71 1.76 55.50
N VAL H 104 -29.45 0.62 54.85
CA VAL H 104 -30.53 -0.30 54.47
C VAL H 104 -31.27 -0.80 55.70
N LYS H 105 -30.51 -1.21 56.73
CA LYS H 105 -31.13 -1.68 57.97
C LYS H 105 -31.88 -0.56 58.67
N LEU H 106 -31.31 0.65 58.68
CA LEU H 106 -31.97 1.79 59.32
C LEU H 106 -33.29 2.12 58.63
N LEU H 107 -33.31 2.08 57.30
CA LEU H 107 -34.53 2.40 56.57
C LEU H 107 -35.58 1.31 56.70
N VAL H 108 -35.16 0.04 56.58
CA VAL H 108 -36.10 -1.07 56.66
C VAL H 108 -36.70 -1.17 58.06
N SER H 109 -35.85 -1.03 59.10
CA SER H 109 -36.33 -1.09 60.48
C SER H 109 -37.26 0.08 60.82
N HIS H 110 -37.16 1.19 60.09
CA HIS H 110 -38.04 2.33 60.31
C HIS H 110 -39.28 2.29 59.43
N GLY H 111 -39.43 1.28 58.58
CA GLY H 111 -40.65 1.11 57.81
C GLY H 111 -40.58 1.62 56.39
N ALA H 112 -39.45 1.44 55.72
CA ALA H 112 -39.34 1.82 54.32
C ALA H 112 -40.01 0.79 53.43
N ASN H 113 -40.47 1.23 52.27
CA ASN H 113 -41.13 0.37 51.31
C ASN H 113 -40.09 -0.51 50.63
N VAL H 114 -40.01 -1.78 51.03
CA VAL H 114 -39.04 -2.69 50.45
C VAL H 114 -39.40 -3.00 49.00
N ASN H 115 -40.69 -3.13 48.70
CA ASN H 115 -41.17 -3.44 47.36
C ASN H 115 -41.60 -2.20 46.60
N HIS H 116 -40.91 -1.08 46.81
CA HIS H 116 -41.18 0.13 46.05
C HIS H 116 -40.82 -0.07 44.59
N THR H 117 -41.69 0.42 43.70
CA THR H 117 -41.51 0.27 42.27
C THR H 117 -41.01 1.58 41.68
N THR H 118 -39.86 1.52 41.01
CA THR H 118 -39.34 2.65 40.25
C THR H 118 -40.19 2.86 39.00
N VAL H 119 -40.03 4.01 38.35
CA VAL H 119 -40.69 4.25 37.07
C VAL H 119 -40.20 3.25 36.02
N THR H 120 -39.00 2.72 36.19
CA THR H 120 -38.50 1.61 35.40
C THR H 120 -38.73 0.27 36.08
N ASN H 121 -39.51 0.26 37.17
CA ASN H 121 -39.86 -0.95 37.93
C ASN H 121 -38.61 -1.64 38.48
N SER H 122 -37.76 -0.85 39.13
CA SER H 122 -36.53 -1.34 39.74
C SER H 122 -36.71 -1.40 41.26
N THR H 123 -36.78 -2.60 41.79
CA THR H 123 -36.87 -2.79 43.23
C THR H 123 -35.50 -2.58 43.87
N PRO H 124 -35.46 -2.20 45.15
CA PRO H 124 -34.17 -2.17 45.86
C PRO H 124 -33.49 -3.53 45.93
N LEU H 125 -34.26 -4.62 45.91
CA LEU H 125 -33.67 -5.94 45.77
C LEU H 125 -32.93 -6.07 44.45
N ARG H 126 -33.52 -5.54 43.37
CA ARG H 126 -32.83 -5.55 42.08
C ARG H 126 -31.59 -4.67 42.11
N ALA H 127 -31.64 -3.56 42.85
CA ALA H 127 -30.46 -2.71 43.01
C ALA H 127 -29.34 -3.45 43.73
N ALA H 128 -29.66 -4.18 44.79
CA ALA H 128 -28.64 -4.95 45.50
C ALA H 128 -28.13 -6.11 44.67
N CYS H 129 -28.99 -6.72 43.85
CA CYS H 129 -28.55 -7.76 42.93
C CYS H 129 -27.59 -7.21 41.89
N PHE H 130 -27.88 -6.01 41.38
CA PHE H 130 -26.96 -5.35 40.46
C PHE H 130 -25.64 -5.02 41.13
N ASP H 131 -25.69 -4.53 42.37
CA ASP H 131 -24.47 -4.26 43.12
C ASP H 131 -23.81 -5.55 43.60
N GLY H 132 -24.56 -6.64 43.72
CA GLY H 132 -23.99 -7.91 44.12
C GLY H 132 -23.81 -8.10 45.61
N ARG H 133 -24.33 -7.19 46.43
CA ARG H 133 -24.22 -7.31 47.88
C ARG H 133 -25.11 -8.45 48.36
N LEU H 134 -24.49 -9.60 48.65
CA LEU H 134 -25.26 -10.77 49.06
C LEU H 134 -25.94 -10.56 50.41
N ASP H 135 -25.25 -9.92 51.35
CA ASP H 135 -25.83 -9.69 52.67
C ASP H 135 -27.03 -8.74 52.60
N ILE H 136 -26.93 -7.70 51.77
CA ILE H 136 -28.06 -6.78 51.60
C ILE H 136 -29.23 -7.50 50.94
N VAL H 137 -28.94 -8.40 49.99
CA VAL H 137 -29.99 -9.19 49.35
C VAL H 137 -30.68 -10.09 50.38
N LYS H 138 -29.89 -10.75 51.23
CA LYS H 138 -30.46 -11.61 52.27
C LYS H 138 -31.33 -10.80 53.23
N TYR H 139 -30.86 -9.63 53.65
CA TYR H 139 -31.63 -8.79 54.55
C TYR H 139 -32.91 -8.29 53.90
N LEU H 140 -32.85 -7.94 52.61
CA LEU H 140 -34.03 -7.42 51.92
C LEU H 140 -35.08 -8.51 51.72
N VAL H 141 -34.67 -9.68 51.23
CA VAL H 141 -35.63 -10.76 51.00
C VAL H 141 -36.18 -11.27 52.32
N GLU H 142 -35.35 -11.32 53.36
CA GLU H 142 -35.82 -11.67 54.69
C GLU H 142 -36.77 -10.63 55.28
N ASN H 143 -36.82 -9.43 54.70
CA ASN H 143 -37.76 -8.39 55.09
C ASN H 143 -38.88 -8.24 54.05
N ASN H 144 -39.32 -9.37 53.48
CA ASN H 144 -40.46 -9.47 52.56
C ASN H 144 -40.22 -8.63 51.30
N ALA H 145 -39.21 -9.04 50.54
CA ALA H 145 -38.95 -8.52 49.20
C ALA H 145 -39.38 -9.54 48.17
N ASN H 146 -40.14 -9.10 47.17
CA ASN H 146 -40.66 -10.00 46.14
C ASN H 146 -39.62 -10.19 45.05
N ILE H 147 -39.23 -11.44 44.81
CA ILE H 147 -38.28 -11.75 43.75
C ILE H 147 -38.91 -11.61 42.37
N SER H 148 -40.18 -11.98 42.24
CA SER H 148 -40.83 -12.09 40.94
C SER H 148 -41.09 -10.75 40.26
N ILE H 149 -40.89 -9.63 40.96
CA ILE H 149 -41.15 -8.32 40.38
C ILE H 149 -40.04 -8.02 39.37
N ALA H 150 -40.41 -7.93 38.10
CA ALA H 150 -39.47 -7.63 37.02
C ALA H 150 -39.50 -6.13 36.73
N ASN H 151 -38.71 -5.74 35.73
CA ASN H 151 -38.64 -4.34 35.33
C ASN H 151 -39.64 -4.08 34.20
N LYS H 152 -39.52 -2.93 33.54
CA LYS H 152 -40.35 -2.63 32.38
C LYS H 152 -40.10 -3.62 31.24
N TYR H 153 -38.83 -3.97 31.02
CA TYR H 153 -38.45 -4.92 29.97
C TYR H 153 -38.48 -6.36 30.44
N ASP H 154 -39.16 -6.65 31.56
CA ASP H 154 -39.26 -7.99 32.12
C ASP H 154 -37.90 -8.61 32.39
N ASN H 155 -37.00 -7.82 32.98
CA ASN H 155 -35.69 -8.30 33.43
C ASN H 155 -35.77 -8.47 34.94
N THR H 156 -35.89 -9.71 35.39
CA THR H 156 -35.98 -9.99 36.81
C THR H 156 -34.61 -9.83 37.46
N CYS H 157 -34.58 -9.94 38.79
CA CYS H 157 -33.31 -9.93 39.50
C CYS H 157 -32.47 -11.14 39.15
N LEU H 158 -33.12 -12.27 38.88
CA LEU H 158 -32.41 -13.48 38.45
C LEU H 158 -31.68 -13.25 37.13
N MET H 159 -32.33 -12.56 36.19
CA MET H 159 -31.73 -12.34 34.88
C MET H 159 -30.49 -11.46 34.95
N ILE H 160 -30.60 -10.33 35.67
CA ILE H 160 -29.45 -9.43 35.79
C ILE H 160 -28.36 -10.08 36.62
N ALA H 161 -28.73 -10.85 37.65
CA ALA H 161 -27.73 -11.54 38.46
C ALA H 161 -26.99 -12.59 37.64
N ALA H 162 -27.69 -13.26 36.72
CA ALA H 162 -27.03 -14.17 35.80
C ALA H 162 -26.12 -13.40 34.84
N TYR H 163 -26.57 -12.23 34.37
CA TYR H 163 -25.73 -11.41 33.51
C TYR H 163 -24.51 -10.90 34.25
N LYS H 164 -24.68 -10.47 35.50
CA LYS H 164 -23.55 -9.99 36.28
C LYS H 164 -22.73 -11.16 36.80
N GLY H 165 -21.53 -10.85 37.26
CA GLY H 165 -20.61 -11.86 37.75
C GLY H 165 -20.85 -12.34 39.16
N HIS H 166 -21.85 -11.77 39.85
CA HIS H 166 -22.13 -12.13 41.24
C HIS H 166 -22.88 -13.45 41.25
N THR H 167 -22.12 -14.54 41.32
CA THR H 167 -22.73 -15.87 41.37
C THR H 167 -23.38 -16.16 42.71
N ASP H 168 -22.94 -15.51 43.79
CA ASP H 168 -23.55 -15.71 45.10
C ASP H 168 -25.00 -15.23 45.10
N VAL H 169 -25.27 -14.09 44.48
CA VAL H 169 -26.61 -13.52 44.49
C VAL H 169 -27.58 -14.42 43.72
N VAL H 170 -27.18 -14.85 42.52
CA VAL H 170 -28.07 -15.69 41.71
C VAL H 170 -28.22 -17.07 42.34
N ARG H 171 -27.14 -17.59 42.96
CA ARG H 171 -27.25 -18.89 43.62
C ARG H 171 -28.19 -18.80 44.83
N TYR H 172 -28.16 -17.68 45.55
CA TYR H 172 -29.09 -17.48 46.66
C TYR H 172 -30.52 -17.33 46.15
N LEU H 173 -30.70 -16.63 45.03
CA LEU H 173 -32.03 -16.46 44.46
C LEU H 173 -32.62 -17.80 44.02
N LEU H 174 -31.82 -18.63 43.35
CA LEU H 174 -32.35 -19.92 42.92
C LEU H 174 -32.53 -20.88 44.10
N GLU H 175 -31.68 -20.77 45.13
CA GLU H 175 -31.90 -21.55 46.35
C GLU H 175 -33.14 -21.10 47.10
N GLN H 176 -33.58 -19.86 46.91
CA GLN H 176 -34.80 -19.35 47.52
C GLN H 176 -36.04 -19.68 46.71
N ARG H 177 -35.96 -20.69 45.84
CA ARG H 177 -37.08 -21.18 45.02
C ARG H 177 -37.62 -20.06 44.11
N ALA H 178 -36.76 -19.62 43.20
CA ALA H 178 -37.15 -18.63 42.20
C ALA H 178 -37.74 -19.35 40.98
N ASP H 179 -38.03 -18.57 39.94
CA ASP H 179 -38.57 -19.13 38.71
C ASP H 179 -37.43 -19.49 37.75
N PRO H 180 -37.28 -20.76 37.37
CA PRO H 180 -36.20 -21.13 36.45
C PRO H 180 -36.51 -20.75 35.00
N ASN H 181 -37.77 -20.87 34.61
CA ASN H 181 -38.20 -20.52 33.25
C ASN H 181 -38.75 -19.10 33.18
N ALA H 182 -37.95 -18.14 33.60
CA ALA H 182 -38.38 -16.74 33.63
C ALA H 182 -38.21 -16.13 32.24
N LYS H 183 -39.31 -16.01 31.50
CA LYS H 183 -39.27 -15.40 30.19
C LYS H 183 -39.08 -13.89 30.31
N ALA H 184 -38.31 -13.32 29.39
CA ALA H 184 -38.11 -11.88 29.32
C ALA H 184 -38.88 -11.32 28.14
N HIS H 185 -38.82 -9.99 28.00
CA HIS H 185 -39.45 -9.34 26.86
C HIS H 185 -38.78 -9.75 25.55
N CYS H 186 -37.46 -9.89 25.56
CA CYS H 186 -36.71 -10.31 24.38
C CYS H 186 -36.65 -11.82 24.22
N GLY H 187 -37.25 -12.58 25.15
CA GLY H 187 -37.26 -14.02 25.06
C GLY H 187 -36.12 -14.73 25.75
N ALA H 188 -35.17 -13.99 26.32
CA ALA H 188 -34.04 -14.61 27.01
C ALA H 188 -34.50 -15.16 28.36
N THR H 189 -34.49 -16.48 28.51
CA THR H 189 -35.02 -17.13 29.70
C THR H 189 -33.93 -17.38 30.74
N ALA H 190 -33.26 -16.28 31.11
CA ALA H 190 -32.33 -16.22 32.23
C ALA H 190 -31.08 -17.08 32.05
N LEU H 191 -31.00 -17.81 30.94
CA LEU H 191 -29.80 -18.57 30.61
C LEU H 191 -28.91 -17.84 29.62
N HIS H 192 -29.49 -16.98 28.79
CA HIS H 192 -28.69 -16.24 27.82
C HIS H 192 -27.86 -15.15 28.50
N PHE H 193 -28.42 -14.55 29.55
CA PHE H 193 -27.67 -13.53 30.29
C PHE H 193 -26.43 -14.13 30.95
N ALA H 194 -26.56 -15.34 31.51
CA ALA H 194 -25.39 -16.03 32.02
C ALA H 194 -24.48 -16.49 30.90
N ALA H 195 -25.06 -17.04 29.84
CA ALA H 195 -24.29 -17.51 28.68
C ALA H 195 -24.17 -16.42 27.63
N GLU H 196 -23.83 -15.22 28.08
CA GLU H 196 -23.40 -14.15 27.19
C GLU H 196 -22.11 -13.55 27.72
N ALA H 197 -21.94 -13.59 29.05
CA ALA H 197 -20.77 -13.05 29.70
C ALA H 197 -19.78 -14.14 30.11
N GLY H 198 -20.02 -15.38 29.70
CA GLY H 198 -19.10 -16.46 30.00
C GLY H 198 -18.97 -16.81 31.47
N HIS H 199 -20.08 -16.80 32.19
CA HIS H 199 -20.08 -17.17 33.61
C HIS H 199 -20.44 -18.65 33.70
N ILE H 200 -19.41 -19.49 33.77
CA ILE H 200 -19.61 -20.94 33.74
C ILE H 200 -20.31 -21.42 35.01
N ASP H 201 -20.00 -20.81 36.15
CA ASP H 201 -20.55 -21.28 37.42
C ASP H 201 -22.04 -20.96 37.53
N ILE H 202 -22.46 -19.81 37.00
CA ILE H 202 -23.88 -19.46 37.04
C ILE H 202 -24.69 -20.40 36.16
N VAL H 203 -24.17 -20.72 34.97
CA VAL H 203 -24.84 -21.68 34.10
C VAL H 203 -24.89 -23.05 34.78
N LYS H 204 -23.81 -23.43 35.47
CA LYS H 204 -23.81 -24.67 36.23
C LYS H 204 -24.89 -24.68 37.31
N GLU H 205 -25.05 -23.56 38.01
CA GLU H 205 -26.06 -23.45 39.05
C GLU H 205 -27.46 -23.54 38.49
N LEU H 206 -27.72 -22.88 37.36
CA LEU H 206 -29.05 -22.95 36.76
C LEU H 206 -29.35 -24.34 36.20
N ILE H 207 -28.36 -25.01 35.61
CA ILE H 207 -28.56 -26.36 35.14
C ILE H 207 -28.79 -27.31 36.31
N LYS H 208 -28.12 -27.07 37.43
CA LYS H 208 -28.42 -27.80 38.67
C LYS H 208 -29.86 -27.58 39.09
N TRP H 209 -30.36 -26.36 38.95
CA TRP H 209 -31.75 -26.05 39.23
C TRP H 209 -32.67 -26.35 38.06
N ARG H 210 -32.12 -26.83 36.94
CA ARG H 210 -32.87 -27.24 35.76
C ARG H 210 -33.70 -26.08 35.19
N ALA H 211 -32.97 -25.08 34.71
CA ALA H 211 -33.60 -23.89 34.14
C ALA H 211 -34.27 -24.17 32.79
N ALA H 212 -33.93 -25.28 32.15
CA ALA H 212 -34.48 -25.75 30.87
C ALA H 212 -34.08 -24.86 29.70
N ILE H 213 -33.98 -25.45 28.51
CA ILE H 213 -33.51 -24.76 27.31
C ILE H 213 -34.70 -24.51 26.40
N VAL H 214 -34.87 -23.26 25.98
CA VAL H 214 -35.94 -22.88 25.07
C VAL H 214 -35.43 -21.78 24.14
N VAL H 215 -35.90 -21.81 22.90
CA VAL H 215 -35.50 -20.83 21.90
C VAL H 215 -36.03 -19.46 22.27
N ASN H 216 -35.18 -18.44 22.20
CA ASN H 216 -35.57 -17.08 22.52
C ASN H 216 -36.25 -16.43 21.32
N GLY H 217 -36.45 -15.12 21.38
CA GLY H 217 -37.16 -14.42 20.32
C GLY H 217 -36.39 -14.38 19.01
N HIS H 218 -35.06 -14.30 19.08
CA HIS H 218 -34.25 -14.16 17.89
C HIS H 218 -33.99 -15.49 17.18
N GLY H 219 -34.72 -16.55 17.53
CA GLY H 219 -34.44 -17.86 16.95
C GLY H 219 -33.11 -18.45 17.37
N MET H 220 -32.74 -18.28 18.63
CA MET H 220 -31.47 -18.76 19.15
C MET H 220 -31.68 -19.49 20.47
N THR H 221 -31.01 -20.62 20.62
CA THR H 221 -30.93 -21.30 21.90
C THR H 221 -29.94 -20.59 22.80
N PRO H 222 -29.98 -20.83 24.11
CA PRO H 222 -28.90 -20.33 24.97
C PRO H 222 -27.54 -20.86 24.56
N LEU H 223 -27.49 -22.08 24.03
CA LEU H 223 -26.26 -22.61 23.45
C LEU H 223 -25.84 -21.76 22.24
N LYS H 224 -26.80 -21.32 21.43
CA LYS H 224 -26.47 -20.49 20.28
C LYS H 224 -25.86 -19.17 20.71
N VAL H 225 -26.43 -18.54 21.75
CA VAL H 225 -25.88 -17.29 22.26
C VAL H 225 -24.49 -17.53 22.84
N ALA H 226 -24.30 -18.64 23.55
CA ALA H 226 -23.00 -18.96 24.11
C ALA H 226 -21.96 -19.16 23.01
N ALA H 227 -22.36 -19.78 21.91
CA ALA H 227 -21.44 -19.92 20.79
C ALA H 227 -21.18 -18.59 20.11
N GLU H 228 -22.19 -17.73 20.05
CA GLU H 228 -22.01 -16.42 19.43
C GLU H 228 -21.02 -15.56 20.21
N SER H 229 -21.09 -15.58 21.53
CA SER H 229 -20.22 -14.74 22.35
C SER H 229 -18.82 -15.33 22.53
N CYS H 230 -18.44 -16.30 21.72
CA CYS H 230 -17.13 -16.96 21.71
C CYS H 230 -16.83 -17.75 22.97
N LYS H 231 -17.78 -17.82 23.91
CA LYS H 231 -17.51 -18.43 25.21
C LYS H 231 -17.63 -19.94 25.05
N ALA H 232 -16.49 -20.62 24.98
CA ALA H 232 -16.46 -22.04 24.66
C ALA H 232 -16.88 -22.92 25.82
N ASP H 233 -16.53 -22.54 27.05
CA ASP H 233 -16.77 -23.41 28.20
C ASP H 233 -18.26 -23.60 28.46
N VAL H 234 -19.05 -22.53 28.36
CA VAL H 234 -20.49 -22.68 28.53
C VAL H 234 -21.08 -23.46 27.36
N VAL H 235 -20.47 -23.37 26.17
CA VAL H 235 -20.89 -24.19 25.04
C VAL H 235 -20.70 -25.66 25.36
N GLU H 236 -19.55 -26.00 25.93
CA GLU H 236 -19.30 -27.37 26.36
C GLU H 236 -20.31 -27.83 27.40
N LEU H 237 -20.56 -26.99 28.41
CA LEU H 237 -21.48 -27.37 29.47
C LEU H 237 -22.89 -27.58 28.94
N LEU H 238 -23.32 -26.74 28.00
CA LEU H 238 -24.64 -26.92 27.40
C LEU H 238 -24.68 -28.12 26.47
N LEU H 239 -23.56 -28.48 25.86
CA LEU H 239 -23.51 -29.69 25.07
C LEU H 239 -23.55 -30.93 25.94
N SER H 240 -23.07 -30.86 27.17
CA SER H 240 -23.10 -31.98 28.10
C SER H 240 -24.43 -32.10 28.83
N HIS H 241 -25.49 -31.44 28.33
CA HIS H 241 -26.78 -31.47 28.99
C HIS H 241 -27.53 -32.78 28.78
N ALA H 242 -27.00 -33.67 27.92
CA ALA H 242 -27.51 -34.99 27.57
C ALA H 242 -28.82 -34.94 26.79
N ASP H 243 -29.40 -33.75 26.56
CA ASP H 243 -30.55 -33.60 25.67
C ASP H 243 -30.16 -32.48 24.70
N CYS H 244 -29.50 -32.87 23.61
CA CYS H 244 -29.01 -31.92 22.62
C CYS H 244 -29.07 -32.40 21.18
N ASP H 245 -29.10 -33.70 20.92
CA ASP H 245 -29.02 -34.28 19.57
C ASP H 245 -27.71 -33.92 18.88
N ARG H 246 -27.53 -34.38 17.64
CA ARG H 246 -26.27 -34.16 16.95
C ARG H 246 -26.26 -32.83 16.19
N ARG H 247 -27.32 -32.57 15.41
CA ARG H 247 -27.36 -31.40 14.54
C ARG H 247 -27.09 -30.12 15.32
N SER H 248 -27.61 -30.03 16.55
CA SER H 248 -27.28 -28.91 17.42
C SER H 248 -25.80 -28.88 17.74
N ARG H 249 -25.17 -30.04 17.93
CA ARG H 249 -23.74 -30.06 18.21
C ARG H 249 -22.91 -29.58 17.03
N ILE H 250 -23.24 -30.03 15.81
CA ILE H 250 -22.50 -29.56 14.64
C ILE H 250 -22.67 -28.06 14.48
N GLU H 251 -23.93 -27.57 14.57
CA GLU H 251 -24.13 -26.15 14.35
C GLU H 251 -23.51 -25.32 15.47
N ALA H 252 -23.49 -25.82 16.70
CA ALA H 252 -22.90 -25.08 17.80
C ALA H 252 -21.38 -24.98 17.64
N LEU H 253 -20.73 -26.09 17.27
CA LEU H 253 -19.29 -26.04 17.04
C LEU H 253 -18.95 -25.12 15.87
N GLU H 254 -19.75 -25.18 14.80
CA GLU H 254 -19.50 -24.31 13.66
C GLU H 254 -19.68 -22.84 14.03
N LEU H 255 -20.71 -22.54 14.83
CA LEU H 255 -20.93 -21.16 15.27
C LEU H 255 -19.81 -20.70 16.20
N LEU H 256 -19.30 -21.60 17.04
CA LEU H 256 -18.17 -21.24 17.90
C LEU H 256 -16.95 -20.89 17.07
N GLY H 257 -16.65 -21.69 16.06
CA GLY H 257 -15.54 -21.37 15.18
C GLY H 257 -15.76 -20.06 14.44
N ALA H 258 -16.98 -19.83 13.98
CA ALA H 258 -17.30 -18.60 13.27
C ALA H 258 -17.12 -17.38 14.16
N SER H 259 -17.58 -17.47 15.40
CA SER H 259 -17.44 -16.35 16.33
C SER H 259 -15.97 -16.11 16.66
N PHE H 260 -15.20 -17.18 16.80
CA PHE H 260 -13.77 -17.01 17.04
C PHE H 260 -13.04 -16.45 15.82
N ALA H 261 -13.61 -16.60 14.63
CA ALA H 261 -12.96 -16.07 13.43
C ALA H 261 -12.88 -14.55 13.45
N ASN H 262 -13.95 -13.88 13.88
CA ASN H 262 -14.02 -12.42 13.80
C ASN H 262 -14.68 -11.89 15.08
N ASP H 263 -13.86 -11.41 16.01
CA ASP H 263 -14.36 -10.76 17.21
C ASP H 263 -13.23 -9.91 17.77
N ARG H 264 -13.59 -8.95 18.63
CA ARG H 264 -12.61 -8.05 19.19
C ARG H 264 -11.82 -8.70 20.31
N GLU H 265 -12.51 -9.18 21.34
CA GLU H 265 -11.82 -9.75 22.49
C GLU H 265 -11.21 -11.10 22.18
N ASN H 266 -11.93 -11.95 21.47
CA ASN H 266 -11.47 -13.30 21.14
C ASN H 266 -11.18 -13.34 19.64
N TYR H 267 -9.91 -13.33 19.28
CA TYR H 267 -9.49 -13.45 17.89
C TYR H 267 -8.30 -14.40 17.82
N ASP H 268 -8.57 -15.67 17.56
CA ASP H 268 -7.53 -16.68 17.41
C ASP H 268 -7.90 -17.56 16.24
N ILE H 269 -7.23 -17.36 15.11
CA ILE H 269 -7.60 -18.09 13.89
C ILE H 269 -7.29 -19.58 13.99
N ILE H 270 -6.33 -19.96 14.83
CA ILE H 270 -6.07 -21.38 15.04
C ILE H 270 -7.24 -22.05 15.74
N LYS H 271 -7.90 -21.32 16.65
CA LYS H 271 -9.11 -21.85 17.27
C LYS H 271 -10.20 -22.06 16.23
N THR H 272 -10.34 -21.11 15.30
CA THR H 272 -11.34 -21.24 14.25
C THR H 272 -11.07 -22.45 13.39
N TYR H 273 -9.82 -22.64 12.97
CA TYR H 273 -9.50 -23.77 12.12
C TYR H 273 -9.71 -25.08 12.85
N HIS H 274 -9.30 -25.16 14.12
CA HIS H 274 -9.45 -26.41 14.86
C HIS H 274 -10.90 -26.73 15.16
N TYR H 275 -11.70 -25.72 15.52
CA TYR H 275 -13.11 -25.96 15.80
C TYR H 275 -13.86 -26.33 14.53
N LEU H 276 -13.55 -25.69 13.41
CA LEU H 276 -14.19 -26.08 12.16
C LEU H 276 -13.76 -27.48 11.73
N TYR H 277 -12.50 -27.82 11.97
CA TYR H 277 -12.04 -29.17 11.67
C TYR H 277 -12.76 -30.20 12.51
N LEU H 278 -12.95 -29.91 13.80
CA LEU H 278 -13.69 -30.82 14.67
C LEU H 278 -15.14 -30.93 14.25
N ALA H 279 -15.74 -29.81 13.83
CA ALA H 279 -17.12 -29.84 13.35
C ALA H 279 -17.25 -30.68 12.10
N MET H 280 -16.30 -30.54 11.17
CA MET H 280 -16.34 -31.33 9.95
C MET H 280 -16.13 -32.81 10.23
N LEU H 281 -15.19 -33.14 11.12
CA LEU H 281 -14.93 -34.55 11.43
C LEU H 281 -16.11 -35.18 12.17
N GLU H 282 -16.70 -34.45 13.12
CA GLU H 282 -17.89 -34.96 13.78
C GLU H 282 -19.04 -35.12 12.82
N ARG H 283 -19.15 -34.20 11.85
CA ARG H 283 -20.18 -34.29 10.83
C ARG H 283 -19.96 -35.50 9.93
N PHE H 284 -18.73 -35.70 9.48
CA PHE H 284 -18.40 -36.88 8.67
C PHE H 284 -17.82 -38.00 9.52
N GLN H 285 -18.55 -38.37 10.58
CA GLN H 285 -18.09 -39.42 11.48
C GLN H 285 -18.70 -40.77 11.12
N ASP H 286 -19.99 -40.78 10.76
CA ASP H 286 -20.68 -42.04 10.50
C ASP H 286 -20.31 -42.67 9.17
N GLY H 287 -19.72 -41.90 8.25
CA GLY H 287 -19.36 -42.42 6.95
C GLY H 287 -20.58 -42.57 6.06
N ASP H 288 -21.41 -43.56 6.35
CA ASP H 288 -22.73 -43.64 5.77
C ASP H 288 -23.65 -42.66 6.49
N ASN H 289 -24.80 -42.38 5.85
CA ASN H 289 -25.74 -41.35 6.34
C ASN H 289 -25.02 -40.03 6.56
N ILE H 290 -24.22 -39.66 5.56
CA ILE H 290 -23.38 -38.47 5.66
C ILE H 290 -24.25 -37.22 5.70
N LEU H 291 -23.95 -36.34 6.65
CA LEU H 291 -24.75 -35.13 6.87
C LEU H 291 -24.16 -33.98 6.06
N GLU H 292 -24.47 -33.98 4.76
CA GLU H 292 -23.95 -32.94 3.87
C GLU H 292 -24.51 -31.58 4.25
N LYS H 293 -23.64 -30.58 4.24
CA LYS H 293 -24.04 -29.24 4.63
C LYS H 293 -24.90 -28.61 3.54
N GLU H 294 -26.07 -28.10 3.92
CA GLU H 294 -26.84 -27.27 3.02
C GLU H 294 -26.18 -25.89 2.96
N VAL H 295 -25.91 -25.42 1.74
CA VAL H 295 -25.11 -24.23 1.52
C VAL H 295 -25.95 -23.18 0.83
N LEU H 296 -25.99 -21.99 1.41
CA LEU H 296 -26.53 -20.84 0.71
C LEU H 296 -25.65 -20.49 -0.50
N PRO H 297 -26.25 -19.95 -1.56
CA PRO H 297 -25.46 -19.64 -2.75
C PRO H 297 -24.41 -18.60 -2.45
N PRO H 298 -23.26 -18.64 -3.13
CA PRO H 298 -22.14 -17.76 -2.78
C PRO H 298 -22.51 -16.29 -2.90
N ILE H 299 -22.04 -15.51 -1.94
CA ILE H 299 -22.36 -14.08 -1.83
C ILE H 299 -21.12 -13.29 -2.17
N HIS H 300 -21.27 -12.29 -3.04
CA HIS H 300 -20.15 -11.50 -3.54
C HIS H 300 -19.41 -10.75 -2.44
N ALA H 301 -20.05 -10.53 -1.29
CA ALA H 301 -19.39 -9.78 -0.22
C ALA H 301 -18.21 -10.56 0.35
N TYR H 302 -18.42 -11.82 0.71
CA TYR H 302 -17.35 -12.64 1.29
C TYR H 302 -16.53 -13.33 0.20
N GLY H 303 -16.01 -12.54 -0.75
CA GLY H 303 -15.36 -13.14 -1.89
C GLY H 303 -16.36 -13.92 -2.71
N ASN H 304 -16.01 -15.15 -3.05
CA ASN H 304 -16.93 -16.02 -3.79
C ASN H 304 -16.86 -17.46 -3.28
N ARG H 305 -16.46 -17.64 -2.02
CA ARG H 305 -16.34 -18.97 -1.46
C ARG H 305 -17.72 -19.60 -1.23
N THR H 306 -17.73 -20.92 -1.18
CA THR H 306 -18.95 -21.71 -1.01
C THR H 306 -18.79 -22.65 0.17
N GLU H 307 -18.35 -22.09 1.30
CA GLU H 307 -18.05 -22.83 2.52
C GLU H 307 -17.02 -23.92 2.30
N CYS H 308 -17.02 -24.93 3.16
CA CYS H 308 -16.13 -26.09 3.01
C CYS H 308 -16.97 -27.33 3.28
N ARG H 309 -17.52 -27.91 2.21
CA ARG H 309 -18.33 -29.12 2.31
C ARG H 309 -17.49 -30.36 2.54
N ASN H 310 -16.17 -30.27 2.45
CA ASN H 310 -15.28 -31.40 2.61
C ASN H 310 -14.19 -31.07 3.61
N PRO H 311 -13.67 -32.07 4.31
CA PRO H 311 -12.51 -31.81 5.19
C PRO H 311 -11.26 -31.48 4.41
N GLN H 312 -11.15 -31.92 3.16
CA GLN H 312 -9.96 -31.66 2.37
C GLN H 312 -9.83 -30.18 2.03
N GLU H 313 -10.92 -29.56 1.59
CA GLU H 313 -10.88 -28.14 1.28
C GLU H 313 -10.73 -27.29 2.53
N LEU H 314 -11.26 -27.77 3.67
CA LEU H 314 -11.02 -27.08 4.94
C LEU H 314 -9.56 -27.15 5.32
N GLU H 315 -8.92 -28.30 5.08
CA GLU H 315 -7.48 -28.41 5.30
C GLU H 315 -6.70 -27.51 4.36
N SER H 316 -7.19 -27.33 3.12
CA SER H 316 -6.47 -26.54 2.14
C SER H 316 -6.41 -25.07 2.52
N ILE H 317 -7.37 -24.58 3.31
CA ILE H 317 -7.40 -23.18 3.72
C ILE H 317 -6.88 -23.01 5.15
N ARG H 318 -6.09 -23.96 5.63
CA ARG H 318 -5.58 -23.88 7.01
C ARG H 318 -4.65 -22.68 7.18
N GLN H 319 -3.80 -22.42 6.20
CA GLN H 319 -2.76 -21.41 6.33
C GLN H 319 -3.15 -20.04 5.80
N ASP H 320 -4.37 -19.88 5.29
CA ASP H 320 -4.81 -18.61 4.70
C ASP H 320 -5.74 -17.92 5.68
N ARG H 321 -5.30 -16.76 6.19
CA ARG H 321 -6.06 -16.08 7.24
C ARG H 321 -7.36 -15.50 6.70
N ASP H 322 -7.30 -14.79 5.58
CA ASP H 322 -8.49 -14.12 5.07
C ASP H 322 -9.50 -15.13 4.53
N ALA H 323 -9.03 -16.24 3.96
CA ALA H 323 -9.96 -17.29 3.55
C ALA H 323 -10.70 -17.86 4.75
N LEU H 324 -10.00 -18.06 5.87
CA LEU H 324 -10.66 -18.54 7.07
C LEU H 324 -11.61 -17.51 7.64
N HIS H 325 -11.26 -16.22 7.56
CA HIS H 325 -12.17 -15.18 8.02
C HIS H 325 -13.44 -15.17 7.19
N MET H 326 -13.30 -15.29 5.87
CA MET H 326 -14.48 -15.36 5.01
C MET H 326 -15.30 -16.60 5.29
N GLU H 327 -14.64 -17.73 5.53
CA GLU H 327 -15.35 -18.97 5.83
C GLU H 327 -16.13 -18.85 7.14
N GLY H 328 -15.50 -18.26 8.16
CA GLY H 328 -16.20 -18.05 9.42
C GLY H 328 -17.38 -17.11 9.27
N LEU H 329 -17.21 -16.03 8.49
CA LEU H 329 -18.33 -15.13 8.26
C LEU H 329 -19.46 -15.83 7.52
N ILE H 330 -19.12 -16.67 6.54
CA ILE H 330 -20.16 -17.36 5.76
C ILE H 330 -20.93 -18.33 6.63
N VAL H 331 -20.23 -19.13 7.44
CA VAL H 331 -20.94 -20.08 8.28
C VAL H 331 -21.72 -19.37 9.38
N ARG H 332 -21.22 -18.22 9.85
CA ARG H 332 -21.98 -17.45 10.82
C ARG H 332 -23.27 -16.92 10.21
N GLU H 333 -23.20 -16.44 8.96
CA GLU H 333 -24.40 -15.98 8.28
C GLU H 333 -25.37 -17.13 8.06
N ARG H 334 -24.86 -18.31 7.71
CA ARG H 334 -25.74 -19.45 7.48
C ARG H 334 -26.43 -19.86 8.77
N ILE H 335 -25.70 -19.88 9.89
CA ILE H 335 -26.28 -20.38 11.13
C ILE H 335 -27.22 -19.35 11.73
N LEU H 336 -26.72 -18.13 11.98
CA LEU H 336 -27.54 -17.13 12.65
C LEU H 336 -28.56 -16.47 11.74
N GLY H 337 -28.46 -16.68 10.43
CA GLY H 337 -29.38 -16.05 9.50
C GLY H 337 -29.00 -14.63 9.20
N ALA H 338 -29.72 -14.04 8.25
CA ALA H 338 -29.49 -12.65 7.87
C ALA H 338 -30.29 -11.67 8.70
N ASP H 339 -31.23 -12.14 9.51
CA ASP H 339 -32.10 -11.27 10.30
C ASP H 339 -31.65 -11.13 11.74
N ASN H 340 -30.55 -11.78 12.12
CA ASN H 340 -30.07 -11.69 13.50
C ASN H 340 -29.39 -10.36 13.74
N ILE H 341 -29.49 -9.89 15.00
CA ILE H 341 -28.84 -8.64 15.36
C ILE H 341 -27.33 -8.80 15.37
N ASP H 342 -26.84 -9.91 15.92
CA ASP H 342 -25.42 -10.09 16.15
C ASP H 342 -24.64 -10.53 14.92
N VAL H 343 -25.32 -10.81 13.80
CA VAL H 343 -24.61 -11.25 12.62
C VAL H 343 -23.84 -10.11 11.96
N SER H 344 -24.23 -8.86 12.23
CA SER H 344 -23.61 -7.73 11.53
C SER H 344 -22.24 -7.39 12.09
N HIS H 345 -22.05 -7.55 13.40
CA HIS H 345 -20.83 -7.06 14.06
C HIS H 345 -19.54 -7.68 13.54
N PRO H 346 -19.41 -9.01 13.35
CA PRO H 346 -18.17 -9.51 12.75
C PRO H 346 -17.93 -9.02 11.34
N ILE H 347 -18.97 -8.76 10.56
CA ILE H 347 -18.77 -8.24 9.22
C ILE H 347 -18.11 -6.86 9.28
N ILE H 348 -18.60 -6.00 10.18
CA ILE H 348 -18.04 -4.67 10.32
C ILE H 348 -16.63 -4.74 10.87
N TYR H 349 -16.38 -5.67 11.81
CA TYR H 349 -15.04 -5.81 12.36
C TYR H 349 -14.04 -6.27 11.30
N ARG H 350 -14.44 -7.24 10.47
CA ARG H 350 -13.56 -7.70 9.40
C ARG H 350 -13.34 -6.60 8.37
N GLY H 351 -14.37 -5.79 8.12
CA GLY H 351 -14.18 -4.64 7.25
C GLY H 351 -13.18 -3.64 7.82
N ALA H 352 -13.25 -3.39 9.12
CA ALA H 352 -12.30 -2.48 9.75
C ALA H 352 -10.88 -3.03 9.69
N VAL H 353 -10.73 -4.34 9.90
CA VAL H 353 -9.42 -4.95 9.80
C VAL H 353 -8.88 -4.83 8.38
N TYR H 354 -9.74 -5.04 7.38
CA TYR H 354 -9.34 -4.85 6.00
C TYR H 354 -8.94 -3.40 5.72
N ALA H 355 -9.68 -2.45 6.31
CA ALA H 355 -9.38 -1.04 6.11
C ALA H 355 -8.03 -0.66 6.71
N ASP H 356 -7.71 -1.21 7.88
CA ASP H 356 -6.41 -0.94 8.47
C ASP H 356 -5.29 -1.55 7.63
N ASN H 357 -5.56 -2.64 6.91
CA ASN H 357 -4.59 -3.26 6.03
C ASN H 357 -4.62 -2.66 4.63
N MET H 358 -5.20 -1.46 4.48
CA MET H 358 -5.28 -0.73 3.21
C MET H 358 -6.00 -1.51 2.12
N GLU H 359 -6.87 -2.45 2.49
CA GLU H 359 -7.71 -3.16 1.55
C GLU H 359 -9.11 -2.58 1.67
N PHE H 360 -9.46 -1.72 0.72
CA PHE H 360 -10.69 -0.94 0.79
C PHE H 360 -11.85 -1.56 0.03
N GLU H 361 -11.58 -2.21 -1.10
CA GLU H 361 -12.65 -2.73 -1.95
C GLU H 361 -13.42 -3.83 -1.25
N GLN H 362 -12.70 -4.81 -0.68
CA GLN H 362 -13.35 -5.84 0.10
C GLN H 362 -13.95 -5.27 1.38
N CYS H 363 -13.31 -4.24 1.95
CA CYS H 363 -13.91 -3.52 3.07
C CYS H 363 -15.25 -2.92 2.71
N ILE H 364 -15.33 -2.30 1.53
CA ILE H 364 -16.58 -1.69 1.10
C ILE H 364 -17.63 -2.75 0.84
N LYS H 365 -17.24 -3.89 0.25
CA LYS H 365 -18.19 -4.97 0.02
C LYS H 365 -18.75 -5.52 1.33
N LEU H 366 -17.86 -5.77 2.29
CA LEU H 366 -18.30 -6.29 3.58
C LEU H 366 -19.22 -5.30 4.30
N TRP H 367 -18.85 -4.03 4.30
CA TRP H 367 -19.66 -3.04 5.01
C TRP H 367 -20.98 -2.81 4.30
N LEU H 368 -21.02 -2.89 2.98
CA LEU H 368 -22.28 -2.78 2.25
C LEU H 368 -23.20 -3.95 2.58
N HIS H 369 -22.64 -5.15 2.68
CA HIS H 369 -23.44 -6.29 3.11
C HIS H 369 -23.97 -6.09 4.53
N ALA H 370 -23.14 -5.57 5.43
CA ALA H 370 -23.57 -5.30 6.80
C ALA H 370 -24.66 -4.25 6.84
N LEU H 371 -24.52 -3.20 6.03
CA LEU H 371 -25.54 -2.15 5.99
C LEU H 371 -26.86 -2.68 5.46
N HIS H 372 -26.81 -3.51 4.41
CA HIS H 372 -28.03 -4.12 3.89
C HIS H 372 -28.70 -4.98 4.95
N LEU H 373 -27.91 -5.78 5.67
CA LEU H 373 -28.48 -6.66 6.68
C LEU H 373 -29.08 -5.87 7.83
N ARG H 374 -28.42 -4.79 8.25
CA ARG H 374 -28.95 -4.00 9.35
C ARG H 374 -30.18 -3.20 8.93
N GLN H 375 -30.22 -2.73 7.69
CA GLN H 375 -31.39 -2.00 7.22
C GLN H 375 -32.57 -2.90 7.00
N LYS H 376 -32.32 -4.17 6.63
CA LYS H 376 -33.41 -5.14 6.54
C LYS H 376 -34.07 -5.35 7.90
N GLY H 377 -33.27 -5.34 8.97
CA GLY H 377 -33.78 -5.46 10.32
C GLY H 377 -34.29 -4.17 10.92
N ASN H 378 -34.15 -3.05 10.20
CA ASN H 378 -34.69 -1.75 10.60
C ASN H 378 -34.14 -1.30 11.95
N ARG H 379 -32.85 -1.05 11.98
CA ARG H 379 -32.19 -0.54 13.17
C ARG H 379 -31.29 0.64 12.82
N ASN H 380 -30.80 1.31 13.86
CA ASN H 380 -29.98 2.51 13.71
C ASN H 380 -28.66 2.22 13.03
N THR H 381 -28.38 2.92 11.94
CA THR H 381 -27.17 2.72 11.16
C THR H 381 -26.43 4.04 10.91
N HIS H 382 -26.72 5.06 11.72
CA HIS H 382 -26.06 6.36 11.54
C HIS H 382 -24.57 6.26 11.78
N LYS H 383 -24.16 5.48 12.79
CA LYS H 383 -22.74 5.20 12.97
C LYS H 383 -22.17 4.47 11.77
N ASP H 384 -22.95 3.55 11.18
CA ASP H 384 -22.48 2.80 10.03
C ASP H 384 -22.29 3.70 8.81
N LEU H 385 -23.26 4.57 8.53
CA LEU H 385 -23.10 5.51 7.44
C LEU H 385 -21.96 6.48 7.69
N LEU H 386 -21.75 6.86 8.95
CA LEU H 386 -20.59 7.68 9.29
C LEU H 386 -19.29 6.94 8.98
N ARG H 387 -19.26 5.64 9.26
CA ARG H 387 -18.11 4.82 8.91
C ARG H 387 -17.87 4.79 7.41
N PHE H 388 -18.95 4.68 6.63
CA PHE H 388 -18.82 4.75 5.17
C PHE H 388 -18.23 6.08 4.73
N ALA H 389 -18.72 7.17 5.31
CA ALA H 389 -18.18 8.48 4.96
C ALA H 389 -16.71 8.59 5.34
N GLN H 390 -16.34 8.07 6.51
CA GLN H 390 -14.95 8.13 6.94
C GLN H 390 -14.03 7.32 6.04
N VAL H 391 -14.44 6.12 5.65
CA VAL H 391 -13.58 5.30 4.81
C VAL H 391 -13.50 5.87 3.39
N PHE H 392 -14.61 6.43 2.89
CA PHE H 392 -14.56 7.11 1.60
C PHE H 392 -13.63 8.32 1.65
N SER H 393 -13.68 9.07 2.76
CA SER H 393 -12.80 10.22 2.93
C SER H 393 -11.35 9.79 3.01
N GLN H 394 -11.06 8.67 3.68
CA GLN H 394 -9.69 8.20 3.74
C GLN H 394 -9.22 7.74 2.36
N MET H 395 -10.10 7.12 1.57
CA MET H 395 -9.74 6.75 0.21
C MET H 395 -9.45 7.97 -0.65
N ILE H 396 -10.26 9.02 -0.52
CA ILE H 396 -10.06 10.23 -1.31
C ILE H 396 -8.77 10.93 -0.88
N HIS H 397 -8.51 10.98 0.42
CA HIS H 397 -7.28 11.60 0.92
C HIS H 397 -6.05 10.81 0.51
N LEU H 398 -6.22 9.51 0.24
CA LEU H 398 -5.14 8.66 -0.25
C LEU H 398 -5.11 8.57 -1.76
N ASN H 399 -5.93 9.37 -2.45
CA ASN H 399 -6.02 9.40 -3.91
C ASN H 399 -6.36 8.02 -4.48
N GLU H 400 -7.23 7.29 -3.79
CA GLU H 400 -7.72 6.00 -4.26
C GLU H 400 -9.12 6.18 -4.81
N THR H 401 -9.36 5.59 -5.98
CA THR H 401 -10.66 5.72 -6.63
C THR H 401 -11.74 5.03 -5.81
N VAL H 402 -12.92 5.64 -5.78
CA VAL H 402 -14.07 5.11 -5.06
C VAL H 402 -15.09 4.64 -6.09
N LYS H 403 -15.57 3.41 -5.91
CA LYS H 403 -16.50 2.84 -6.87
C LYS H 403 -17.84 3.56 -6.82
N ALA H 404 -18.29 4.03 -7.97
CA ALA H 404 -19.58 4.72 -8.05
C ALA H 404 -20.78 3.85 -7.66
N PRO H 405 -20.90 2.56 -8.06
CA PRO H 405 -22.05 1.79 -7.57
C PRO H 405 -22.12 1.68 -6.05
N ASP H 406 -20.96 1.59 -5.38
CA ASP H 406 -20.96 1.55 -3.92
C ASP H 406 -21.47 2.86 -3.34
N ILE H 407 -21.07 3.99 -3.92
CA ILE H 407 -21.58 5.28 -3.48
C ILE H 407 -23.08 5.36 -3.68
N GLU H 408 -23.56 4.87 -4.83
CA GLU H 408 -25.00 4.88 -5.08
C GLU H 408 -25.75 4.03 -4.06
N CYS H 409 -25.22 2.84 -3.75
CA CYS H 409 -25.88 1.95 -2.81
C CYS H 409 -25.92 2.56 -1.41
N VAL H 410 -24.80 3.11 -0.95
CA VAL H 410 -24.77 3.68 0.39
C VAL H 410 -25.62 4.95 0.44
N LEU H 411 -25.71 5.70 -0.65
CA LEU H 411 -26.55 6.89 -0.67
C LEU H 411 -28.02 6.52 -0.64
N ARG H 412 -28.42 5.49 -1.38
CA ARG H 412 -29.80 5.05 -1.35
C ARG H 412 -30.17 4.52 0.02
N CYS H 413 -29.26 3.76 0.65
CA CYS H 413 -29.51 3.29 2.01
C CYS H 413 -29.63 4.45 3.00
N SER H 414 -28.78 5.47 2.83
CA SER H 414 -28.84 6.64 3.70
C SER H 414 -30.15 7.39 3.51
N VAL H 415 -30.61 7.50 2.28
CA VAL H 415 -31.88 8.18 2.01
C VAL H 415 -33.03 7.42 2.65
N LEU H 416 -33.06 6.10 2.49
CA LEU H 416 -34.10 5.29 3.11
C LEU H 416 -34.07 5.41 4.63
N GLU H 417 -32.88 5.34 5.20
CA GLU H 417 -32.76 5.42 6.65
C GLU H 417 -33.12 6.81 7.17
N ILE H 418 -32.87 7.86 6.38
CA ILE H 418 -33.34 9.19 6.76
C ILE H 418 -34.86 9.25 6.73
N GLU H 419 -35.47 8.57 5.76
CA GLU H 419 -36.94 8.52 5.72
C GLU H 419 -37.51 7.85 6.97
N GLN H 420 -36.97 6.68 7.32
CA GLN H 420 -37.47 6.04 8.55
C GLN H 420 -37.07 6.83 9.79
N SER H 421 -35.98 7.58 9.75
CA SER H 421 -35.64 8.45 10.87
C SER H 421 -36.66 9.56 11.03
N MET H 422 -37.13 10.12 9.92
CA MET H 422 -38.21 11.10 9.96
C MET H 422 -39.47 10.49 10.54
N ASN H 423 -39.79 9.26 10.12
CA ASN H 423 -40.97 8.59 10.65
C ASN H 423 -40.85 8.33 12.15
N ARG H 424 -39.65 7.92 12.60
CA ARG H 424 -39.43 7.69 14.02
C ARG H 424 -39.52 8.98 14.82
N VAL H 425 -38.95 10.08 14.30
CA VAL H 425 -38.99 11.36 14.99
C VAL H 425 -40.42 11.87 15.08
N LYS H 426 -41.20 11.71 14.01
CA LYS H 426 -42.61 12.07 14.05
C LYS H 426 -43.37 11.20 15.04
N ASN H 427 -43.04 9.91 15.10
CA ASN H 427 -43.76 9.00 15.99
C ASN H 427 -43.38 9.21 17.45
N ILE H 428 -42.09 9.38 17.73
CA ILE H 428 -41.62 9.53 19.10
C ILE H 428 -41.85 10.96 19.56
N SER H 429 -42.66 11.12 20.61
CA SER H 429 -42.95 12.47 21.12
C SER H 429 -41.84 12.95 22.06
N ASP H 430 -41.63 12.23 23.17
CA ASP H 430 -40.64 12.65 24.15
C ASP H 430 -39.91 11.50 24.82
N ALA H 431 -40.02 10.27 24.32
CA ALA H 431 -39.38 9.14 24.96
C ALA H 431 -37.86 9.21 24.83
N ASP H 432 -37.36 9.25 23.60
CA ASP H 432 -35.95 9.48 23.31
C ASP H 432 -35.84 10.47 22.15
N VAL H 433 -36.61 11.55 22.24
CA VAL H 433 -36.68 12.52 21.15
C VAL H 433 -35.35 13.24 20.97
N HIS H 434 -34.58 13.39 22.05
CA HIS H 434 -33.25 13.97 21.93
C HIS H 434 -32.32 13.06 21.13
N ASN H 435 -32.31 11.77 21.46
CA ASN H 435 -31.50 10.81 20.73
C ASN H 435 -31.96 10.68 19.29
N ALA H 436 -33.28 10.68 19.06
CA ALA H 436 -33.81 10.59 17.70
C ALA H 436 -33.42 11.80 16.87
N MET H 437 -33.51 13.00 17.45
CA MET H 437 -33.15 14.20 16.71
C MET H 437 -31.65 14.25 16.45
N ASP H 438 -30.84 13.78 17.40
CA ASP H 438 -29.40 13.70 17.19
C ASP H 438 -29.08 12.73 16.07
N ASN H 439 -29.78 11.59 16.02
CA ASN H 439 -29.59 10.65 14.91
C ASN H 439 -30.01 11.27 13.59
N TYR H 440 -31.08 12.05 13.60
CA TYR H 440 -31.53 12.73 12.39
C TYR H 440 -30.47 13.68 11.86
N GLU H 441 -29.92 14.51 12.74
CA GLU H 441 -28.89 15.46 12.33
C GLU H 441 -27.62 14.74 11.89
N CYS H 442 -27.24 13.67 12.60
CA CYS H 442 -26.08 12.89 12.22
C CYS H 442 -26.26 12.25 10.85
N ASN H 443 -27.47 11.76 10.57
CA ASN H 443 -27.74 11.17 9.26
C ASN H 443 -27.64 12.21 8.15
N LEU H 444 -28.17 13.41 8.40
CA LEU H 444 -28.05 14.47 7.41
C LEU H 444 -26.58 14.81 7.14
N TYR H 445 -25.78 14.90 8.21
CA TYR H 445 -24.36 15.20 8.05
C TYR H 445 -23.66 14.10 7.27
N THR H 446 -23.98 12.83 7.55
CA THR H 446 -23.36 11.74 6.82
C THR H 446 -23.75 11.76 5.35
N PHE H 447 -25.01 12.08 5.06
CA PHE H 447 -25.44 12.18 3.67
C PHE H 447 -24.67 13.28 2.95
N LEU H 448 -24.47 14.42 3.62
CA LEU H 448 -23.73 15.50 2.99
C LEU H 448 -22.27 15.11 2.79
N TYR H 449 -21.69 14.36 3.73
CA TYR H 449 -20.33 13.86 3.52
C TYR H 449 -20.27 12.96 2.30
N LEU H 450 -21.26 12.07 2.15
CA LEU H 450 -21.26 11.16 1.01
C LEU H 450 -21.43 11.91 -0.30
N VAL H 451 -22.27 12.95 -0.31
CA VAL H 451 -22.44 13.76 -1.52
C VAL H 451 -21.15 14.50 -1.86
N CYS H 452 -20.49 15.06 -0.85
CA CYS H 452 -19.23 15.77 -1.08
C CYS H 452 -18.17 14.83 -1.63
N ILE H 453 -18.14 13.60 -1.12
CA ILE H 453 -17.19 12.62 -1.63
C ILE H 453 -17.56 12.21 -3.05
N SER H 454 -18.86 12.10 -3.34
CA SER H 454 -19.30 11.77 -4.69
C SER H 454 -18.94 12.86 -5.69
N THR H 455 -18.86 14.11 -5.24
CA THR H 455 -18.43 15.19 -6.13
C THR H 455 -16.97 15.03 -6.54
N LYS H 456 -16.15 14.47 -5.66
CA LYS H 456 -14.73 14.34 -5.92
C LYS H 456 -14.37 13.05 -6.66
N THR H 457 -15.36 12.25 -7.05
CA THR H 457 -15.13 11.02 -7.78
C THR H 457 -15.76 11.13 -9.17
N GLN H 458 -14.98 10.80 -10.20
CA GLN H 458 -15.54 10.73 -11.54
C GLN H 458 -16.40 9.48 -11.68
N CYS H 459 -17.60 9.65 -12.23
CA CYS H 459 -18.56 8.57 -12.34
C CYS H 459 -19.13 8.53 -13.75
N SER H 460 -19.68 7.36 -14.10
CA SER H 460 -20.35 7.21 -15.38
C SER H 460 -21.64 8.02 -15.42
N GLU H 461 -22.16 8.21 -16.63
CA GLU H 461 -23.40 8.95 -16.79
C GLU H 461 -24.56 8.26 -16.08
N GLU H 462 -24.62 6.93 -16.18
CA GLU H 462 -25.67 6.19 -15.46
C GLU H 462 -25.50 6.30 -13.96
N ASP H 463 -24.27 6.12 -13.47
CA ASP H 463 -24.03 6.21 -12.03
C ASP H 463 -24.24 7.64 -11.52
N GLN H 464 -23.80 8.64 -12.28
CA GLN H 464 -24.05 10.03 -11.89
C GLN H 464 -25.53 10.33 -11.88
N CYS H 465 -26.28 9.80 -12.84
CA CYS H 465 -27.72 9.98 -12.87
C CYS H 465 -28.37 9.31 -11.67
N LYS H 466 -27.90 8.13 -11.27
CA LYS H 466 -28.46 7.46 -10.11
C LYS H 466 -28.15 8.21 -8.82
N ILE H 467 -26.94 8.73 -8.69
CA ILE H 467 -26.59 9.54 -7.52
C ILE H 467 -27.46 10.78 -7.43
N ASN H 468 -27.64 11.45 -8.58
CA ASN H 468 -28.49 12.64 -8.61
C ASN H 468 -29.95 12.29 -8.36
N LYS H 469 -30.40 11.13 -8.80
CA LYS H 469 -31.75 10.68 -8.49
C LYS H 469 -31.93 10.49 -7.00
N GLN H 470 -30.92 9.91 -6.34
CA GLN H 470 -31.01 9.73 -4.89
C GLN H 470 -31.04 11.07 -4.17
N ILE H 471 -30.21 12.01 -4.59
CA ILE H 471 -30.20 13.33 -3.97
C ILE H 471 -31.52 14.05 -4.22
N TYR H 472 -32.08 13.88 -5.41
CA TYR H 472 -33.39 14.43 -5.75
C TYR H 472 -34.47 13.86 -4.83
N ASN H 473 -34.44 12.54 -4.61
CA ASN H 473 -35.37 11.90 -3.71
C ASN H 473 -35.25 12.44 -2.29
N LEU H 474 -34.02 12.72 -1.86
CA LEU H 474 -33.86 13.23 -0.49
C LEU H 474 -34.34 14.67 -0.37
N ILE H 475 -34.10 15.50 -1.37
CA ILE H 475 -34.58 16.88 -1.32
C ILE H 475 -36.10 16.93 -1.30
N HIS H 476 -36.74 16.08 -2.11
CA HIS H 476 -38.20 16.26 -2.20
C HIS H 476 -38.97 15.71 -0.97
N LEU H 477 -38.27 15.43 0.13
CA LEU H 477 -38.89 15.28 1.44
C LEU H 477 -38.61 16.45 2.36
N ASP H 478 -37.67 17.32 1.99
CA ASP H 478 -37.24 18.52 2.71
C ASP H 478 -36.85 18.21 4.15
N PRO H 479 -35.72 17.56 4.38
CA PRO H 479 -35.27 17.33 5.75
C PRO H 479 -34.87 18.63 6.42
N ARG H 480 -35.09 18.70 7.73
CA ARG H 480 -34.75 19.88 8.51
C ARG H 480 -34.17 19.45 9.85
N THR H 481 -33.19 20.21 10.33
CA THR H 481 -32.60 19.97 11.63
C THR H 481 -33.38 20.72 12.69
N ARG H 482 -32.80 20.86 13.88
CA ARG H 482 -33.48 21.54 14.98
C ARG H 482 -33.74 23.01 14.66
N GLU H 483 -32.72 23.72 14.19
CA GLU H 483 -32.88 25.14 13.89
C GLU H 483 -33.27 25.37 12.43
N GLY H 484 -34.28 24.63 11.99
CA GLY H 484 -34.88 24.81 10.68
C GLY H 484 -33.97 24.68 9.47
N PHE H 485 -32.75 24.18 9.66
CA PHE H 485 -31.78 24.15 8.59
C PHE H 485 -32.20 23.14 7.52
N THR H 486 -32.45 23.62 6.32
CA THR H 486 -32.68 22.73 5.19
C THR H 486 -31.35 22.10 4.77
N LEU H 487 -31.44 21.08 3.93
CA LEU H 487 -30.24 20.35 3.53
C LEU H 487 -29.28 21.21 2.73
N LEU H 488 -29.79 22.21 2.02
CA LEU H 488 -28.92 23.17 1.36
C LEU H 488 -28.15 24.00 2.36
N HIS H 489 -28.80 24.40 3.45
CA HIS H 489 -28.19 25.32 4.41
C HIS H 489 -26.97 24.69 5.07
N LEU H 490 -27.04 23.40 5.39
CA LEU H 490 -25.93 22.73 6.07
C LEU H 490 -24.69 22.68 5.18
N ALA H 491 -24.88 22.47 3.87
CA ALA H 491 -23.77 22.58 2.95
C ALA H 491 -23.30 24.02 2.82
N VAL H 492 -24.22 24.97 2.93
CA VAL H 492 -23.86 26.39 2.88
C VAL H 492 -23.12 26.80 4.15
N ASN H 493 -23.60 26.37 5.31
CA ASN H 493 -23.11 26.89 6.57
C ASN H 493 -21.68 26.40 6.86
N SER H 494 -20.88 27.29 7.45
CA SER H 494 -19.57 26.92 7.94
C SER H 494 -19.61 26.26 9.31
N ASN H 495 -20.73 26.37 10.02
CA ASN H 495 -20.87 25.80 11.36
C ASN H 495 -21.37 24.36 11.32
N THR H 496 -21.45 23.76 10.15
CA THR H 496 -21.85 22.37 10.04
C THR H 496 -20.78 21.51 10.69
N PRO H 497 -21.13 20.68 11.66
CA PRO H 497 -20.11 19.84 12.32
C PRO H 497 -19.51 18.83 11.36
N VAL H 498 -18.22 18.63 11.48
CA VAL H 498 -17.50 17.63 10.71
C VAL H 498 -16.82 16.69 11.70
N ASP H 499 -16.88 15.39 11.41
CA ASP H 499 -16.23 14.40 12.25
C ASP H 499 -14.73 14.65 12.30
N ASP H 500 -14.13 14.46 13.49
CA ASP H 500 -12.72 14.76 13.70
C ASP H 500 -11.78 13.82 12.96
N PHE H 501 -12.26 12.69 12.44
CA PHE H 501 -11.40 11.69 11.83
C PHE H 501 -11.08 12.21 10.41
N HIS H 502 -10.65 11.37 9.47
CA HIS H 502 -10.24 11.83 8.14
C HIS H 502 -11.28 12.67 7.39
N THR H 503 -12.54 12.76 7.86
CA THR H 503 -13.52 13.56 7.13
C THR H 503 -13.19 15.04 7.14
N ASN H 504 -12.30 15.49 8.04
CA ASN H 504 -11.83 16.87 7.96
C ASN H 504 -11.02 17.12 6.71
N ASP H 505 -10.29 16.10 6.23
CA ASP H 505 -9.42 16.29 5.09
C ASP H 505 -10.21 16.49 3.80
N VAL H 506 -11.34 15.81 3.67
CA VAL H 506 -12.06 15.79 2.40
C VAL H 506 -13.28 16.69 2.46
N CYS H 507 -14.21 16.38 3.36
CA CYS H 507 -15.47 17.12 3.46
C CYS H 507 -15.27 18.30 4.39
N SER H 508 -15.01 19.46 3.82
CA SER H 508 -14.87 20.71 4.57
C SER H 508 -16.05 21.61 4.25
N PHE H 509 -16.77 22.03 5.27
CA PHE H 509 -17.89 22.87 4.89
C PHE H 509 -17.60 24.34 5.17
N PRO H 510 -18.07 25.28 4.33
CA PRO H 510 -18.92 25.13 3.15
C PRO H 510 -18.18 24.51 1.98
N ASN H 511 -18.91 23.89 1.05
CA ASN H 511 -18.30 23.29 -0.12
C ASN H 511 -19.13 23.67 -1.33
N ALA H 512 -18.51 24.35 -2.29
CA ALA H 512 -19.24 24.85 -3.45
C ALA H 512 -19.71 23.71 -4.35
N LEU H 513 -18.97 22.60 -4.40
CA LEU H 513 -19.38 21.46 -5.19
C LEU H 513 -20.71 20.90 -4.70
N VAL H 514 -20.86 20.79 -3.38
CA VAL H 514 -22.09 20.25 -2.80
C VAL H 514 -23.27 21.16 -3.11
N THR H 515 -23.07 22.48 -2.99
CA THR H 515 -24.16 23.41 -3.28
C THR H 515 -24.53 23.39 -4.75
N LYS H 516 -23.53 23.32 -5.64
CA LYS H 516 -23.84 23.24 -7.06
C LYS H 516 -24.59 21.95 -7.40
N LEU H 517 -24.19 20.83 -6.81
CA LEU H 517 -24.89 19.58 -7.05
C LEU H 517 -26.31 19.62 -6.50
N LEU H 518 -26.49 20.18 -5.30
CA LEU H 518 -27.82 20.23 -4.69
C LEU H 518 -28.76 21.15 -5.46
N LEU H 519 -28.27 22.31 -5.90
CA LEU H 519 -29.10 23.19 -6.71
C LEU H 519 -29.39 22.56 -8.07
N ASP H 520 -28.43 21.81 -8.62
CA ASP H 520 -28.68 21.10 -9.88
C ASP H 520 -29.64 19.94 -9.70
N CYS H 521 -29.79 19.43 -8.47
CA CYS H 521 -30.74 18.37 -8.18
C CYS H 521 -32.09 18.90 -7.70
N GLY H 522 -32.29 20.22 -7.75
CA GLY H 522 -33.59 20.78 -7.47
C GLY H 522 -33.84 21.17 -6.04
N ALA H 523 -32.80 21.60 -5.31
CA ALA H 523 -33.00 22.06 -3.96
C ALA H 523 -33.80 23.35 -3.95
N GLU H 524 -34.65 23.50 -2.93
CA GLU H 524 -35.44 24.71 -2.79
C GLU H 524 -34.53 25.81 -2.27
N VAL H 525 -34.03 26.65 -3.17
CA VAL H 525 -33.00 27.62 -2.80
C VAL H 525 -33.55 28.75 -1.96
N ASN H 526 -34.85 28.99 -2.00
CA ASN H 526 -35.46 30.05 -1.20
C ASN H 526 -35.90 29.57 0.17
N ALA H 527 -35.59 28.33 0.52
CA ALA H 527 -36.00 27.80 1.82
C ALA H 527 -35.30 28.56 2.95
N VAL H 528 -36.03 28.77 4.04
CA VAL H 528 -35.52 29.51 5.18
C VAL H 528 -35.63 28.65 6.42
N ASP H 529 -34.78 28.94 7.39
CA ASP H 529 -34.73 28.18 8.63
C ASP H 529 -35.74 28.74 9.62
N ASN H 530 -35.65 28.31 10.89
CA ASN H 530 -36.48 28.88 11.93
C ASN H 530 -36.15 30.35 12.16
N GLU H 531 -34.87 30.70 12.13
CA GLU H 531 -34.45 32.07 12.31
C GLU H 531 -34.73 32.94 11.09
N GLY H 532 -35.12 32.34 9.97
CA GLY H 532 -35.48 33.08 8.79
C GLY H 532 -34.35 33.33 7.82
N ASN H 533 -33.12 32.97 8.16
CA ASN H 533 -32.00 33.15 7.25
C ASN H 533 -32.14 32.22 6.05
N SER H 534 -31.85 32.75 4.87
CA SER H 534 -31.83 31.95 3.66
C SER H 534 -30.46 31.31 3.49
N ALA H 535 -30.24 30.64 2.37
CA ALA H 535 -28.89 30.15 2.07
C ALA H 535 -27.92 31.30 1.89
N LEU H 536 -28.37 32.36 1.22
CA LEU H 536 -27.50 33.50 0.97
C LEU H 536 -27.12 34.21 2.26
N HIS H 537 -28.08 34.35 3.18
CA HIS H 537 -27.81 34.99 4.46
C HIS H 537 -26.73 34.23 5.24
N ILE H 538 -26.78 32.90 5.19
CA ILE H 538 -25.77 32.11 5.88
C ILE H 538 -24.43 32.21 5.17
N ILE H 539 -24.43 32.21 3.83
CA ILE H 539 -23.15 32.18 3.13
C ILE H 539 -22.43 33.52 3.20
N VAL H 540 -23.15 34.64 3.31
CA VAL H 540 -22.43 35.90 3.43
C VAL H 540 -21.83 36.06 4.81
N GLN H 541 -22.33 35.33 5.80
CA GLN H 541 -21.77 35.34 7.14
C GLN H 541 -20.53 34.48 7.27
N TYR H 542 -19.97 34.02 6.16
CA TYR H 542 -18.76 33.21 6.20
C TYR H 542 -17.58 34.07 6.63
N ASN H 543 -16.83 33.58 7.63
CA ASN H 543 -15.79 34.39 8.25
C ASN H 543 -14.43 34.22 7.60
N ARG H 544 -14.33 33.45 6.53
CA ARG H 544 -13.06 33.22 5.83
C ARG H 544 -13.23 33.57 4.36
N PRO H 545 -13.40 34.84 4.03
CA PRO H 545 -13.78 35.21 2.66
C PRO H 545 -12.67 35.04 1.66
N ILE H 546 -11.41 34.98 2.09
CA ILE H 546 -10.30 35.00 1.16
C ILE H 546 -9.47 33.72 1.18
N SER H 547 -9.42 33.00 2.30
CA SER H 547 -8.64 31.76 2.35
C SER H 547 -9.18 30.72 1.39
N ASP H 548 -10.50 30.67 1.22
CA ASP H 548 -11.15 29.83 0.21
C ASP H 548 -12.08 30.68 -0.63
N PHE H 549 -11.55 31.78 -1.16
CA PHE H 549 -12.37 32.74 -1.91
C PHE H 549 -13.01 32.11 -3.14
N LEU H 550 -12.34 31.15 -3.76
CA LEU H 550 -12.94 30.46 -4.89
C LEU H 550 -14.22 29.73 -4.48
N THR H 551 -14.19 29.10 -3.30
CA THR H 551 -15.37 28.40 -2.79
C THR H 551 -16.52 29.38 -2.57
N LEU H 552 -16.23 30.51 -1.91
CA LEU H 552 -17.28 31.49 -1.64
C LEU H 552 -17.84 32.09 -2.92
N HIS H 553 -16.96 32.41 -3.87
CA HIS H 553 -17.42 32.98 -5.13
C HIS H 553 -18.29 31.98 -5.90
N SER H 554 -17.86 30.73 -5.98
CA SER H 554 -18.62 29.73 -6.70
C SER H 554 -19.98 29.49 -6.06
N ILE H 555 -20.02 29.42 -4.73
CA ILE H 555 -21.31 29.15 -4.09
C ILE H 555 -22.23 30.36 -4.20
N ILE H 556 -21.71 31.59 -4.15
CA ILE H 556 -22.58 32.75 -4.29
C ILE H 556 -23.11 32.85 -5.72
N ILE H 557 -22.26 32.54 -6.70
CA ILE H 557 -22.71 32.50 -8.09
C ILE H 557 -23.81 31.46 -8.26
N SER H 558 -23.61 30.27 -7.69
CA SER H 558 -24.61 29.21 -7.82
C SER H 558 -25.91 29.59 -7.14
N LEU H 559 -25.84 30.21 -5.96
CA LEU H 559 -27.05 30.58 -5.23
C LEU H 559 -27.82 31.66 -5.98
N VAL H 560 -27.13 32.66 -6.53
CA VAL H 560 -27.84 33.70 -7.26
C VAL H 560 -28.42 33.13 -8.55
N GLU H 561 -27.68 32.24 -9.23
CA GLU H 561 -28.15 31.68 -10.48
C GLU H 561 -29.32 30.72 -10.27
N ALA H 562 -29.42 30.13 -9.08
CA ALA H 562 -30.54 29.23 -8.81
C ALA H 562 -31.85 30.00 -8.69
N GLY H 563 -31.80 31.26 -8.29
CA GLY H 563 -33.00 32.05 -8.18
C GLY H 563 -33.25 32.57 -6.78
N ALA H 564 -32.25 32.44 -5.91
CA ALA H 564 -32.38 32.95 -4.55
C ALA H 564 -32.46 34.47 -4.57
N HIS H 565 -33.36 35.02 -3.77
CA HIS H 565 -33.45 36.47 -3.66
C HIS H 565 -32.25 37.01 -2.93
N THR H 566 -31.60 38.01 -3.52
CA THR H 566 -30.52 38.72 -2.87
C THR H 566 -31.04 39.90 -2.06
N ASP H 567 -32.33 39.90 -1.73
CA ASP H 567 -32.96 41.02 -1.05
C ASP H 567 -33.92 40.60 0.05
N MET H 568 -34.13 39.31 0.27
CA MET H 568 -35.09 38.88 1.27
C MET H 568 -34.55 39.14 2.66
N THR H 569 -35.47 39.11 3.64
CA THR H 569 -35.15 39.46 5.00
C THR H 569 -35.43 38.29 5.94
N ASN H 570 -34.60 38.16 6.95
CA ASN H 570 -34.76 37.11 7.95
C ASN H 570 -35.86 37.53 8.94
N LYS H 571 -35.94 36.83 10.07
CA LYS H 571 -36.92 37.21 11.09
C LYS H 571 -36.59 38.57 11.71
N GLN H 572 -35.31 38.95 11.72
CA GLN H 572 -34.90 40.23 12.29
C GLN H 572 -34.93 41.36 11.27
N ASN H 573 -35.42 41.11 10.06
CA ASN H 573 -35.54 42.11 8.99
C ASN H 573 -34.19 42.73 8.66
N LYS H 574 -33.29 41.89 8.19
CA LYS H 574 -31.93 42.31 7.85
C LYS H 574 -31.62 41.87 6.43
N THR H 575 -31.19 42.82 5.61
CA THR H 575 -30.70 42.51 4.27
C THR H 575 -29.45 41.66 4.38
N PRO H 576 -29.25 40.70 3.45
CA PRO H 576 -27.99 39.95 3.46
C PRO H 576 -26.77 40.84 3.27
N LEU H 577 -26.91 41.95 2.55
CA LEU H 577 -25.86 42.95 2.51
C LEU H 577 -25.67 43.57 3.89
N ASP H 578 -26.75 43.82 4.61
CA ASP H 578 -26.65 44.34 5.97
C ASP H 578 -26.08 43.31 6.93
N LYS H 579 -26.24 42.02 6.61
CA LYS H 579 -25.67 40.94 7.40
C LYS H 579 -24.42 40.35 6.75
N SER H 580 -23.81 41.09 5.82
CA SER H 580 -22.65 40.57 5.11
C SER H 580 -21.44 40.42 6.02
N THR H 581 -21.27 41.33 6.99
CA THR H 581 -20.19 41.41 7.98
C THR H 581 -18.80 41.17 7.38
N THR H 582 -18.62 41.50 6.10
CA THR H 582 -17.38 41.26 5.39
C THR H 582 -17.40 42.08 4.10
N GLY H 583 -16.31 42.81 3.85
CA GLY H 583 -16.24 43.60 2.62
C GLY H 583 -16.23 42.75 1.37
N VAL H 584 -15.60 41.58 1.44
CA VAL H 584 -15.48 40.71 0.26
C VAL H 584 -16.85 40.18 -0.15
N SER H 585 -17.61 39.66 0.81
CA SER H 585 -18.94 39.14 0.50
C SER H 585 -19.87 40.25 0.06
N GLU H 586 -19.75 41.43 0.66
CA GLU H 586 -20.56 42.57 0.26
C GLU H 586 -20.29 42.95 -1.19
N ILE H 587 -19.00 43.01 -1.57
CA ILE H 587 -18.64 43.36 -2.94
C ILE H 587 -19.16 42.30 -3.91
N LEU H 588 -18.98 41.02 -3.58
CA LEU H 588 -19.43 39.95 -4.46
C LEU H 588 -20.94 39.98 -4.65
N LEU H 589 -21.69 40.16 -3.56
CA LEU H 589 -23.14 40.12 -3.66
C LEU H 589 -23.68 41.35 -4.37
N LYS H 590 -23.05 42.51 -4.16
CA LYS H 590 -23.44 43.70 -4.92
C LYS H 590 -23.12 43.54 -6.39
N THR H 591 -22.04 42.82 -6.73
CA THR H 591 -21.77 42.51 -8.12
C THR H 591 -22.82 41.59 -8.69
N GLN H 592 -23.31 40.64 -7.90
CA GLN H 592 -24.32 39.71 -8.38
C GLN H 592 -25.75 40.11 -8.03
N MET H 593 -25.97 41.25 -7.39
CA MET H 593 -27.34 41.68 -7.13
C MET H 593 -27.99 42.12 -8.43
N LYS H 594 -29.17 41.59 -8.70
CA LYS H 594 -29.94 41.93 -9.90
C LYS H 594 -31.18 42.67 -9.42
N MET H 595 -31.09 43.98 -9.34
CA MET H 595 -32.13 44.79 -8.74
C MET H 595 -33.39 44.82 -9.62
N SER H 596 -34.53 44.96 -8.96
CA SER H 596 -35.81 45.03 -9.64
C SER H 596 -36.72 46.01 -8.90
N LEU H 597 -37.67 46.58 -9.64
CA LEU H 597 -38.59 47.55 -9.05
C LEU H 597 -39.45 46.92 -7.97
N LYS H 598 -39.85 45.66 -8.16
CA LYS H 598 -40.65 44.97 -7.17
C LYS H 598 -39.91 44.87 -5.85
N CYS H 599 -38.61 44.56 -5.89
CA CYS H 599 -37.82 44.45 -4.67
C CYS H 599 -37.76 45.78 -3.93
N LEU H 600 -37.48 46.88 -4.66
CA LEU H 600 -37.38 48.18 -4.01
C LEU H 600 -38.72 48.61 -3.44
N ALA H 601 -39.80 48.38 -4.18
CA ALA H 601 -41.12 48.75 -3.70
C ALA H 601 -41.48 47.97 -2.44
N ALA H 602 -41.23 46.65 -2.43
CA ALA H 602 -41.58 45.85 -1.27
C ALA H 602 -40.74 46.23 -0.06
N ARG H 603 -39.45 46.51 -0.28
CA ARG H 603 -38.58 46.93 0.81
C ARG H 603 -39.05 48.26 1.39
N ALA H 604 -39.47 49.19 0.52
CA ALA H 604 -39.97 50.47 1.01
C ALA H 604 -41.29 50.31 1.75
N VAL H 605 -42.16 49.41 1.29
CA VAL H 605 -43.42 49.16 1.98
C VAL H 605 -43.15 48.61 3.38
N ARG H 606 -42.22 47.64 3.48
CA ARG H 606 -41.91 47.07 4.78
C ARG H 606 -41.26 48.10 5.70
N ALA H 607 -40.38 48.95 5.17
CA ALA H 607 -39.75 49.96 6.01
C ALA H 607 -40.75 51.03 6.46
N ASN H 608 -41.74 51.34 5.62
CA ASN H 608 -42.77 52.31 5.99
C ASN H 608 -43.88 51.70 6.82
N ASP H 609 -43.92 50.38 6.96
CA ASP H 609 -44.87 49.66 7.82
C ASP H 609 -46.33 49.98 7.46
N ILE H 610 -46.62 49.96 6.17
CA ILE H 610 -47.99 50.17 5.69
C ILE H 610 -48.76 48.85 5.77
N ASN H 611 -50.04 48.95 6.12
CA ASN H 611 -50.88 47.75 6.23
C ASN H 611 -51.09 47.16 4.84
N TYR H 612 -50.40 46.05 4.56
CA TYR H 612 -50.45 45.45 3.24
C TYR H 612 -51.48 44.33 3.12
N GLN H 613 -51.95 43.78 4.24
CA GLN H 613 -52.90 42.68 4.18
C GLN H 613 -54.22 43.13 3.56
N ASP H 614 -54.77 42.25 2.70
CA ASP H 614 -56.07 42.46 2.06
C ASP H 614 -56.09 43.67 1.14
N GLN H 615 -54.91 44.15 0.72
CA GLN H 615 -54.81 45.23 -0.26
C GLN H 615 -53.91 44.88 -1.43
N ILE H 616 -53.35 43.67 -1.47
CA ILE H 616 -52.39 43.28 -2.51
C ILE H 616 -52.74 41.87 -2.96
N PRO H 617 -52.21 41.45 -4.11
CA PRO H 617 -52.33 40.03 -4.50
C PRO H 617 -51.73 39.11 -3.46
N ARG H 618 -52.37 37.95 -3.27
CA ARG H 618 -51.94 37.02 -2.24
C ARG H 618 -50.55 36.47 -2.52
N THR H 619 -50.20 36.26 -3.79
CA THR H 619 -48.86 35.85 -4.12
C THR H 619 -47.85 36.94 -3.75
N LEU H 620 -48.25 38.19 -3.93
CA LEU H 620 -47.40 39.31 -3.51
C LEU H 620 -47.39 39.49 -2.00
N GLU H 621 -48.36 38.91 -1.28
CA GLU H 621 -48.30 38.97 0.17
C GLU H 621 -47.08 38.23 0.69
N GLU H 622 -46.74 37.09 0.07
CA GLU H 622 -45.49 36.41 0.39
C GLU H 622 -44.29 37.29 0.06
N PHE H 623 -44.36 38.02 -1.05
CA PHE H 623 -43.27 38.89 -1.46
C PHE H 623 -43.02 39.98 -0.44
N VAL H 624 -44.09 40.58 0.08
CA VAL H 624 -43.96 41.49 1.21
C VAL H 624 -43.46 40.73 2.43
N GLY H 625 -43.80 39.44 2.52
CA GLY H 625 -43.39 38.65 3.67
C GLY H 625 -41.87 38.52 3.80
N PHE H 626 -41.19 38.21 2.70
CA PHE H 626 -39.74 38.05 2.84
C PHE H 626 -38.95 39.29 2.47
N HIS H 627 -39.44 40.14 1.57
CA HIS H 627 -38.76 41.40 1.30
C HIS H 627 -39.05 42.40 2.42
N ASP I 2 -16.71 -49.21 -7.47
CA ASP I 2 -15.58 -49.44 -6.59
C ASP I 2 -15.77 -50.72 -5.77
N VAL I 3 -16.10 -51.81 -6.46
CA VAL I 3 -16.30 -53.12 -5.84
C VAL I 3 -15.05 -53.96 -6.09
N PHE I 4 -14.58 -54.63 -5.03
CA PHE I 4 -13.35 -55.41 -5.11
C PHE I 4 -13.66 -56.85 -5.42
N LEU I 5 -12.99 -57.39 -6.43
CA LEU I 5 -13.25 -58.72 -6.94
C LEU I 5 -12.00 -59.59 -6.81
N MET I 6 -12.22 -60.88 -6.60
CA MET I 6 -11.14 -61.87 -6.54
C MET I 6 -11.35 -62.92 -7.61
N ILE I 7 -10.34 -63.13 -8.43
CA ILE I 7 -10.37 -64.12 -9.50
C ILE I 7 -9.37 -65.22 -9.15
N ARG I 8 -9.84 -66.47 -9.17
CA ARG I 8 -9.05 -67.59 -8.69
C ARG I 8 -9.02 -68.70 -9.74
N ARG I 9 -7.82 -69.19 -10.02
CA ARG I 9 -7.61 -70.43 -10.75
C ARG I 9 -7.41 -71.54 -9.70
N HIS I 10 -7.00 -72.72 -10.14
CA HIS I 10 -6.70 -73.79 -9.19
C HIS I 10 -5.54 -73.43 -8.27
N LYS I 11 -4.60 -72.60 -8.74
CA LYS I 11 -3.47 -72.20 -7.90
C LYS I 11 -3.32 -70.69 -7.74
N THR I 12 -3.48 -69.92 -8.81
CA THR I 12 -3.22 -68.49 -8.72
C THR I 12 -4.46 -67.74 -8.26
N THR I 13 -4.25 -66.49 -7.86
CA THR I 13 -5.31 -65.64 -7.33
C THR I 13 -5.01 -64.19 -7.69
N ILE I 14 -6.03 -63.49 -8.18
CA ILE I 14 -5.89 -62.10 -8.60
C ILE I 14 -6.85 -61.25 -7.77
N PHE I 15 -6.41 -60.05 -7.42
CA PHE I 15 -7.22 -59.08 -6.68
C PHE I 15 -7.37 -57.83 -7.52
N THR I 16 -8.61 -57.51 -7.89
CA THR I 16 -8.87 -56.37 -8.76
C THR I 16 -10.06 -55.57 -8.22
N ASP I 17 -10.13 -54.31 -8.64
CA ASP I 17 -11.21 -53.41 -8.27
C ASP I 17 -12.01 -53.04 -9.52
N ALA I 18 -13.33 -53.13 -9.41
CA ALA I 18 -14.23 -52.82 -10.51
C ALA I 18 -15.10 -51.63 -10.13
N LYS I 19 -15.21 -50.66 -11.02
CA LYS I 19 -16.07 -49.52 -10.77
C LYS I 19 -17.54 -49.93 -10.84
N GLU I 20 -18.35 -49.29 -9.99
CA GLU I 20 -19.78 -49.60 -9.94
C GLU I 20 -20.48 -49.26 -11.25
N SER I 21 -20.11 -48.13 -11.86
CA SER I 21 -20.66 -47.74 -13.16
C SER I 21 -19.77 -48.26 -14.29
N SER I 22 -19.59 -49.58 -14.31
CA SER I 22 -18.76 -50.22 -15.31
C SER I 22 -19.38 -51.57 -15.67
N THR I 23 -18.75 -52.26 -16.60
CA THR I 23 -19.24 -53.53 -17.12
C THR I 23 -18.21 -54.63 -16.86
N VAL I 24 -18.50 -55.81 -17.41
CA VAL I 24 -17.60 -56.96 -17.29
C VAL I 24 -16.48 -56.90 -18.32
N PHE I 25 -16.65 -56.09 -19.37
CA PHE I 25 -15.65 -56.00 -20.42
C PHE I 25 -14.33 -55.44 -19.89
N GLU I 26 -14.39 -54.48 -18.97
CA GLU I 26 -13.17 -53.89 -18.43
C GLU I 26 -12.37 -54.91 -17.63
N LEU I 27 -13.04 -55.68 -16.77
CA LEU I 27 -12.32 -56.69 -16.00
C LEU I 27 -11.82 -57.82 -16.88
N LYS I 28 -12.58 -58.17 -17.92
CA LYS I 28 -12.07 -59.15 -18.89
C LYS I 28 -10.83 -58.63 -19.59
N ARG I 29 -10.81 -57.34 -19.94
CA ARG I 29 -9.63 -56.76 -20.58
C ARG I 29 -8.42 -56.77 -19.64
N ILE I 30 -8.62 -56.42 -18.38
CA ILE I 30 -7.47 -56.36 -17.48
C ILE I 30 -6.98 -57.75 -17.12
N VAL I 31 -7.87 -58.74 -17.00
CA VAL I 31 -7.40 -60.10 -16.74
C VAL I 31 -6.74 -60.68 -17.99
N GLU I 32 -7.18 -60.27 -19.17
CA GLU I 32 -6.49 -60.65 -20.40
C GLU I 32 -5.09 -60.05 -20.45
N GLY I 33 -4.96 -58.78 -20.06
CA GLY I 33 -3.65 -58.15 -20.05
C GLY I 33 -2.72 -58.76 -19.03
N ILE I 34 -3.25 -59.12 -17.86
CA ILE I 34 -2.40 -59.67 -16.80
C ILE I 34 -2.13 -61.16 -16.98
N LEU I 35 -2.91 -61.86 -17.81
CA LEU I 35 -2.74 -63.30 -17.98
C LEU I 35 -2.48 -63.70 -19.43
N LYS I 36 -2.28 -62.73 -20.33
CA LYS I 36 -1.94 -62.93 -21.75
C LYS I 36 -2.79 -64.00 -22.44
N ARG I 37 -4.07 -64.09 -22.06
CA ARG I 37 -4.98 -65.02 -22.67
C ARG I 37 -6.12 -64.29 -23.36
N PRO I 38 -6.57 -64.78 -24.52
CA PRO I 38 -7.64 -64.08 -25.24
C PRO I 38 -8.95 -64.13 -24.47
N PRO I 39 -9.81 -63.12 -24.64
CA PRO I 39 -11.07 -63.09 -23.87
C PRO I 39 -12.00 -64.26 -24.14
N ASP I 40 -12.01 -64.80 -25.36
CA ASP I 40 -12.91 -65.91 -25.67
C ASP I 40 -12.47 -67.19 -24.96
N GLU I 41 -11.15 -67.40 -24.84
CA GLU I 41 -10.66 -68.53 -24.06
C GLU I 41 -11.03 -68.39 -22.58
N GLN I 42 -10.94 -67.17 -22.06
CA GLN I 42 -11.25 -66.93 -20.66
C GLN I 42 -12.75 -67.02 -20.42
N ARG I 43 -13.13 -67.76 -19.37
CA ARG I 43 -14.54 -67.87 -18.99
C ARG I 43 -14.70 -67.59 -17.51
N LEU I 44 -15.74 -66.83 -17.17
CA LEU I 44 -15.99 -66.45 -15.79
C LEU I 44 -17.02 -67.41 -15.20
N TYR I 45 -16.52 -68.57 -14.76
CA TYR I 45 -17.36 -69.59 -14.15
C TYR I 45 -17.56 -69.27 -12.67
N LYS I 46 -18.35 -68.22 -12.43
CA LYS I 46 -18.60 -67.73 -11.08
C LYS I 46 -19.76 -68.50 -10.46
N ASP I 47 -19.51 -69.04 -9.26
CA ASP I 47 -20.52 -69.79 -8.49
C ASP I 47 -21.08 -70.95 -9.30
N ASP I 48 -20.21 -71.64 -10.04
CA ASP I 48 -20.57 -72.77 -10.91
C ASP I 48 -21.64 -72.33 -11.91
N GLN I 49 -21.43 -71.16 -12.51
CA GLN I 49 -22.36 -70.59 -13.48
C GLN I 49 -21.59 -69.78 -14.50
N LEU I 50 -21.95 -69.95 -15.77
CA LEU I 50 -21.33 -69.17 -16.83
C LEU I 50 -21.81 -67.72 -16.78
N LEU I 51 -21.02 -66.84 -17.39
CA LEU I 51 -21.34 -65.42 -17.44
C LEU I 51 -21.13 -64.89 -18.85
N ASP I 52 -21.74 -63.74 -19.11
CA ASP I 52 -21.67 -63.11 -20.43
C ASP I 52 -20.32 -62.40 -20.59
N ASP I 53 -20.21 -61.58 -21.64
CA ASP I 53 -18.93 -60.95 -21.95
C ASP I 53 -18.82 -59.56 -21.31
N GLY I 54 -19.70 -58.64 -21.69
CA GLY I 54 -19.58 -57.28 -21.22
C GLY I 54 -20.87 -56.52 -20.95
N LYS I 55 -21.94 -57.23 -20.61
CA LYS I 55 -23.24 -56.57 -20.54
C LYS I 55 -23.40 -55.74 -19.26
N THR I 56 -23.39 -56.40 -18.10
CA THR I 56 -23.68 -55.71 -16.85
C THR I 56 -22.96 -56.40 -15.70
N LEU I 57 -22.38 -55.60 -14.81
CA LEU I 57 -21.73 -56.14 -13.62
C LEU I 57 -22.74 -56.71 -12.63
N GLY I 58 -23.86 -56.01 -12.42
CA GLY I 58 -24.76 -56.36 -11.35
C GLY I 58 -25.47 -57.70 -11.56
N GLU I 59 -25.86 -57.99 -12.79
CA GLU I 59 -26.57 -59.23 -13.07
C GLU I 59 -25.68 -60.46 -12.92
N CYS I 60 -24.36 -60.29 -12.92
CA CYS I 60 -23.45 -61.43 -12.84
C CYS I 60 -23.50 -62.12 -11.48
N GLY I 61 -24.04 -61.46 -10.46
CA GLY I 61 -24.20 -62.07 -9.15
C GLY I 61 -23.47 -61.37 -8.02
N PHE I 62 -22.67 -60.35 -8.30
CA PHE I 62 -21.93 -59.63 -7.26
C PHE I 62 -22.36 -58.17 -7.24
N THR I 63 -22.42 -57.61 -6.04
CA THR I 63 -22.67 -56.18 -5.84
C THR I 63 -21.54 -55.61 -4.98
N SER I 64 -21.65 -54.32 -4.68
CA SER I 64 -20.64 -53.67 -3.84
C SER I 64 -20.63 -54.26 -2.44
N GLN I 65 -21.81 -54.55 -1.88
CA GLN I 65 -21.87 -55.07 -0.52
C GLN I 65 -21.50 -56.55 -0.47
N THR I 66 -21.84 -57.31 -1.51
CA THR I 66 -21.54 -58.74 -1.50
C THR I 66 -20.04 -59.00 -1.67
N ALA I 67 -19.42 -58.34 -2.65
CA ALA I 67 -17.99 -58.53 -2.92
C ALA I 67 -17.19 -57.42 -2.26
N ARG I 68 -17.24 -57.41 -0.93
CA ARG I 68 -16.53 -56.40 -0.16
C ARG I 68 -15.02 -56.64 -0.24
N PRO I 69 -14.22 -55.59 -0.06
CA PRO I 69 -12.76 -55.79 0.00
C PRO I 69 -12.31 -56.65 1.17
N GLN I 70 -13.12 -56.78 2.22
CA GLN I 70 -12.78 -57.68 3.32
C GLN I 70 -12.69 -59.12 2.83
N ALA I 71 -13.63 -59.53 1.99
CA ALA I 71 -13.65 -60.88 1.44
C ALA I 71 -14.34 -60.83 0.09
N PRO I 72 -13.60 -60.54 -0.98
CA PRO I 72 -14.20 -60.55 -2.31
C PRO I 72 -14.62 -61.95 -2.73
N ALA I 73 -15.66 -62.02 -3.55
CA ALA I 73 -16.19 -63.31 -3.97
C ALA I 73 -15.20 -64.03 -4.88
N THR I 74 -15.18 -65.35 -4.75
CA THR I 74 -14.30 -66.18 -5.56
C THR I 74 -14.86 -66.31 -6.98
N VAL I 75 -14.04 -65.98 -7.97
CA VAL I 75 -14.40 -66.12 -9.37
C VAL I 75 -13.46 -67.13 -10.00
N GLY I 76 -14.02 -68.21 -10.55
CA GLY I 76 -13.23 -69.23 -11.20
C GLY I 76 -13.00 -68.91 -12.67
N LEU I 77 -11.77 -69.13 -13.11
CA LEU I 77 -11.37 -68.89 -14.49
C LEU I 77 -11.28 -70.21 -15.23
N ALA I 78 -11.92 -70.28 -16.40
CA ALA I 78 -11.96 -71.48 -17.21
C ALA I 78 -11.29 -71.21 -18.55
N PHE I 79 -10.41 -72.12 -18.97
CA PHE I 79 -9.69 -72.02 -20.22
C PHE I 79 -10.08 -73.19 -21.13
N ARG I 80 -9.94 -72.98 -22.44
CA ARG I 80 -10.22 -74.02 -23.41
C ARG I 80 -9.20 -75.14 -23.31
N ALA I 81 -9.63 -76.35 -23.65
CA ALA I 81 -8.74 -77.50 -23.64
C ALA I 81 -7.81 -77.48 -24.84
N PHE I 85 -14.46 -75.75 -22.35
CA PHE I 85 -13.52 -75.19 -21.39
C PHE I 85 -13.28 -76.15 -20.23
N GLU I 86 -12.32 -75.79 -19.37
CA GLU I 86 -12.09 -76.59 -18.18
C GLU I 86 -13.21 -76.38 -17.16
N ALA I 87 -13.31 -77.31 -16.22
CA ALA I 87 -14.31 -77.24 -15.17
C ALA I 87 -13.82 -76.36 -14.03
N LEU I 88 -14.63 -76.26 -12.97
CA LEU I 88 -14.28 -75.49 -11.79
C LEU I 88 -13.41 -76.36 -10.88
N CYS I 89 -12.12 -76.43 -11.23
CA CYS I 89 -11.14 -77.25 -10.52
C CYS I 89 -10.32 -76.44 -9.54
N ILE I 90 -10.94 -75.45 -8.89
CA ILE I 90 -10.23 -74.54 -7.99
C ILE I 90 -9.77 -75.34 -6.76
N GLU I 91 -8.47 -75.49 -6.62
CA GLU I 91 -7.92 -76.24 -5.50
C GLU I 91 -8.00 -75.42 -4.22
N PRO I 92 -8.54 -75.96 -3.13
CA PRO I 92 -8.65 -75.19 -1.90
C PRO I 92 -7.29 -74.96 -1.24
N PHE I 93 -7.23 -73.89 -0.44
CA PHE I 93 -6.03 -73.60 0.33
C PHE I 93 -5.90 -74.59 1.49
N SER I 94 -4.73 -74.57 2.11
CA SER I 94 -4.46 -75.48 3.22
C SER I 94 -5.31 -75.14 4.43
N SER I 95 -5.79 -76.18 5.10
CA SER I 95 -6.63 -75.97 6.27
C SER I 95 -5.81 -75.42 7.43
N PRO I 96 -6.31 -74.42 8.15
CA PRO I 96 -5.60 -73.93 9.32
C PRO I 96 -5.59 -74.99 10.40
N PRO I 97 -4.54 -75.02 11.23
CA PRO I 97 -4.50 -76.00 12.33
C PRO I 97 -5.57 -75.72 13.37
N GLU I 98 -5.94 -76.77 14.08
CA GLU I 98 -6.98 -76.67 15.09
C GLU I 98 -6.51 -75.86 16.29
N LEU I 99 -7.48 -75.40 17.08
CA LEU I 99 -7.17 -74.59 18.25
C LEU I 99 -6.47 -75.43 19.32
N PRO I 100 -5.48 -74.87 20.04
CA PRO I 100 -4.81 -75.58 21.14
C PRO I 100 -5.75 -75.86 22.31
N THR J 21 -60.75 51.38 -12.60
CA THR J 21 -60.50 51.18 -11.17
C THR J 21 -59.01 51.28 -10.85
N SER J 22 -58.44 50.18 -10.35
CA SER J 22 -57.02 50.13 -10.00
C SER J 22 -56.58 48.68 -10.00
N LEU J 23 -55.39 48.43 -9.47
CA LEU J 23 -54.84 47.09 -9.36
C LEU J 23 -55.21 46.40 -8.06
N LYS J 24 -56.09 47.00 -7.27
CA LYS J 24 -56.54 46.36 -6.05
C LYS J 24 -57.30 45.09 -6.38
N PRO J 25 -57.07 44.00 -5.64
CA PRO J 25 -57.81 42.76 -5.91
C PRO J 25 -59.29 42.92 -5.61
N ARG J 26 -60.11 42.93 -6.65
CA ARG J 26 -61.54 43.12 -6.52
C ARG J 26 -62.27 41.89 -7.04
N VAL J 27 -63.38 41.56 -6.37
CA VAL J 27 -64.19 40.40 -6.73
C VAL J 27 -64.75 40.63 -8.13
N VAL J 28 -64.32 39.82 -9.09
CA VAL J 28 -64.72 39.96 -10.48
C VAL J 28 -65.45 38.70 -10.92
N ASP J 29 -66.52 38.88 -11.69
CA ASP J 29 -67.30 37.75 -12.17
C ASP J 29 -66.48 36.96 -13.19
N PHE J 30 -66.33 35.66 -12.94
CA PHE J 30 -65.53 34.82 -13.81
C PHE J 30 -66.19 34.60 -15.17
N ASP J 31 -67.52 34.55 -15.21
CA ASP J 31 -68.21 34.16 -16.43
C ASP J 31 -68.03 35.19 -17.54
N GLU J 32 -68.30 36.47 -17.24
CA GLU J 32 -68.21 37.50 -18.27
C GLU J 32 -66.76 37.75 -18.70
N THR J 33 -65.84 37.78 -17.73
CA THR J 33 -64.43 37.98 -18.05
C THR J 33 -63.89 36.83 -18.87
N TRP J 34 -64.23 35.60 -18.49
CA TRP J 34 -63.80 34.44 -19.26
C TRP J 34 -64.46 34.41 -20.63
N ASN J 35 -65.68 34.93 -20.76
CA ASN J 35 -66.33 34.98 -22.06
C ASN J 35 -65.63 35.95 -22.99
N LYS J 36 -65.35 37.17 -22.51
CA LYS J 36 -64.67 38.15 -23.37
C LYS J 36 -63.25 37.71 -23.68
N LEU J 37 -62.57 37.08 -22.71
CA LEU J 37 -61.24 36.52 -22.95
C LEU J 37 -61.30 35.39 -23.98
N LEU J 38 -62.32 34.54 -23.88
CA LEU J 38 -62.50 33.46 -24.83
C LEU J 38 -62.68 34.01 -26.24
N THR J 39 -63.52 35.04 -26.39
CA THR J 39 -63.74 35.64 -27.70
C THR J 39 -62.44 36.22 -28.26
N THR J 40 -61.71 36.97 -27.44
CA THR J 40 -60.51 37.62 -27.99
C THR J 40 -59.39 36.63 -28.25
N ILE J 41 -59.28 35.55 -27.47
CA ILE J 41 -58.17 34.64 -27.77
C ILE J 41 -58.55 33.68 -28.90
N LYS J 42 -59.83 33.38 -29.09
CA LYS J 42 -60.19 32.65 -30.30
C LYS J 42 -60.13 33.55 -31.53
N ALA J 43 -60.11 34.87 -31.33
CA ALA J 43 -59.75 35.76 -32.42
C ALA J 43 -58.25 35.74 -32.67
N VAL J 44 -57.45 35.72 -31.61
CA VAL J 44 -55.99 35.79 -31.76
C VAL J 44 -55.44 34.51 -32.38
N VAL J 45 -55.88 33.35 -31.89
CA VAL J 45 -55.40 32.08 -32.43
C VAL J 45 -55.75 31.94 -33.90
N MET J 46 -56.98 32.31 -34.26
CA MET J 46 -57.38 32.35 -35.65
C MET J 46 -56.88 33.60 -36.39
N LEU J 47 -56.02 34.39 -35.74
CA LEU J 47 -55.38 35.57 -36.33
C LEU J 47 -56.41 36.59 -36.81
N GLU J 48 -57.56 36.67 -36.14
CA GLU J 48 -58.48 37.75 -36.39
C GLU J 48 -57.88 39.05 -35.85
N TYR J 49 -58.11 40.15 -36.57
CA TYR J 49 -57.53 41.43 -36.20
C TYR J 49 -58.16 41.92 -34.90
N VAL J 50 -57.37 41.91 -33.84
CA VAL J 50 -57.83 42.35 -32.52
C VAL J 50 -57.33 43.76 -32.27
N GLU J 51 -58.11 44.53 -31.52
CA GLU J 51 -57.76 45.91 -31.25
C GLU J 51 -56.71 46.01 -30.15
N ARG J 52 -55.85 47.02 -30.26
CA ARG J 52 -54.78 47.21 -29.28
C ARG J 52 -55.33 47.61 -27.93
N ALA J 53 -56.37 48.45 -27.91
CA ALA J 53 -57.01 48.80 -26.65
C ALA J 53 -57.61 47.58 -25.99
N THR J 54 -58.32 46.74 -26.76
CA THR J 54 -58.86 45.49 -26.23
C THR J 54 -57.74 44.58 -25.76
N TRP J 55 -56.60 44.61 -26.44
CA TRP J 55 -55.44 43.81 -26.06
C TRP J 55 -54.92 44.21 -24.69
N ASN J 56 -54.71 45.51 -24.48
CA ASN J 56 -54.17 45.97 -23.20
C ASN J 56 -55.19 45.80 -22.09
N ASP J 57 -56.47 46.02 -22.40
CA ASP J 57 -57.52 45.73 -21.43
C ASP J 57 -57.59 44.25 -21.12
N ARG J 58 -57.16 43.39 -22.04
CA ARG J 58 -57.15 41.95 -21.77
C ARG J 58 -55.97 41.54 -20.90
N PHE J 59 -54.80 42.17 -21.05
CA PHE J 59 -53.80 42.09 -19.97
C PHE J 59 -54.39 42.54 -18.63
N SER J 60 -55.16 43.63 -18.62
CA SER J 60 -55.78 44.05 -17.35
C SER J 60 -56.69 42.97 -16.78
N ASP J 61 -57.56 42.41 -17.62
CA ASP J 61 -58.50 41.40 -17.17
C ASP J 61 -57.80 40.14 -16.71
N ILE J 62 -56.72 39.77 -17.39
CA ILE J 62 -55.92 38.62 -16.98
C ILE J 62 -55.34 38.85 -15.59
N TYR J 63 -54.79 40.03 -15.36
CA TYR J 63 -54.26 40.32 -14.02
C TYR J 63 -55.36 40.27 -12.96
N ALA J 64 -56.55 40.75 -13.30
CA ALA J 64 -57.66 40.69 -12.35
C ALA J 64 -58.05 39.26 -12.04
N LEU J 65 -58.04 38.39 -13.05
CA LEU J 65 -58.49 37.01 -12.86
C LEU J 65 -57.56 36.22 -11.95
N CYS J 66 -56.26 36.44 -12.06
CA CYS J 66 -55.29 35.68 -11.29
C CYS J 66 -55.14 36.17 -9.87
N VAL J 67 -55.87 37.21 -9.50
CA VAL J 67 -55.64 37.88 -8.22
C VAL J 67 -56.91 38.01 -7.39
N ALA J 68 -58.09 37.99 -8.00
CA ALA J 68 -59.33 38.44 -7.36
C ALA J 68 -59.65 37.70 -6.08
N TYR J 69 -60.03 38.46 -5.05
CA TYR J 69 -60.49 37.92 -3.79
C TYR J 69 -61.85 37.26 -3.96
N PRO J 70 -62.21 36.29 -3.09
CA PRO J 70 -61.48 35.76 -1.93
C PRO J 70 -60.50 34.65 -2.31
N GLU J 71 -60.68 34.04 -3.48
CA GLU J 71 -59.83 32.95 -3.93
C GLU J 71 -59.32 33.29 -5.32
N PRO J 72 -58.03 33.17 -5.57
CA PRO J 72 -57.52 33.38 -6.93
C PRO J 72 -58.11 32.38 -7.90
N LEU J 73 -58.36 32.84 -9.13
CA LEU J 73 -59.00 32.03 -10.15
C LEU J 73 -57.99 31.46 -11.14
N GLY J 74 -56.72 31.38 -10.75
CA GLY J 74 -55.70 30.88 -11.66
C GLY J 74 -55.92 29.45 -12.07
N GLU J 75 -56.32 28.59 -11.12
CA GLU J 75 -56.66 27.22 -11.46
C GLU J 75 -57.87 27.18 -12.38
N ARG J 76 -58.90 27.99 -12.08
CA ARG J 76 -60.09 28.02 -12.91
C ARG J 76 -59.77 28.53 -14.31
N LEU J 77 -58.97 29.59 -14.40
CA LEU J 77 -58.62 30.14 -15.71
C LEU J 77 -57.77 29.16 -16.51
N TYR J 78 -56.82 28.50 -15.86
CA TYR J 78 -55.98 27.52 -16.55
C TYR J 78 -56.82 26.36 -17.06
N THR J 79 -57.74 25.86 -16.24
CA THR J 79 -58.60 24.76 -16.68
C THR J 79 -59.51 25.19 -17.83
N GLU J 80 -60.09 26.39 -17.73
CA GLU J 80 -60.98 26.86 -18.79
C GLU J 80 -60.24 27.07 -20.10
N THR J 81 -59.03 27.63 -20.04
CA THR J 81 -58.29 27.83 -21.28
C THR J 81 -57.73 26.52 -21.83
N LYS J 82 -57.45 25.54 -20.96
CA LYS J 82 -57.10 24.22 -21.46
C LYS J 82 -58.28 23.59 -22.19
N ILE J 83 -59.49 23.75 -21.65
CA ILE J 83 -60.68 23.23 -22.32
C ILE J 83 -60.87 23.93 -23.66
N PHE J 84 -60.68 25.25 -23.69
CA PHE J 84 -60.86 26.00 -24.93
C PHE J 84 -59.85 25.55 -25.99
N LEU J 85 -58.59 25.40 -25.59
CA LEU J 85 -57.57 24.96 -26.54
C LEU J 85 -57.85 23.55 -27.01
N GLU J 86 -58.30 22.67 -26.11
CA GLU J 86 -58.60 21.30 -26.50
C GLU J 86 -59.72 21.25 -27.53
N ASN J 87 -60.81 22.01 -27.31
CA ASN J 87 -61.90 21.94 -28.27
C ASN J 87 -61.57 22.67 -29.56
N HIS J 88 -60.73 23.72 -29.51
CA HIS J 88 -60.32 24.37 -30.75
C HIS J 88 -59.43 23.45 -31.58
N VAL J 89 -58.50 22.76 -30.93
CA VAL J 89 -57.65 21.81 -31.65
C VAL J 89 -58.48 20.66 -32.19
N ARG J 90 -59.52 20.23 -31.44
CA ARG J 90 -60.43 19.21 -31.96
C ARG J 90 -61.16 19.71 -33.19
N HIS J 91 -61.61 20.97 -33.18
CA HIS J 91 -62.28 21.51 -34.35
C HIS J 91 -61.35 21.57 -35.55
N LEU J 92 -60.10 21.99 -35.35
CA LEU J 92 -59.15 22.01 -36.45
C LEU J 92 -58.83 20.60 -36.94
N HIS J 93 -58.79 19.64 -36.02
CA HIS J 93 -58.53 18.25 -36.38
C HIS J 93 -59.65 17.69 -37.23
N LYS J 94 -60.90 17.97 -36.86
CA LYS J 94 -62.03 17.56 -37.71
C LYS J 94 -62.01 18.28 -39.05
N ARG J 95 -61.65 19.57 -39.05
CA ARG J 95 -61.62 20.33 -40.28
C ARG J 95 -60.57 19.79 -41.25
N VAL J 96 -59.40 19.39 -40.73
CA VAL J 96 -58.38 18.84 -41.61
C VAL J 96 -58.67 17.39 -41.96
N LEU J 97 -59.40 16.65 -41.11
CA LEU J 97 -59.75 15.28 -41.43
C LEU J 97 -60.76 15.22 -42.55
N GLU J 98 -61.75 16.11 -42.54
CA GLU J 98 -62.74 16.11 -43.60
C GLU J 98 -62.16 16.60 -44.93
N SER J 99 -61.04 17.33 -44.90
CA SER J 99 -60.35 17.74 -46.13
C SER J 99 -59.31 16.67 -46.47
N GLU J 100 -59.77 15.61 -47.13
CA GLU J 100 -58.93 14.45 -47.39
C GLU J 100 -57.83 14.75 -48.40
N GLU J 101 -58.16 15.46 -49.48
CA GLU J 101 -57.20 15.66 -50.55
C GLU J 101 -56.12 16.67 -50.17
N GLN J 102 -56.51 17.77 -49.52
CA GLN J 102 -55.61 18.87 -49.21
C GLN J 102 -55.20 18.87 -47.74
N VAL J 103 -54.96 17.68 -47.19
CA VAL J 103 -54.64 17.57 -45.77
C VAL J 103 -53.32 18.28 -45.45
N LEU J 104 -52.36 18.22 -46.37
CA LEU J 104 -51.05 18.79 -46.10
C LEU J 104 -51.09 20.32 -46.08
N VAL J 105 -51.71 20.93 -47.08
CA VAL J 105 -51.73 22.39 -47.16
C VAL J 105 -52.57 22.98 -46.04
N MET J 106 -53.72 22.36 -45.76
CA MET J 106 -54.56 22.82 -44.65
C MET J 106 -53.85 22.65 -43.32
N TYR J 107 -53.13 21.54 -43.14
CA TYR J 107 -52.38 21.36 -41.91
C TYR J 107 -51.29 22.39 -41.76
N HIS J 108 -50.61 22.74 -42.86
CA HIS J 108 -49.57 23.75 -42.78
C HIS J 108 -50.15 25.12 -42.43
N ARG J 109 -51.27 25.49 -43.06
CA ARG J 109 -51.88 26.78 -42.76
C ARG J 109 -52.35 26.86 -41.32
N TYR J 110 -53.04 25.81 -40.86
CA TYR J 110 -53.49 25.78 -39.47
C TYR J 110 -52.31 25.72 -38.51
N TRP J 111 -51.20 25.10 -38.92
CA TRP J 111 -50.04 25.08 -38.04
C TRP J 111 -49.42 26.45 -37.90
N GLU J 112 -49.29 27.21 -38.99
CA GLU J 112 -48.80 28.57 -38.88
C GLU J 112 -49.71 29.42 -38.00
N GLU J 113 -51.03 29.32 -38.23
CA GLU J 113 -51.97 30.10 -37.45
C GLU J 113 -51.89 29.74 -35.97
N TYR J 114 -51.81 28.46 -35.66
CA TYR J 114 -51.79 28.05 -34.27
C TYR J 114 -50.44 28.33 -33.60
N SER J 115 -49.34 28.27 -34.35
CA SER J 115 -48.05 28.60 -33.76
C SER J 115 -48.00 30.08 -33.40
N LYS J 116 -48.49 30.94 -34.30
CA LYS J 116 -48.57 32.36 -33.96
C LYS J 116 -49.51 32.59 -32.80
N GLY J 117 -50.64 31.88 -32.77
CA GLY J 117 -51.57 32.02 -31.66
C GLY J 117 -50.98 31.56 -30.35
N ALA J 118 -50.16 30.51 -30.38
CA ALA J 118 -49.54 30.02 -29.16
C ALA J 118 -48.49 30.98 -28.64
N ASP J 119 -47.70 31.58 -29.54
CA ASP J 119 -46.76 32.60 -29.10
C ASP J 119 -47.48 33.80 -28.51
N TYR J 120 -48.55 34.24 -29.16
CA TYR J 120 -49.29 35.39 -28.65
C TYR J 120 -50.01 35.06 -27.35
N MET J 121 -50.42 33.81 -27.17
CA MET J 121 -51.02 33.39 -25.91
C MET J 121 -49.97 33.35 -24.80
N ASP J 122 -48.75 32.92 -25.12
CA ASP J 122 -47.68 32.98 -24.14
C ASP J 122 -47.41 34.42 -23.72
N CYS J 123 -47.46 35.35 -24.68
CA CYS J 123 -47.30 36.76 -24.34
C CYS J 123 -48.46 37.26 -23.48
N LEU J 124 -49.68 36.86 -23.80
CA LEU J 124 -50.83 37.40 -23.09
C LEU J 124 -50.95 36.80 -21.69
N TYR J 125 -50.64 35.51 -21.54
CA TYR J 125 -50.78 34.82 -20.26
C TYR J 125 -49.51 34.89 -19.43
N ARG J 126 -48.73 35.97 -19.58
CA ARG J 126 -47.45 36.04 -18.89
C ARG J 126 -47.61 36.07 -17.37
N TYR J 127 -48.73 36.60 -16.87
CA TYR J 127 -48.92 36.65 -15.43
C TYR J 127 -49.09 35.26 -14.84
N LEU J 128 -49.83 34.37 -15.51
CA LEU J 128 -49.87 32.99 -15.06
C LEU J 128 -48.51 32.32 -15.19
N ASN J 129 -47.76 32.64 -16.24
CA ASN J 129 -46.47 31.98 -16.44
C ASN J 129 -45.47 32.41 -15.39
N THR J 130 -45.60 33.61 -14.83
CA THR J 130 -44.62 34.09 -13.86
C THR J 130 -45.14 34.18 -12.44
N GLN J 131 -46.41 33.84 -12.19
CA GLN J 131 -46.95 34.03 -10.85
C GLN J 131 -47.65 32.79 -10.32
N PHE J 132 -48.21 31.97 -11.20
CA PHE J 132 -48.99 30.82 -10.78
C PHE J 132 -48.47 29.50 -11.30
N ILE J 133 -48.05 29.44 -12.57
CA ILE J 133 -47.59 28.19 -13.15
C ILE J 133 -46.28 27.76 -12.51
N LYS J 134 -45.34 28.68 -12.36
CA LYS J 134 -44.04 28.37 -11.78
C LYS J 134 -44.05 28.45 -10.25
N LYS J 135 -45.17 28.81 -9.65
CA LYS J 135 -45.25 28.91 -8.20
C LYS J 135 -46.22 27.87 -7.63
N PRO J 155 -44.94 20.06 -11.44
CA PRO J 155 -46.23 20.69 -11.15
C PRO J 155 -47.06 20.94 -12.41
N LEU J 156 -47.50 22.17 -12.61
CA LEU J 156 -48.25 22.55 -13.79
C LEU J 156 -47.28 22.88 -14.92
N MET J 157 -47.79 23.48 -15.99
CA MET J 157 -46.96 23.78 -17.15
C MET J 157 -47.52 24.98 -17.90
N GLU J 158 -46.65 25.62 -18.67
CA GLU J 158 -46.91 26.96 -19.20
C GLU J 158 -47.97 26.94 -20.29
N ILE J 159 -48.56 28.11 -20.53
CA ILE J 159 -49.66 28.24 -21.48
C ILE J 159 -49.19 27.98 -22.90
N GLY J 160 -48.03 28.51 -23.27
CA GLY J 160 -47.47 28.18 -24.57
C GLY J 160 -47.13 26.70 -24.67
N GLU J 161 -46.54 26.15 -23.61
CA GLU J 161 -46.30 24.71 -23.57
C GLU J 161 -47.60 23.93 -23.58
N LEU J 162 -48.65 24.45 -22.93
CA LEU J 162 -49.95 23.77 -22.97
C LEU J 162 -50.53 23.78 -24.37
N ALA J 163 -50.41 24.91 -25.08
CA ALA J 163 -50.91 24.97 -26.45
C ALA J 163 -50.17 24.00 -27.36
N LEU J 164 -48.85 23.93 -27.21
CA LEU J 164 -48.07 23.01 -28.04
C LEU J 164 -48.37 21.56 -27.68
N ASP J 165 -48.55 21.25 -26.38
CA ASP J 165 -48.87 19.89 -25.98
C ASP J 165 -50.25 19.48 -26.45
N MET J 166 -51.23 20.40 -26.39
CA MET J 166 -52.55 20.09 -26.92
C MET J 166 -52.51 19.88 -28.42
N TRP J 167 -51.73 20.70 -29.13
CA TRP J 167 -51.56 20.49 -30.56
C TRP J 167 -50.93 19.14 -30.85
N ARG J 168 -49.95 18.73 -30.04
CA ARG J 168 -49.32 17.43 -30.24
C ARG J 168 -50.30 16.29 -29.97
N LYS J 169 -51.07 16.38 -28.88
CA LYS J 169 -51.91 15.27 -28.46
C LYS J 169 -53.18 15.14 -29.27
N LEU J 170 -53.69 16.24 -29.84
CA LEU J 170 -54.97 16.19 -30.53
C LEU J 170 -54.91 16.78 -31.93
N MET J 171 -53.72 17.00 -32.48
CA MET J 171 -53.58 17.53 -33.84
C MET J 171 -52.53 16.82 -34.67
N VAL J 172 -51.56 16.13 -34.06
CA VAL J 172 -50.66 15.29 -34.83
C VAL J 172 -50.67 13.84 -34.36
N GLU J 173 -50.99 13.55 -33.10
CA GLU J 173 -51.07 12.16 -32.66
C GLU J 173 -52.17 11.36 -33.35
N PRO J 174 -53.43 11.86 -33.51
CA PRO J 174 -54.45 11.03 -34.19
C PRO J 174 -54.14 10.75 -35.65
N LEU J 175 -53.83 11.77 -36.43
CA LEU J 175 -53.56 11.62 -37.86
C LEU J 175 -52.06 11.62 -38.17
N GLN J 176 -51.26 11.02 -37.28
CA GLN J 176 -49.84 10.88 -37.53
C GLN J 176 -49.58 10.03 -38.77
N ALA J 177 -50.29 8.92 -38.90
CA ALA J 177 -50.00 7.96 -39.97
C ALA J 177 -50.27 8.55 -41.34
N ILE J 178 -51.41 9.23 -41.52
CA ILE J 178 -51.75 9.75 -42.83
C ILE J 178 -50.83 10.91 -43.21
N LEU J 179 -50.45 11.75 -42.25
CA LEU J 179 -49.51 12.82 -42.54
C LEU J 179 -48.15 12.26 -42.91
N ILE J 180 -47.69 11.24 -42.18
CA ILE J 180 -46.39 10.63 -42.46
C ILE J 180 -46.38 10.03 -43.86
N ARG J 181 -47.41 9.25 -44.19
CA ARG J 181 -47.42 8.60 -45.49
C ARG J 181 -47.67 9.59 -46.63
N MET J 182 -48.40 10.68 -46.37
CA MET J 182 -48.61 11.67 -47.42
C MET J 182 -47.34 12.46 -47.69
N LEU J 183 -46.60 12.81 -46.63
CA LEU J 183 -45.29 13.45 -46.84
C LEU J 183 -44.32 12.51 -47.52
N LEU J 184 -44.35 11.23 -47.17
CA LEU J 184 -43.48 10.26 -47.82
C LEU J 184 -43.81 10.14 -49.30
N ARG J 185 -45.11 10.10 -49.64
CA ARG J 185 -45.50 10.04 -51.04
C ARG J 185 -45.10 11.31 -51.80
N GLU J 186 -45.26 12.47 -51.16
CA GLU J 186 -44.87 13.73 -51.80
C GLU J 186 -43.38 13.80 -52.05
N ILE J 187 -42.57 13.39 -51.06
CA ILE J 187 -41.12 13.45 -51.23
C ILE J 187 -40.65 12.37 -52.21
N LYS J 188 -41.35 11.23 -52.27
CA LYS J 188 -41.04 10.22 -53.28
C LYS J 188 -41.34 10.73 -54.67
N ASN J 189 -42.46 11.43 -54.84
CA ASN J 189 -42.77 12.05 -56.12
C ASN J 189 -41.76 13.11 -56.47
N ASP J 190 -41.25 13.84 -55.47
CA ASP J 190 -40.18 14.80 -55.72
C ASP J 190 -38.91 14.10 -56.22
N ARG J 191 -38.56 12.98 -55.59
CA ARG J 191 -37.41 12.21 -56.05
C ARG J 191 -37.62 11.66 -57.45
N GLY J 192 -38.87 11.39 -57.81
CA GLY J 192 -39.17 10.95 -59.16
C GLY J 192 -38.94 12.01 -60.21
N GLY J 193 -38.94 13.28 -59.82
CA GLY J 193 -38.65 14.34 -60.75
C GLY J 193 -39.54 15.57 -60.61
N GLU J 194 -40.73 15.39 -60.06
CA GLU J 194 -41.64 16.52 -59.90
C GLU J 194 -41.15 17.43 -58.78
N ASP J 195 -41.72 18.64 -58.75
CA ASP J 195 -41.30 19.68 -57.81
C ASP J 195 -42.50 20.14 -56.99
N PRO J 196 -42.74 19.53 -55.83
CA PRO J 196 -43.83 20.01 -54.96
C PRO J 196 -43.49 21.35 -54.34
N ASN J 197 -44.53 22.04 -53.88
CA ASN J 197 -44.38 23.34 -53.24
C ASN J 197 -43.65 23.15 -51.91
N GLN J 198 -42.37 23.51 -51.89
CA GLN J 198 -41.51 23.21 -50.74
C GLN J 198 -41.94 23.91 -49.48
N LYS J 199 -42.72 24.98 -49.59
CA LYS J 199 -43.15 25.72 -48.40
C LYS J 199 -44.00 24.85 -47.49
N VAL J 200 -44.94 24.09 -48.06
CA VAL J 200 -45.85 23.29 -47.25
C VAL J 200 -45.09 22.15 -46.57
N ILE J 201 -44.23 21.47 -47.32
CA ILE J 201 -43.46 20.36 -46.75
C ILE J 201 -42.53 20.85 -45.66
N HIS J 202 -41.82 21.96 -45.92
CA HIS J 202 -40.92 22.50 -44.91
C HIS J 202 -41.70 22.97 -43.68
N GLY J 203 -42.88 23.56 -43.88
CA GLY J 203 -43.67 24.02 -42.77
C GLY J 203 -44.15 22.88 -41.88
N VAL J 204 -44.64 21.80 -42.49
CA VAL J 204 -45.12 20.70 -41.66
C VAL J 204 -43.97 19.92 -41.02
N ILE J 205 -42.82 19.84 -41.71
CA ILE J 205 -41.67 19.16 -41.12
C ILE J 205 -41.12 19.97 -39.95
N ASN J 206 -41.00 21.28 -40.12
CA ASN J 206 -40.66 22.14 -38.99
C ASN J 206 -41.77 22.22 -37.96
N SER J 207 -42.98 21.78 -38.31
CA SER J 207 -44.06 21.64 -37.34
C SER J 207 -43.94 20.36 -36.54
N PHE J 208 -43.25 19.35 -37.05
CA PHE J 208 -42.89 18.23 -36.20
C PHE J 208 -41.91 18.65 -35.12
N VAL J 209 -40.96 19.53 -35.47
CA VAL J 209 -40.13 20.25 -34.52
C VAL J 209 -40.99 21.42 -34.05
N HIS J 210 -40.52 22.20 -33.08
CA HIS J 210 -41.15 23.42 -32.58
C HIS J 210 -42.39 23.11 -31.76
N VAL J 211 -42.79 21.85 -31.66
CA VAL J 211 -43.88 21.45 -30.77
C VAL J 211 -43.35 20.96 -29.44
N GLU J 212 -42.32 20.11 -29.47
CA GLU J 212 -41.62 19.69 -28.27
C GLU J 212 -40.55 20.69 -27.82
N GLN J 213 -40.49 21.87 -28.44
CA GLN J 213 -39.44 22.82 -28.12
C GLN J 213 -39.53 23.30 -26.68
N TYR J 214 -40.72 23.30 -26.10
CA TYR J 214 -40.87 23.77 -24.73
C TYR J 214 -40.47 22.73 -23.71
N LYS J 215 -40.12 21.52 -24.13
CA LYS J 215 -39.72 20.47 -23.21
C LYS J 215 -38.24 20.16 -23.39
N LYS J 216 -37.53 20.01 -22.29
CA LYS J 216 -36.12 19.66 -22.31
C LYS J 216 -35.99 18.16 -22.52
N LYS J 217 -34.78 17.63 -22.30
CA LYS J 217 -34.48 16.19 -22.40
C LYS J 217 -34.80 15.67 -23.81
N PHE J 218 -33.98 16.14 -24.76
CA PHE J 218 -34.01 15.77 -26.17
C PHE J 218 -35.34 16.16 -26.80
N PRO J 219 -35.57 17.45 -27.04
CA PRO J 219 -36.82 17.87 -27.68
C PRO J 219 -37.00 17.35 -29.10
N LEU J 220 -35.94 16.88 -29.74
CA LEU J 220 -36.06 16.28 -31.06
C LEU J 220 -36.49 14.82 -31.01
N LYS J 221 -36.83 14.31 -29.82
CA LYS J 221 -37.23 12.91 -29.69
C LYS J 221 -38.50 12.62 -30.49
N PHE J 222 -39.47 13.53 -30.44
CA PHE J 222 -40.71 13.36 -31.18
C PHE J 222 -40.45 13.32 -32.68
N TYR J 223 -39.64 14.26 -33.16
CA TYR J 223 -39.32 14.32 -34.59
C TYR J 223 -38.54 13.10 -35.04
N GLN J 224 -37.66 12.56 -34.17
CA GLN J 224 -36.89 11.39 -34.56
C GLN J 224 -37.75 10.13 -34.56
N GLU J 225 -38.63 9.98 -33.57
CA GLU J 225 -39.39 8.75 -33.42
C GLU J 225 -40.66 8.72 -34.23
N ILE J 226 -41.14 9.85 -34.75
CA ILE J 226 -42.38 9.90 -35.51
C ILE J 226 -42.12 10.04 -37.00
N PHE J 227 -41.24 10.96 -37.37
CA PHE J 227 -40.99 11.24 -38.79
C PHE J 227 -39.67 10.70 -39.29
N GLU J 228 -38.59 10.81 -38.50
CA GLU J 228 -37.27 10.49 -39.02
C GLU J 228 -37.09 9.00 -39.25
N SER J 229 -37.54 8.16 -38.31
CA SER J 229 -37.38 6.72 -38.49
C SER J 229 -38.17 6.17 -39.69
N PRO J 230 -39.47 6.47 -39.87
CA PRO J 230 -40.15 5.94 -41.07
C PRO J 230 -39.61 6.53 -42.35
N PHE J 231 -39.26 7.81 -42.37
CA PHE J 231 -38.69 8.41 -43.58
C PHE J 231 -37.35 7.77 -43.91
N LEU J 232 -36.53 7.51 -42.90
CA LEU J 232 -35.23 6.88 -43.13
C LEU J 232 -35.39 5.46 -43.63
N THR J 233 -36.33 4.69 -43.06
CA THR J 233 -36.56 3.34 -43.53
C THR J 233 -37.08 3.34 -44.98
N GLU J 234 -38.01 4.23 -45.29
CA GLU J 234 -38.55 4.33 -46.63
C GLU J 234 -37.47 4.71 -47.63
N THR J 235 -36.65 5.71 -47.29
CA THR J 235 -35.61 6.14 -48.22
C THR J 235 -34.52 5.08 -48.34
N GLY J 236 -34.28 4.30 -47.29
CA GLY J 236 -33.34 3.20 -47.40
C GLY J 236 -33.81 2.15 -48.38
N GLU J 237 -35.08 1.75 -48.26
CA GLU J 237 -35.64 0.76 -49.19
C GLU J 237 -35.67 1.32 -50.62
N TYR J 238 -36.08 2.57 -50.77
CA TYR J 238 -36.17 3.19 -52.09
C TYR J 238 -34.80 3.29 -52.74
N TYR J 239 -33.79 3.70 -51.99
CA TYR J 239 -32.46 3.82 -52.56
C TYR J 239 -31.80 2.47 -52.77
N LYS J 240 -32.15 1.46 -51.97
CA LYS J 240 -31.65 0.11 -52.24
C LYS J 240 -32.16 -0.40 -53.57
N GLN J 241 -33.47 -0.28 -53.80
CA GLN J 241 -34.00 -0.73 -55.09
C GLN J 241 -33.52 0.15 -56.24
N GLU J 242 -33.32 1.45 -55.98
CA GLU J 242 -32.79 2.33 -57.02
C GLU J 242 -31.37 1.95 -57.40
N ALA J 243 -30.53 1.65 -56.41
CA ALA J 243 -29.16 1.21 -56.68
C ALA J 243 -29.15 -0.12 -57.41
N SER J 244 -30.08 -1.02 -57.05
CA SER J 244 -30.20 -2.28 -57.78
C SER J 244 -30.55 -2.04 -59.24
N ASN J 245 -31.49 -1.14 -59.50
CA ASN J 245 -31.87 -0.82 -60.88
C ASN J 245 -30.70 -0.22 -61.64
N LEU J 246 -29.99 0.73 -61.02
CA LEU J 246 -28.88 1.39 -61.69
C LEU J 246 -27.73 0.42 -61.96
N LEU J 247 -27.48 -0.49 -61.03
CA LEU J 247 -26.47 -1.52 -61.24
C LEU J 247 -26.87 -2.44 -62.39
N GLN J 248 -28.16 -2.80 -62.46
CA GLN J 248 -28.61 -3.69 -63.51
C GLN J 248 -28.76 -3.01 -64.87
N GLU J 249 -28.73 -1.67 -64.93
CA GLU J 249 -28.94 -0.97 -66.19
C GLU J 249 -27.78 -0.07 -66.60
N SER J 250 -26.67 -0.07 -65.86
CA SER J 250 -25.55 0.81 -66.21
C SER J 250 -24.24 0.15 -65.81
N ASN J 251 -23.15 0.63 -66.41
CA ASN J 251 -21.82 0.12 -66.11
C ASN J 251 -21.26 0.83 -64.87
N CYS J 252 -19.99 0.59 -64.56
CA CYS J 252 -19.43 1.07 -63.29
C CYS J 252 -19.26 2.58 -63.30
N SER J 253 -18.69 3.14 -64.36
CA SER J 253 -18.47 4.59 -64.41
C SER J 253 -19.79 5.35 -64.44
N GLN J 254 -20.76 4.85 -65.22
CA GLN J 254 -22.09 5.45 -65.21
C GLN J 254 -22.73 5.33 -63.83
N TYR J 255 -22.46 4.22 -63.13
CA TYR J 255 -22.96 4.06 -61.77
C TYR J 255 -22.38 5.11 -60.84
N MET J 256 -21.07 5.37 -60.96
CA MET J 256 -20.44 6.40 -60.14
C MET J 256 -21.04 7.77 -60.41
N GLU J 257 -21.20 8.10 -61.69
CA GLU J 257 -21.74 9.41 -62.05
C GLU J 257 -23.17 9.57 -61.54
N LYS J 258 -24.00 8.55 -61.74
CA LYS J 258 -25.38 8.60 -61.29
C LYS J 258 -25.46 8.67 -59.78
N VAL J 259 -24.58 7.94 -59.08
CA VAL J 259 -24.65 7.93 -57.63
C VAL J 259 -24.26 9.28 -57.06
N LEU J 260 -23.22 9.92 -57.60
CA LEU J 260 -22.87 11.25 -57.11
C LEU J 260 -23.94 12.28 -57.46
N GLY J 261 -24.52 12.20 -58.66
CA GLY J 261 -25.57 13.13 -59.01
C GLY J 261 -26.81 12.97 -58.14
N ARG J 262 -27.22 11.73 -57.90
CA ARG J 262 -28.37 11.47 -57.04
C ARG J 262 -28.06 11.84 -55.59
N LEU J 263 -26.81 11.66 -55.15
CA LEU J 263 -26.44 12.05 -53.80
C LEU J 263 -26.48 13.55 -53.62
N LYS J 264 -25.99 14.31 -54.62
CA LYS J 264 -26.10 15.76 -54.56
C LYS J 264 -27.57 16.20 -54.54
N ASP J 265 -28.39 15.56 -55.36
CA ASP J 265 -29.82 15.89 -55.38
C ASP J 265 -30.47 15.58 -54.03
N GLU J 266 -30.14 14.45 -53.43
CA GLU J 266 -30.71 14.11 -52.13
C GLU J 266 -30.19 15.05 -51.04
N GLU J 267 -28.94 15.50 -51.15
CA GLU J 267 -28.42 16.46 -50.18
C GLU J 267 -29.19 17.77 -50.23
N ILE J 268 -29.38 18.32 -51.44
CA ILE J 268 -30.12 19.57 -51.52
C ILE J 268 -31.59 19.37 -51.15
N ARG J 269 -32.12 18.18 -51.44
CA ARG J 269 -33.52 17.89 -51.10
C ARG J 269 -33.74 17.85 -49.60
N CYS J 270 -32.89 17.12 -48.87
CA CYS J 270 -33.04 17.06 -47.43
C CYS J 270 -32.68 18.40 -46.78
N ARG J 271 -31.76 19.16 -47.37
CA ARG J 271 -31.47 20.48 -46.84
C ARG J 271 -32.67 21.41 -46.98
N LYS J 272 -33.37 21.35 -48.10
CA LYS J 272 -34.53 22.23 -48.29
C LYS J 272 -35.80 21.70 -47.63
N TYR J 273 -35.83 20.44 -47.21
CA TYR J 273 -37.06 19.87 -46.64
C TYR J 273 -36.93 19.60 -45.15
N LEU J 274 -35.95 18.81 -44.72
CA LEU J 274 -35.94 18.29 -43.36
C LEU J 274 -35.36 19.30 -42.38
N HIS J 275 -35.37 18.91 -41.11
CA HIS J 275 -34.69 19.67 -40.07
C HIS J 275 -33.18 19.60 -40.29
N PRO J 276 -32.44 20.64 -39.88
CA PRO J 276 -30.98 20.61 -40.04
C PRO J 276 -30.30 19.46 -39.32
N SER J 277 -30.88 18.96 -38.23
CA SER J 277 -30.22 17.93 -37.45
C SER J 277 -30.26 16.55 -38.10
N SER J 278 -30.98 16.39 -39.20
CA SER J 278 -31.14 15.09 -39.81
C SER J 278 -30.35 14.93 -41.11
N TYR J 279 -29.57 15.92 -41.51
CA TYR J 279 -28.84 15.85 -42.78
C TYR J 279 -27.85 14.71 -42.77
N THR J 280 -27.10 14.57 -41.67
CA THR J 280 -26.10 13.52 -41.58
C THR J 280 -26.75 12.15 -41.61
N LYS J 281 -27.89 11.99 -40.93
CA LYS J 281 -28.57 10.70 -40.93
C LYS J 281 -29.12 10.36 -42.30
N VAL J 282 -29.69 11.35 -43.00
CA VAL J 282 -30.20 11.10 -44.35
C VAL J 282 -29.08 10.70 -45.28
N ILE J 283 -27.94 11.39 -45.21
CA ILE J 283 -26.80 11.03 -46.06
C ILE J 283 -26.27 9.65 -45.70
N HIS J 284 -26.18 9.34 -44.41
CA HIS J 284 -25.66 8.05 -43.98
C HIS J 284 -26.54 6.91 -44.45
N GLU J 285 -27.86 7.07 -44.35
CA GLU J 285 -28.76 6.03 -44.84
C GLU J 285 -28.90 6.05 -46.36
N CYS J 286 -28.51 7.15 -47.00
CA CYS J 286 -28.49 7.24 -48.45
C CYS J 286 -27.19 6.73 -49.05
N GLN J 287 -26.20 6.42 -48.22
CA GLN J 287 -24.98 5.80 -48.69
C GLN J 287 -24.80 4.37 -48.19
N GLN J 288 -25.20 4.08 -46.95
CA GLN J 288 -25.05 2.74 -46.42
C GLN J 288 -25.97 1.74 -47.11
N ARG J 289 -27.06 2.20 -47.71
CA ARG J 289 -27.95 1.34 -48.47
C ARG J 289 -27.84 1.57 -49.98
N MET J 290 -26.82 2.32 -50.42
CA MET J 290 -26.63 2.59 -51.84
C MET J 290 -25.31 2.07 -52.37
N VAL J 291 -24.20 2.34 -51.68
CA VAL J 291 -22.90 1.89 -52.16
C VAL J 291 -22.31 0.86 -51.22
N ALA J 292 -22.67 0.93 -49.93
CA ALA J 292 -22.18 -0.05 -48.98
C ALA J 292 -22.83 -1.42 -49.20
N ASP J 293 -24.09 -1.44 -49.64
CA ASP J 293 -24.73 -2.70 -49.98
C ASP J 293 -24.16 -3.29 -51.26
N HIS J 294 -23.71 -2.43 -52.19
CA HIS J 294 -23.06 -2.87 -53.42
C HIS J 294 -21.55 -2.68 -53.34
N LEU J 295 -20.99 -2.87 -52.15
CA LEU J 295 -19.56 -2.61 -51.96
C LEU J 295 -18.70 -3.66 -52.65
N GLN J 296 -19.19 -4.89 -52.78
CA GLN J 296 -18.40 -5.94 -53.40
C GLN J 296 -18.12 -5.65 -54.86
N PHE J 297 -19.12 -5.13 -55.58
CA PHE J 297 -18.92 -4.79 -56.98
C PHE J 297 -17.90 -3.67 -57.14
N LEU J 298 -17.99 -2.65 -56.29
CA LEU J 298 -17.03 -1.54 -56.35
C LEU J 298 -15.62 -2.02 -56.01
N HIS J 299 -15.49 -2.87 -55.00
CA HIS J 299 -14.17 -3.41 -54.65
C HIS J 299 -13.61 -4.25 -55.78
N ALA J 300 -14.47 -5.02 -56.46
CA ALA J 300 -14.01 -5.82 -57.59
C ALA J 300 -13.54 -4.93 -58.74
N GLU J 301 -14.26 -3.85 -59.00
CA GLU J 301 -13.86 -2.94 -60.07
C GLU J 301 -12.75 -1.99 -59.65
N CYS J 302 -12.38 -1.99 -58.36
CA CYS J 302 -11.39 -1.04 -57.87
C CYS J 302 -10.02 -1.27 -58.48
N HIS J 303 -9.58 -2.52 -58.59
CA HIS J 303 -8.25 -2.78 -59.14
C HIS J 303 -8.18 -2.38 -60.61
N ASN J 304 -9.25 -2.67 -61.37
CA ASN J 304 -9.29 -2.26 -62.76
C ASN J 304 -9.34 -0.75 -62.90
N ILE J 305 -10.07 -0.06 -62.02
CA ILE J 305 -10.18 1.39 -62.15
C ILE J 305 -8.90 2.06 -61.69
N ILE J 306 -8.11 1.41 -60.83
CA ILE J 306 -6.83 1.97 -60.41
C ILE J 306 -5.77 1.76 -61.47
N ARG J 307 -5.70 0.53 -62.02
CA ARG J 307 -4.70 0.23 -63.03
C ARG J 307 -4.93 1.03 -64.31
N GLN J 308 -6.19 1.25 -64.68
CA GLN J 308 -6.50 2.06 -65.85
C GLN J 308 -6.13 3.52 -65.65
N GLU J 309 -6.08 3.98 -64.39
CA GLU J 309 -5.68 5.34 -64.03
C GLU J 309 -6.56 6.39 -64.67
N LYS J 310 -7.85 6.08 -64.79
CA LYS J 310 -8.83 7.08 -65.20
C LYS J 310 -9.05 8.05 -64.05
N LYS J 311 -8.98 9.36 -64.35
CA LYS J 311 -8.91 10.35 -63.28
C LYS J 311 -10.25 10.55 -62.58
N ASN J 312 -11.27 11.01 -63.33
CA ASN J 312 -12.53 11.41 -62.72
C ASN J 312 -13.24 10.22 -62.08
N ASP J 313 -13.19 9.06 -62.74
CA ASP J 313 -13.82 7.87 -62.18
C ASP J 313 -13.14 7.44 -60.89
N MET J 314 -11.80 7.55 -60.83
CA MET J 314 -11.08 7.26 -59.60
C MET J 314 -11.45 8.24 -58.49
N ALA J 315 -11.60 9.52 -58.85
CA ALA J 315 -11.99 10.51 -57.84
C ALA J 315 -13.37 10.21 -57.27
N ASN J 316 -14.32 9.88 -58.14
CA ASN J 316 -15.66 9.54 -57.67
C ASN J 316 -15.65 8.27 -56.83
N MET J 317 -14.86 7.28 -57.23
CA MET J 317 -14.73 6.05 -56.46
C MET J 317 -14.14 6.34 -55.09
N TYR J 318 -13.16 7.23 -55.02
CA TYR J 318 -12.57 7.59 -53.74
C TYR J 318 -13.58 8.29 -52.85
N VAL J 319 -14.38 9.19 -53.42
CA VAL J 319 -15.41 9.87 -52.64
C VAL J 319 -16.40 8.86 -52.06
N LEU J 320 -16.86 7.93 -52.90
CA LEU J 320 -17.85 6.95 -52.45
C LEU J 320 -17.26 6.01 -51.42
N LEU J 321 -16.00 5.60 -51.60
CA LEU J 321 -15.39 4.67 -50.64
C LEU J 321 -15.04 5.37 -49.33
N ARG J 322 -14.78 6.68 -49.38
CA ARG J 322 -14.63 7.43 -48.14
C ARG J 322 -15.96 7.56 -47.42
N ALA J 323 -17.06 7.62 -48.18
CA ALA J 323 -18.38 7.60 -47.55
C ALA J 323 -18.61 6.28 -46.82
N VAL J 324 -18.16 5.17 -47.41
CA VAL J 324 -18.31 3.87 -46.76
C VAL J 324 -17.33 3.76 -45.61
N SER J 325 -17.80 3.22 -44.49
CA SER J 325 -16.93 3.03 -43.32
C SER J 325 -15.82 2.03 -43.62
N THR J 326 -16.13 0.97 -44.35
CA THR J 326 -15.17 -0.11 -44.61
C THR J 326 -15.08 -0.37 -46.11
N GLY J 327 -14.94 0.71 -46.88
CA GLY J 327 -14.81 0.57 -48.31
C GLY J 327 -13.49 1.11 -48.81
N LEU J 328 -12.83 1.93 -48.01
CA LEU J 328 -11.59 2.59 -48.37
C LEU J 328 -10.33 1.72 -48.33
N PRO J 329 -10.09 0.87 -47.32
CA PRO J 329 -8.80 0.17 -47.26
C PRO J 329 -8.49 -0.71 -48.46
N HIS J 330 -9.51 -1.28 -49.11
CA HIS J 330 -9.26 -2.05 -50.32
C HIS J 330 -8.68 -1.19 -51.42
N MET J 331 -9.19 0.04 -51.58
CA MET J 331 -8.63 0.96 -52.56
C MET J 331 -7.20 1.33 -52.20
N ILE J 332 -6.92 1.49 -50.90
CA ILE J 332 -5.57 1.81 -50.46
C ILE J 332 -4.61 0.69 -50.86
N GLN J 333 -5.01 -0.57 -50.62
CA GLN J 333 -4.18 -1.70 -50.99
C GLN J 333 -3.99 -1.78 -52.51
N GLU J 334 -5.06 -1.52 -53.27
CA GLU J 334 -4.94 -1.57 -54.72
C GLU J 334 -3.98 -0.50 -55.23
N LEU J 335 -4.07 0.72 -54.68
CA LEU J 335 -3.19 1.79 -55.12
C LEU J 335 -1.74 1.52 -54.71
N GLN J 336 -1.53 0.99 -53.50
CA GLN J 336 -0.18 0.64 -53.07
C GLN J 336 0.43 -0.43 -53.96
N ASN J 337 -0.36 -1.45 -54.31
CA ASN J 337 0.14 -2.49 -55.20
C ASN J 337 0.44 -1.94 -56.58
N HIS J 338 -0.40 -1.03 -57.08
CA HIS J 338 -0.14 -0.44 -58.39
C HIS J 338 1.14 0.38 -58.38
N ILE J 339 1.34 1.19 -57.34
CA ILE J 339 2.55 2.01 -57.28
C ILE J 339 3.78 1.14 -57.15
N HIS J 340 3.67 0.06 -56.36
CA HIS J 340 4.79 -0.87 -56.21
C HIS J 340 5.15 -1.54 -57.52
N ASP J 341 4.15 -2.00 -58.27
CA ASP J 341 4.42 -2.62 -59.57
C ASP J 341 4.99 -1.61 -60.56
N GLU J 342 4.47 -0.38 -60.56
CA GLU J 342 4.98 0.65 -61.45
C GLU J 342 6.42 0.98 -61.14
N GLY J 343 6.76 1.07 -59.85
CA GLY J 343 8.14 1.33 -59.47
C GLY J 343 9.07 0.19 -59.84
N LEU J 344 8.62 -1.06 -59.67
CA LEU J 344 9.44 -2.20 -60.07
C LEU J 344 9.69 -2.19 -61.56
N ARG J 345 8.66 -1.92 -62.36
CA ARG J 345 8.86 -1.89 -63.81
C ARG J 345 9.59 -0.64 -64.27
N ALA J 346 9.65 0.40 -63.45
CA ALA J 346 10.39 1.61 -63.78
C ALA J 346 11.78 1.67 -63.17
N THR J 347 12.17 0.65 -62.40
CA THR J 347 13.49 0.65 -61.79
C THR J 347 14.31 -0.59 -62.12
N SER J 348 13.69 -1.76 -62.22
CA SER J 348 14.45 -2.98 -62.46
C SER J 348 14.94 -3.09 -63.91
N ASN J 349 14.42 -2.26 -64.82
CA ASN J 349 14.87 -2.26 -66.20
C ASN J 349 16.08 -1.36 -66.42
N LEU J 350 16.60 -0.74 -65.38
CA LEU J 350 17.73 0.17 -65.53
C LEU J 350 19.00 -0.59 -65.90
N THR J 351 19.90 0.14 -66.56
CA THR J 351 21.14 -0.42 -67.07
C THR J 351 22.29 -0.10 -66.12
N GLN J 352 23.46 -0.66 -66.42
CA GLN J 352 24.64 -0.44 -65.61
C GLN J 352 25.51 0.70 -66.13
N GLU J 353 25.15 1.30 -67.27
CA GLU J 353 25.94 2.39 -67.83
C GLU J 353 25.91 3.60 -66.92
N ASN J 354 24.73 3.94 -66.41
CA ASN J 354 24.58 4.95 -65.36
C ASN J 354 23.38 4.51 -64.51
N MET J 355 23.67 3.82 -63.43
CA MET J 355 22.63 3.33 -62.54
C MET J 355 22.18 4.35 -61.48
N PRO J 356 23.09 5.04 -60.73
CA PRO J 356 22.60 5.90 -59.64
C PRO J 356 21.76 7.08 -60.10
N THR J 357 22.28 7.85 -61.05
CA THR J 357 21.60 9.06 -61.49
C THR J 357 20.24 8.74 -62.11
N LEU J 358 20.21 7.74 -63.01
CA LEU J 358 18.96 7.38 -63.65
C LEU J 358 17.99 6.72 -62.68
N PHE J 359 18.51 5.95 -61.72
CA PHE J 359 17.65 5.32 -60.71
C PHE J 359 16.96 6.38 -59.85
N VAL J 360 17.74 7.35 -59.36
CA VAL J 360 17.15 8.41 -58.54
C VAL J 360 16.20 9.26 -59.38
N GLU J 361 16.54 9.48 -60.65
CA GLU J 361 15.64 10.26 -61.51
C GLU J 361 14.31 9.54 -61.72
N SER J 362 14.36 8.22 -61.93
CA SER J 362 13.11 7.48 -62.12
C SER J 362 12.28 7.46 -60.85
N VAL J 363 12.93 7.28 -59.70
CA VAL J 363 12.19 7.29 -58.43
C VAL J 363 11.58 8.66 -58.19
N LEU J 364 12.32 9.73 -58.48
CA LEU J 364 11.78 11.08 -58.34
C LEU J 364 10.60 11.30 -59.28
N GLU J 365 10.70 10.84 -60.52
CA GLU J 365 9.61 11.05 -61.47
C GLU J 365 8.36 10.30 -61.04
N VAL J 366 8.50 9.04 -60.62
CA VAL J 366 7.35 8.28 -60.16
C VAL J 366 6.73 8.92 -58.93
N HIS J 367 7.57 9.33 -57.97
CA HIS J 367 7.07 9.95 -56.76
C HIS J 367 6.37 11.27 -57.06
N GLY J 368 6.94 12.09 -57.95
CA GLY J 368 6.32 13.35 -58.27
C GLY J 368 4.99 13.19 -58.98
N LYS J 369 4.91 12.26 -59.94
CA LYS J 369 3.66 12.01 -60.62
C LYS J 369 2.60 11.51 -59.66
N PHE J 370 2.96 10.60 -58.75
CA PHE J 370 1.96 10.07 -57.84
C PHE J 370 1.56 11.09 -56.78
N VAL J 371 2.48 11.94 -56.32
CA VAL J 371 2.11 12.99 -55.38
C VAL J 371 1.20 14.00 -56.05
N GLN J 372 1.49 14.35 -57.30
CA GLN J 372 0.61 15.26 -58.03
C GLN J 372 -0.78 14.67 -58.21
N LEU J 373 -0.85 13.38 -58.55
CA LEU J 373 -2.15 12.73 -58.71
C LEU J 373 -2.91 12.67 -57.39
N ILE J 374 -2.22 12.34 -56.30
CA ILE J 374 -2.87 12.27 -55.00
C ILE J 374 -3.38 13.64 -54.57
N ASN J 375 -2.57 14.69 -54.78
CA ASN J 375 -3.00 16.02 -54.40
C ASN J 375 -4.14 16.53 -55.28
N THR J 376 -4.18 16.14 -56.55
CA THR J 376 -5.19 16.68 -57.45
C THR J 376 -6.50 15.90 -57.40
N VAL J 377 -6.45 14.62 -57.75
CA VAL J 377 -7.69 13.85 -57.93
C VAL J 377 -7.86 12.81 -56.83
N LEU J 378 -7.23 13.01 -55.68
CA LEU J 378 -7.43 12.10 -54.56
C LEU J 378 -7.51 12.83 -53.24
N ASN J 379 -7.59 14.16 -53.24
CA ASN J 379 -7.79 15.03 -52.09
C ASN J 379 -6.64 14.98 -51.09
N GLY J 380 -5.54 14.31 -51.41
CA GLY J 380 -4.39 14.26 -50.53
C GLY J 380 -4.62 13.55 -49.21
N ASP J 381 -5.28 12.40 -49.26
CA ASP J 381 -5.52 11.63 -48.03
C ASP J 381 -4.21 11.09 -47.47
N GLN J 382 -4.08 11.15 -46.15
CA GLN J 382 -2.87 10.65 -45.51
C GLN J 382 -2.75 9.14 -45.59
N HIS J 383 -3.87 8.44 -45.67
CA HIS J 383 -3.81 6.99 -45.89
C HIS J 383 -3.15 6.68 -47.22
N PHE J 384 -3.51 7.42 -48.26
CA PHE J 384 -2.90 7.19 -49.56
C PHE J 384 -1.44 7.64 -49.60
N MET J 385 -1.10 8.69 -48.88
CA MET J 385 0.30 9.09 -48.80
C MET J 385 1.14 8.04 -48.08
N SER J 386 0.59 7.44 -47.01
CA SER J 386 1.29 6.36 -46.34
C SER J 386 1.42 5.14 -47.22
N ALA J 387 0.38 4.85 -48.02
CA ALA J 387 0.47 3.75 -48.97
C ALA J 387 1.54 4.00 -50.01
N LEU J 388 1.62 5.25 -50.50
CA LEU J 388 2.66 5.60 -51.46
C LEU J 388 4.04 5.45 -50.85
N ASP J 389 4.21 5.88 -49.59
CA ASP J 389 5.51 5.74 -48.93
C ASP J 389 5.89 4.28 -48.78
N LYS J 390 4.94 3.43 -48.37
CA LYS J 390 5.25 2.00 -48.24
C LYS J 390 5.59 1.39 -49.59
N ALA J 391 4.85 1.77 -50.63
CA ALA J 391 5.12 1.23 -51.96
C ALA J 391 6.50 1.63 -52.44
N LEU J 392 6.86 2.91 -52.28
CA LEU J 392 8.18 3.35 -52.72
C LEU J 392 9.29 2.75 -51.88
N THR J 393 9.02 2.50 -50.59
CA THR J 393 9.99 1.80 -49.75
C THR J 393 10.23 0.39 -50.27
N SER J 394 9.17 -0.29 -50.70
CA SER J 394 9.36 -1.60 -51.31
C SER J 394 10.03 -1.50 -52.68
N VAL J 395 9.87 -0.38 -53.37
CA VAL J 395 10.47 -0.23 -54.69
C VAL J 395 11.99 -0.02 -54.59
N VAL J 396 12.42 0.98 -53.82
CA VAL J 396 13.84 1.29 -53.78
C VAL J 396 14.63 0.17 -53.12
N ASN J 397 14.01 -0.57 -52.21
CA ASN J 397 14.65 -1.74 -51.61
C ASN J 397 14.30 -3.01 -52.37
N TYR J 398 14.52 -2.99 -53.69
CA TYR J 398 14.29 -4.16 -54.51
C TYR J 398 15.46 -5.11 -54.29
N ARG J 399 15.40 -5.81 -53.16
CA ARG J 399 16.46 -6.72 -52.78
C ARG J 399 16.38 -7.99 -53.62
N GLU J 400 17.44 -8.28 -54.36
CA GLU J 400 17.52 -9.54 -55.06
C GLU J 400 17.61 -10.67 -54.03
N PRO J 401 17.00 -11.83 -54.30
CA PRO J 401 16.82 -12.84 -53.24
C PRO J 401 18.12 -13.35 -52.63
N LYS J 402 18.31 -13.01 -51.35
CA LYS J 402 19.40 -13.49 -50.49
C LYS J 402 20.78 -13.13 -51.03
N SER J 403 20.91 -12.11 -51.87
CA SER J 403 22.21 -11.77 -52.42
C SER J 403 22.73 -10.40 -51.99
N VAL J 404 22.01 -9.31 -52.31
CA VAL J 404 22.53 -7.96 -52.12
C VAL J 404 21.42 -6.99 -51.75
N CYS J 405 21.79 -5.71 -51.58
CA CYS J 405 20.83 -4.62 -51.48
C CYS J 405 21.50 -3.37 -52.03
N LYS J 406 21.20 -3.05 -53.29
CA LYS J 406 21.98 -2.07 -54.03
C LYS J 406 21.56 -0.62 -53.79
N ALA J 407 20.47 -0.39 -53.07
CA ALA J 407 19.97 0.98 -52.90
C ALA J 407 20.94 1.91 -52.17
N PRO J 408 21.50 1.57 -50.99
CA PRO J 408 22.39 2.55 -50.35
C PRO J 408 23.65 2.82 -51.15
N GLU J 409 24.23 1.79 -51.76
CA GLU J 409 25.43 2.00 -52.56
C GLU J 409 25.12 2.90 -53.75
N LEU J 410 23.97 2.68 -54.40
CA LEU J 410 23.60 3.52 -55.53
C LEU J 410 23.39 4.97 -55.11
N LEU J 411 22.71 5.20 -54.00
CA LEU J 411 22.48 6.58 -53.57
C LEU J 411 23.78 7.26 -53.15
N ALA J 412 24.68 6.53 -52.49
CA ALA J 412 25.96 7.11 -52.14
C ALA J 412 26.76 7.47 -53.38
N LYS J 413 26.77 6.58 -54.38
CA LYS J 413 27.48 6.88 -55.61
C LYS J 413 26.86 8.07 -56.32
N TYR J 414 25.53 8.23 -56.21
CA TYR J 414 24.86 9.38 -56.80
C TYR J 414 25.31 10.68 -56.15
N CYS J 415 25.34 10.71 -54.81
CA CYS J 415 25.80 11.91 -54.11
C CYS J 415 27.25 12.21 -54.45
N ASP J 416 28.08 11.18 -54.52
CA ASP J 416 29.49 11.38 -54.84
C ASP J 416 29.64 11.92 -56.26
N ASN J 417 28.86 11.42 -57.20
CA ASN J 417 28.95 11.89 -58.59
C ASN J 417 28.51 13.35 -58.70
N LEU J 418 27.43 13.73 -58.00
CA LEU J 418 26.96 15.09 -58.19
C LEU J 418 27.79 16.11 -57.41
N LEU J 419 28.33 15.73 -56.25
CA LEU J 419 29.09 16.69 -55.44
C LEU J 419 30.56 16.79 -55.84
N LYS J 420 31.11 15.79 -56.50
CA LYS J 420 32.50 15.86 -56.92
C LYS J 420 32.68 16.94 -57.98
N LYS J 421 33.83 17.61 -57.93
CA LYS J 421 34.14 18.65 -58.91
C LYS J 421 34.35 17.99 -60.26
N SER J 422 33.34 18.10 -61.13
CA SER J 422 33.36 17.45 -62.43
C SER J 422 33.43 18.50 -63.54
N ALA J 423 34.06 18.11 -64.65
CA ALA J 423 34.17 18.99 -65.81
C ALA J 423 32.91 18.97 -66.67
N LYS J 424 31.94 18.11 -66.36
CA LYS J 424 30.68 18.12 -67.10
C LYS J 424 29.95 19.45 -66.90
N GLY J 425 29.93 19.95 -65.66
CA GLY J 425 29.35 21.26 -65.41
C GLY J 425 28.02 21.20 -64.69
N MET J 426 28.03 21.53 -63.40
CA MET J 426 26.80 21.67 -62.62
C MET J 426 26.95 22.88 -61.73
N THR J 427 26.00 23.81 -61.79
CA THR J 427 26.08 25.00 -60.97
C THR J 427 25.64 24.70 -59.54
N GLU J 428 25.86 25.68 -58.66
CA GLU J 428 25.62 25.47 -57.24
C GLU J 428 24.13 25.33 -56.93
N ASN J 429 23.29 26.22 -57.48
CA ASN J 429 21.87 26.20 -57.15
C ASN J 429 21.20 24.94 -57.68
N GLU J 430 21.62 24.48 -58.86
CA GLU J 430 21.09 23.22 -59.38
C GLU J 430 21.46 22.06 -58.47
N VAL J 431 22.69 22.06 -57.94
CA VAL J 431 23.10 21.04 -56.99
C VAL J 431 22.23 21.10 -55.75
N GLU J 432 21.94 22.31 -55.26
CA GLU J 432 21.13 22.45 -54.06
C GLU J 432 19.71 21.93 -54.25
N ASP J 433 19.06 22.31 -55.36
CA ASP J 433 17.69 21.85 -55.55
C ASP J 433 17.66 20.36 -55.88
N ARG J 434 18.67 19.85 -56.59
CA ARG J 434 18.73 18.42 -56.86
C ARG J 434 18.89 17.62 -55.57
N LEU J 435 19.70 18.12 -54.64
CA LEU J 435 19.86 17.45 -53.36
C LEU J 435 18.59 17.55 -52.51
N THR J 436 17.91 18.69 -52.57
CA THR J 436 16.66 18.85 -51.84
C THR J 436 15.62 17.87 -52.35
N SER J 437 15.58 17.65 -53.66
CA SER J 437 14.73 16.59 -54.20
C SER J 437 15.25 15.21 -53.81
N PHE J 438 16.58 15.07 -53.68
CA PHE J 438 17.17 13.77 -53.37
C PHE J 438 16.79 13.30 -51.99
N ILE J 439 16.66 14.23 -51.04
CA ILE J 439 16.30 13.87 -49.67
C ILE J 439 14.95 13.16 -49.62
N THR J 440 14.04 13.51 -50.53
CA THR J 440 12.77 12.80 -50.63
C THR J 440 12.98 11.33 -50.97
N VAL J 441 13.93 11.02 -51.84
CA VAL J 441 14.24 9.64 -52.15
C VAL J 441 14.91 8.97 -50.96
N PHE J 442 15.86 9.65 -50.33
CA PHE J 442 16.59 9.07 -49.21
C PHE J 442 15.68 8.79 -48.02
N LYS J 443 14.57 9.52 -47.88
CA LYS J 443 13.69 9.35 -46.73
C LYS J 443 13.08 7.96 -46.65
N TYR J 444 13.11 7.20 -47.74
CA TYR J 444 12.66 5.81 -47.75
C TYR J 444 13.83 4.98 -48.24
N ILE J 445 14.67 4.50 -47.32
CA ILE J 445 15.70 3.54 -47.69
C ILE J 445 15.60 2.31 -46.78
N ASP J 446 15.20 2.55 -45.53
CA ASP J 446 15.15 1.56 -44.43
C ASP J 446 16.47 0.79 -44.26
N ASP J 447 17.56 1.30 -44.82
CA ASP J 447 18.88 0.70 -44.71
C ASP J 447 19.93 1.79 -44.57
N LYS J 448 19.64 2.80 -43.75
CA LYS J 448 20.42 4.02 -43.77
C LYS J 448 21.83 3.85 -43.20
N ASP J 449 22.10 2.74 -42.49
CA ASP J 449 23.45 2.54 -41.97
C ASP J 449 24.45 2.30 -43.10
N VAL J 450 24.08 1.48 -44.08
CA VAL J 450 24.96 1.23 -45.21
C VAL J 450 25.22 2.51 -45.98
N PHE J 451 24.16 3.31 -46.19
CA PHE J 451 24.35 4.58 -46.88
C PHE J 451 25.22 5.52 -46.08
N GLN J 452 25.06 5.53 -44.75
CA GLN J 452 25.88 6.41 -43.93
C GLN J 452 27.35 6.04 -44.03
N LYS J 453 27.66 4.75 -43.96
CA LYS J 453 29.06 4.33 -44.05
C LYS J 453 29.63 4.60 -45.43
N PHE J 454 28.84 4.34 -46.48
CA PHE J 454 29.33 4.61 -47.83
C PHE J 454 29.52 6.09 -48.07
N TYR J 455 28.62 6.92 -47.53
CA TYR J 455 28.79 8.36 -47.65
C TYR J 455 29.97 8.86 -46.85
N ALA J 456 30.25 8.22 -45.71
CA ALA J 456 31.45 8.59 -44.96
C ALA J 456 32.71 8.27 -45.75
N ARG J 457 32.75 7.10 -46.38
CA ARG J 457 33.90 6.75 -47.22
C ARG J 457 34.06 7.74 -48.38
N MET J 458 32.96 8.06 -49.05
CA MET J 458 33.05 8.97 -50.18
C MET J 458 33.38 10.39 -49.73
N LEU J 459 32.91 10.79 -48.55
CA LEU J 459 33.27 12.10 -48.03
C LEU J 459 34.74 12.17 -47.69
N ALA J 460 35.31 11.09 -47.15
CA ALA J 460 36.74 11.06 -46.88
C ALA J 460 37.53 11.16 -48.17
N LYS J 461 37.14 10.37 -49.18
CA LYS J 461 37.83 10.40 -50.46
C LYS J 461 37.74 11.77 -51.11
N ARG J 462 36.58 12.43 -50.99
CA ARG J 462 36.40 13.73 -51.62
C ARG J 462 37.17 14.81 -50.87
N LEU J 463 37.12 14.79 -49.54
CA LEU J 463 37.69 15.87 -48.75
C LEU J 463 39.21 15.82 -48.72
N ILE J 464 39.79 14.63 -48.55
CA ILE J 464 41.24 14.53 -48.42
C ILE J 464 41.94 14.93 -49.71
N HIS J 465 41.43 14.46 -50.85
CA HIS J 465 42.00 14.85 -52.14
C HIS J 465 41.51 16.19 -52.62
N GLY J 466 40.60 16.83 -51.90
CA GLY J 466 40.08 18.13 -52.30
C GLY J 466 39.27 18.11 -53.57
N LEU J 467 38.43 17.09 -53.75
CA LEU J 467 37.58 16.98 -54.92
C LEU J 467 36.24 17.70 -54.76
N SER J 468 35.97 18.25 -53.59
CA SER J 468 34.72 18.97 -53.38
C SER J 468 34.69 20.25 -54.20
N MET J 469 33.55 20.54 -54.81
CA MET J 469 33.44 21.78 -55.57
C MET J 469 33.35 22.99 -54.66
N SER J 470 32.69 22.84 -53.51
CA SER J 470 32.58 23.92 -52.54
C SER J 470 32.24 23.32 -51.19
N MET J 471 32.89 23.83 -50.14
CA MET J 471 32.61 23.34 -48.80
C MET J 471 31.18 23.66 -48.37
N ASP J 472 30.61 24.75 -48.88
CA ASP J 472 29.24 25.09 -48.55
C ASP J 472 28.26 24.05 -49.07
N SER J 473 28.55 23.45 -50.22
CA SER J 473 27.70 22.36 -50.71
C SER J 473 27.74 21.17 -49.77
N GLU J 474 28.93 20.82 -49.26
CA GLU J 474 29.03 19.71 -48.32
C GLU J 474 28.31 20.02 -47.02
N GLU J 475 28.41 21.26 -46.54
CA GLU J 475 27.72 21.63 -45.31
C GLU J 475 26.20 21.60 -45.52
N ALA J 476 25.74 22.03 -46.68
CA ALA J 476 24.30 21.98 -46.97
C ALA J 476 23.81 20.54 -47.04
N MET J 477 24.59 19.66 -47.68
CA MET J 477 24.21 18.25 -47.74
C MET J 477 24.17 17.63 -46.35
N ILE J 478 25.15 17.96 -45.52
CA ILE J 478 25.18 17.40 -44.17
C ILE J 478 24.02 17.91 -43.34
N ASN J 479 23.68 19.20 -43.48
CA ASN J 479 22.52 19.73 -42.76
C ASN J 479 21.23 19.07 -43.23
N LYS J 480 21.10 18.82 -44.53
CA LYS J 480 19.91 18.15 -45.02
C LYS J 480 19.81 16.73 -44.48
N LEU J 481 20.94 16.02 -44.43
CA LEU J 481 20.93 14.69 -43.82
C LEU J 481 20.55 14.77 -42.34
N LYS J 482 21.03 15.79 -41.63
CA LYS J 482 20.71 15.92 -40.22
C LYS J 482 19.22 16.17 -40.02
N GLN J 483 18.63 17.00 -40.87
CA GLN J 483 17.18 17.21 -40.78
C GLN J 483 16.40 15.97 -41.22
N ALA J 484 17.01 15.12 -42.04
CA ALA J 484 16.34 13.89 -42.46
C ALA J 484 16.25 12.90 -41.30
N CYS J 485 17.37 12.64 -40.60
CA CYS J 485 17.41 11.60 -39.58
C CYS J 485 17.66 12.15 -38.18
N GLY J 486 18.73 12.90 -37.99
CA GLY J 486 19.05 13.40 -36.67
C GLY J 486 20.54 13.67 -36.56
N TYR J 487 20.92 14.23 -35.41
CA TYR J 487 22.31 14.59 -35.21
C TYR J 487 23.19 13.36 -35.09
N GLU J 488 22.68 12.31 -34.44
CA GLU J 488 23.47 11.08 -34.30
C GLU J 488 23.73 10.40 -35.64
N PHE J 489 22.94 10.73 -36.66
CA PHE J 489 23.22 10.22 -37.99
C PHE J 489 24.37 10.96 -38.66
N THR J 490 24.52 12.25 -38.38
CA THR J 490 25.46 13.09 -39.10
C THR J 490 26.56 13.67 -38.21
N SER J 491 26.71 13.15 -36.99
CA SER J 491 27.76 13.66 -36.11
C SER J 491 29.15 13.38 -36.67
N LYS J 492 29.36 12.18 -37.19
CA LYS J 492 30.65 11.85 -37.79
C LYS J 492 30.92 12.72 -39.01
N LEU J 493 29.92 12.90 -39.88
CA LEU J 493 30.11 13.71 -41.06
C LEU J 493 30.38 15.16 -40.70
N HIS J 494 29.67 15.69 -39.71
CA HIS J 494 29.89 17.06 -39.29
C HIS J 494 31.27 17.23 -38.70
N ARG J 495 31.74 16.26 -37.92
CA ARG J 495 33.09 16.34 -37.38
C ARG J 495 34.14 16.29 -38.50
N MET J 496 33.90 15.46 -39.51
CA MET J 496 34.81 15.41 -40.65
C MET J 496 34.90 16.76 -41.34
N TYR J 497 33.74 17.37 -41.61
CA TYR J 497 33.74 18.66 -42.29
C TYR J 497 34.36 19.74 -41.43
N THR J 498 34.10 19.72 -40.13
CA THR J 498 34.70 20.71 -39.23
C THR J 498 36.21 20.59 -39.22
N ASP J 499 36.71 19.35 -39.19
CA ASP J 499 38.16 19.16 -39.20
C ASP J 499 38.77 19.65 -40.51
N MET J 500 38.10 19.36 -41.64
CA MET J 500 38.64 19.82 -42.91
C MET J 500 38.57 21.34 -43.04
N SER J 501 37.62 21.98 -42.37
CA SER J 501 37.59 23.44 -42.39
C SER J 501 38.70 24.02 -41.51
N VAL J 502 38.86 23.48 -40.30
CA VAL J 502 39.85 24.00 -39.35
C VAL J 502 41.27 23.58 -39.72
N SER J 503 41.43 22.72 -40.72
CA SER J 503 42.77 22.39 -41.21
C SER J 503 43.52 23.61 -41.70
N ALA J 504 42.81 24.59 -42.28
CA ALA J 504 43.46 25.82 -42.70
C ALA J 504 43.99 26.61 -41.52
N ASP J 505 43.20 26.72 -40.45
CA ASP J 505 43.67 27.41 -39.25
C ASP J 505 44.85 26.68 -38.62
N LEU J 506 44.81 25.35 -38.62
CA LEU J 506 45.92 24.58 -38.07
C LEU J 506 47.18 24.77 -38.88
N ASN J 507 47.06 24.82 -40.22
CA ASN J 507 48.22 25.09 -41.05
C ASN J 507 48.78 26.49 -40.79
N ASN J 508 47.89 27.47 -40.61
CA ASN J 508 48.36 28.83 -40.30
C ASN J 508 49.06 28.87 -38.96
N LYS J 509 48.52 28.18 -37.95
CA LYS J 509 49.15 28.14 -36.64
C LYS J 509 50.50 27.44 -36.70
N PHE J 510 50.59 26.37 -37.48
CA PHE J 510 51.87 25.67 -37.65
C PHE J 510 52.90 26.55 -38.34
N ASN J 511 52.48 27.29 -39.37
CA ASN J 511 53.40 28.19 -40.06
C ASN J 511 53.86 29.31 -39.13
N ASN J 512 52.96 29.85 -38.32
CA ASN J 512 53.36 30.87 -37.35
C ASN J 512 54.30 30.30 -36.30
N PHE J 513 54.08 29.05 -35.88
CA PHE J 513 54.96 28.43 -34.89
C PHE J 513 56.35 28.19 -35.47
N ILE J 514 56.44 27.73 -36.72
CA ILE J 514 57.75 27.49 -37.33
C ILE J 514 58.40 28.77 -37.82
N LYS J 515 57.65 29.87 -37.90
CA LYS J 515 58.28 31.16 -38.15
C LYS J 515 58.63 31.90 -36.86
N ASN J 516 58.20 31.39 -35.71
CA ASN J 516 58.51 32.01 -34.42
C ASN J 516 59.50 31.20 -33.61
N GLN J 517 60.14 30.20 -34.22
CA GLN J 517 61.12 29.42 -33.50
C GLN J 517 62.45 30.18 -33.42
N ASP J 518 63.30 29.73 -32.49
CA ASP J 518 64.57 30.40 -32.25
C ASP J 518 65.51 30.24 -33.44
N THR J 519 65.51 29.07 -34.06
CA THR J 519 66.37 28.79 -35.20
C THR J 519 65.52 28.52 -36.44
N VAL J 520 66.15 28.65 -37.61
CA VAL J 520 65.48 28.42 -38.88
C VAL J 520 65.34 26.92 -39.09
N ILE J 521 64.10 26.43 -39.17
CA ILE J 521 63.87 25.01 -39.38
C ILE J 521 64.28 24.58 -40.78
N ASP J 522 63.89 25.36 -41.78
CA ASP J 522 64.20 25.11 -43.19
C ASP J 522 63.70 23.72 -43.62
N LEU J 523 62.37 23.59 -43.62
CA LEU J 523 61.75 22.33 -44.01
C LEU J 523 62.07 21.96 -45.44
N GLY J 524 62.13 22.95 -46.33
CA GLY J 524 62.44 22.72 -47.71
C GLY J 524 61.31 22.22 -48.56
N ILE J 525 60.11 22.07 -47.99
CA ILE J 525 58.95 21.57 -48.71
C ILE J 525 57.75 22.47 -48.43
N SER J 526 56.77 22.38 -49.32
CA SER J 526 55.51 23.11 -49.16
C SER J 526 54.60 22.27 -48.28
N PHE J 527 54.79 22.40 -46.98
CA PHE J 527 54.08 21.56 -46.03
C PHE J 527 52.68 22.11 -45.76
N GLN J 528 51.70 21.22 -45.78
CA GLN J 528 50.31 21.62 -45.53
C GLN J 528 49.57 20.36 -45.09
N ILE J 529 49.22 20.30 -43.81
CA ILE J 529 48.75 19.06 -43.22
C ILE J 529 47.22 19.06 -43.17
N TYR J 530 46.65 17.86 -43.04
CA TYR J 530 45.22 17.58 -43.02
C TYR J 530 44.84 16.78 -41.78
N VAL J 531 45.19 17.30 -40.60
CA VAL J 531 44.91 16.58 -39.36
C VAL J 531 43.41 16.34 -39.20
N LEU J 532 43.04 15.07 -39.01
CA LEU J 532 41.65 14.66 -38.86
C LEU J 532 41.46 13.92 -37.55
N GLN J 533 40.23 13.95 -37.04
CA GLN J 533 39.91 13.24 -35.81
C GLN J 533 39.84 11.75 -36.07
N ALA J 534 40.48 10.96 -35.21
CA ALA J 534 40.49 9.52 -35.41
C ALA J 534 39.15 8.89 -35.07
N GLY J 535 38.38 9.51 -34.18
CA GLY J 535 37.13 8.91 -33.74
C GLY J 535 35.99 8.99 -34.73
N ALA J 536 36.01 9.97 -35.64
CA ALA J 536 34.89 10.20 -36.54
C ALA J 536 35.28 10.11 -38.01
N TRP J 537 36.44 9.59 -38.33
CA TRP J 537 36.71 9.41 -39.74
C TRP J 537 36.73 7.94 -40.09
N PRO J 538 36.16 7.55 -41.24
CA PRO J 538 36.12 6.13 -41.61
C PRO J 538 37.46 5.58 -42.04
N LEU J 539 38.54 6.36 -42.01
CA LEU J 539 39.87 5.82 -42.23
C LEU J 539 40.29 4.94 -41.07
N THR J 540 41.26 4.08 -41.34
CA THR J 540 41.78 3.21 -40.29
C THR J 540 43.21 2.79 -40.66
N GLN J 541 43.96 2.40 -39.63
CA GLN J 541 45.30 1.85 -39.81
C GLN J 541 45.25 0.33 -40.01
N ALA J 542 44.42 -0.11 -40.95
CA ALA J 542 44.41 -1.52 -41.33
C ALA J 542 45.73 -1.96 -41.97
N PRO J 543 46.34 -1.21 -42.92
CA PRO J 543 47.68 -1.62 -43.36
C PRO J 543 48.74 -1.30 -42.32
N SER J 544 48.88 -2.19 -41.34
CA SER J 544 49.79 -1.99 -40.22
C SER J 544 51.26 -2.12 -40.60
N SER J 545 51.57 -2.19 -41.90
CA SER J 545 52.96 -2.24 -42.35
C SER J 545 53.71 -0.99 -41.90
N THR J 546 54.89 -1.19 -41.32
CA THR J 546 55.72 -0.08 -40.91
C THR J 546 56.29 0.61 -42.14
N PHE J 547 56.20 1.94 -42.18
CA PHE J 547 56.72 2.73 -43.27
C PHE J 547 57.86 3.59 -42.76
N ALA J 548 58.88 3.77 -43.59
CA ALA J 548 60.01 4.62 -43.26
C ALA J 548 59.85 5.96 -43.96
N ILE J 549 59.74 7.02 -43.17
CA ILE J 549 59.64 8.36 -43.76
C ILE J 549 61.00 8.76 -44.32
N PRO J 550 61.08 9.31 -45.52
CA PRO J 550 62.35 9.85 -46.01
C PRO J 550 62.82 11.01 -45.16
N GLN J 551 64.15 11.20 -45.12
CA GLN J 551 64.77 12.10 -44.15
C GLN J 551 64.33 13.55 -44.34
N GLU J 552 64.28 14.00 -45.60
CA GLU J 552 63.84 15.36 -45.87
C GLU J 552 62.39 15.59 -45.49
N LEU J 553 61.60 14.52 -45.38
CA LEU J 553 60.29 14.60 -44.76
C LEU J 553 60.32 14.22 -43.29
N GLU J 554 61.33 13.47 -42.85
CA GLU J 554 61.45 13.13 -41.43
C GLU J 554 61.65 14.39 -40.59
N LYS J 555 62.40 15.35 -41.12
CA LYS J 555 62.58 16.62 -40.40
C LYS J 555 61.23 17.31 -40.17
N SER J 556 60.40 17.35 -41.21
CA SER J 556 59.09 18.00 -41.08
C SER J 556 58.17 17.20 -40.17
N VAL J 557 58.25 15.87 -40.23
CA VAL J 557 57.42 15.05 -39.35
C VAL J 557 57.79 15.29 -37.89
N GLN J 558 59.09 15.35 -37.59
CA GLN J 558 59.52 15.61 -36.22
C GLN J 558 59.07 17.00 -35.77
N MET J 559 59.22 18.01 -36.65
CA MET J 559 58.81 19.35 -36.28
C MET J 559 57.31 19.44 -36.03
N PHE J 560 56.50 18.80 -36.87
CA PHE J 560 55.06 18.84 -36.67
C PHE J 560 54.65 18.03 -35.45
N GLU J 561 55.35 16.93 -35.16
CA GLU J 561 55.05 16.18 -33.95
C GLU J 561 55.32 17.03 -32.72
N LEU J 562 56.44 17.74 -32.71
CA LEU J 562 56.73 18.63 -31.58
C LEU J 562 55.69 19.73 -31.47
N PHE J 563 55.27 20.29 -32.61
CA PHE J 563 54.25 21.33 -32.59
C PHE J 563 52.93 20.82 -32.02
N TYR J 564 52.51 19.62 -32.44
CA TYR J 564 51.24 19.09 -31.95
C TYR J 564 51.34 18.60 -30.52
N SER J 565 52.54 18.30 -30.04
CA SER J 565 52.69 18.04 -28.62
C SER J 565 52.77 19.32 -27.80
N GLN J 566 53.03 20.46 -28.43
CA GLN J 566 53.11 21.72 -27.69
C GLN J 566 51.79 22.47 -27.66
N HIS J 567 51.25 22.82 -28.83
CA HIS J 567 50.01 23.58 -28.90
C HIS J 567 48.77 22.71 -28.77
N PHE J 568 48.93 21.41 -28.63
CA PHE J 568 47.85 20.54 -28.22
C PHE J 568 48.42 19.53 -27.24
N SER J 569 47.56 18.95 -26.42
CA SER J 569 48.00 18.05 -25.37
C SER J 569 47.15 16.80 -25.32
N GLY J 570 47.78 15.69 -24.95
CA GLY J 570 47.07 14.44 -24.80
C GLY J 570 46.52 13.86 -26.08
N ARG J 571 47.12 14.20 -27.23
CA ARG J 571 46.65 13.75 -28.52
C ARG J 571 47.81 13.05 -29.22
N LYS J 572 47.84 11.72 -29.17
CA LYS J 572 48.82 10.99 -29.97
C LYS J 572 48.50 11.17 -31.44
N LEU J 573 49.54 11.24 -32.25
CA LEU J 573 49.39 11.64 -33.63
C LEU J 573 49.71 10.42 -34.51
N THR J 574 48.71 9.58 -34.73
CA THR J 574 48.85 8.41 -35.58
C THR J 574 48.98 8.88 -37.01
N TRP J 575 50.20 8.86 -37.55
CA TRP J 575 50.40 9.28 -38.91
C TRP J 575 49.76 8.30 -39.87
N LEU J 576 49.18 8.82 -40.94
CA LEU J 576 48.66 8.01 -42.03
C LEU J 576 49.50 8.27 -43.27
N HIS J 577 49.88 7.19 -43.94
CA HIS J 577 50.69 7.30 -45.14
C HIS J 577 49.95 6.91 -46.42
N TYR J 578 49.07 5.92 -46.35
CA TYR J 578 48.39 5.48 -47.57
C TYR J 578 47.34 6.47 -48.06
N LEU J 579 47.03 7.51 -47.29
CA LEU J 579 46.35 8.67 -47.83
C LEU J 579 47.30 9.80 -48.18
N CYS J 580 48.54 9.73 -47.70
CA CYS J 580 49.47 10.83 -47.89
C CYS J 580 49.97 10.90 -49.33
N THR J 581 50.12 12.11 -49.84
CA THR J 581 50.54 12.32 -51.21
C THR J 581 51.13 13.72 -51.34
N GLY J 582 51.83 13.94 -52.43
CA GLY J 582 52.41 15.26 -52.67
C GLY J 582 53.17 15.29 -53.98
N GLU J 583 53.69 16.47 -54.29
CA GLU J 583 54.39 16.71 -55.53
C GLU J 583 55.89 16.49 -55.36
N VAL J 584 56.52 15.95 -56.40
CA VAL J 584 57.95 15.68 -56.39
C VAL J 584 58.56 16.21 -57.69
N LYS J 585 59.82 16.62 -57.61
CA LYS J 585 60.56 17.10 -58.76
C LYS J 585 61.54 16.04 -59.23
N MET J 586 61.86 16.07 -60.52
CA MET J 586 62.68 15.05 -61.15
C MET J 586 63.74 15.68 -62.04
N ASN J 587 64.51 16.62 -61.48
CA ASN J 587 65.60 17.21 -62.26
C ASN J 587 66.78 16.27 -62.49
N TYR J 588 66.69 15.00 -62.08
CA TYR J 588 67.74 14.04 -62.36
C TYR J 588 67.88 13.78 -63.85
N LEU J 589 66.76 13.64 -64.55
CA LEU J 589 66.76 13.34 -65.99
C LEU J 589 66.49 14.58 -66.84
N GLY J 590 66.58 15.78 -66.27
CA GLY J 590 66.41 17.00 -67.01
C GLY J 590 65.18 17.82 -66.65
N LYS J 591 64.44 17.42 -65.61
CA LYS J 591 63.25 18.12 -65.10
C LYS J 591 62.21 18.31 -66.19
N PRO J 592 61.54 17.23 -66.63
CA PRO J 592 60.49 17.41 -67.66
C PRO J 592 59.21 17.98 -67.08
N TYR J 593 58.86 17.58 -65.86
CA TYR J 593 57.61 18.00 -65.23
C TYR J 593 57.72 17.75 -63.73
N VAL J 594 56.61 18.01 -63.03
CA VAL J 594 56.49 17.77 -61.59
C VAL J 594 55.39 16.74 -61.38
N ALA J 595 55.69 15.68 -60.65
CA ALA J 595 54.81 14.54 -60.50
C ALA J 595 54.17 14.52 -59.11
N MET J 596 52.85 14.44 -59.08
CA MET J 596 52.13 14.16 -57.83
C MET J 596 52.28 12.67 -57.52
N VAL J 597 52.59 12.36 -56.27
CA VAL J 597 52.98 11.00 -55.90
C VAL J 597 52.60 10.74 -54.45
N THR J 598 52.12 9.53 -54.18
CA THR J 598 51.91 9.11 -52.81
C THR J 598 53.25 8.81 -52.14
N THR J 599 53.27 8.93 -50.81
CA THR J 599 54.53 8.80 -50.08
C THR J 599 55.09 7.38 -50.15
N TYR J 600 54.23 6.37 -50.34
CA TYR J 600 54.73 5.02 -50.57
C TYR J 600 55.63 4.97 -51.80
N GLN J 601 55.16 5.53 -52.91
CA GLN J 601 56.00 5.57 -54.11
C GLN J 601 57.10 6.60 -53.99
N MET J 602 56.91 7.64 -53.17
CA MET J 602 57.97 8.62 -52.96
C MET J 602 59.15 8.01 -52.23
N ALA J 603 58.91 7.04 -51.35
CA ALA J 603 60.00 6.38 -50.65
C ALA J 603 60.90 5.63 -51.62
N VAL J 604 60.31 4.84 -52.52
CA VAL J 604 61.13 4.12 -53.48
C VAL J 604 61.70 5.05 -54.54
N LEU J 605 61.05 6.19 -54.80
CA LEU J 605 61.67 7.19 -55.68
C LEU J 605 62.93 7.76 -55.05
N LEU J 606 62.90 8.08 -53.75
CA LEU J 606 64.11 8.52 -53.08
C LEU J 606 65.15 7.41 -53.01
N ALA J 607 64.71 6.16 -52.92
CA ALA J 607 65.64 5.04 -52.99
C ALA J 607 66.32 4.97 -54.36
N PHE J 608 65.58 5.24 -55.43
CA PHE J 608 66.18 5.35 -56.75
C PHE J 608 67.14 6.53 -56.81
N ASN J 609 66.80 7.62 -56.12
CA ASN J 609 67.68 8.78 -56.06
C ASN J 609 68.98 8.45 -55.37
N ASN J 610 68.94 7.54 -54.38
CA ASN J 610 70.18 7.09 -53.74
C ASN J 610 71.11 6.40 -54.72
N SER J 611 70.57 5.54 -55.57
CA SER J 611 71.37 4.83 -56.56
C SER J 611 70.44 4.33 -57.67
N GLU J 612 70.92 4.41 -58.91
CA GLU J 612 70.11 3.97 -60.04
C GLU J 612 69.83 2.49 -59.99
N THR J 613 70.82 1.69 -59.63
CA THR J 613 70.65 0.24 -59.49
C THR J 613 70.18 -0.05 -58.07
N VAL J 614 68.97 -0.57 -57.95
CA VAL J 614 68.38 -0.89 -56.65
C VAL J 614 67.65 -2.22 -56.76
N SER J 615 67.77 -3.04 -55.73
CA SER J 615 67.12 -4.35 -55.67
C SER J 615 65.93 -4.29 -54.72
N TYR J 616 65.19 -5.39 -54.66
CA TYR J 616 64.05 -5.47 -53.75
C TYR J 616 64.47 -5.48 -52.30
N LYS J 617 65.61 -6.11 -51.98
CA LYS J 617 66.10 -6.11 -50.62
C LYS J 617 66.47 -4.71 -50.16
N GLU J 618 67.05 -3.91 -51.05
CA GLU J 618 67.40 -2.54 -50.70
C GLU J 618 66.15 -1.70 -50.44
N LEU J 619 65.11 -1.88 -51.25
CA LEU J 619 63.84 -1.22 -50.98
C LEU J 619 63.26 -1.68 -49.65
N GLN J 620 63.39 -2.97 -49.33
CA GLN J 620 62.88 -3.50 -48.08
C GLN J 620 63.60 -2.90 -46.88
N ASP J 621 64.92 -2.75 -46.96
CA ASP J 621 65.64 -2.19 -45.83
C ASP J 621 65.62 -0.65 -45.81
N SER J 622 65.21 0.00 -46.89
CA SER J 622 65.10 1.45 -46.90
C SER J 622 63.70 1.94 -46.56
N THR J 623 62.67 1.13 -46.77
CA THR J 623 61.30 1.53 -46.52
C THR J 623 60.61 0.72 -45.43
N GLN J 624 61.10 -0.48 -45.13
CA GLN J 624 60.58 -1.38 -44.08
C GLN J 624 59.12 -1.78 -44.30
N MET J 625 58.58 -1.57 -45.51
CA MET J 625 57.19 -1.84 -45.79
C MET J 625 57.00 -3.28 -46.25
N ASN J 626 55.77 -3.77 -46.15
CA ASN J 626 55.50 -5.16 -46.45
C ASN J 626 55.58 -5.42 -47.96
N GLU J 627 55.60 -6.71 -48.29
CA GLU J 627 55.78 -7.13 -49.68
C GLU J 627 54.59 -6.73 -50.53
N LYS J 628 53.38 -6.78 -49.97
CA LYS J 628 52.18 -6.47 -50.76
C LYS J 628 52.15 -5.02 -51.19
N GLU J 629 52.35 -4.10 -50.24
CA GLU J 629 52.30 -2.68 -50.56
C GLU J 629 53.47 -2.25 -51.45
N LEU J 630 54.66 -2.81 -51.18
CA LEU J 630 55.81 -2.53 -52.03
C LEU J 630 55.59 -3.03 -53.45
N THR J 631 55.02 -4.22 -53.59
CA THR J 631 54.70 -4.76 -54.91
C THR J 631 53.67 -3.89 -55.62
N LYS J 632 52.67 -3.41 -54.88
CA LYS J 632 51.66 -2.54 -55.47
C LYS J 632 52.27 -1.24 -55.97
N THR J 633 53.16 -0.65 -55.18
CA THR J 633 53.82 0.59 -55.60
C THR J 633 54.70 0.35 -56.82
N ILE J 634 55.44 -0.76 -56.83
CA ILE J 634 56.32 -1.06 -57.95
C ILE J 634 55.53 -1.28 -59.23
N LYS J 635 54.43 -2.03 -59.14
CA LYS J 635 53.64 -2.29 -60.35
C LYS J 635 52.94 -1.02 -60.81
N SER J 636 52.57 -0.14 -59.87
CA SER J 636 52.00 1.15 -60.25
C SER J 636 53.02 2.00 -60.97
N LEU J 637 54.27 1.96 -60.51
CA LEU J 637 55.32 2.73 -61.17
C LEU J 637 55.62 2.20 -62.57
N LEU J 638 55.63 0.86 -62.73
CA LEU J 638 55.90 0.33 -64.06
C LEU J 638 54.68 0.40 -64.96
N ASP J 639 53.47 0.42 -64.37
CA ASP J 639 52.27 0.56 -65.18
C ASP J 639 52.18 1.97 -65.78
N VAL J 640 52.70 2.96 -65.07
CA VAL J 640 52.75 4.33 -65.56
C VAL J 640 54.09 4.50 -66.26
N LYS J 641 54.86 3.42 -66.35
CA LYS J 641 56.15 3.36 -67.02
C LYS J 641 57.15 4.32 -66.41
N MET J 642 57.02 4.56 -65.10
CA MET J 642 58.00 5.39 -64.40
C MET J 642 59.36 4.70 -64.34
N ILE J 643 59.36 3.39 -64.14
CA ILE J 643 60.57 2.58 -64.13
C ILE J 643 60.36 1.38 -65.06
N ASN J 644 61.47 0.76 -65.44
CA ASN J 644 61.45 -0.42 -66.28
C ASN J 644 62.16 -1.57 -65.57
N HIS J 645 61.54 -2.75 -65.60
CA HIS J 645 62.12 -3.92 -64.94
C HIS J 645 63.27 -4.46 -65.77
N ASP J 646 64.45 -4.55 -65.16
CA ASP J 646 65.63 -5.06 -65.86
C ASP J 646 65.69 -6.58 -65.91
N SER J 647 64.79 -7.27 -65.22
CA SER J 647 64.77 -8.72 -65.23
C SER J 647 64.15 -9.23 -66.54
N GLU J 648 64.23 -10.54 -66.73
CA GLU J 648 63.64 -11.15 -67.92
C GLU J 648 62.13 -11.01 -67.93
N LYS J 649 61.50 -11.20 -66.77
CA LYS J 649 60.05 -11.07 -66.62
C LYS J 649 59.72 -9.75 -65.94
N GLU J 650 58.59 -9.17 -66.33
CA GLU J 650 58.20 -7.86 -65.82
C GLU J 650 57.36 -7.92 -64.55
N ASP J 651 56.96 -9.11 -64.11
CA ASP J 651 56.16 -9.21 -62.89
C ASP J 651 57.06 -9.23 -61.67
N ILE J 652 56.45 -9.42 -60.50
CA ILE J 652 57.18 -9.40 -59.24
C ILE J 652 57.91 -10.71 -59.05
N ASP J 653 59.12 -10.63 -58.48
CA ASP J 653 59.92 -11.80 -58.18
C ASP J 653 60.77 -11.50 -56.95
N ALA J 654 61.48 -12.52 -56.48
CA ALA J 654 62.27 -12.39 -55.25
C ALA J 654 63.41 -11.41 -55.42
N GLU J 655 64.11 -11.44 -56.56
CA GLU J 655 65.23 -10.55 -56.78
C GLU J 655 64.77 -9.12 -57.05
N SER J 656 64.03 -8.94 -58.15
CA SER J 656 63.46 -7.65 -58.55
C SER J 656 64.54 -6.57 -58.65
N SER J 657 65.45 -6.77 -59.60
CA SER J 657 66.51 -5.82 -59.89
C SER J 657 66.09 -4.99 -61.10
N PHE J 658 66.04 -3.67 -60.92
CA PHE J 658 65.62 -2.77 -61.98
C PHE J 658 66.15 -1.37 -61.70
N SER J 659 66.15 -0.55 -62.75
CA SER J 659 66.59 0.83 -62.62
C SER J 659 65.59 1.79 -63.26
N LEU J 660 65.95 3.06 -63.33
CA LEU J 660 65.03 4.09 -63.83
C LEU J 660 64.90 3.99 -65.34
N ASN J 661 63.70 4.28 -65.84
CA ASN J 661 63.44 4.35 -67.27
C ASN J 661 63.66 5.78 -67.74
N MET J 662 64.65 5.97 -68.62
CA MET J 662 65.00 7.29 -69.12
C MET J 662 64.16 7.70 -70.33
N ASN J 663 63.22 6.87 -70.75
CA ASN J 663 62.39 7.16 -71.91
C ASN J 663 61.13 7.95 -71.55
N PHE J 664 61.00 8.38 -70.30
CA PHE J 664 59.81 9.09 -69.86
C PHE J 664 59.84 10.51 -70.37
N SER J 665 58.94 10.82 -71.31
CA SER J 665 58.85 12.15 -71.93
C SER J 665 57.39 12.58 -72.05
N SER J 666 56.65 12.47 -70.95
CA SER J 666 55.23 12.78 -70.96
C SER J 666 55.00 14.26 -71.25
N LYS J 667 53.94 14.54 -72.01
CA LYS J 667 53.69 15.92 -72.45
C LYS J 667 53.16 16.79 -71.31
N ARG J 668 52.48 16.20 -70.34
CA ARG J 668 51.89 16.98 -69.26
C ARG J 668 52.98 17.54 -68.34
N THR J 669 52.85 18.82 -67.99
CA THR J 669 53.80 19.46 -67.11
C THR J 669 53.51 19.22 -65.63
N LYS J 670 52.34 18.68 -65.30
CA LYS J 670 51.97 18.34 -63.93
C LYS J 670 51.30 16.99 -63.89
N PHE J 671 51.93 16.00 -64.56
CA PHE J 671 51.31 14.70 -64.73
C PHE J 671 51.19 13.97 -63.40
N LYS J 672 50.02 13.37 -63.17
CA LYS J 672 49.70 12.69 -61.93
C LYS J 672 49.79 11.19 -62.14
N ILE J 673 50.57 10.52 -61.30
CA ILE J 673 50.78 9.08 -61.43
C ILE J 673 49.90 8.28 -60.48
N THR J 674 49.03 8.94 -59.71
CA THR J 674 48.10 8.27 -58.81
C THR J 674 46.68 8.58 -59.23
N THR J 675 45.84 7.55 -59.33
CA THR J 675 44.46 7.75 -59.73
C THR J 675 43.48 6.91 -58.90
N SER J 676 43.88 6.52 -57.69
CA SER J 676 43.04 5.70 -56.82
C SER J 676 42.10 6.58 -56.00
N MET J 677 41.35 7.44 -56.69
CA MET J 677 40.38 8.29 -56.04
C MET J 677 39.02 7.63 -55.92
N GLN J 678 38.69 6.71 -56.82
CA GLN J 678 37.45 5.96 -56.74
C GLN J 678 37.62 4.62 -56.04
N LYS J 679 38.61 3.83 -56.46
CA LYS J 679 38.94 2.54 -55.88
C LYS J 679 37.74 1.60 -55.87
N ASP J 680 37.07 1.52 -54.72
CA ASP J 680 35.85 0.73 -54.53
C ASP J 680 36.10 -0.75 -54.84
N THR J 681 37.17 -1.30 -54.27
CA THR J 681 37.43 -2.72 -54.40
C THR J 681 36.33 -3.50 -53.66
N PRO J 682 35.89 -4.64 -54.21
CA PRO J 682 34.86 -5.42 -53.52
C PRO J 682 35.29 -5.92 -52.16
N GLN J 683 36.59 -6.09 -51.92
CA GLN J 683 37.07 -6.47 -50.59
C GLN J 683 36.78 -5.39 -49.56
N GLU J 684 37.09 -4.13 -49.89
CA GLU J 684 36.84 -3.07 -48.92
C GLU J 684 35.35 -2.78 -48.79
N MET J 685 34.57 -3.03 -49.85
CA MET J 685 33.13 -2.93 -49.73
C MET J 685 32.58 -4.00 -48.80
N GLU J 686 33.13 -5.21 -48.88
CA GLU J 686 32.74 -6.26 -47.95
C GLU J 686 33.16 -5.93 -46.53
N GLN J 687 34.32 -5.28 -46.38
CA GLN J 687 34.73 -4.81 -45.07
C GLN J 687 33.77 -3.76 -44.53
N THR J 688 33.30 -2.85 -45.38
CA THR J 688 32.30 -1.87 -44.98
C THR J 688 31.01 -2.55 -44.57
N ARG J 689 30.60 -3.58 -45.31
CA ARG J 689 29.40 -4.33 -44.96
C ARG J 689 29.57 -5.03 -43.62
N SER J 690 30.76 -5.57 -43.36
CA SER J 690 31.02 -6.25 -42.10
C SER J 690 31.01 -5.27 -40.93
N ALA J 691 31.57 -4.07 -41.13
CA ALA J 691 31.51 -3.06 -40.08
C ALA J 691 30.09 -2.61 -39.83
N VAL J 692 29.29 -2.48 -40.89
CA VAL J 692 27.88 -2.16 -40.74
C VAL J 692 27.16 -3.26 -39.96
N ASP J 693 27.48 -4.52 -40.27
CA ASP J 693 26.87 -5.64 -39.55
C ASP J 693 27.28 -5.65 -38.09
N GLU J 694 28.53 -5.27 -37.80
CA GLU J 694 28.98 -5.20 -36.41
C GLU J 694 28.26 -4.09 -35.65
N ASP J 695 28.07 -2.93 -36.29
CA ASP J 695 27.28 -1.88 -35.67
C ASP J 695 25.84 -2.32 -35.47
N ARG J 696 25.30 -3.08 -36.43
CA ARG J 696 23.96 -3.63 -36.28
C ARG J 696 23.88 -4.57 -35.09
N LYS J 697 24.89 -5.42 -34.92
CA LYS J 697 24.92 -6.33 -33.79
C LYS J 697 25.01 -5.57 -32.48
N MET J 698 25.81 -4.51 -32.45
CA MET J 698 25.89 -3.66 -31.25
C MET J 698 24.53 -3.05 -30.93
N TYR J 699 23.85 -2.52 -31.94
CA TYR J 699 22.55 -1.89 -31.71
C TYR J 699 21.52 -2.90 -31.24
N LEU J 700 21.51 -4.08 -31.85
CA LEU J 700 20.56 -5.11 -31.46
C LEU J 700 20.83 -5.59 -30.03
N GLN J 701 22.10 -5.74 -29.67
CA GLN J 701 22.43 -6.13 -28.30
C GLN J 701 22.02 -5.06 -27.31
N ALA J 702 22.20 -3.79 -27.68
CA ALA J 702 21.78 -2.69 -26.81
C ALA J 702 20.28 -2.75 -26.57
N ALA J 703 19.50 -2.90 -27.64
CA ALA J 703 18.05 -2.98 -27.49
C ALA J 703 17.64 -4.18 -26.66
N ILE J 704 18.28 -5.32 -26.90
CA ILE J 704 17.92 -6.56 -26.21
C ILE J 704 18.20 -6.43 -24.71
N VAL J 705 19.38 -5.94 -24.35
CA VAL J 705 19.72 -5.82 -22.94
C VAL J 705 18.86 -4.77 -22.26
N ARG J 706 18.53 -3.67 -22.98
CA ARG J 706 17.64 -2.67 -22.42
C ARG J 706 16.26 -3.24 -22.13
N ILE J 707 15.72 -4.02 -23.07
CA ILE J 707 14.40 -4.61 -22.88
C ILE J 707 14.42 -5.59 -21.72
N MET J 708 15.46 -6.44 -21.64
CA MET J 708 15.54 -7.42 -20.57
C MET J 708 15.68 -6.73 -19.21
N LYS J 709 16.46 -5.66 -19.14
CA LYS J 709 16.54 -4.90 -17.89
C LYS J 709 15.20 -4.26 -17.55
N ALA J 710 14.41 -3.91 -18.57
CA ALA J 710 13.10 -3.33 -18.32
C ALA J 710 12.13 -4.35 -17.74
N ARG J 711 12.05 -5.54 -18.33
CA ARG J 711 11.00 -6.49 -17.99
C ARG J 711 11.47 -7.83 -17.47
N LYS J 712 12.61 -8.35 -17.94
CA LYS J 712 13.23 -9.59 -17.52
C LYS J 712 12.44 -10.84 -17.90
N VAL J 713 11.26 -10.68 -18.50
CA VAL J 713 10.43 -11.81 -18.92
C VAL J 713 9.81 -11.43 -20.26
N LEU J 714 10.32 -12.01 -21.34
CA LEU J 714 9.69 -11.87 -22.64
C LEU J 714 9.84 -13.16 -23.43
N ARG J 715 8.93 -13.37 -24.36
CA ARG J 715 8.97 -14.50 -25.27
C ARG J 715 9.82 -14.15 -26.49
N HIS J 716 9.95 -15.12 -27.41
CA HIS J 716 10.76 -14.89 -28.60
C HIS J 716 10.07 -13.95 -29.57
N ASN J 717 8.77 -14.15 -29.78
CA ASN J 717 8.04 -13.37 -30.78
C ASN J 717 7.94 -11.89 -30.38
N ALA J 718 7.67 -11.63 -29.10
CA ALA J 718 7.62 -10.24 -28.64
C ALA J 718 8.97 -9.58 -28.75
N LEU J 719 10.05 -10.32 -28.46
CA LEU J 719 11.40 -9.79 -28.60
C LEU J 719 11.69 -9.44 -30.06
N ILE J 720 11.30 -10.32 -30.98
CA ILE J 720 11.50 -10.06 -32.40
C ILE J 720 10.71 -8.82 -32.83
N GLN J 721 9.46 -8.73 -32.39
CA GLN J 721 8.61 -7.60 -32.80
C GLN J 721 9.15 -6.28 -32.26
N GLU J 722 9.59 -6.26 -30.99
CA GLU J 722 10.09 -5.03 -30.42
C GLU J 722 11.44 -4.64 -31.02
N VAL J 723 12.26 -5.63 -31.41
CA VAL J 723 13.54 -5.32 -32.05
C VAL J 723 13.29 -4.76 -33.45
N ILE J 724 12.31 -5.31 -34.16
CA ILE J 724 11.93 -4.77 -35.47
C ILE J 724 11.41 -3.35 -35.33
N SER J 725 10.55 -3.11 -34.33
CA SER J 725 9.93 -1.80 -34.18
C SER J 725 10.93 -0.74 -33.74
N GLN J 726 11.75 -1.06 -32.74
CA GLN J 726 12.67 -0.07 -32.19
C GLN J 726 13.78 0.28 -33.17
N SER J 727 14.28 -0.70 -33.90
CA SER J 727 15.36 -0.50 -34.86
C SER J 727 14.84 -0.22 -36.26
N ARG J 728 13.55 0.07 -36.40
CA ARG J 728 12.96 0.29 -37.72
C ARG J 728 13.54 1.53 -38.41
N ALA J 729 13.95 2.53 -37.65
CA ALA J 729 14.50 3.75 -38.23
C ALA J 729 15.94 3.58 -38.71
N ARG J 730 16.56 2.43 -38.46
CA ARG J 730 17.93 2.17 -38.87
C ARG J 730 18.05 1.11 -39.94
N PHE J 731 17.50 -0.08 -39.71
CA PHE J 731 17.59 -1.17 -40.66
C PHE J 731 16.45 -2.15 -40.39
N ASN J 732 16.48 -3.30 -41.05
CA ASN J 732 15.51 -4.37 -40.86
C ASN J 732 16.27 -5.62 -40.43
N PRO J 733 16.41 -5.85 -39.12
CA PRO J 733 17.23 -6.98 -38.66
C PRO J 733 16.61 -8.32 -38.99
N SER J 734 17.47 -9.30 -39.22
CA SER J 734 17.04 -10.65 -39.51
C SER J 734 17.01 -11.49 -38.24
N ILE J 735 16.30 -12.61 -38.31
CA ILE J 735 16.19 -13.50 -37.16
C ILE J 735 17.54 -14.10 -36.82
N SER J 736 18.35 -14.40 -37.84
CA SER J 736 19.67 -14.97 -37.61
C SER J 736 20.56 -13.99 -36.86
N MET J 737 20.49 -12.71 -37.21
CA MET J 737 21.31 -11.71 -36.53
C MET J 737 20.94 -11.57 -35.06
N ILE J 738 19.64 -11.55 -34.76
CA ILE J 738 19.20 -11.43 -33.37
C ILE J 738 19.54 -12.70 -32.59
N LYS J 739 19.43 -13.86 -33.23
CA LYS J 739 19.84 -15.10 -32.57
C LYS J 739 21.34 -15.10 -32.29
N LYS J 740 22.14 -14.61 -33.22
CA LYS J 740 23.57 -14.53 -33.00
C LYS J 740 23.90 -13.56 -31.87
N CYS J 741 23.18 -12.44 -31.81
CA CYS J 741 23.40 -11.48 -30.73
C CYS J 741 23.03 -12.06 -29.37
N ILE J 742 21.89 -12.75 -29.29
CA ILE J 742 21.50 -13.35 -28.02
C ILE J 742 22.46 -14.47 -27.65
N GLU J 743 23.03 -15.16 -28.63
CA GLU J 743 24.02 -16.19 -28.33
C GLU J 743 25.32 -15.57 -27.85
N VAL J 744 25.68 -14.41 -28.39
CA VAL J 744 26.86 -13.70 -27.92
C VAL J 744 26.66 -13.26 -26.46
N LEU J 745 25.47 -12.76 -26.15
CA LEU J 745 25.18 -12.40 -24.75
C LEU J 745 25.13 -13.62 -23.85
N ILE J 746 24.70 -14.78 -24.38
CA ILE J 746 24.82 -16.04 -23.65
C ILE J 746 26.29 -16.32 -23.33
N ASP J 747 27.16 -16.15 -24.33
CA ASP J 747 28.56 -16.52 -24.18
C ASP J 747 29.28 -15.61 -23.18
N LYS J 748 28.88 -14.35 -23.10
CA LYS J 748 29.49 -13.41 -22.16
C LYS J 748 28.82 -13.42 -20.79
N GLN J 749 28.10 -14.50 -20.47
CA GLN J 749 27.25 -14.65 -19.29
C GLN J 749 26.51 -13.35 -18.95
N TYR J 750 25.70 -12.91 -19.91
CA TYR J 750 24.89 -11.71 -19.77
C TYR J 750 23.40 -11.96 -19.90
N ILE J 751 22.99 -12.96 -20.68
CA ILE J 751 21.58 -13.26 -20.89
C ILE J 751 21.41 -14.76 -20.63
N GLU J 752 20.16 -15.15 -20.39
CA GLU J 752 19.84 -16.55 -20.15
C GLU J 752 18.36 -16.77 -20.43
N ARG J 753 18.03 -17.94 -20.97
CA ARG J 753 16.64 -18.31 -21.17
C ARG J 753 16.06 -18.90 -19.89
N SER J 754 14.74 -18.91 -19.82
CA SER J 754 14.07 -19.48 -18.65
C SER J 754 14.20 -21.00 -18.64
N GLN J 755 14.37 -21.57 -17.45
CA GLN J 755 14.45 -23.02 -17.34
C GLN J 755 13.11 -23.68 -17.60
N ALA J 756 12.01 -23.03 -17.23
CA ALA J 756 10.69 -23.58 -17.47
C ALA J 756 10.36 -23.64 -18.96
N SER J 757 10.73 -22.62 -19.71
CA SER J 757 10.47 -22.58 -21.14
C SER J 757 11.58 -21.81 -21.84
N ALA J 758 12.07 -22.36 -22.96
CA ALA J 758 13.09 -21.68 -23.75
C ALA J 758 12.57 -20.42 -24.41
N ASP J 759 11.25 -20.27 -24.53
CA ASP J 759 10.67 -19.05 -25.08
C ASP J 759 10.97 -17.85 -24.20
N GLU J 760 10.88 -18.01 -22.88
CA GLU J 760 11.12 -16.92 -21.96
C GLU J 760 12.60 -16.83 -21.62
N TYR J 761 13.04 -15.61 -21.32
CA TYR J 761 14.44 -15.32 -21.03
C TYR J 761 14.57 -14.69 -19.65
N SER J 762 15.81 -14.61 -19.18
CA SER J 762 16.08 -14.20 -17.79
C SER J 762 17.30 -13.31 -17.77
N TYR J 763 17.78 -13.00 -16.56
CA TYR J 763 18.92 -12.14 -16.35
C TYR J 763 20.01 -12.92 -15.64
N VAL J 764 21.26 -12.70 -16.06
CA VAL J 764 22.40 -13.33 -15.41
C VAL J 764 22.90 -12.45 -14.26
N ASP K 2 -24.64 63.62 -18.96
CA ASP K 2 -25.76 62.75 -18.67
C ASP K 2 -26.81 63.44 -17.78
N VAL K 3 -27.58 64.32 -18.39
CA VAL K 3 -28.67 65.01 -17.71
C VAL K 3 -29.98 64.38 -18.15
N PHE K 4 -30.96 64.38 -17.24
CA PHE K 4 -32.24 63.73 -17.47
C PHE K 4 -33.37 64.75 -17.42
N LEU K 5 -34.31 64.62 -18.35
CA LEU K 5 -35.40 65.56 -18.50
C LEU K 5 -36.73 64.82 -18.47
N MET K 6 -37.76 65.54 -17.99
CA MET K 6 -39.14 65.05 -18.02
C MET K 6 -39.97 66.15 -18.67
N ILE K 7 -40.03 66.11 -20.01
CA ILE K 7 -40.74 67.15 -20.74
C ILE K 7 -42.24 66.91 -20.62
N ARG K 8 -42.97 67.95 -20.21
CA ARG K 8 -44.40 67.86 -19.94
C ARG K 8 -45.17 68.82 -20.82
N ARG K 9 -46.34 68.38 -21.28
CA ARG K 9 -47.23 69.23 -22.06
C ARG K 9 -48.63 68.64 -21.93
N HIS K 10 -49.51 69.36 -21.23
CA HIS K 10 -50.87 68.89 -20.92
C HIS K 10 -50.84 67.52 -20.26
N LYS K 11 -51.37 66.51 -20.97
CA LYS K 11 -51.38 65.14 -20.48
C LYS K 11 -50.25 64.31 -21.04
N THR K 12 -49.35 64.89 -21.81
CA THR K 12 -48.27 64.16 -22.46
C THR K 12 -46.95 64.43 -21.74
N THR K 13 -46.25 63.36 -21.40
CA THR K 13 -44.99 63.44 -20.67
C THR K 13 -43.92 62.67 -21.43
N ILE K 14 -42.77 63.29 -21.64
CA ILE K 14 -41.66 62.69 -22.39
C ILE K 14 -40.44 62.62 -21.49
N PHE K 15 -39.84 61.43 -21.40
CA PHE K 15 -38.61 61.23 -20.66
C PHE K 15 -37.46 61.09 -21.65
N THR K 16 -36.41 61.87 -21.46
CA THR K 16 -35.31 61.91 -22.41
C THR K 16 -34.01 62.15 -21.67
N ASP K 17 -32.96 61.46 -22.10
CA ASP K 17 -31.61 61.63 -21.57
C ASP K 17 -30.81 62.51 -22.51
N ALA K 18 -30.10 63.49 -21.94
CA ALA K 18 -29.29 64.40 -22.72
C ALA K 18 -27.92 64.55 -22.07
N LYS K 19 -26.97 65.08 -22.83
CA LYS K 19 -25.60 65.23 -22.36
C LYS K 19 -25.45 66.50 -21.54
N GLU K 20 -24.26 66.65 -20.94
CA GLU K 20 -24.01 67.80 -20.06
C GLU K 20 -23.96 69.10 -20.84
N SER K 21 -23.20 69.13 -21.94
CA SER K 21 -23.01 70.32 -22.74
C SER K 21 -23.61 70.07 -24.12
N SER K 22 -24.84 70.51 -24.32
CA SER K 22 -25.51 70.33 -25.61
C SER K 22 -26.66 71.32 -25.69
N THR K 23 -26.80 71.97 -26.84
CA THR K 23 -27.85 72.96 -26.99
C THR K 23 -29.21 72.27 -27.13
N VAL K 24 -30.27 73.08 -27.00
CA VAL K 24 -31.64 72.55 -27.09
C VAL K 24 -32.12 72.45 -28.52
N PHE K 25 -31.28 72.81 -29.50
CA PHE K 25 -31.67 72.73 -30.91
C PHE K 25 -31.97 71.30 -31.32
N GLU K 26 -31.02 70.39 -31.08
CA GLU K 26 -31.29 68.98 -31.36
C GLU K 26 -32.28 68.40 -30.36
N LEU K 27 -32.43 69.00 -29.19
CA LEU K 27 -33.50 68.59 -28.28
C LEU K 27 -34.86 68.92 -28.89
N LYS K 28 -35.01 70.11 -29.47
CA LYS K 28 -36.24 70.43 -30.17
C LYS K 28 -36.43 69.54 -31.39
N ARG K 29 -35.34 69.16 -32.06
CA ARG K 29 -35.48 68.29 -33.23
C ARG K 29 -35.87 66.87 -32.84
N ILE K 30 -35.36 66.36 -31.71
CA ILE K 30 -35.76 65.01 -31.32
C ILE K 30 -37.19 65.00 -30.78
N VAL K 31 -37.61 66.06 -30.08
CA VAL K 31 -39.01 66.09 -29.66
C VAL K 31 -39.92 66.31 -30.87
N GLU K 32 -39.42 66.98 -31.91
CA GLU K 32 -40.14 67.03 -33.18
C GLU K 32 -40.28 65.64 -33.79
N GLY K 33 -39.19 64.88 -33.79
CA GLY K 33 -39.22 63.56 -34.40
C GLY K 33 -40.13 62.59 -33.66
N ILE K 34 -40.18 62.70 -32.33
CA ILE K 34 -41.03 61.81 -31.54
C ILE K 34 -42.43 62.36 -31.29
N LEU K 35 -42.70 63.61 -31.67
CA LEU K 35 -44.01 64.20 -31.46
C LEU K 35 -44.80 64.38 -32.75
N LYS K 36 -44.17 64.21 -33.91
CA LYS K 36 -44.84 64.26 -35.22
C LYS K 36 -45.55 65.59 -35.44
N ARG K 37 -44.96 66.68 -34.98
CA ARG K 37 -45.47 68.03 -35.15
C ARG K 37 -44.34 68.88 -35.69
N PRO K 38 -44.67 70.00 -36.34
CA PRO K 38 -43.61 70.85 -36.90
C PRO K 38 -42.71 71.39 -35.80
N PRO K 39 -41.41 71.54 -36.07
CA PRO K 39 -40.46 71.92 -35.01
C PRO K 39 -40.53 73.37 -34.59
N ASP K 40 -41.22 74.24 -35.34
CA ASP K 40 -41.21 75.66 -35.06
C ASP K 40 -42.04 76.04 -33.85
N GLU K 41 -42.87 75.13 -33.34
CA GLU K 41 -43.79 75.45 -32.25
C GLU K 41 -43.19 75.25 -30.87
N GLN K 42 -42.15 74.44 -30.76
CA GLN K 42 -41.62 74.07 -29.45
C GLN K 42 -41.00 75.27 -28.74
N ARG K 43 -41.39 75.44 -27.47
CA ARG K 43 -40.79 76.47 -26.61
C ARG K 43 -40.88 75.97 -25.19
N LEU K 44 -39.79 75.39 -24.70
CA LEU K 44 -39.76 74.76 -23.39
C LEU K 44 -39.56 75.80 -22.30
N TYR K 45 -40.17 75.55 -21.14
CA TYR K 45 -40.11 76.46 -19.99
C TYR K 45 -39.45 75.73 -18.83
N LYS K 46 -38.55 76.42 -18.14
CA LYS K 46 -37.92 75.91 -16.92
C LYS K 46 -38.50 76.70 -15.74
N ASP K 47 -39.49 76.11 -15.08
CA ASP K 47 -40.18 76.70 -13.94
C ASP K 47 -40.78 78.06 -14.29
N ASP K 48 -41.71 78.03 -15.25
CA ASP K 48 -42.42 79.21 -15.74
C ASP K 48 -41.46 80.29 -16.24
N GLN K 49 -40.39 79.87 -16.89
CA GLN K 49 -39.38 80.78 -17.41
C GLN K 49 -38.90 80.28 -18.76
N LEU K 50 -38.91 81.16 -19.75
CA LEU K 50 -38.41 80.82 -21.07
C LEU K 50 -36.90 80.64 -21.01
N LEU K 51 -36.40 79.63 -21.72
CA LEU K 51 -34.98 79.30 -21.70
C LEU K 51 -34.31 79.69 -23.01
N ASP K 52 -33.04 80.05 -22.91
CA ASP K 52 -32.28 80.48 -24.09
C ASP K 52 -32.00 79.28 -24.98
N ASP K 53 -32.30 79.42 -26.27
CA ASP K 53 -32.05 78.33 -27.22
C ASP K 53 -30.56 78.11 -27.42
N GLY K 54 -29.77 79.18 -27.46
CA GLY K 54 -28.33 79.04 -27.62
C GLY K 54 -27.66 78.38 -26.45
N LYS K 55 -28.16 78.61 -25.23
CA LYS K 55 -27.54 78.05 -24.04
C LYS K 55 -27.78 76.54 -23.97
N THR K 56 -26.73 75.81 -23.63
CA THR K 56 -26.86 74.37 -23.40
C THR K 56 -27.70 74.11 -22.16
N LEU K 57 -28.42 72.99 -22.18
CA LEU K 57 -29.39 72.73 -21.11
C LEU K 57 -28.71 72.48 -19.77
N GLY K 58 -27.49 71.91 -19.79
CA GLY K 58 -26.73 71.76 -18.57
C GLY K 58 -26.36 73.10 -17.94
N GLU K 59 -26.08 74.10 -18.77
CA GLU K 59 -25.82 75.45 -18.33
C GLU K 59 -27.08 76.30 -18.24
N CYS K 60 -28.23 75.75 -18.64
CA CYS K 60 -29.48 76.48 -18.57
C CYS K 60 -30.06 76.56 -17.16
N GLY K 61 -29.48 75.83 -16.20
CA GLY K 61 -29.94 75.92 -14.83
C GLY K 61 -30.00 74.58 -14.12
N PHE K 62 -30.25 73.50 -14.86
CA PHE K 62 -30.31 72.16 -14.29
C PHE K 62 -29.09 71.37 -14.75
N THR K 63 -28.39 70.76 -13.79
CA THR K 63 -27.17 70.04 -14.03
C THR K 63 -27.39 68.54 -13.82
N SER K 64 -26.28 67.78 -13.92
CA SER K 64 -26.35 66.34 -13.67
C SER K 64 -26.74 66.04 -12.22
N GLN K 65 -26.17 66.79 -11.28
CA GLN K 65 -26.53 66.61 -9.88
C GLN K 65 -27.94 67.12 -9.60
N THR K 66 -28.36 68.18 -10.29
CA THR K 66 -29.69 68.71 -10.10
C THR K 66 -30.75 67.76 -10.65
N ALA K 67 -30.56 67.28 -11.88
CA ALA K 67 -31.54 66.42 -12.55
C ALA K 67 -31.08 64.98 -12.42
N ARG K 68 -31.36 64.41 -11.25
CA ARG K 68 -31.10 63.00 -11.03
C ARG K 68 -32.06 62.15 -11.87
N PRO K 69 -31.63 60.97 -12.34
CA PRO K 69 -32.56 60.08 -13.05
C PRO K 69 -33.67 59.57 -12.17
N GLN K 70 -33.51 59.62 -10.84
CA GLN K 70 -34.58 59.22 -9.94
C GLN K 70 -35.78 60.15 -10.09
N ALA K 71 -35.52 61.44 -10.23
CA ALA K 71 -36.57 62.44 -10.43
C ALA K 71 -35.95 63.56 -11.26
N PRO K 72 -36.16 63.54 -12.58
CA PRO K 72 -35.52 64.52 -13.45
C PRO K 72 -36.20 65.88 -13.36
N ALA K 73 -35.70 66.82 -14.15
CA ALA K 73 -36.27 68.16 -14.18
C ALA K 73 -37.65 68.13 -14.84
N THR K 74 -38.49 69.09 -14.45
CA THR K 74 -39.88 69.17 -14.91
C THR K 74 -40.05 70.22 -15.99
N VAL K 75 -39.09 70.30 -16.91
CA VAL K 75 -39.10 71.31 -17.97
C VAL K 75 -40.35 71.12 -18.83
N GLY K 76 -41.20 72.15 -18.86
CA GLY K 76 -42.44 72.07 -19.59
C GLY K 76 -42.26 72.23 -21.08
N LEU K 77 -43.37 72.14 -21.80
CA LEU K 77 -43.39 72.29 -23.25
C LEU K 77 -44.60 73.12 -23.66
N ALA K 78 -44.39 74.00 -24.63
CA ALA K 78 -45.46 74.84 -25.15
C ALA K 78 -45.36 74.90 -26.67
N PHE K 79 -46.51 75.07 -27.32
CA PHE K 79 -46.59 75.13 -28.77
C PHE K 79 -47.03 76.53 -29.21
N ARG K 80 -46.80 76.82 -30.49
CA ARG K 80 -47.16 78.13 -31.03
C ARG K 80 -48.67 78.30 -31.08
N ALA K 81 -49.10 79.54 -30.89
CA ALA K 81 -50.53 79.87 -30.93
C ALA K 81 -51.06 79.85 -32.36
N PHE K 85 -46.33 81.32 -29.17
CA PHE K 85 -46.15 80.33 -28.12
C PHE K 85 -47.28 80.39 -27.10
N GLU K 86 -48.00 79.27 -26.96
CA GLU K 86 -49.12 79.23 -26.03
C GLU K 86 -48.62 79.15 -24.59
N ALA K 87 -49.50 79.52 -23.66
CA ALA K 87 -49.17 79.42 -22.25
C ALA K 87 -49.17 77.97 -21.80
N LEU K 88 -48.26 77.64 -20.89
CA LEU K 88 -48.11 76.27 -20.41
C LEU K 88 -49.28 75.89 -19.52
N CYS K 89 -49.86 74.72 -19.76
CA CYS K 89 -51.01 74.23 -19.02
C CYS K 89 -50.80 72.75 -18.66
N ILE K 90 -49.62 72.45 -18.11
CA ILE K 90 -49.26 71.07 -17.82
C ILE K 90 -50.14 70.53 -16.70
N GLU K 91 -50.74 69.37 -16.93
CA GLU K 91 -51.61 68.77 -15.94
C GLU K 91 -50.79 67.99 -14.92
N PRO K 92 -50.84 68.33 -13.64
CA PRO K 92 -50.12 67.54 -12.63
C PRO K 92 -50.73 66.16 -12.48
N PHE K 93 -49.90 65.22 -12.07
CA PHE K 93 -50.36 63.86 -11.84
C PHE K 93 -51.28 63.80 -10.63
N SER K 94 -52.20 62.84 -10.65
CA SER K 94 -53.14 62.69 -9.55
C SER K 94 -52.42 62.28 -8.27
N SER K 95 -52.81 62.90 -7.16
CA SER K 95 -52.15 62.62 -5.90
C SER K 95 -52.48 61.20 -5.44
N PRO K 96 -51.54 60.52 -4.79
CA PRO K 96 -51.83 59.18 -4.28
C PRO K 96 -52.87 59.25 -3.17
N PRO K 97 -53.69 58.22 -3.01
CA PRO K 97 -54.63 58.19 -1.89
C PRO K 97 -53.88 58.19 -0.56
N GLU K 98 -54.46 58.89 0.41
CA GLU K 98 -53.81 59.05 1.71
C GLU K 98 -53.83 57.75 2.48
N LEU K 99 -52.68 57.38 3.05
CA LEU K 99 -52.59 56.18 3.86
C LEU K 99 -53.40 56.34 5.14
N PRO K 100 -54.07 55.29 5.61
CA PRO K 100 -54.87 55.34 6.84
C PRO K 100 -53.99 55.50 8.09
#